data_4TT3
#
_entry.id   4TT3
#
_cell.length_a   108.385
_cell.length_b   154.545
_cell.length_c   272.040
_cell.angle_alpha   90.000
_cell.angle_beta   90.000
_cell.angle_gamma   90.000
#
_symmetry.space_group_name_H-M   'P 21 21 21'
#
loop_
_entity.id
_entity.type
_entity.pdbx_description
1 polymer 'ATP synthase subunit alpha, mitochondrial'
2 polymer 'ATP synthase subunit beta, mitochondrial'
3 polymer 'ATP synthase subunit gamma, mitochondrial'
4 polymer 'ATPase inhibitor, mitochondrial'
5 non-polymer "ADENOSINE-5'-TRIPHOSPHATE"
6 non-polymer 'MAGNESIUM ION'
7 non-polymer GLYCEROL
8 non-polymer "ADENOSINE-5'-DIPHOSPHATE"
9 water water
#
loop_
_entity_poly.entity_id
_entity_poly.type
_entity_poly.pdbx_seq_one_letter_code
_entity_poly.pdbx_strand_id
1 'polypeptide(L)'
;QKTGTAEVSSILEERILGADTSVDLEETGRVLSIGDGIARVHGLRNVQAEEMVEFSSGLKGMSLNLEPDNVGVVVFGNDK
LIKEGDIVKRTGAIVDVPVGEELLGRVVDALGNAIDGKGPIGSKARRRVGLKAPGIIPRISVREPMQTGIKAVDSLVPIG
RGQRELIIGDRQTGKTSIAIDTIINQKRFNDGTDEKKKLYCIYVAIGQKRSTVAQLVKRLTDADAMKYTIVVSATASDAA
PLQYLAPYSGCSMGEYFRDNGKHALIIYDDLSKQAVAYRQMSLLLRRPPGREAYPGDVFYLHSRLLERAAKMNDAFGGGS
LTALPVIETQAGDVSAYIPTNVISITDGQIFLETELFYKGIRPAINVGLSVSRVGSAAQTRAMKQVAGTMKLELAQYREV
AAFAQFGSDLDAATQQLLSRGVRLTELLKQGQYSPMAIEEQVAVIYAGVRGYLDKLEPSKITKFENAFLSHVISQHQALL
GKIRTDGKISEESDAKLKEIVTNFLAGFEA
;
A,B,C
2 'polypeptide(L)'
;QASPSPKAGATTGRIVAVIGAVVDVQFDEGLPPILNALEVQGRETRLVLEVAQHLGESTVRTIAMDGTEGLVRGQKVLDS
GAPIRIPVGPETLGRIMNVIGEPIDERGPIKTKQFAAIHAEAPEFVEMSVEQEILVTGIKVVDLLAPYAKGGKIGLFGGA
GVGKTVLIMELINNVAKAHGGYSVFAGVGERTREGNDLYHEMIESGVINLKDATSKVALVYGQMNEPPGARARVALTGLT
VAEYFRDQEGQDVLLFIDNIFRFTQAGSEVSALLGRIPSAVGYQPTLATDMGTMQERITTTKKGSITSVQAIYVPADDLT
DPAPATTFAHLDATTVLSRAIAELGIYPAVDPLDSTSRIMDPNIVGSEHYDVARGVQKILQDYKSLQDIIAILGMDELSE
EDKLTVSRARKIQRFLSQPFQVAEVFTGHLGKLVPLKETIKGFQQILAGEYDHLPEQAFYMVGPIEEAVAKADKLAEEHS
;
D,E,F
3 'polypeptide(L)'
;ATLKDITRRLKSIKNIQKITKSMKMVAAAKYARAERELKPARVYGVGSLALYEKADIKTPEDKKKHLIIGVSSDRGLCGA
IHSSVAKQMKSEAANLAAAGKEVKIIGVGDKIRSILHRTHSDQFLVTFKEVGRRPPTFGDASVIALELLNSGYEFDEGSI
IFNRFRSVISYKTEEKPIFSLDTISSAESMSIYDDIDADVLRNYQEYSLANIIYYSLKESTTSEQSARMTAMDNASKNAS
EMIDKLTLTFNRTRQAVITKELIEIISGAAALD
;
G
4 'polypeptide(L)' GSESGDNVRSSAGAVRDAGGAFGKREQAEEERYFRARAAEQLAALKKHHENEISHHAKEIHHHHHH H,I,J
#
loop_
_chem_comp.id
_chem_comp.type
_chem_comp.name
_chem_comp.formula
ADP non-polymer ADENOSINE-5'-DIPHOSPHATE 'C10 H15 N5 O10 P2'
ATP non-polymer ADENOSINE-5'-TRIPHOSPHATE 'C10 H16 N5 O13 P3'
GOL non-polymer GLYCEROL 'C3 H8 O3'
MG non-polymer 'MAGNESIUM ION' 'Mg 2'
#
# COMPACT_ATOMS: atom_id res chain seq x y z
N ASP A 24 -39.70 8.58 37.96
CA ASP A 24 -40.36 8.69 36.63
C ASP A 24 -39.38 8.37 35.50
N LEU A 25 -39.43 7.13 35.01
CA LEU A 25 -38.53 6.67 33.95
C LEU A 25 -38.95 7.16 32.55
N GLU A 26 -40.18 7.62 32.42
CA GLU A 26 -40.71 8.06 31.13
C GLU A 26 -40.08 9.36 30.64
N GLU A 27 -40.24 10.42 31.43
CA GLU A 27 -39.77 11.75 31.03
C GLU A 27 -38.37 12.09 31.55
N THR A 28 -37.87 11.31 32.50
CA THR A 28 -36.53 11.53 33.05
C THR A 28 -35.78 10.21 33.21
N GLY A 29 -34.49 10.30 33.54
CA GLY A 29 -33.65 9.12 33.73
C GLY A 29 -32.35 9.45 34.44
N ARG A 30 -31.71 8.41 34.99
CA ARG A 30 -30.43 8.57 35.70
C ARG A 30 -29.27 7.98 34.90
N VAL A 31 -28.08 8.54 35.10
CA VAL A 31 -26.89 8.11 34.37
C VAL A 31 -26.32 6.82 34.98
N LEU A 32 -26.02 5.85 34.11
CA LEU A 32 -25.37 4.60 34.52
C LEU A 32 -23.85 4.74 34.40
N SER A 33 -23.40 5.22 33.25
CA SER A 33 -21.98 5.43 32.97
C SER A 33 -21.76 6.70 32.16
N ILE A 34 -20.55 7.23 32.22
CA ILE A 34 -20.18 8.44 31.47
C ILE A 34 -18.67 8.49 31.26
N GLY A 35 -18.27 8.57 29.99
CA GLY A 35 -16.85 8.68 29.63
C GLY A 35 -16.68 9.10 28.19
N ASP A 36 -15.74 10.02 27.95
CA ASP A 36 -15.44 10.52 26.60
C ASP A 36 -16.64 11.20 25.94
N GLY A 37 -17.47 11.86 26.75
CA GLY A 37 -18.65 12.55 26.25
C GLY A 37 -19.77 11.65 25.76
N ILE A 38 -19.86 10.45 26.35
CA ILE A 38 -20.90 9.48 26.01
C ILE A 38 -21.58 8.99 27.28
N ALA A 39 -22.78 9.49 27.54
CA ALA A 39 -23.54 9.10 28.72
C ALA A 39 -24.51 7.96 28.39
N ARG A 40 -24.55 6.95 29.26
CA ARG A 40 -25.52 5.87 29.15
C ARG A 40 -26.59 6.07 30.22
N VAL A 41 -27.76 6.55 29.79
CA VAL A 41 -28.83 6.91 30.72
C VAL A 41 -29.83 5.77 30.90
N HIS A 42 -30.15 5.46 32.16
CA HIS A 42 -31.21 4.51 32.49
C HIS A 42 -32.55 5.22 32.47
N GLY A 43 -33.51 4.66 31.75
CA GLY A 43 -34.85 5.24 31.66
C GLY A 43 -35.05 6.04 30.38
N LEU A 44 -35.67 7.21 30.50
CA LEU A 44 -36.07 8.03 29.36
C LEU A 44 -36.83 7.18 28.34
N ARG A 45 -37.91 6.53 28.81
CA ARG A 45 -38.63 5.57 27.98
C ARG A 45 -39.35 6.22 26.79
N ASN A 46 -39.75 7.48 26.95
CA ASN A 46 -40.49 8.18 25.90
C ASN A 46 -39.65 9.13 25.05
N VAL A 47 -38.32 9.12 25.25
CA VAL A 47 -37.43 10.01 24.49
C VAL A 47 -37.30 9.53 23.03
N GLN A 48 -37.31 10.49 22.12
CA GLN A 48 -37.19 10.20 20.69
C GLN A 48 -35.72 10.10 20.28
N ALA A 49 -35.48 9.46 19.13
CA ALA A 49 -34.16 9.40 18.55
C ALA A 49 -33.83 10.75 17.93
N GLU A 50 -32.58 11.20 18.13
CA GLU A 50 -32.13 12.54 17.73
C GLU A 50 -32.89 13.65 18.46
N GLU A 51 -33.19 13.42 19.73
CA GLU A 51 -33.86 14.41 20.58
C GLU A 51 -32.86 14.96 21.59
N MET A 52 -33.00 16.24 21.92
CA MET A 52 -32.15 16.86 22.94
C MET A 52 -32.57 16.42 24.34
N VAL A 53 -31.61 16.46 25.26
CA VAL A 53 -31.86 16.18 26.67
C VAL A 53 -31.13 17.20 27.53
N GLU A 54 -31.44 17.23 28.82
CA GLU A 54 -30.87 18.20 29.75
C GLU A 54 -30.38 17.48 31.00
N PHE A 55 -29.09 17.65 31.33
CA PHE A 55 -28.49 17.02 32.50
C PHE A 55 -28.71 17.86 33.76
N SER A 56 -28.45 17.26 34.91
CA SER A 56 -28.63 17.92 36.21
C SER A 56 -27.75 19.15 36.37
N SER A 57 -26.50 19.05 35.91
CA SER A 57 -25.54 20.14 36.02
C SER A 57 -25.93 21.39 35.22
N GLY A 58 -26.68 21.19 34.13
CA GLY A 58 -27.09 22.28 33.25
C GLY A 58 -26.73 22.04 31.80
N LEU A 59 -25.79 21.12 31.56
CA LEU A 59 -25.35 20.77 30.21
C LEU A 59 -26.45 20.03 29.44
N LYS A 60 -26.30 20.02 28.12
CA LYS A 60 -27.30 19.41 27.22
C LYS A 60 -26.67 18.27 26.42
N GLY A 61 -27.52 17.47 25.77
CA GLY A 61 -27.06 16.32 24.99
C GLY A 61 -27.99 15.97 23.84
N MET A 62 -27.73 14.83 23.21
CA MET A 62 -28.55 14.34 22.09
C MET A 62 -28.60 12.81 22.10
N SER A 63 -29.82 12.27 22.04
CA SER A 63 -30.03 10.83 22.06
C SER A 63 -29.85 10.21 20.67
N LEU A 64 -28.70 9.57 20.46
CA LEU A 64 -28.40 8.90 19.19
C LEU A 64 -28.68 7.40 19.24
N ASN A 65 -28.29 6.76 20.34
CA ASN A 65 -28.50 5.33 20.52
C ASN A 65 -29.61 5.01 21.50
N LEU A 66 -30.75 4.56 20.97
CA LEU A 66 -31.83 4.04 21.81
C LEU A 66 -31.68 2.53 21.89
N GLU A 67 -31.32 2.03 23.08
CA GLU A 67 -31.13 0.60 23.31
C GLU A 67 -32.14 0.11 24.34
N PRO A 68 -32.35 -1.23 24.42
CA PRO A 68 -33.34 -1.77 25.35
C PRO A 68 -33.19 -1.32 26.80
N ASP A 69 -31.97 -1.41 27.33
CA ASP A 69 -31.72 -1.15 28.76
C ASP A 69 -30.96 0.16 29.04
N ASN A 70 -30.69 0.95 28.00
CA ASN A 70 -30.06 2.25 28.17
C ASN A 70 -30.23 3.16 26.95
N VAL A 71 -29.81 4.42 27.08
CA VAL A 71 -29.84 5.37 25.98
C VAL A 71 -28.48 6.04 25.86
N GLY A 72 -27.80 5.83 24.74
CA GLY A 72 -26.52 6.46 24.47
C GLY A 72 -26.71 7.91 24.08
N VAL A 73 -26.27 8.81 24.96
CA VAL A 73 -26.39 10.25 24.74
C VAL A 73 -25.02 10.87 24.52
N VAL A 74 -24.86 11.62 23.44
CA VAL A 74 -23.64 12.39 23.20
C VAL A 74 -23.72 13.73 23.93
N VAL A 75 -22.64 14.06 24.65
CA VAL A 75 -22.61 15.24 25.52
C VAL A 75 -22.13 16.47 24.76
N PHE A 76 -22.79 17.60 24.98
CA PHE A 76 -22.36 18.88 24.44
C PHE A 76 -21.60 19.67 25.50
N GLY A 77 -20.28 19.47 25.56
CA GLY A 77 -19.42 20.20 26.48
C GLY A 77 -18.54 19.29 27.33
N ASN A 78 -18.02 19.83 28.42
CA ASN A 78 -17.16 19.09 29.34
C ASN A 78 -17.98 18.12 30.18
N ASP A 79 -17.62 16.83 30.10
CA ASP A 79 -18.38 15.78 30.77
C ASP A 79 -17.94 15.51 32.22
N LYS A 80 -17.08 16.37 32.78
CA LYS A 80 -16.66 16.25 34.18
C LYS A 80 -17.82 16.52 35.15
N LEU A 81 -18.70 17.45 34.78
CA LEU A 81 -19.86 17.78 35.60
C LEU A 81 -20.89 16.66 35.62
N ILE A 82 -20.94 15.86 34.57
CA ILE A 82 -21.82 14.69 34.50
C ILE A 82 -21.22 13.55 35.32
N LYS A 83 -21.78 13.34 36.52
CA LYS A 83 -21.40 12.21 37.36
C LYS A 83 -22.38 11.07 37.14
N GLU A 84 -22.17 9.95 37.85
CA GLU A 84 -23.10 8.83 37.82
C GLU A 84 -24.35 9.18 38.63
N GLY A 85 -25.50 8.67 38.18
CA GLY A 85 -26.76 8.87 38.88
C GLY A 85 -27.38 10.25 38.74
N ASP A 86 -26.90 11.04 37.79
CA ASP A 86 -27.41 12.39 37.57
C ASP A 86 -28.73 12.34 36.81
N ILE A 87 -29.65 13.22 37.20
CA ILE A 87 -30.99 13.23 36.61
C ILE A 87 -30.96 13.92 35.24
N VAL A 88 -31.24 13.14 34.19
CA VAL A 88 -31.34 13.64 32.83
C VAL A 88 -32.81 13.77 32.46
N LYS A 89 -33.21 14.95 31.98
CA LYS A 89 -34.61 15.23 31.65
C LYS A 89 -34.79 15.49 30.16
N ARG A 90 -35.98 15.17 29.65
CA ARG A 90 -36.30 15.38 28.24
C ARG A 90 -36.56 16.85 27.93
N THR A 91 -36.22 17.25 26.71
CA THR A 91 -36.64 18.54 26.16
C THR A 91 -37.95 18.37 25.38
N GLY A 92 -38.15 17.18 24.81
CA GLY A 92 -39.34 16.89 24.01
C GLY A 92 -39.30 17.58 22.66
N ALA A 93 -38.10 17.67 22.08
CA ALA A 93 -37.91 18.35 20.81
C ALA A 93 -36.67 17.84 20.07
N ILE A 94 -36.85 17.55 18.78
CA ILE A 94 -35.74 17.13 17.92
C ILE A 94 -34.77 18.30 17.79
N VAL A 95 -33.47 17.99 17.72
CA VAL A 95 -32.43 19.01 17.70
C VAL A 95 -32.75 20.08 16.66
N ASP A 96 -32.76 21.34 17.09
CA ASP A 96 -33.05 22.46 16.21
C ASP A 96 -32.18 23.67 16.57
N VAL A 97 -32.19 24.67 15.71
CA VAL A 97 -31.36 25.87 15.89
C VAL A 97 -32.14 27.13 15.52
N PRO A 98 -31.75 28.28 16.10
CA PRO A 98 -32.38 29.56 15.74
C PRO A 98 -32.16 29.91 14.27
N VAL A 99 -33.08 30.66 13.69
CA VAL A 99 -33.10 30.93 12.26
C VAL A 99 -33.75 32.29 11.97
N GLY A 100 -33.18 33.03 11.02
CA GLY A 100 -33.75 34.32 10.60
C GLY A 100 -32.70 35.37 10.25
N GLU A 101 -33.16 36.59 10.01
CA GLU A 101 -32.27 37.73 9.72
C GLU A 101 -31.53 38.22 10.97
N GLU A 102 -31.99 37.79 12.15
CA GLU A 102 -31.40 38.22 13.42
C GLU A 102 -29.99 37.65 13.62
N LEU A 103 -29.68 36.55 12.94
CA LEU A 103 -28.36 35.95 13.00
C LEU A 103 -27.29 36.71 12.21
N LEU A 104 -27.72 37.59 11.31
CA LEU A 104 -26.78 38.36 10.48
C LEU A 104 -25.93 39.29 11.34
N GLY A 105 -24.62 39.32 11.06
CA GLY A 105 -23.68 40.14 11.82
C GLY A 105 -23.37 39.60 13.20
N ARG A 106 -23.62 38.31 13.42
CA ARG A 106 -23.41 37.68 14.72
C ARG A 106 -22.57 36.41 14.57
N VAL A 107 -21.82 36.09 15.62
CA VAL A 107 -21.06 34.86 15.68
C VAL A 107 -21.74 33.93 16.68
N VAL A 108 -21.97 32.68 16.26
CA VAL A 108 -22.69 31.71 17.10
C VAL A 108 -21.98 30.35 17.08
N ASP A 109 -22.25 29.56 18.12
CA ASP A 109 -21.73 28.19 18.19
C ASP A 109 -22.62 27.26 17.38
N ALA A 110 -22.29 25.97 17.37
CA ALA A 110 -23.02 24.97 16.58
C ALA A 110 -24.53 24.92 16.87
N LEU A 111 -24.90 25.16 18.12
CA LEU A 111 -26.32 25.12 18.52
C LEU A 111 -27.04 26.46 18.31
N GLY A 112 -26.30 27.51 17.95
CA GLY A 112 -26.88 28.81 17.64
C GLY A 112 -26.85 29.81 18.79
N ASN A 113 -26.14 29.46 19.87
CA ASN A 113 -25.96 30.38 21.00
C ASN A 113 -24.91 31.42 20.65
N ALA A 114 -25.15 32.66 21.04
CA ALA A 114 -24.22 33.76 20.75
C ALA A 114 -22.92 33.58 21.53
N ILE A 115 -21.79 33.83 20.85
CA ILE A 115 -20.47 33.76 21.48
C ILE A 115 -19.62 35.00 21.20
N ASP A 116 -20.25 36.09 20.79
CA ASP A 116 -19.54 37.35 20.50
C ASP A 116 -19.79 38.43 21.57
N GLY A 117 -20.58 38.10 22.59
CA GLY A 117 -20.84 39.02 23.70
C GLY A 117 -21.67 40.24 23.33
N LYS A 118 -22.55 40.09 22.35
CA LYS A 118 -23.39 41.19 21.87
C LYS A 118 -24.87 40.91 22.16
N GLY A 119 -25.15 40.40 23.35
CA GLY A 119 -26.52 40.06 23.74
C GLY A 119 -26.99 38.75 23.14
N PRO A 120 -28.28 38.41 23.33
CA PRO A 120 -28.87 37.21 22.77
C PRO A 120 -29.36 37.39 21.33
N ILE A 121 -29.76 36.29 20.70
CA ILE A 121 -30.31 36.32 19.34
C ILE A 121 -31.82 36.48 19.44
N GLY A 122 -32.40 37.26 18.52
CA GLY A 122 -33.85 37.48 18.50
C GLY A 122 -34.58 36.53 17.58
N SER A 123 -34.27 35.24 17.67
CA SER A 123 -34.82 34.23 16.76
C SER A 123 -36.31 34.01 16.99
N LYS A 124 -37.13 34.52 16.07
CA LYS A 124 -38.58 34.32 16.13
C LYS A 124 -38.97 32.90 15.72
N ALA A 125 -38.30 32.37 14.69
CA ALA A 125 -38.57 31.02 14.20
C ALA A 125 -37.34 30.14 14.35
N ARG A 126 -37.57 28.84 14.53
CA ARG A 126 -36.50 27.86 14.63
C ARG A 126 -36.63 26.83 13.52
N ARG A 127 -35.59 25.99 13.35
CA ARG A 127 -35.56 25.01 12.29
C ARG A 127 -34.67 23.82 12.68
N ARG A 128 -35.08 22.63 12.26
CA ARG A 128 -34.34 21.40 12.59
C ARG A 128 -33.05 21.30 11.79
N VAL A 129 -32.00 20.79 12.43
CA VAL A 129 -30.72 20.54 11.76
C VAL A 129 -30.81 19.39 10.77
N GLY A 130 -31.62 18.37 11.11
CA GLY A 130 -31.79 17.20 10.26
C GLY A 130 -33.06 17.26 9.43
N LEU A 131 -32.94 17.78 8.21
CA LEU A 131 -34.07 17.89 7.28
C LEU A 131 -33.70 17.32 5.92
N LYS A 132 -34.72 16.88 5.18
CA LYS A 132 -34.52 16.31 3.85
C LYS A 132 -34.21 17.42 2.85
N ALA A 133 -33.43 17.07 1.83
CA ALA A 133 -33.11 17.99 0.74
C ALA A 133 -34.32 18.10 -0.19
N PRO A 134 -34.44 19.22 -0.92
CA PRO A 134 -35.55 19.34 -1.86
C PRO A 134 -35.47 18.32 -2.98
N GLY A 135 -36.62 17.79 -3.38
CA GLY A 135 -36.67 16.72 -4.38
C GLY A 135 -36.41 17.18 -5.80
N ILE A 136 -36.95 16.42 -6.75
CA ILE A 136 -36.71 16.66 -8.17
C ILE A 136 -37.53 17.85 -8.69
N ILE A 137 -38.81 17.91 -8.32
CA ILE A 137 -39.75 18.89 -8.89
C ILE A 137 -39.42 20.35 -8.51
N PRO A 138 -39.16 20.63 -7.22
CA PRO A 138 -38.91 22.02 -6.81
C PRO A 138 -37.68 22.68 -7.46
N ARG A 139 -36.71 21.88 -7.87
CA ARG A 139 -35.46 22.39 -8.42
C ARG A 139 -35.60 22.93 -9.84
N ILE A 140 -34.56 23.62 -10.29
CA ILE A 140 -34.48 24.15 -11.65
C ILE A 140 -33.01 24.37 -11.99
N SER A 141 -32.66 24.19 -13.26
CA SER A 141 -31.28 24.41 -13.71
C SER A 141 -30.74 25.76 -13.23
N VAL A 142 -29.45 25.79 -12.87
CA VAL A 142 -28.84 26.98 -12.31
C VAL A 142 -28.69 28.05 -13.39
N ARG A 143 -29.07 29.29 -13.05
CA ARG A 143 -29.20 30.38 -14.02
C ARG A 143 -28.48 31.66 -13.59
N GLU A 144 -28.76 32.10 -12.36
CA GLU A 144 -28.20 33.33 -11.84
C GLU A 144 -26.73 33.16 -11.47
N PRO A 145 -25.87 34.13 -11.86
CA PRO A 145 -24.45 34.04 -11.52
C PRO A 145 -24.17 34.22 -10.02
N MET A 146 -23.12 33.57 -9.54
CA MET A 146 -22.65 33.75 -8.16
C MET A 146 -21.23 34.30 -8.23
N GLN A 147 -21.12 35.63 -8.15
CA GLN A 147 -19.85 36.32 -8.38
C GLN A 147 -18.95 36.25 -7.15
N THR A 148 -17.78 35.63 -7.29
CA THR A 148 -16.78 35.59 -6.23
C THR A 148 -15.89 36.83 -6.24
N GLY A 149 -15.81 37.51 -7.38
CA GLY A 149 -14.94 38.67 -7.54
C GLY A 149 -13.50 38.30 -7.84
N ILE A 150 -13.25 37.03 -8.13
CA ILE A 150 -11.91 36.54 -8.48
C ILE A 150 -11.90 36.23 -9.97
N LYS A 151 -10.90 36.76 -10.68
CA LYS A 151 -10.82 36.66 -12.13
C LYS A 151 -10.77 35.22 -12.61
N ALA A 152 -9.86 34.44 -12.03
CA ALA A 152 -9.66 33.04 -12.43
C ALA A 152 -10.92 32.19 -12.25
N VAL A 153 -11.66 32.45 -11.17
CA VAL A 153 -12.87 31.69 -10.88
C VAL A 153 -14.01 32.15 -11.78
N ASP A 154 -14.37 33.43 -11.68
CA ASP A 154 -15.53 33.98 -12.41
C ASP A 154 -15.46 33.81 -13.93
N SER A 155 -14.24 33.71 -14.48
CA SER A 155 -14.06 33.52 -15.92
C SER A 155 -13.96 32.04 -16.30
N LEU A 156 -12.94 31.37 -15.79
CA LEU A 156 -12.63 29.99 -16.19
C LEU A 156 -13.48 28.93 -15.49
N VAL A 157 -13.78 29.15 -14.21
CA VAL A 157 -14.56 28.20 -13.41
C VAL A 157 -15.75 28.92 -12.75
N PRO A 158 -16.68 29.43 -13.57
CA PRO A 158 -17.77 30.26 -13.04
C PRO A 158 -18.78 29.49 -12.20
N ILE A 159 -19.28 30.13 -11.14
CA ILE A 159 -20.24 29.52 -10.23
C ILE A 159 -21.62 30.15 -10.42
N GLY A 160 -22.67 29.37 -10.21
CA GLY A 160 -24.05 29.85 -10.27
C GLY A 160 -24.77 29.62 -8.94
N ARG A 161 -25.82 30.39 -8.70
CA ARG A 161 -26.56 30.33 -7.45
C ARG A 161 -27.34 29.02 -7.33
N GLY A 162 -27.03 28.25 -6.30
CA GLY A 162 -27.63 26.92 -6.11
C GLY A 162 -26.66 25.78 -6.42
N GLN A 163 -25.61 26.10 -7.17
CA GLN A 163 -24.57 25.13 -7.52
C GLN A 163 -23.74 24.77 -6.29
N ARG A 164 -23.11 23.60 -6.34
CA ARG A 164 -22.21 23.15 -5.28
C ARG A 164 -20.80 23.00 -5.86
N GLU A 165 -19.89 23.86 -5.43
CA GLU A 165 -18.53 23.92 -5.97
C GLU A 165 -17.49 23.70 -4.88
N LEU A 166 -16.77 22.58 -4.96
CA LEU A 166 -15.77 22.23 -3.97
C LEU A 166 -14.50 23.06 -4.11
N ILE A 167 -13.99 23.55 -2.98
CA ILE A 167 -12.67 24.17 -2.92
C ILE A 167 -11.74 23.17 -2.24
N ILE A 168 -10.83 22.59 -3.02
CA ILE A 168 -9.98 21.51 -2.53
C ILE A 168 -8.49 21.82 -2.78
N GLY A 169 -7.64 21.36 -1.85
CA GLY A 169 -6.19 21.58 -1.95
C GLY A 169 -5.48 21.29 -0.65
N ASP A 170 -4.15 21.41 -0.68
CA ASP A 170 -3.32 21.16 0.50
C ASP A 170 -3.41 22.33 1.47
N ARG A 171 -2.84 22.16 2.66
CA ARG A 171 -2.74 23.23 3.65
C ARG A 171 -1.89 24.39 3.11
N GLN A 172 -2.30 25.61 3.44
CA GLN A 172 -1.62 26.84 3.00
C GLN A 172 -1.56 26.97 1.47
N THR A 173 -2.68 26.70 0.80
CA THR A 173 -2.79 26.86 -0.65
C THR A 173 -3.82 27.93 -1.04
N GLY A 174 -4.41 28.60 -0.05
CA GLY A 174 -5.37 29.67 -0.29
C GLY A 174 -6.81 29.23 -0.43
N LYS A 175 -7.19 28.16 0.26
CA LYS A 175 -8.56 27.66 0.24
C LYS A 175 -9.53 28.65 0.89
N THR A 176 -9.24 29.00 2.14
CA THR A 176 -10.07 29.92 2.91
C THR A 176 -10.10 31.32 2.29
N SER A 177 -8.98 31.74 1.71
CA SER A 177 -8.89 33.07 1.09
C SER A 177 -9.84 33.25 -0.08
N ILE A 178 -10.15 32.16 -0.79
CA ILE A 178 -11.15 32.20 -1.87
C ILE A 178 -12.52 32.48 -1.27
N ALA A 179 -12.82 31.82 -0.16
CA ALA A 179 -14.11 31.98 0.53
C ALA A 179 -14.29 33.39 1.10
N ILE A 180 -13.21 33.97 1.64
CA ILE A 180 -13.26 35.30 2.24
C ILE A 180 -13.53 36.37 1.19
N ASP A 181 -12.82 36.29 0.07
CA ASP A 181 -13.00 37.25 -1.02
C ASP A 181 -14.38 37.15 -1.66
N THR A 182 -14.96 35.95 -1.64
CA THR A 182 -16.31 35.72 -2.15
C THR A 182 -17.35 36.47 -1.31
N ILE A 183 -17.22 36.38 0.01
CA ILE A 183 -18.13 37.05 0.93
C ILE A 183 -18.00 38.57 0.84
N ILE A 184 -16.75 39.06 0.78
CA ILE A 184 -16.49 40.50 0.70
C ILE A 184 -17.04 41.10 -0.60
N ASN A 185 -17.05 40.33 -1.68
CA ASN A 185 -17.52 40.81 -2.98
C ASN A 185 -19.03 41.07 -3.05
N GLN A 186 -19.79 40.44 -2.14
CA GLN A 186 -21.25 40.57 -2.15
C GLN A 186 -21.74 41.93 -1.67
N LYS A 187 -20.87 42.70 -1.02
CA LYS A 187 -21.18 44.06 -0.56
C LYS A 187 -21.73 44.95 -1.67
N ARG A 188 -21.22 44.78 -2.89
CA ARG A 188 -21.65 45.57 -4.04
C ARG A 188 -23.14 45.37 -4.37
N PHE A 189 -23.61 44.14 -4.20
CA PHE A 189 -25.00 43.78 -4.54
C PHE A 189 -25.96 44.03 -3.37
N ASN A 190 -25.51 43.77 -2.15
CA ASN A 190 -26.34 43.92 -0.96
C ASN A 190 -26.61 45.39 -0.60
N ASP A 191 -25.64 46.27 -0.87
CA ASP A 191 -25.83 47.71 -0.68
C ASP A 191 -26.72 48.33 -1.76
N GLY A 192 -26.83 47.65 -2.91
CA GLY A 192 -27.73 48.09 -3.98
C GLY A 192 -29.20 47.85 -3.66
N THR A 193 -30.07 48.44 -4.47
CA THR A 193 -31.52 48.36 -4.28
C THR A 193 -32.14 47.10 -4.87
N ASP A 194 -31.44 46.44 -5.79
CA ASP A 194 -31.94 45.23 -6.45
C ASP A 194 -31.95 44.06 -5.47
N GLU A 195 -33.15 43.58 -5.13
CA GLU A 195 -33.32 42.47 -4.20
C GLU A 195 -32.90 41.12 -4.79
N LYS A 196 -33.10 40.96 -6.10
CA LYS A 196 -32.84 39.68 -6.78
C LYS A 196 -31.35 39.31 -6.86
N LYS A 197 -30.47 40.31 -6.79
CA LYS A 197 -29.03 40.08 -6.93
C LYS A 197 -28.28 40.03 -5.60
N LYS A 198 -28.99 40.17 -4.48
CA LYS A 198 -28.36 40.11 -3.16
C LYS A 198 -27.96 38.68 -2.79
N LEU A 199 -27.06 38.55 -1.81
CA LEU A 199 -26.59 37.24 -1.35
C LEU A 199 -26.16 37.30 0.11
N TYR A 200 -26.87 36.53 0.95
CA TYR A 200 -26.55 36.44 2.37
C TYR A 200 -25.57 35.30 2.63
N CYS A 201 -24.46 35.59 3.28
CA CYS A 201 -23.38 34.63 3.45
C CYS A 201 -23.44 33.91 4.79
N ILE A 202 -22.89 32.69 4.82
CA ILE A 202 -22.82 31.89 6.05
C ILE A 202 -21.50 31.12 6.09
N TYR A 203 -20.55 31.61 6.90
CA TYR A 203 -19.27 30.93 7.08
C TYR A 203 -19.36 29.95 8.24
N VAL A 204 -18.97 28.71 8.01
CA VAL A 204 -19.02 27.66 9.04
C VAL A 204 -17.61 27.18 9.35
N ALA A 205 -17.17 27.38 10.60
CA ALA A 205 -15.84 26.98 11.04
C ALA A 205 -15.90 25.67 11.83
N ILE A 206 -15.19 24.65 11.35
CA ILE A 206 -15.16 23.35 12.00
C ILE A 206 -13.72 22.96 12.33
N GLY A 207 -13.41 22.85 13.62
CA GLY A 207 -12.10 22.37 14.08
C GLY A 207 -10.98 23.40 14.13
N GLN A 208 -11.24 24.61 13.64
CA GLN A 208 -10.25 25.69 13.69
C GLN A 208 -10.17 26.25 15.10
N LYS A 209 -9.02 26.81 15.46
CA LYS A 209 -8.85 27.45 16.77
C LYS A 209 -9.52 28.83 16.79
N ARG A 210 -9.97 29.25 17.97
CA ARG A 210 -10.71 30.51 18.13
C ARG A 210 -9.92 31.73 17.67
N SER A 211 -8.61 31.71 17.92
CA SER A 211 -7.71 32.78 17.48
C SER A 211 -7.76 33.03 15.97
N THR A 212 -7.93 31.96 15.19
CA THR A 212 -8.01 32.05 13.74
C THR A 212 -9.37 32.58 13.29
N VAL A 213 -10.43 32.20 14.00
CA VAL A 213 -11.78 32.66 13.68
C VAL A 213 -11.92 34.15 14.04
N ALA A 214 -11.28 34.55 15.14
CA ALA A 214 -11.28 35.95 15.58
C ALA A 214 -10.61 36.86 14.55
N GLN A 215 -9.52 36.38 13.95
CA GLN A 215 -8.85 37.08 12.85
C GLN A 215 -9.77 37.21 11.64
N LEU A 216 -10.53 36.15 11.37
CA LEU A 216 -11.45 36.10 10.24
C LEU A 216 -12.59 37.10 10.39
N VAL A 217 -13.18 37.16 11.58
CA VAL A 217 -14.29 38.08 11.88
C VAL A 217 -13.80 39.53 11.81
N LYS A 218 -12.61 39.78 12.35
CA LYS A 218 -11.98 41.10 12.27
C LYS A 218 -11.85 41.57 10.83
N ARG A 219 -11.46 40.65 9.94
CA ARG A 219 -11.26 40.96 8.53
C ARG A 219 -12.58 41.33 7.84
N LEU A 220 -13.65 40.63 8.20
CA LEU A 220 -14.97 40.87 7.62
C LEU A 220 -15.61 42.17 8.11
N THR A 221 -15.41 42.48 9.38
CA THR A 221 -15.91 43.74 9.95
C THR A 221 -15.25 44.96 9.32
N ASP A 222 -13.95 44.85 9.03
CA ASP A 222 -13.21 45.92 8.37
C ASP A 222 -13.72 46.16 6.95
N ALA A 223 -14.07 45.08 6.25
CA ALA A 223 -14.58 45.15 4.89
C ALA A 223 -16.08 45.42 4.81
N ASP A 224 -16.73 45.60 5.96
CA ASP A 224 -18.17 45.82 6.04
C ASP A 224 -18.94 44.65 5.42
N ALA A 225 -18.52 43.43 5.79
CA ALA A 225 -19.12 42.21 5.26
C ALA A 225 -20.04 41.51 6.26
N MET A 226 -19.74 41.65 7.55
CA MET A 226 -20.48 40.95 8.61
C MET A 226 -21.99 41.24 8.62
N LYS A 227 -22.36 42.48 8.31
CA LYS A 227 -23.78 42.90 8.35
C LYS A 227 -24.72 41.98 7.56
N TYR A 228 -24.19 41.24 6.58
CA TYR A 228 -24.97 40.27 5.81
C TYR A 228 -24.38 38.85 5.91
N THR A 229 -23.72 38.54 7.03
CA THR A 229 -23.00 37.28 7.18
C THR A 229 -23.21 36.64 8.55
N ILE A 230 -23.66 35.39 8.56
CA ILE A 230 -23.74 34.59 9.77
C ILE A 230 -22.41 33.86 9.92
N VAL A 231 -21.96 33.67 11.17
CA VAL A 231 -20.71 32.97 11.43
C VAL A 231 -20.92 31.86 12.47
N VAL A 232 -21.09 30.64 11.97
CA VAL A 232 -21.20 29.46 12.84
C VAL A 232 -19.80 28.96 13.14
N SER A 233 -19.52 28.67 14.42
CA SER A 233 -18.17 28.31 14.84
C SER A 233 -18.16 27.18 15.86
N ALA A 234 -17.67 26.02 15.43
CA ALA A 234 -17.42 24.88 16.31
C ALA A 234 -15.91 24.63 16.34
N THR A 235 -15.23 25.26 17.29
CA THR A 235 -13.77 25.22 17.35
C THR A 235 -13.24 23.92 17.97
N ALA A 236 -11.92 23.74 17.91
CA ALA A 236 -11.26 22.54 18.41
C ALA A 236 -11.57 22.21 19.86
N SER A 237 -11.71 23.23 20.71
CA SER A 237 -12.04 23.04 22.11
C SER A 237 -13.44 22.45 22.31
N ASP A 238 -14.37 22.84 21.45
CA ASP A 238 -15.75 22.36 21.54
C ASP A 238 -15.82 20.86 21.27
N ALA A 239 -16.76 20.19 21.94
CA ALA A 239 -16.90 18.73 21.85
C ALA A 239 -17.19 18.30 20.41
N ALA A 240 -16.78 17.08 20.08
CA ALA A 240 -16.92 16.54 18.72
C ALA A 240 -18.35 16.63 18.17
N PRO A 241 -19.36 16.29 18.99
CA PRO A 241 -20.76 16.45 18.55
C PRO A 241 -21.11 17.83 17.99
N LEU A 242 -20.50 18.89 18.53
CA LEU A 242 -20.75 20.25 18.04
C LEU A 242 -20.11 20.49 16.67
N GLN A 243 -18.93 19.92 16.45
CA GLN A 243 -18.26 19.99 15.15
C GLN A 243 -19.03 19.18 14.10
N TYR A 244 -19.55 18.03 14.53
CA TYR A 244 -20.40 17.18 13.69
C TYR A 244 -21.68 17.90 13.26
N LEU A 245 -22.27 18.67 14.18
CA LEU A 245 -23.57 19.30 13.97
C LEU A 245 -23.49 20.67 13.27
N ALA A 246 -22.35 21.35 13.41
CA ALA A 246 -22.21 22.74 12.96
C ALA A 246 -22.57 22.99 11.50
N PRO A 247 -22.13 22.11 10.57
CA PRO A 247 -22.49 22.28 9.17
C PRO A 247 -23.99 22.17 8.90
N TYR A 248 -24.63 21.20 9.55
CA TYR A 248 -26.07 20.99 9.40
C TYR A 248 -26.87 22.16 9.99
N SER A 249 -26.37 22.69 11.11
CA SER A 249 -26.99 23.87 11.73
C SER A 249 -26.88 25.09 10.81
N GLY A 250 -25.68 25.33 10.30
CA GLY A 250 -25.45 26.41 9.34
C GLY A 250 -26.27 26.25 8.07
N CYS A 251 -26.45 25.00 7.63
CA CYS A 251 -27.24 24.71 6.43
C CYS A 251 -28.70 25.08 6.64
N SER A 252 -29.25 24.75 7.80
CA SER A 252 -30.62 25.11 8.14
C SER A 252 -30.85 26.62 8.12
N MET A 253 -29.85 27.37 8.57
CA MET A 253 -29.91 28.84 8.54
C MET A 253 -29.92 29.35 7.10
N GLY A 254 -29.15 28.70 6.22
CA GLY A 254 -29.13 29.03 4.80
C GLY A 254 -30.41 28.64 4.07
N GLU A 255 -31.05 27.57 4.51
CA GLU A 255 -32.32 27.13 3.92
C GLU A 255 -33.46 28.11 4.15
N TYR A 256 -33.38 28.88 5.23
CA TYR A 256 -34.39 29.91 5.54
C TYR A 256 -34.51 30.94 4.41
N PHE A 257 -33.36 31.37 3.88
CA PHE A 257 -33.33 32.33 2.78
C PHE A 257 -33.82 31.68 1.50
N ARG A 258 -33.40 30.43 1.28
CA ARG A 258 -33.78 29.67 0.09
C ARG A 258 -35.30 29.54 -0.06
N ASP A 259 -35.98 29.25 1.05
CA ASP A 259 -37.42 29.01 1.03
C ASP A 259 -38.27 30.28 1.16
N ASN A 260 -37.63 31.45 1.18
CA ASN A 260 -38.34 32.73 1.19
C ASN A 260 -37.93 33.63 0.01
N GLY A 261 -37.61 33.01 -1.12
CA GLY A 261 -37.30 33.74 -2.35
C GLY A 261 -36.01 34.55 -2.34
N LYS A 262 -35.10 34.23 -1.42
CA LYS A 262 -33.81 34.93 -1.32
C LYS A 262 -32.67 33.95 -1.58
N HIS A 263 -31.52 34.49 -1.95
CA HIS A 263 -30.35 33.68 -2.26
C HIS A 263 -29.37 33.67 -1.10
N ALA A 264 -28.71 32.52 -0.89
CA ALA A 264 -27.77 32.35 0.22
C ALA A 264 -26.52 31.62 -0.23
N LEU A 265 -25.44 31.83 0.52
CA LEU A 265 -24.15 31.21 0.25
C LEU A 265 -23.58 30.63 1.54
N ILE A 266 -23.41 29.31 1.57
CA ILE A 266 -22.82 28.65 2.74
C ILE A 266 -21.43 28.11 2.40
N ILE A 267 -20.53 28.21 3.38
CA ILE A 267 -19.15 27.77 3.22
C ILE A 267 -18.77 26.88 4.41
N TYR A 268 -18.50 25.61 4.13
CA TYR A 268 -18.06 24.67 5.15
C TYR A 268 -16.53 24.63 5.16
N ASP A 269 -15.94 25.09 6.26
CA ASP A 269 -14.48 25.19 6.37
C ASP A 269 -14.02 24.56 7.70
N ASP A 270 -13.82 23.23 7.73
CA ASP A 270 -13.93 22.36 6.55
C ASP A 270 -14.64 21.04 6.87
N LEU A 271 -15.03 20.33 5.81
CA LEU A 271 -15.70 19.03 5.95
C LEU A 271 -14.74 17.90 6.29
N SER A 272 -13.44 18.14 6.12
CA SER A 272 -12.42 17.16 6.50
C SER A 272 -12.45 16.92 8.01
N LYS A 273 -12.41 18.00 8.77
CA LYS A 273 -12.39 17.92 10.24
C LYS A 273 -13.74 17.51 10.83
N GLN A 274 -14.82 17.70 10.06
CA GLN A 274 -16.15 17.24 10.45
C GLN A 274 -16.19 15.72 10.54
N ALA A 275 -15.60 15.05 9.55
CA ALA A 275 -15.54 13.59 9.52
C ALA A 275 -14.77 13.01 10.70
N VAL A 276 -13.72 13.72 11.13
CA VAL A 276 -12.90 13.29 12.27
C VAL A 276 -13.69 13.36 13.57
N ALA A 277 -14.51 14.41 13.71
CA ALA A 277 -15.38 14.57 14.87
C ALA A 277 -16.51 13.53 14.84
N TYR A 278 -17.07 13.31 13.65
CA TYR A 278 -18.12 12.29 13.49
C TYR A 278 -17.57 10.89 13.74
N ARG A 279 -16.33 10.65 13.32
CA ARG A 279 -15.66 9.38 13.58
C ARG A 279 -15.49 9.13 15.07
N GLN A 280 -14.94 10.13 15.76
CA GLN A 280 -14.76 10.08 17.21
C GLN A 280 -16.07 9.78 17.93
N MET A 281 -17.14 10.44 17.50
CA MET A 281 -18.45 10.30 18.14
C MET A 281 -19.01 8.88 18.00
N SER A 282 -18.90 8.31 16.81
CA SER A 282 -19.42 6.98 16.53
C SER A 282 -18.63 5.86 17.21
N LEU A 283 -17.31 5.97 17.18
CA LEU A 283 -16.44 4.96 17.79
C LEU A 283 -16.61 4.85 19.30
N LEU A 284 -16.86 5.98 19.95
CA LEU A 284 -17.08 6.00 21.41
C LEU A 284 -18.47 5.46 21.79
N LEU A 285 -19.42 5.52 20.86
CA LEU A 285 -20.73 4.88 21.02
C LEU A 285 -20.70 3.38 20.70
N ARG A 286 -19.51 2.86 20.36
CA ARG A 286 -19.31 1.45 20.02
C ARG A 286 -20.09 1.02 18.78
N ARG A 287 -20.23 1.94 17.83
CA ARG A 287 -20.79 1.61 16.52
C ARG A 287 -19.69 0.99 15.66
N PRO A 288 -20.06 0.07 14.75
CA PRO A 288 -19.05 -0.59 13.91
C PRO A 288 -18.16 0.40 13.14
N PRO A 289 -16.84 0.16 13.12
CA PRO A 289 -15.95 0.99 12.33
C PRO A 289 -15.89 0.55 10.88
N GLY A 290 -15.30 1.39 10.02
CA GLY A 290 -15.14 1.10 8.61
C GLY A 290 -13.77 1.52 8.12
N ARG A 291 -13.66 1.82 6.83
CA ARG A 291 -12.40 2.22 6.21
C ARG A 291 -11.83 3.47 6.88
N GLU A 292 -10.53 3.43 7.17
CA GLU A 292 -9.82 4.50 7.89
C GLU A 292 -10.54 4.88 9.18
N ALA A 293 -11.05 3.86 9.88
CA ALA A 293 -11.76 4.01 11.16
C ALA A 293 -13.04 4.86 11.13
N TYR A 294 -13.41 5.41 9.98
CA TYR A 294 -14.65 6.17 9.85
C TYR A 294 -15.84 5.22 9.88
N PRO A 295 -17.01 5.70 10.32
CA PRO A 295 -18.21 4.86 10.30
C PRO A 295 -18.70 4.57 8.88
N GLY A 296 -19.53 3.55 8.74
CA GLY A 296 -19.99 3.09 7.42
C GLY A 296 -20.56 4.17 6.53
N ASP A 297 -21.39 5.04 7.11
CA ASP A 297 -22.12 6.07 6.35
C ASP A 297 -21.39 7.42 6.29
N VAL A 298 -20.06 7.37 6.13
CA VAL A 298 -19.25 8.60 6.05
C VAL A 298 -19.47 9.37 4.75
N PHE A 299 -19.83 8.65 3.68
CA PHE A 299 -20.23 9.28 2.42
C PHE A 299 -21.57 9.98 2.60
N TYR A 300 -22.52 9.27 3.20
CA TYR A 300 -23.86 9.79 3.45
C TYR A 300 -23.84 11.06 4.31
N LEU A 301 -22.83 11.18 5.18
CA LEU A 301 -22.64 12.36 6.02
C LEU A 301 -22.61 13.64 5.17
N HIS A 302 -21.70 13.67 4.20
CA HIS A 302 -21.53 14.86 3.35
C HIS A 302 -22.57 14.92 2.23
N SER A 303 -23.09 13.78 1.82
CA SER A 303 -24.02 13.73 0.68
C SER A 303 -25.34 14.41 1.00
N ARG A 304 -25.94 14.05 2.14
CA ARG A 304 -27.20 14.66 2.56
C ARG A 304 -27.04 16.14 2.91
N LEU A 305 -25.88 16.50 3.47
CA LEU A 305 -25.55 17.89 3.79
C LEU A 305 -25.51 18.74 2.51
N LEU A 306 -24.79 18.26 1.51
CA LEU A 306 -24.60 19.01 0.27
C LEU A 306 -25.86 19.01 -0.61
N GLU A 307 -26.58 17.89 -0.64
CA GLU A 307 -27.82 17.79 -1.43
C GLU A 307 -28.84 18.88 -1.12
N ARG A 308 -28.86 19.34 0.14
CA ARG A 308 -29.78 20.40 0.56
C ARG A 308 -29.52 21.72 -0.18
N ALA A 309 -28.25 22.00 -0.50
CA ALA A 309 -27.91 23.15 -1.34
C ALA A 309 -28.51 22.97 -2.73
N ALA A 310 -29.39 23.89 -3.13
CA ALA A 310 -30.11 23.77 -4.39
C ALA A 310 -30.60 25.11 -4.94
N LYS A 311 -31.16 25.07 -6.15
CA LYS A 311 -31.76 26.25 -6.79
C LYS A 311 -33.23 25.97 -7.06
N MET A 312 -34.10 26.72 -6.38
CA MET A 312 -35.55 26.50 -6.45
C MET A 312 -36.15 27.21 -7.66
N ASN A 313 -37.22 26.62 -8.22
CA ASN A 313 -37.96 27.24 -9.33
C ASN A 313 -38.88 28.35 -8.82
N ASP A 314 -39.53 29.05 -9.75
CA ASP A 314 -40.46 30.12 -9.39
C ASP A 314 -41.61 29.62 -8.52
N ALA A 315 -42.06 28.39 -8.76
CA ALA A 315 -43.18 27.81 -8.01
C ALA A 315 -42.86 27.55 -6.53
N PHE A 316 -41.58 27.33 -6.22
CA PHE A 316 -41.14 27.13 -4.83
C PHE A 316 -40.30 28.31 -4.33
N GLY A 317 -40.75 29.53 -4.60
CA GLY A 317 -40.11 30.74 -4.09
C GLY A 317 -39.08 31.37 -5.00
N GLY A 318 -38.31 30.54 -5.70
CA GLY A 318 -37.29 31.03 -6.62
C GLY A 318 -35.95 31.34 -5.97
N GLY A 319 -35.81 31.01 -4.68
CA GLY A 319 -34.57 31.27 -3.96
C GLY A 319 -33.47 30.29 -4.31
N SER A 320 -32.39 30.32 -3.53
CA SER A 320 -31.25 29.44 -3.77
C SER A 320 -30.31 29.35 -2.56
N LEU A 321 -29.59 28.24 -2.48
CA LEU A 321 -28.55 28.05 -1.47
C LEU A 321 -27.31 27.48 -2.13
N THR A 322 -26.28 28.30 -2.28
CA THR A 322 -25.02 27.89 -2.89
C THR A 322 -24.09 27.35 -1.82
N ALA A 323 -23.44 26.22 -2.11
CA ALA A 323 -22.55 25.57 -1.15
C ALA A 323 -21.11 25.56 -1.65
N LEU A 324 -20.21 26.11 -0.84
CA LEU A 324 -18.77 26.06 -1.11
C LEU A 324 -18.06 25.25 -0.02
N PRO A 325 -18.10 23.91 -0.12
CA PRO A 325 -17.40 23.08 0.85
C PRO A 325 -15.89 23.15 0.68
N VAL A 326 -15.16 22.77 1.73
CA VAL A 326 -13.70 22.77 1.71
C VAL A 326 -13.16 21.42 2.16
N ILE A 327 -12.12 20.95 1.48
CA ILE A 327 -11.47 19.68 1.82
C ILE A 327 -9.95 19.88 1.85
N GLU A 328 -9.30 19.28 2.85
CA GLU A 328 -7.84 19.33 2.99
C GLU A 328 -7.22 18.01 2.53
N THR A 329 -6.53 18.06 1.38
CA THR A 329 -5.85 16.89 0.84
C THR A 329 -4.51 16.66 1.54
N GLN A 330 -3.97 15.46 1.36
CA GLN A 330 -2.66 15.10 1.91
C GLN A 330 -1.68 14.88 0.77
N ALA A 331 -0.72 15.80 0.64
CA ALA A 331 0.31 15.74 -0.41
C ALA A 331 -0.27 15.81 -1.83
N GLY A 332 -1.39 16.51 -1.98
CA GLY A 332 -2.03 16.69 -3.28
C GLY A 332 -2.76 15.46 -3.79
N ASP A 333 -3.10 14.55 -2.88
CA ASP A 333 -3.77 13.30 -3.24
C ASP A 333 -5.28 13.50 -3.33
N VAL A 334 -5.78 13.72 -4.55
CA VAL A 334 -7.21 13.90 -4.79
C VAL A 334 -7.98 12.57 -4.76
N SER A 335 -7.27 11.45 -4.90
CA SER A 335 -7.89 10.12 -4.93
C SER A 335 -8.03 9.48 -3.54
N ALA A 336 -7.78 10.25 -2.48
CA ALA A 336 -7.95 9.74 -1.11
C ALA A 336 -9.42 9.48 -0.79
N TYR A 337 -9.67 8.84 0.35
CA TYR A 337 -11.01 8.37 0.70
C TYR A 337 -12.04 9.49 0.85
N ILE A 338 -11.75 10.44 1.74
CA ILE A 338 -12.70 11.52 2.04
C ILE A 338 -12.84 12.50 0.86
N PRO A 339 -11.72 12.93 0.26
CA PRO A 339 -11.82 13.80 -0.92
C PRO A 339 -12.65 13.24 -2.08
N THR A 340 -12.45 11.97 -2.42
CA THR A 340 -13.20 11.34 -3.52
C THR A 340 -14.71 11.36 -3.28
N ASN A 341 -15.11 11.18 -2.03
CA ASN A 341 -16.53 11.25 -1.67
C ASN A 341 -17.13 12.62 -1.97
N VAL A 342 -16.45 13.67 -1.53
CA VAL A 342 -16.95 15.05 -1.69
C VAL A 342 -16.82 15.52 -3.14
N ILE A 343 -15.78 15.06 -3.83
CA ILE A 343 -15.61 15.36 -5.26
C ILE A 343 -16.75 14.76 -6.08
N SER A 344 -17.17 13.55 -5.72
CA SER A 344 -18.23 12.85 -6.43
C SER A 344 -19.62 13.41 -6.16
N ILE A 345 -19.78 14.18 -5.09
CA ILE A 345 -21.06 14.81 -4.74
C ILE A 345 -21.25 16.15 -5.47
N THR A 346 -20.24 17.00 -5.42
CA THR A 346 -20.35 18.38 -5.91
C THR A 346 -20.48 18.48 -7.43
N ASP A 347 -20.86 19.67 -7.90
CA ASP A 347 -21.03 19.95 -9.33
C ASP A 347 -19.79 20.57 -9.94
N GLY A 348 -18.62 20.03 -9.60
CA GLY A 348 -17.34 20.60 -10.01
C GLY A 348 -16.46 20.89 -8.80
N GLN A 349 -15.22 21.27 -9.06
CA GLN A 349 -14.26 21.56 -7.99
C GLN A 349 -13.19 22.56 -8.44
N ILE A 350 -12.56 23.19 -7.46
CA ILE A 350 -11.46 24.14 -7.69
C ILE A 350 -10.22 23.61 -6.99
N PHE A 351 -9.35 22.95 -7.75
CA PHE A 351 -8.14 22.33 -7.21
C PHE A 351 -7.03 23.37 -7.03
N LEU A 352 -6.39 23.35 -5.87
CA LEU A 352 -5.31 24.29 -5.57
C LEU A 352 -4.01 23.54 -5.27
N GLU A 353 -2.94 23.88 -6.00
CA GLU A 353 -1.64 23.23 -5.83
C GLU A 353 -0.69 24.09 -4.99
N THR A 354 0.20 23.41 -4.28
CA THR A 354 1.24 24.09 -3.48
C THR A 354 2.37 24.57 -4.38
N GLU A 355 2.60 23.85 -5.49
CA GLU A 355 3.63 24.21 -6.47
C GLU A 355 3.34 25.55 -7.14
N LEU A 356 2.10 25.74 -7.58
CA LEU A 356 1.69 26.97 -8.26
C LEU A 356 1.72 28.19 -7.33
N PHE A 357 1.48 27.98 -6.03
CA PHE A 357 1.50 29.05 -5.06
C PHE A 357 2.89 29.68 -4.93
N TYR A 358 3.89 28.84 -4.69
CA TYR A 358 5.27 29.31 -4.51
C TYR A 358 5.92 29.83 -5.80
N LYS A 359 5.45 29.33 -6.95
CA LYS A 359 5.95 29.82 -8.24
C LYS A 359 5.52 31.26 -8.54
N GLY A 360 4.44 31.72 -7.89
CA GLY A 360 3.95 33.08 -8.07
C GLY A 360 2.47 33.15 -8.40
N ILE A 361 1.91 32.06 -8.91
CA ILE A 361 0.50 32.01 -9.30
C ILE A 361 -0.38 32.00 -8.05
N ARG A 362 -0.98 33.16 -7.76
CA ARG A 362 -1.88 33.32 -6.61
C ARG A 362 -3.09 34.16 -7.04
N PRO A 363 -4.32 33.64 -6.92
CA PRO A 363 -4.60 32.34 -6.31
C PRO A 363 -4.11 31.15 -7.13
N ALA A 364 -3.57 30.15 -6.45
CA ALA A 364 -2.97 28.98 -7.11
C ALA A 364 -4.03 28.01 -7.57
N ILE A 365 -4.76 28.39 -8.62
CA ILE A 365 -5.86 27.58 -9.16
C ILE A 365 -5.38 26.79 -10.36
N ASN A 366 -5.37 25.46 -10.23
CA ASN A 366 -5.06 24.57 -11.35
C ASN A 366 -6.20 24.58 -12.36
N VAL A 367 -6.00 25.31 -13.46
CA VAL A 367 -7.03 25.48 -14.48
C VAL A 367 -7.32 24.17 -15.22
N GLY A 368 -6.29 23.33 -15.39
CA GLY A 368 -6.43 22.05 -16.08
C GLY A 368 -7.38 21.07 -15.40
N LEU A 369 -7.30 21.01 -14.07
CA LEU A 369 -8.12 20.08 -13.28
C LEU A 369 -9.42 20.71 -12.76
N SER A 370 -9.38 22.00 -12.44
CA SER A 370 -10.56 22.70 -11.93
C SER A 370 -11.62 22.87 -13.02
N VAL A 371 -12.86 22.51 -12.71
CA VAL A 371 -13.98 22.61 -13.65
C VAL A 371 -15.27 22.99 -12.95
N SER A 372 -16.19 23.61 -13.72
CA SER A 372 -17.53 23.92 -13.25
C SER A 372 -18.53 23.54 -14.33
N ARG A 373 -19.21 22.41 -14.13
CA ARG A 373 -20.10 21.83 -15.14
C ARG A 373 -21.38 22.63 -15.28
N VAL A 374 -22.01 22.93 -14.15
CA VAL A 374 -23.32 23.57 -14.11
C VAL A 374 -23.22 25.09 -14.31
N GLY A 375 -22.18 25.70 -13.73
CA GLY A 375 -22.03 27.16 -13.74
C GLY A 375 -21.62 27.82 -15.05
N SER A 376 -21.23 27.03 -16.04
CA SER A 376 -20.88 27.55 -17.36
C SER A 376 -22.06 28.26 -18.02
N ALA A 377 -23.26 27.70 -17.85
CA ALA A 377 -24.48 28.32 -18.37
C ALA A 377 -24.88 29.55 -17.55
N ALA A 378 -24.80 29.43 -16.22
CA ALA A 378 -25.10 30.54 -15.33
C ALA A 378 -23.92 31.51 -15.26
N GLN A 379 -23.85 32.39 -16.26
CA GLN A 379 -22.76 33.35 -16.38
C GLN A 379 -23.20 34.48 -17.30
N THR A 380 -22.70 35.69 -17.05
CA THR A 380 -23.02 36.84 -17.90
C THR A 380 -22.39 36.65 -19.27
N ARG A 381 -23.09 37.10 -20.31
CA ARG A 381 -22.61 36.96 -21.69
C ARG A 381 -21.36 37.82 -21.93
N ALA A 382 -21.23 38.91 -21.19
CA ALA A 382 -20.04 39.77 -21.25
C ALA A 382 -18.76 39.00 -20.94
N MET A 383 -18.83 38.11 -19.95
CA MET A 383 -17.68 37.28 -19.58
C MET A 383 -17.46 36.15 -20.60
N LYS A 384 -18.55 35.57 -21.10
CA LYS A 384 -18.46 34.50 -22.10
C LYS A 384 -17.71 34.93 -23.37
N GLN A 385 -17.96 36.15 -23.81
CA GLN A 385 -17.35 36.69 -25.04
C GLN A 385 -15.82 36.78 -24.96
N VAL A 386 -15.28 37.00 -23.76
CA VAL A 386 -13.83 37.09 -23.57
C VAL A 386 -13.23 35.83 -22.92
N ALA A 387 -13.97 35.20 -22.01
CA ALA A 387 -13.50 34.00 -21.31
C ALA A 387 -13.55 32.74 -22.18
N GLY A 388 -14.43 32.74 -23.18
CA GLY A 388 -14.53 31.62 -24.11
C GLY A 388 -13.27 31.45 -24.95
N THR A 389 -12.76 32.57 -25.44
CA THR A 389 -11.51 32.59 -26.19
C THR A 389 -10.30 32.38 -25.26
N MET A 390 -10.39 32.91 -24.04
CA MET A 390 -9.32 32.77 -23.05
C MET A 390 -9.10 31.31 -22.63
N LYS A 391 -10.20 30.58 -22.41
CA LYS A 391 -10.13 29.18 -22.02
C LYS A 391 -9.44 28.32 -23.07
N LEU A 392 -9.70 28.63 -24.34
CA LEU A 392 -9.10 27.90 -25.46
C LEU A 392 -7.60 28.15 -25.55
N GLU A 393 -7.18 29.41 -25.42
CA GLU A 393 -5.78 29.78 -25.53
C GLU A 393 -4.91 29.24 -24.38
N LEU A 394 -5.46 29.23 -23.17
CA LEU A 394 -4.76 28.66 -22.02
C LEU A 394 -4.66 27.13 -22.11
N ALA A 395 -5.64 26.51 -22.79
CA ALA A 395 -5.60 25.07 -23.05
C ALA A 395 -4.50 24.73 -24.06
N GLN A 396 -4.38 25.54 -25.10
CA GLN A 396 -3.34 25.38 -26.11
C GLN A 396 -1.95 25.62 -25.53
N TYR A 397 -1.83 26.59 -24.64
CA TYR A 397 -0.55 26.92 -23.99
C TYR A 397 -0.06 25.82 -23.06
N ARG A 398 -0.99 25.21 -22.31
CA ARG A 398 -0.63 24.19 -21.33
C ARG A 398 -0.03 22.94 -21.99
N GLU A 399 -0.47 22.63 -23.20
CA GLU A 399 0.09 21.53 -23.98
C GLU A 399 1.54 21.81 -24.39
N VAL A 400 1.82 23.07 -24.75
CA VAL A 400 3.16 23.49 -25.13
C VAL A 400 3.82 24.21 -23.95
N ALA A 401 3.89 23.52 -22.82
CA ALA A 401 4.43 24.09 -21.57
C ALA A 401 5.86 23.62 -21.34
N ALA A 402 6.06 22.31 -21.32
CA ALA A 402 7.39 21.71 -21.16
C ALA A 402 8.25 21.88 -22.42
N PHE A 403 7.60 22.11 -23.55
CA PHE A 403 8.30 22.30 -24.83
C PHE A 403 8.94 23.70 -24.91
N ALA A 404 8.27 24.69 -24.29
CA ALA A 404 8.75 26.07 -24.29
C ALA A 404 9.95 26.27 -23.35
N GLN A 405 10.05 25.46 -22.31
CA GLN A 405 11.12 25.58 -21.32
C GLN A 405 12.50 25.38 -21.94
N PHE A 406 12.64 24.34 -22.77
CA PHE A 406 13.89 24.06 -23.46
C PHE A 406 13.62 23.84 -24.96
N GLY A 407 13.65 24.93 -25.72
CA GLY A 407 13.42 24.89 -27.15
C GLY A 407 13.71 26.21 -27.83
N SER A 408 14.90 26.32 -28.42
CA SER A 408 15.35 27.56 -29.06
C SER A 408 14.69 27.73 -30.43
N ASP A 409 14.89 26.73 -31.31
CA ASP A 409 14.35 26.77 -32.66
C ASP A 409 12.85 26.51 -32.67
N LEU A 410 12.06 27.59 -32.76
CA LEU A 410 10.60 27.49 -32.82
C LEU A 410 10.04 28.42 -33.89
N ASP A 411 9.04 27.95 -34.61
CA ASP A 411 8.39 28.74 -35.67
C ASP A 411 7.52 29.86 -35.08
N ALA A 412 7.13 30.80 -35.94
CA ALA A 412 6.38 31.99 -35.52
C ALA A 412 4.93 31.69 -35.12
N ALA A 413 4.37 30.59 -35.62
CA ALA A 413 2.98 30.21 -35.33
C ALA A 413 2.82 29.79 -33.87
N THR A 414 3.69 28.90 -33.41
CA THR A 414 3.64 28.41 -32.03
C THR A 414 4.20 29.44 -31.03
N GLN A 415 5.01 30.38 -31.52
CA GLN A 415 5.57 31.45 -30.68
C GLN A 415 4.46 32.35 -30.12
N GLN A 416 3.41 32.57 -30.92
CA GLN A 416 2.27 33.38 -30.50
C GLN A 416 1.50 32.74 -29.33
N LEU A 417 1.44 31.41 -29.31
CA LEU A 417 0.76 30.68 -28.25
C LEU A 417 1.50 30.81 -26.92
N LEU A 418 2.83 30.83 -26.98
CA LEU A 418 3.66 31.05 -25.79
C LEU A 418 3.57 32.49 -25.29
N SER A 419 3.38 33.43 -26.21
CA SER A 419 3.24 34.85 -25.87
C SER A 419 1.92 35.11 -25.15
N ARG A 420 0.81 34.72 -25.77
CA ARG A 420 -0.52 34.85 -25.18
C ARG A 420 -0.63 34.03 -23.88
N GLY A 421 -0.05 32.84 -23.90
CA GLY A 421 -0.12 31.92 -22.77
C GLY A 421 0.39 32.50 -21.45
N VAL A 422 1.65 32.94 -21.46
CA VAL A 422 2.27 33.49 -20.24
C VAL A 422 1.65 34.83 -19.82
N ARG A 423 1.21 35.62 -20.80
CA ARG A 423 0.65 36.94 -20.52
C ARG A 423 -0.78 36.87 -19.99
N LEU A 424 -1.56 35.90 -20.47
CA LEU A 424 -2.91 35.66 -19.92
C LEU A 424 -2.85 35.04 -18.52
N THR A 425 -1.78 34.31 -18.23
CA THR A 425 -1.56 33.73 -16.91
C THR A 425 -1.28 34.80 -15.85
N GLU A 426 -0.66 35.90 -16.27
CA GLU A 426 -0.39 37.03 -15.38
C GLU A 426 -1.66 37.78 -14.97
N LEU A 427 -2.68 37.75 -15.84
CA LEU A 427 -3.99 38.34 -15.51
C LEU A 427 -4.72 37.53 -14.44
N LEU A 428 -4.49 36.22 -14.42
CA LEU A 428 -5.11 35.33 -13.43
C LEU A 428 -4.57 35.59 -12.02
N LYS A 429 -3.37 36.16 -11.91
CA LYS A 429 -2.82 36.60 -10.63
C LYS A 429 -3.68 37.74 -10.08
N GLN A 430 -3.91 37.71 -8.76
CA GLN A 430 -4.77 38.70 -8.12
C GLN A 430 -4.38 38.89 -6.65
N GLY A 431 -4.39 40.14 -6.21
CA GLY A 431 -4.10 40.46 -4.82
C GLY A 431 -5.25 40.05 -3.92
N GLN A 432 -4.92 39.64 -2.69
CA GLN A 432 -5.91 39.19 -1.72
C GLN A 432 -6.71 40.37 -1.18
N TYR A 433 -7.96 40.09 -0.80
CA TYR A 433 -8.89 41.10 -0.28
C TYR A 433 -9.16 42.23 -1.29
N SER A 434 -9.18 41.88 -2.58
CA SER A 434 -9.38 42.86 -3.64
C SER A 434 -10.32 42.32 -4.72
N PRO A 435 -11.59 42.05 -4.35
CA PRO A 435 -12.54 41.47 -5.29
C PRO A 435 -13.07 42.47 -6.31
N MET A 436 -12.95 42.13 -7.59
CA MET A 436 -13.37 43.00 -8.68
C MET A 436 -14.83 42.76 -9.05
N ALA A 437 -15.40 43.68 -9.83
CA ALA A 437 -16.74 43.53 -10.37
C ALA A 437 -16.67 42.79 -11.71
N ILE A 438 -17.80 42.27 -12.16
CA ILE A 438 -17.86 41.52 -13.41
C ILE A 438 -17.52 42.41 -14.63
N GLU A 439 -18.01 43.65 -14.62
CA GLU A 439 -17.75 44.59 -15.72
C GLU A 439 -16.29 45.06 -15.76
N GLU A 440 -15.62 45.01 -14.62
CA GLU A 440 -14.20 45.37 -14.53
C GLU A 440 -13.29 44.21 -14.96
N GLN A 441 -13.73 42.98 -14.67
CA GLN A 441 -12.97 41.79 -15.05
C GLN A 441 -12.93 41.60 -16.57
N VAL A 442 -14.05 41.81 -17.23
CA VAL A 442 -14.11 41.67 -18.70
C VAL A 442 -13.17 42.64 -19.41
N ALA A 443 -12.95 43.81 -18.82
CA ALA A 443 -12.06 44.83 -19.40
C ALA A 443 -10.60 44.39 -19.39
N VAL A 444 -10.12 43.85 -18.28
CA VAL A 444 -8.73 43.40 -18.16
C VAL A 444 -8.44 42.14 -18.97
N ILE A 445 -9.47 41.32 -19.22
CA ILE A 445 -9.33 40.14 -20.07
C ILE A 445 -9.42 40.53 -21.55
N TYR A 446 -10.29 41.49 -21.86
CA TYR A 446 -10.42 42.03 -23.22
C TYR A 446 -9.08 42.55 -23.76
N ALA A 447 -8.28 43.14 -22.89
CA ALA A 447 -6.95 43.62 -23.24
C ALA A 447 -6.01 42.46 -23.59
N GLY A 448 -6.02 41.43 -22.75
CA GLY A 448 -5.14 40.28 -22.93
C GLY A 448 -5.53 39.37 -24.08
N VAL A 449 -6.84 39.11 -24.22
CA VAL A 449 -7.34 38.16 -25.22
C VAL A 449 -7.26 38.70 -26.65
N ARG A 450 -7.39 40.02 -26.82
CA ARG A 450 -7.36 40.64 -28.14
C ARG A 450 -5.95 41.00 -28.60
N GLY A 451 -4.96 40.82 -27.72
CA GLY A 451 -3.55 40.91 -28.10
C GLY A 451 -2.93 42.29 -27.98
N TYR A 452 -3.26 42.99 -26.90
CA TYR A 452 -2.64 44.29 -26.62
C TYR A 452 -1.42 44.16 -25.70
N LEU A 453 -1.29 43.03 -25.02
CA LEU A 453 -0.19 42.79 -24.10
C LEU A 453 1.00 42.07 -24.74
N ASP A 454 0.84 41.61 -25.98
CA ASP A 454 1.84 40.77 -26.65
C ASP A 454 3.18 41.49 -26.84
N LYS A 455 3.14 42.75 -27.27
CA LYS A 455 4.36 43.54 -27.46
C LYS A 455 4.96 43.96 -26.12
N LEU A 456 4.13 44.10 -25.10
CA LEU A 456 4.58 44.47 -23.75
C LEU A 456 5.29 43.30 -23.07
N GLU A 457 6.20 43.63 -22.15
CA GLU A 457 7.02 42.63 -21.46
C GLU A 457 6.19 41.89 -20.39
N PRO A 458 6.47 40.60 -20.17
CA PRO A 458 5.76 39.82 -19.13
C PRO A 458 5.83 40.40 -17.71
N SER A 459 6.96 41.00 -17.36
CA SER A 459 7.15 41.60 -16.03
C SER A 459 6.27 42.83 -15.80
N LYS A 460 5.88 43.50 -16.87
CA LYS A 460 5.07 44.71 -16.79
C LYS A 460 3.55 44.45 -16.94
N ILE A 461 3.14 43.19 -16.95
CA ILE A 461 1.72 42.84 -17.08
C ILE A 461 0.97 43.14 -15.78
N THR A 462 1.59 42.84 -14.65
CA THR A 462 1.03 43.19 -13.34
C THR A 462 0.93 44.71 -13.18
N LYS A 463 1.97 45.40 -13.64
CA LYS A 463 2.00 46.87 -13.62
C LYS A 463 0.95 47.47 -14.55
N PHE A 464 0.77 46.85 -15.72
CA PHE A 464 -0.21 47.31 -16.70
C PHE A 464 -1.64 47.16 -16.18
N GLU A 465 -1.93 46.04 -15.54
CA GLU A 465 -3.27 45.76 -15.02
C GLU A 465 -3.69 46.81 -14.00
N ASN A 466 -2.83 47.08 -13.02
CA ASN A 466 -3.12 48.05 -11.96
C ASN A 466 -3.34 49.45 -12.52
N ALA A 467 -2.52 49.84 -13.49
CA ALA A 467 -2.64 51.15 -14.13
C ALA A 467 -3.86 51.24 -15.05
N PHE A 468 -4.10 50.17 -15.81
CA PHE A 468 -5.23 50.11 -16.73
C PHE A 468 -6.56 50.09 -15.97
N LEU A 469 -6.63 49.31 -14.89
CA LEU A 469 -7.85 49.19 -14.10
C LEU A 469 -8.22 50.51 -13.42
N SER A 470 -7.22 51.25 -12.96
CA SER A 470 -7.44 52.57 -12.35
C SER A 470 -7.89 53.61 -13.38
N HIS A 471 -7.43 53.47 -14.61
CA HIS A 471 -7.80 54.38 -15.70
C HIS A 471 -9.26 54.21 -16.11
N VAL A 472 -9.68 52.97 -16.34
CA VAL A 472 -11.05 52.68 -16.81
C VAL A 472 -12.11 52.96 -15.75
N ILE A 473 -11.81 52.70 -14.48
CA ILE A 473 -12.76 52.93 -13.39
C ILE A 473 -13.00 54.43 -13.18
N SER A 474 -11.93 55.22 -13.22
CA SER A 474 -12.02 56.66 -12.95
C SER A 474 -12.71 57.43 -14.08
N GLN A 475 -12.15 57.37 -15.29
CA GLN A 475 -12.60 58.22 -16.39
C GLN A 475 -13.58 57.56 -17.37
N HIS A 476 -13.97 56.32 -17.12
CA HIS A 476 -14.92 55.62 -17.99
C HIS A 476 -15.95 54.80 -17.19
N GLN A 477 -16.80 55.50 -16.44
CA GLN A 477 -17.89 54.87 -15.70
C GLN A 477 -19.08 54.57 -16.60
N ALA A 478 -19.27 55.38 -17.63
CA ALA A 478 -20.36 55.19 -18.60
C ALA A 478 -20.23 53.86 -19.34
N LEU A 479 -19.01 53.50 -19.70
CA LEU A 479 -18.72 52.25 -20.39
C LEU A 479 -18.96 51.05 -19.47
N LEU A 480 -18.41 51.11 -18.26
CA LEU A 480 -18.59 50.05 -17.27
C LEU A 480 -20.06 49.84 -16.91
N GLY A 481 -20.81 50.94 -16.84
CA GLY A 481 -22.24 50.89 -16.55
C GLY A 481 -23.06 50.25 -17.66
N LYS A 482 -22.65 50.46 -18.90
CA LYS A 482 -23.36 49.90 -20.06
C LYS A 482 -23.16 48.38 -20.17
N ILE A 483 -21.99 47.89 -19.76
CA ILE A 483 -21.70 46.46 -19.77
C ILE A 483 -22.50 45.74 -18.67
N ARG A 484 -22.67 46.38 -17.52
CA ARG A 484 -23.44 45.80 -16.42
C ARG A 484 -24.94 45.76 -16.72
N THR A 485 -25.45 46.84 -17.31
CA THR A 485 -26.87 46.94 -17.64
C THR A 485 -27.25 45.97 -18.76
N ASP A 486 -26.51 46.00 -19.86
CA ASP A 486 -26.76 45.13 -21.00
C ASP A 486 -26.42 43.68 -20.70
N GLY A 487 -25.33 43.48 -19.94
CA GLY A 487 -24.82 42.14 -19.65
C GLY A 487 -24.12 41.51 -20.85
N LYS A 488 -23.63 42.36 -21.74
CA LYS A 488 -22.99 41.92 -22.99
C LYS A 488 -22.27 43.08 -23.68
N ILE A 489 -21.18 42.77 -24.38
CA ILE A 489 -20.45 43.77 -25.14
C ILE A 489 -21.17 44.03 -26.45
N SER A 490 -21.91 45.14 -26.52
CA SER A 490 -22.67 45.51 -27.71
C SER A 490 -21.75 45.96 -28.85
N GLU A 491 -22.35 46.17 -30.02
CA GLU A 491 -21.61 46.61 -31.21
C GLU A 491 -20.82 47.90 -30.98
N GLU A 492 -21.42 48.86 -30.28
CA GLU A 492 -20.77 50.14 -29.99
C GLU A 492 -19.80 50.04 -28.82
N SER A 493 -20.14 49.22 -27.83
CA SER A 493 -19.30 49.03 -26.65
C SER A 493 -17.97 48.32 -26.97
N ASP A 494 -18.00 47.46 -28.00
CA ASP A 494 -16.80 46.75 -28.44
C ASP A 494 -15.82 47.73 -29.09
N ALA A 495 -16.34 48.61 -29.94
CA ALA A 495 -15.53 49.65 -30.58
C ALA A 495 -15.07 50.70 -29.57
N LYS A 496 -15.96 51.03 -28.63
CA LYS A 496 -15.63 51.99 -27.56
C LYS A 496 -14.53 51.47 -26.65
N LEU A 497 -14.61 50.19 -26.29
CA LEU A 497 -13.60 49.54 -25.44
C LEU A 497 -12.26 49.39 -26.18
N LYS A 498 -12.33 49.17 -27.49
CA LYS A 498 -11.13 49.07 -28.33
C LYS A 498 -10.35 50.39 -28.33
N GLU A 499 -11.08 51.50 -28.32
CA GLU A 499 -10.48 52.84 -28.34
C GLU A 499 -9.70 53.15 -27.06
N ILE A 500 -10.24 52.73 -25.92
CA ILE A 500 -9.66 53.04 -24.61
C ILE A 500 -8.35 52.29 -24.37
N VAL A 501 -8.29 51.03 -24.80
CA VAL A 501 -7.11 50.19 -24.60
C VAL A 501 -5.96 50.63 -25.52
N THR A 502 -6.28 50.93 -26.78
CA THR A 502 -5.28 51.35 -27.76
C THR A 502 -4.59 52.65 -27.35
N ASN A 503 -5.38 53.62 -26.90
CA ASN A 503 -4.85 54.91 -26.47
C ASN A 503 -4.05 54.83 -25.17
N PHE A 504 -4.51 53.99 -24.25
CA PHE A 504 -3.82 53.79 -22.96
C PHE A 504 -2.51 53.03 -23.15
N LEU A 505 -2.51 52.06 -24.06
CA LEU A 505 -1.30 51.28 -24.36
C LEU A 505 -0.21 52.18 -24.96
N ALA A 506 -0.61 53.08 -25.85
CA ALA A 506 0.32 54.06 -26.43
C ALA A 506 0.77 55.05 -25.36
N GLY A 507 2.06 54.99 -25.02
CA GLY A 507 2.60 55.79 -23.94
C GLY A 507 2.24 55.21 -22.59
N PHE A 508 2.81 54.04 -22.29
CA PHE A 508 2.51 53.32 -21.06
C PHE A 508 3.55 53.59 -19.98
N GLU A 509 4.81 53.25 -20.26
CA GLU A 509 5.89 53.37 -19.29
C GLU A 509 6.25 54.83 -18.99
N ALA A 510 6.86 55.04 -17.82
CA ALA A 510 7.26 56.37 -17.37
C ALA A 510 8.48 56.28 -16.44
N ILE B 16 -56.60 -37.90 30.90
CA ILE B 16 -55.58 -36.88 30.52
C ILE B 16 -55.00 -37.19 29.14
N LEU B 17 -54.76 -36.14 28.36
CA LEU B 17 -54.19 -36.28 27.01
C LEU B 17 -52.77 -36.83 27.02
N GLY B 18 -52.41 -37.59 26.00
CA GLY B 18 -51.05 -38.10 25.82
C GLY B 18 -50.18 -37.02 25.22
N ALA B 19 -49.14 -36.61 25.96
CA ALA B 19 -48.29 -35.49 25.54
C ALA B 19 -47.58 -35.77 24.22
N ASP B 20 -47.41 -34.73 23.41
CA ASP B 20 -46.72 -34.83 22.13
C ASP B 20 -45.21 -34.87 22.36
N THR B 21 -44.57 -35.96 21.93
CA THR B 21 -43.12 -36.12 22.07
C THR B 21 -42.44 -36.20 20.71
N SER B 22 -43.09 -35.67 19.67
CA SER B 22 -42.55 -35.70 18.31
C SER B 22 -41.35 -34.76 18.16
N VAL B 23 -41.41 -33.62 18.84
CA VAL B 23 -40.30 -32.67 18.85
C VAL B 23 -39.54 -32.79 20.17
N ASP B 24 -38.98 -33.98 20.41
CA ASP B 24 -38.02 -34.15 21.50
C ASP B 24 -36.69 -33.60 21.00
N LEU B 25 -35.91 -33.02 21.91
CA LEU B 25 -34.67 -32.34 21.54
C LEU B 25 -33.52 -33.31 21.22
N GLU B 26 -33.81 -34.61 21.24
CA GLU B 26 -32.81 -35.64 20.93
C GLU B 26 -32.50 -35.67 19.43
N GLU B 27 -33.54 -35.87 18.62
CA GLU B 27 -33.39 -36.03 17.16
C GLU B 27 -33.82 -34.81 16.35
N THR B 28 -34.44 -33.82 16.99
CA THR B 28 -34.89 -32.61 16.32
C THR B 28 -34.49 -31.36 17.11
N GLY B 29 -34.76 -30.19 16.55
CA GLY B 29 -34.44 -28.93 17.21
C GLY B 29 -35.21 -27.75 16.65
N ARG B 30 -35.24 -26.66 17.42
CA ARG B 30 -35.89 -25.42 17.00
C ARG B 30 -34.85 -24.33 16.73
N VAL B 31 -35.13 -23.46 15.76
CA VAL B 31 -34.22 -22.38 15.40
C VAL B 31 -34.33 -21.23 16.41
N LEU B 32 -33.22 -20.92 17.07
CA LEU B 32 -33.14 -19.79 17.99
C LEU B 32 -33.04 -18.48 17.23
N SER B 33 -32.10 -18.42 16.29
CA SER B 33 -31.88 -17.22 15.49
C SER B 33 -31.37 -17.58 14.09
N ILE B 34 -31.76 -16.76 13.11
CA ILE B 34 -31.30 -16.90 11.74
C ILE B 34 -30.95 -15.52 11.17
N GLY B 35 -29.82 -15.43 10.50
CA GLY B 35 -29.32 -14.18 9.96
C GLY B 35 -27.83 -14.24 9.68
N ASP B 36 -27.32 -13.24 8.97
CA ASP B 36 -25.92 -13.19 8.52
C ASP B 36 -25.35 -14.57 8.14
N GLY B 37 -26.12 -15.35 7.39
CA GLY B 37 -25.68 -16.65 6.89
C GLY B 37 -26.05 -17.84 7.76
N ILE B 38 -25.60 -17.83 9.01
CA ILE B 38 -25.69 -19.00 9.89
C ILE B 38 -27.01 -19.03 10.66
N ALA B 39 -27.51 -20.24 10.90
CA ALA B 39 -28.72 -20.46 11.69
C ALA B 39 -28.36 -21.17 13.00
N ARG B 40 -28.77 -20.57 14.12
CA ARG B 40 -28.55 -21.17 15.44
C ARG B 40 -29.75 -22.03 15.82
N VAL B 41 -29.50 -23.31 16.07
CA VAL B 41 -30.56 -24.27 16.37
C VAL B 41 -30.43 -24.81 17.79
N HIS B 42 -31.51 -24.69 18.57
CA HIS B 42 -31.59 -25.30 19.90
C HIS B 42 -32.05 -26.74 19.76
N GLY B 43 -31.36 -27.64 20.48
CA GLY B 43 -31.65 -29.07 20.41
C GLY B 43 -30.64 -29.79 19.52
N LEU B 44 -31.11 -30.76 18.76
CA LEU B 44 -30.25 -31.60 17.92
C LEU B 44 -29.07 -32.14 18.71
N ARG B 45 -29.38 -32.83 19.81
CA ARG B 45 -28.35 -33.31 20.73
C ARG B 45 -27.55 -34.49 20.16
N ASN B 46 -28.22 -35.34 19.38
CA ASN B 46 -27.56 -36.51 18.79
C ASN B 46 -26.97 -36.28 17.39
N VAL B 47 -27.12 -35.06 16.87
CA VAL B 47 -26.62 -34.75 15.53
C VAL B 47 -25.08 -34.79 15.47
N GLN B 48 -24.55 -35.27 14.35
CA GLN B 48 -23.10 -35.36 14.16
C GLN B 48 -22.55 -34.04 13.62
N ALA B 49 -21.23 -33.91 13.68
CA ALA B 49 -20.54 -32.78 13.06
C ALA B 49 -20.54 -32.97 11.55
N GLU B 50 -20.85 -31.89 10.83
CA GLU B 50 -20.96 -31.90 9.37
C GLU B 50 -22.09 -32.80 8.84
N GLU B 51 -23.14 -32.97 9.63
CA GLU B 51 -24.29 -33.76 9.22
C GLU B 51 -25.32 -32.89 8.51
N MET B 52 -25.95 -33.45 7.48
CA MET B 52 -27.01 -32.75 6.76
C MET B 52 -28.26 -32.72 7.63
N VAL B 53 -28.98 -31.58 7.59
CA VAL B 53 -30.22 -31.42 8.34
C VAL B 53 -31.28 -30.75 7.48
N GLU B 54 -32.54 -31.15 7.67
CA GLU B 54 -33.66 -30.60 6.92
C GLU B 54 -34.36 -29.53 7.74
N PHE B 55 -34.80 -28.47 7.05
CA PHE B 55 -35.60 -27.41 7.68
C PHE B 55 -37.07 -27.58 7.32
N SER B 56 -37.94 -26.93 8.08
CA SER B 56 -39.39 -27.03 7.90
C SER B 56 -39.84 -26.48 6.53
N SER B 57 -39.12 -25.49 6.02
CA SER B 57 -39.44 -24.89 4.73
C SER B 57 -39.23 -25.86 3.58
N GLY B 58 -38.09 -26.55 3.56
CA GLY B 58 -37.78 -27.51 2.51
C GLY B 58 -36.29 -27.67 2.23
N LEU B 59 -35.57 -26.55 2.29
CA LEU B 59 -34.13 -26.55 1.99
C LEU B 59 -33.30 -27.26 3.07
N LYS B 60 -32.07 -27.60 2.71
CA LYS B 60 -31.18 -28.37 3.58
C LYS B 60 -30.17 -27.48 4.28
N GLY B 61 -29.40 -28.07 5.18
CA GLY B 61 -28.35 -27.36 5.92
C GLY B 61 -27.30 -28.31 6.47
N MET B 62 -26.17 -27.75 6.90
CA MET B 62 -25.04 -28.54 7.38
C MET B 62 -24.61 -28.09 8.78
N SER B 63 -24.45 -29.05 9.69
CA SER B 63 -24.05 -28.75 11.06
C SER B 63 -22.54 -28.53 11.17
N LEU B 64 -22.14 -27.27 11.05
CA LEU B 64 -20.71 -26.91 11.12
C LEU B 64 -20.25 -26.75 12.57
N ASN B 65 -20.94 -25.89 13.31
CA ASN B 65 -20.59 -25.59 14.70
C ASN B 65 -21.46 -26.36 15.69
N LEU B 66 -20.85 -27.25 16.45
CA LEU B 66 -21.51 -27.91 17.57
C LEU B 66 -21.06 -27.25 18.87
N GLU B 67 -21.96 -26.47 19.47
CA GLU B 67 -21.68 -25.74 20.69
C GLU B 67 -22.50 -26.30 21.85
N PRO B 68 -22.12 -26.00 23.11
CA PRO B 68 -22.82 -26.57 24.27
C PRO B 68 -24.33 -26.35 24.32
N ASP B 69 -24.80 -25.17 23.89
CA ASP B 69 -26.22 -24.81 24.00
C ASP B 69 -26.88 -24.46 22.67
N ASN B 70 -26.22 -24.80 21.56
CA ASN B 70 -26.78 -24.55 20.22
C ASN B 70 -26.02 -25.30 19.12
N VAL B 71 -26.54 -25.25 17.90
CA VAL B 71 -25.88 -25.82 16.72
C VAL B 71 -25.92 -24.81 15.58
N GLY B 72 -24.74 -24.39 15.13
CA GLY B 72 -24.62 -23.48 13.99
C GLY B 72 -24.76 -24.23 12.67
N VAL B 73 -25.81 -23.91 11.92
CA VAL B 73 -26.11 -24.61 10.68
C VAL B 73 -25.86 -23.72 9.46
N VAL B 74 -25.11 -24.24 8.50
CA VAL B 74 -24.85 -23.55 7.23
C VAL B 74 -25.95 -23.92 6.24
N VAL B 75 -26.73 -22.93 5.83
CA VAL B 75 -27.94 -23.17 5.03
C VAL B 75 -27.64 -23.24 3.54
N PHE B 76 -27.90 -24.41 2.94
CA PHE B 76 -27.75 -24.57 1.50
C PHE B 76 -28.97 -24.02 0.76
N GLY B 77 -28.98 -22.70 0.56
CA GLY B 77 -30.10 -22.01 -0.07
C GLY B 77 -30.31 -20.64 0.56
N ASN B 78 -31.27 -19.89 0.02
CA ASN B 78 -31.60 -18.57 0.56
C ASN B 78 -32.25 -18.69 1.93
N ASP B 79 -31.67 -18.01 2.92
CA ASP B 79 -32.07 -18.15 4.31
C ASP B 79 -33.20 -17.21 4.76
N LYS B 80 -33.87 -16.59 3.80
CA LYS B 80 -35.08 -15.81 4.11
C LYS B 80 -36.25 -16.73 4.44
N LEU B 81 -36.22 -17.96 3.92
CA LEU B 81 -37.27 -18.94 4.15
C LEU B 81 -37.29 -19.43 5.60
N ILE B 82 -36.11 -19.50 6.22
CA ILE B 82 -35.99 -19.90 7.63
C ILE B 82 -36.41 -18.75 8.55
N LYS B 83 -37.16 -19.10 9.60
CA LYS B 83 -37.57 -18.15 10.64
C LYS B 83 -37.20 -18.72 12.00
N GLU B 84 -37.55 -17.98 13.06
CA GLU B 84 -37.36 -18.46 14.43
C GLU B 84 -38.43 -19.49 14.77
N GLY B 85 -38.03 -20.51 15.53
CA GLY B 85 -38.94 -21.56 15.98
C GLY B 85 -39.23 -22.64 14.96
N ASP B 86 -38.52 -22.61 13.83
CA ASP B 86 -38.71 -23.60 12.77
C ASP B 86 -38.06 -24.92 13.16
N ILE B 87 -38.73 -26.01 12.79
CA ILE B 87 -38.31 -27.34 13.19
C ILE B 87 -37.17 -27.80 12.29
N VAL B 88 -36.05 -28.17 12.90
CA VAL B 88 -34.89 -28.69 12.18
C VAL B 88 -34.75 -30.17 12.49
N LYS B 89 -34.74 -31.00 11.46
CA LYS B 89 -34.69 -32.46 11.60
C LYS B 89 -33.37 -33.01 11.07
N ARG B 90 -32.94 -34.12 11.65
CA ARG B 90 -31.72 -34.81 11.20
C ARG B 90 -32.03 -35.68 9.98
N THR B 91 -31.08 -35.72 9.04
CA THR B 91 -31.12 -36.69 7.95
C THR B 91 -30.54 -38.00 8.44
N GLY B 92 -29.44 -37.90 9.19
CA GLY B 92 -28.76 -39.07 9.74
C GLY B 92 -27.36 -39.23 9.17
N ALA B 93 -27.26 -39.07 7.85
CA ALA B 93 -25.99 -39.26 7.14
C ALA B 93 -25.19 -37.96 7.04
N ILE B 94 -23.89 -38.11 6.83
CA ILE B 94 -22.99 -36.96 6.62
C ILE B 94 -23.27 -36.38 5.25
N VAL B 95 -23.06 -35.07 5.10
CA VAL B 95 -23.35 -34.37 3.85
C VAL B 95 -22.79 -35.15 2.65
N ASP B 96 -23.70 -35.61 1.80
CA ASP B 96 -23.34 -36.43 0.64
C ASP B 96 -24.14 -36.03 -0.60
N VAL B 97 -23.73 -36.57 -1.75
CA VAL B 97 -24.38 -36.31 -3.03
C VAL B 97 -24.46 -37.59 -3.85
N PRO B 98 -25.44 -37.68 -4.77
CA PRO B 98 -25.55 -38.88 -5.60
C PRO B 98 -24.36 -39.03 -6.55
N VAL B 99 -24.02 -40.27 -6.87
CA VAL B 99 -22.90 -40.56 -7.77
C VAL B 99 -23.23 -41.74 -8.67
N GLY B 100 -22.72 -41.69 -9.91
CA GLY B 100 -22.97 -42.75 -10.88
C GLY B 100 -23.01 -42.23 -12.30
N GLU B 101 -23.31 -43.13 -13.23
CA GLU B 101 -23.38 -42.79 -14.64
C GLU B 101 -24.74 -42.21 -15.04
N GLU B 102 -25.70 -42.21 -14.11
CA GLU B 102 -27.01 -41.62 -14.35
C GLU B 102 -26.96 -40.08 -14.35
N LEU B 103 -25.90 -39.52 -13.78
CA LEU B 103 -25.67 -38.07 -13.80
C LEU B 103 -25.11 -37.57 -15.14
N LEU B 104 -24.59 -38.48 -15.97
CA LEU B 104 -24.05 -38.11 -17.27
C LEU B 104 -25.17 -37.58 -18.18
N GLY B 105 -24.93 -36.43 -18.79
CA GLY B 105 -25.92 -35.77 -19.64
C GLY B 105 -26.95 -34.96 -18.87
N ARG B 106 -26.73 -34.75 -17.57
CA ARG B 106 -27.65 -34.02 -16.72
C ARG B 106 -26.98 -32.79 -16.12
N VAL B 107 -27.76 -31.73 -15.93
CA VAL B 107 -27.31 -30.53 -15.23
C VAL B 107 -27.94 -30.52 -13.83
N VAL B 108 -27.11 -30.46 -12.80
CA VAL B 108 -27.58 -30.54 -11.42
C VAL B 108 -27.05 -29.40 -10.57
N ASP B 109 -27.70 -29.16 -9.43
CA ASP B 109 -27.23 -28.19 -8.45
C ASP B 109 -26.19 -28.85 -7.55
N ALA B 110 -25.66 -28.09 -6.58
CA ALA B 110 -24.61 -28.58 -5.68
C ALA B 110 -25.02 -29.82 -4.87
N LEU B 111 -26.30 -29.91 -4.51
CA LEU B 111 -26.81 -31.03 -3.72
C LEU B 111 -27.05 -32.29 -4.57
N GLY B 112 -27.14 -32.13 -5.89
CA GLY B 112 -27.39 -33.25 -6.81
C GLY B 112 -28.79 -33.26 -7.40
N ASN B 113 -29.60 -32.26 -7.05
CA ASN B 113 -30.95 -32.13 -7.59
C ASN B 113 -30.89 -31.66 -9.04
N ALA B 114 -31.72 -32.25 -9.89
CA ALA B 114 -31.74 -31.92 -11.31
C ALA B 114 -32.36 -30.54 -11.55
N ILE B 115 -31.69 -29.72 -12.36
CA ILE B 115 -32.16 -28.38 -12.67
C ILE B 115 -32.36 -28.15 -14.19
N ASP B 116 -32.26 -29.23 -14.97
CA ASP B 116 -32.45 -29.15 -16.43
C ASP B 116 -33.89 -29.46 -16.86
N GLY B 117 -34.74 -29.81 -15.91
CA GLY B 117 -36.15 -30.08 -16.19
C GLY B 117 -36.37 -31.34 -17.00
N LYS B 118 -35.50 -32.33 -16.82
CA LYS B 118 -35.59 -33.60 -17.54
C LYS B 118 -35.76 -34.76 -16.55
N GLY B 119 -36.71 -34.59 -15.63
CA GLY B 119 -37.06 -35.65 -14.67
C GLY B 119 -36.02 -35.91 -13.61
N PRO B 120 -36.24 -36.95 -12.78
CA PRO B 120 -35.31 -37.31 -11.72
C PRO B 120 -34.03 -37.99 -12.23
N ILE B 121 -33.01 -38.03 -11.39
CA ILE B 121 -31.70 -38.57 -11.77
C ILE B 121 -31.75 -40.09 -11.87
N GLY B 122 -32.30 -40.73 -10.85
CA GLY B 122 -32.40 -42.18 -10.80
C GLY B 122 -31.09 -42.86 -10.47
N SER B 123 -30.28 -42.22 -9.63
CA SER B 123 -29.00 -42.77 -9.20
C SER B 123 -29.22 -43.82 -8.12
N LYS B 124 -28.30 -44.77 -8.03
CA LYS B 124 -28.39 -45.88 -7.08
C LYS B 124 -27.21 -45.93 -6.11
N ALA B 125 -26.47 -44.83 -6.02
CA ALA B 125 -25.31 -44.74 -5.13
C ALA B 125 -25.06 -43.30 -4.68
N ARG B 126 -24.43 -43.15 -3.53
CA ARG B 126 -24.11 -41.84 -2.96
C ARG B 126 -22.72 -41.83 -2.32
N ARG B 127 -22.07 -40.67 -2.33
CA ARG B 127 -20.76 -40.52 -1.72
C ARG B 127 -20.64 -39.18 -0.99
N ARG B 128 -19.88 -39.18 0.10
CA ARG B 128 -19.67 -37.97 0.91
C ARG B 128 -18.83 -36.95 0.15
N VAL B 129 -19.10 -35.67 0.44
CA VAL B 129 -18.38 -34.57 -0.21
C VAL B 129 -16.98 -34.35 0.37
N GLY B 130 -16.79 -34.71 1.64
CA GLY B 130 -15.54 -34.44 2.34
C GLY B 130 -14.70 -35.67 2.66
N LEU B 131 -14.61 -36.61 1.73
CA LEU B 131 -13.74 -37.76 1.88
C LEU B 131 -12.30 -37.34 1.63
N LYS B 132 -11.38 -37.88 2.43
CA LYS B 132 -9.96 -37.56 2.31
C LYS B 132 -9.36 -38.23 1.08
N ALA B 133 -8.47 -37.51 0.39
CA ALA B 133 -7.86 -38.01 -0.83
C ALA B 133 -6.99 -39.24 -0.55
N PRO B 134 -6.88 -40.16 -1.52
CA PRO B 134 -6.11 -41.39 -1.31
C PRO B 134 -4.64 -41.13 -0.99
N GLY B 135 -4.05 -41.99 -0.17
CA GLY B 135 -2.70 -41.81 0.32
C GLY B 135 -1.61 -42.10 -0.71
N ILE B 136 -0.45 -42.49 -0.23
CA ILE B 136 0.74 -42.69 -1.07
C ILE B 136 0.69 -43.99 -1.86
N ILE B 137 0.26 -45.08 -1.21
CA ILE B 137 0.33 -46.42 -1.80
C ILE B 137 -0.57 -46.62 -3.02
N PRO B 138 -1.85 -46.18 -2.95
CA PRO B 138 -2.74 -46.37 -4.10
C PRO B 138 -2.32 -45.59 -5.35
N ARG B 139 -1.59 -44.48 -5.16
CA ARG B 139 -1.16 -43.64 -6.28
C ARG B 139 -0.02 -44.26 -7.09
N ILE B 140 0.14 -43.78 -8.31
CA ILE B 140 1.24 -44.18 -9.18
C ILE B 140 1.46 -43.06 -10.21
N SER B 141 2.69 -42.91 -10.67
CA SER B 141 3.06 -41.81 -11.58
C SER B 141 2.11 -41.69 -12.77
N VAL B 142 1.97 -40.47 -13.29
CA VAL B 142 1.03 -40.18 -14.37
C VAL B 142 1.60 -40.68 -15.70
N ARG B 143 0.95 -41.70 -16.25
CA ARG B 143 1.43 -42.39 -17.46
C ARG B 143 0.57 -42.09 -18.69
N GLU B 144 -0.75 -42.20 -18.53
CA GLU B 144 -1.67 -42.04 -19.66
C GLU B 144 -1.87 -40.57 -20.01
N PRO B 145 -1.93 -40.26 -21.33
CA PRO B 145 -2.09 -38.87 -21.76
C PRO B 145 -3.55 -38.39 -21.72
N MET B 146 -3.73 -37.12 -21.37
CA MET B 146 -5.05 -36.49 -21.38
C MET B 146 -5.09 -35.49 -22.53
N GLN B 147 -5.59 -35.94 -23.67
CA GLN B 147 -5.53 -35.18 -24.92
C GLN B 147 -6.61 -34.10 -24.97
N THR B 148 -6.18 -32.83 -25.04
CA THR B 148 -7.10 -31.70 -25.13
C THR B 148 -7.57 -31.46 -26.56
N GLY B 149 -6.72 -31.80 -27.53
CA GLY B 149 -7.01 -31.57 -28.94
C GLY B 149 -6.63 -30.17 -29.40
N ILE B 150 -5.89 -29.45 -28.57
CA ILE B 150 -5.43 -28.10 -28.87
C ILE B 150 -3.93 -28.15 -29.13
N LYS B 151 -3.51 -27.67 -30.30
CA LYS B 151 -2.12 -27.74 -30.73
C LYS B 151 -1.17 -27.08 -29.72
N ALA B 152 -1.52 -25.89 -29.28
CA ALA B 152 -0.69 -25.13 -28.35
C ALA B 152 -0.56 -25.80 -26.98
N VAL B 153 -1.63 -26.48 -26.55
CA VAL B 153 -1.66 -27.12 -25.23
C VAL B 153 -0.92 -28.46 -25.25
N ASP B 154 -1.32 -29.35 -26.15
CA ASP B 154 -0.76 -30.70 -26.22
C ASP B 154 0.74 -30.75 -26.57
N SER B 155 1.25 -29.70 -27.21
CA SER B 155 2.67 -29.62 -27.57
C SER B 155 3.51 -29.03 -26.45
N LEU B 156 3.22 -27.78 -26.09
CA LEU B 156 4.06 -27.02 -25.17
C LEU B 156 3.82 -27.34 -23.69
N VAL B 157 2.58 -27.68 -23.34
CA VAL B 157 2.21 -27.89 -21.95
C VAL B 157 1.15 -29.01 -21.83
N PRO B 158 1.57 -30.26 -22.12
CA PRO B 158 0.65 -31.40 -22.16
C PRO B 158 0.17 -31.83 -20.77
N ILE B 159 -1.02 -32.43 -20.72
CA ILE B 159 -1.59 -32.92 -19.46
C ILE B 159 -1.77 -34.43 -19.51
N GLY B 160 -1.40 -35.10 -18.41
CA GLY B 160 -1.60 -36.55 -18.27
C GLY B 160 -2.74 -36.86 -17.33
N ARG B 161 -3.27 -38.08 -17.43
CA ARG B 161 -4.46 -38.48 -16.66
C ARG B 161 -4.11 -38.73 -15.19
N GLY B 162 -4.70 -37.93 -14.30
CA GLY B 162 -4.37 -37.93 -12.88
C GLY B 162 -3.68 -36.65 -12.45
N GLN B 163 -3.27 -35.84 -13.42
CA GLN B 163 -2.58 -34.58 -13.16
C GLN B 163 -3.55 -33.50 -12.68
N ARG B 164 -2.99 -32.49 -12.01
CA ARG B 164 -3.72 -31.28 -11.68
C ARG B 164 -3.05 -30.12 -12.41
N GLU B 165 -3.76 -29.52 -13.37
CA GLU B 165 -3.20 -28.45 -14.20
C GLU B 165 -4.07 -27.21 -14.13
N LEU B 166 -3.54 -26.16 -13.50
CA LEU B 166 -4.26 -24.90 -13.35
C LEU B 166 -4.37 -24.16 -14.69
N ILE B 167 -5.56 -23.62 -14.97
CA ILE B 167 -5.77 -22.72 -16.09
C ILE B 167 -5.95 -21.32 -15.53
N ILE B 168 -4.85 -20.56 -15.50
CA ILE B 168 -4.84 -19.23 -14.88
C ILE B 168 -4.73 -18.12 -15.93
N GLY B 169 -5.33 -16.97 -15.65
CA GLY B 169 -5.29 -15.83 -16.56
C GLY B 169 -6.23 -14.71 -16.13
N ASP B 170 -6.18 -13.60 -16.88
CA ASP B 170 -7.06 -12.46 -16.62
C ASP B 170 -8.47 -12.70 -17.15
N ARG B 171 -9.36 -11.77 -16.85
CA ARG B 171 -10.74 -11.79 -17.36
C ARG B 171 -10.73 -11.84 -18.90
N GLN B 172 -11.58 -12.71 -19.46
CA GLN B 172 -11.69 -12.87 -20.90
C GLN B 172 -10.34 -13.12 -21.57
N THR B 173 -9.73 -14.26 -21.26
CA THR B 173 -8.46 -14.68 -21.85
C THR B 173 -8.51 -16.13 -22.35
N GLY B 174 -9.71 -16.63 -22.63
CA GLY B 174 -9.90 -17.98 -23.16
C GLY B 174 -9.62 -19.10 -22.17
N LYS B 175 -9.87 -18.83 -20.89
CA LYS B 175 -9.68 -19.85 -19.84
C LYS B 175 -10.67 -20.99 -20.02
N THR B 176 -11.95 -20.63 -20.06
CA THR B 176 -13.03 -21.61 -20.21
C THR B 176 -13.01 -22.28 -21.58
N SER B 177 -12.62 -21.55 -22.62
CA SER B 177 -12.55 -22.08 -23.98
C SER B 177 -11.65 -23.32 -24.10
N ILE B 178 -10.57 -23.33 -23.33
CA ILE B 178 -9.69 -24.50 -23.27
C ILE B 178 -10.45 -25.67 -22.65
N ALA B 179 -11.14 -25.40 -21.54
CA ALA B 179 -11.93 -26.42 -20.86
C ALA B 179 -13.03 -27.01 -21.75
N ILE B 180 -13.66 -26.19 -22.57
CA ILE B 180 -14.74 -26.63 -23.45
C ILE B 180 -14.22 -27.52 -24.58
N ASP B 181 -13.19 -27.04 -25.28
CA ASP B 181 -12.59 -27.80 -26.38
C ASP B 181 -12.05 -29.15 -25.91
N THR B 182 -11.49 -29.16 -24.71
CA THR B 182 -11.00 -30.40 -24.08
C THR B 182 -12.12 -31.42 -23.94
N ILE B 183 -13.27 -30.96 -23.45
CA ILE B 183 -14.44 -31.83 -23.25
C ILE B 183 -14.97 -32.34 -24.60
N ILE B 184 -15.04 -31.45 -25.59
CA ILE B 184 -15.53 -31.81 -26.92
C ILE B 184 -14.61 -32.82 -27.60
N ASN B 185 -13.30 -32.71 -27.34
CA ASN B 185 -12.30 -33.59 -27.95
C ASN B 185 -12.41 -35.06 -27.50
N GLN B 186 -12.98 -35.29 -26.33
CA GLN B 186 -13.09 -36.65 -25.78
C GLN B 186 -14.08 -37.55 -26.54
N LYS B 187 -14.94 -36.95 -27.35
CA LYS B 187 -15.85 -37.70 -28.22
C LYS B 187 -15.10 -38.72 -29.08
N ARG B 188 -13.90 -38.34 -29.54
CA ARG B 188 -13.03 -39.24 -30.32
C ARG B 188 -12.83 -40.58 -29.63
N PHE B 189 -12.51 -40.52 -28.34
CA PHE B 189 -12.19 -41.71 -27.56
C PHE B 189 -13.45 -42.43 -27.06
N ASN B 190 -14.47 -41.65 -26.70
CA ASN B 190 -15.70 -42.20 -26.12
C ASN B 190 -16.59 -42.91 -27.14
N ASP B 191 -16.64 -42.38 -28.37
CA ASP B 191 -17.33 -43.06 -29.47
C ASP B 191 -16.49 -44.20 -30.05
N GLY B 192 -15.19 -44.20 -29.75
CA GLY B 192 -14.29 -45.26 -30.18
C GLY B 192 -14.47 -46.57 -29.44
N THR B 193 -13.59 -47.52 -29.73
CA THR B 193 -13.69 -48.89 -29.21
C THR B 193 -13.03 -49.06 -27.84
N ASP B 194 -11.83 -48.53 -27.69
CA ASP B 194 -11.01 -48.75 -26.50
C ASP B 194 -11.63 -48.12 -25.25
N GLU B 195 -11.93 -48.94 -24.26
CA GLU B 195 -12.58 -48.49 -23.03
C GLU B 195 -11.65 -47.68 -22.12
N LYS B 196 -10.38 -48.09 -22.05
CA LYS B 196 -9.40 -47.42 -21.19
C LYS B 196 -8.98 -46.04 -21.71
N LYS B 197 -9.27 -45.74 -22.96
CA LYS B 197 -9.01 -44.40 -23.52
C LYS B 197 -10.17 -43.42 -23.32
N LYS B 198 -11.32 -43.91 -22.87
CA LYS B 198 -12.49 -43.07 -22.65
C LYS B 198 -12.28 -42.14 -21.46
N LEU B 199 -12.94 -40.98 -21.51
CA LEU B 199 -12.81 -39.97 -20.46
C LEU B 199 -14.15 -39.27 -20.22
N TYR B 200 -14.66 -39.39 -19.00
CA TYR B 200 -15.94 -38.79 -18.62
C TYR B 200 -15.72 -37.45 -17.95
N CYS B 201 -16.23 -36.39 -18.56
CA CYS B 201 -15.95 -35.02 -18.12
C CYS B 201 -16.94 -34.52 -17.08
N ILE B 202 -16.49 -33.59 -16.24
CA ILE B 202 -17.34 -32.93 -15.25
C ILE B 202 -17.01 -31.44 -15.24
N TYR B 203 -18.05 -30.60 -15.39
CA TYR B 203 -17.87 -29.16 -15.39
C TYR B 203 -18.59 -28.53 -14.20
N VAL B 204 -17.82 -28.06 -13.23
CA VAL B 204 -18.39 -27.38 -12.06
C VAL B 204 -18.37 -25.87 -12.29
N ALA B 205 -19.54 -25.25 -12.22
CA ALA B 205 -19.67 -23.80 -12.39
C ALA B 205 -19.88 -23.14 -11.03
N ILE B 206 -18.94 -22.29 -10.63
CA ILE B 206 -19.02 -21.58 -9.35
C ILE B 206 -19.03 -20.08 -9.57
N GLY B 207 -20.17 -19.44 -9.29
CA GLY B 207 -20.29 -17.98 -9.32
C GLY B 207 -20.52 -17.36 -10.70
N GLN B 208 -20.67 -18.19 -11.73
CA GLN B 208 -20.88 -17.69 -13.09
C GLN B 208 -22.32 -17.21 -13.27
N LYS B 209 -22.62 -16.67 -14.45
CA LYS B 209 -23.99 -16.33 -14.81
C LYS B 209 -24.73 -17.59 -15.21
N ARG B 210 -26.01 -17.66 -14.87
CA ARG B 210 -26.84 -18.83 -15.19
C ARG B 210 -27.13 -18.90 -16.69
N SER B 211 -27.17 -17.75 -17.34
CA SER B 211 -27.30 -17.69 -18.80
C SER B 211 -26.08 -18.26 -19.50
N THR B 212 -24.89 -18.01 -18.94
CA THR B 212 -23.64 -18.54 -19.48
C THR B 212 -23.60 -20.06 -19.43
N VAL B 213 -24.04 -20.64 -18.31
CA VAL B 213 -24.05 -22.09 -18.13
C VAL B 213 -25.08 -22.75 -19.06
N ALA B 214 -26.21 -22.06 -19.27
CA ALA B 214 -27.25 -22.55 -20.19
C ALA B 214 -26.77 -22.54 -21.64
N GLN B 215 -26.02 -21.50 -22.01
CA GLN B 215 -25.41 -21.42 -23.33
C GLN B 215 -24.28 -22.44 -23.50
N LEU B 216 -23.60 -22.73 -22.39
CA LEU B 216 -22.50 -23.69 -22.38
C LEU B 216 -22.98 -25.10 -22.69
N VAL B 217 -24.06 -25.53 -22.03
CA VAL B 217 -24.63 -26.87 -22.26
C VAL B 217 -25.25 -27.03 -23.65
N LYS B 218 -25.71 -25.92 -24.24
CA LYS B 218 -26.17 -25.93 -25.64
C LYS B 218 -25.02 -26.30 -26.55
N ARG B 219 -23.89 -25.63 -26.38
CA ARG B 219 -22.69 -25.87 -27.17
C ARG B 219 -22.21 -27.32 -27.03
N LEU B 220 -22.23 -27.84 -25.81
CA LEU B 220 -21.84 -29.23 -25.55
C LEU B 220 -22.85 -30.21 -26.13
N THR B 221 -24.13 -29.85 -26.12
CA THR B 221 -25.17 -30.66 -26.75
C THR B 221 -25.05 -30.66 -28.27
N ASP B 222 -24.73 -29.51 -28.84
CA ASP B 222 -24.54 -29.38 -30.29
C ASP B 222 -23.32 -30.14 -30.79
N ALA B 223 -22.32 -30.32 -29.94
CA ALA B 223 -21.13 -31.10 -30.27
C ALA B 223 -21.24 -32.56 -29.83
N ASP B 224 -22.43 -32.97 -29.37
CA ASP B 224 -22.67 -34.33 -28.88
C ASP B 224 -21.73 -34.70 -27.72
N ALA B 225 -21.41 -33.70 -26.89
CA ALA B 225 -20.47 -33.86 -25.78
C ALA B 225 -21.16 -34.09 -24.43
N MET B 226 -22.42 -33.66 -24.30
CA MET B 226 -23.14 -33.79 -23.04
C MET B 226 -23.34 -35.23 -22.58
N LYS B 227 -23.49 -36.15 -23.54
CA LYS B 227 -23.75 -37.56 -23.23
C LYS B 227 -22.68 -38.24 -22.37
N TYR B 228 -21.55 -37.57 -22.15
CA TYR B 228 -20.53 -38.03 -21.20
C TYR B 228 -20.07 -36.92 -20.24
N THR B 229 -20.95 -35.94 -20.02
CA THR B 229 -20.60 -34.77 -19.20
C THR B 229 -21.63 -34.55 -18.09
N ILE B 230 -21.12 -34.27 -16.88
CA ILE B 230 -21.95 -33.90 -15.74
C ILE B 230 -21.70 -32.43 -15.44
N VAL B 231 -22.77 -31.65 -15.31
CA VAL B 231 -22.65 -30.22 -15.04
C VAL B 231 -23.20 -29.90 -13.65
N VAL B 232 -22.31 -29.46 -12.77
CA VAL B 232 -22.70 -29.00 -11.44
C VAL B 232 -22.75 -27.47 -11.46
N SER B 233 -23.92 -26.91 -11.18
CA SER B 233 -24.13 -25.46 -11.30
C SER B 233 -24.40 -24.80 -9.95
N ALA B 234 -23.58 -23.81 -9.61
CA ALA B 234 -23.81 -22.95 -8.47
C ALA B 234 -23.51 -21.51 -8.89
N THR B 235 -24.51 -20.84 -9.47
CA THR B 235 -24.33 -19.53 -10.08
C THR B 235 -24.31 -18.40 -9.05
N ALA B 236 -24.04 -17.19 -9.52
CA ALA B 236 -23.93 -16.01 -8.67
C ALA B 236 -25.14 -15.76 -7.77
N SER B 237 -26.34 -16.07 -8.28
CA SER B 237 -27.57 -15.87 -7.52
C SER B 237 -27.75 -16.87 -6.38
N ASP B 238 -27.12 -18.03 -6.48
CA ASP B 238 -27.20 -19.04 -5.43
C ASP B 238 -26.40 -18.64 -4.19
N ALA B 239 -26.79 -19.16 -3.04
CA ALA B 239 -26.17 -18.82 -1.75
C ALA B 239 -24.70 -19.26 -1.70
N ALA B 240 -23.95 -18.65 -0.79
CA ALA B 240 -22.50 -18.89 -0.69
C ALA B 240 -22.14 -20.34 -0.37
N PRO B 241 -22.89 -20.98 0.55
CA PRO B 241 -22.62 -22.40 0.85
C PRO B 241 -22.75 -23.34 -0.34
N LEU B 242 -23.71 -23.07 -1.23
CA LEU B 242 -23.88 -23.87 -2.45
C LEU B 242 -22.69 -23.71 -3.39
N GLN B 243 -22.19 -22.48 -3.52
CA GLN B 243 -20.98 -22.21 -4.30
C GLN B 243 -19.76 -22.83 -3.63
N TYR B 244 -19.72 -22.77 -2.31
CA TYR B 244 -18.66 -23.40 -1.51
C TYR B 244 -18.69 -24.93 -1.63
N LEU B 245 -19.90 -25.50 -1.69
CA LEU B 245 -20.09 -26.95 -1.77
C LEU B 245 -19.85 -27.51 -3.18
N ALA B 246 -20.20 -26.72 -4.21
CA ALA B 246 -20.25 -27.20 -5.60
C ALA B 246 -19.03 -28.03 -6.06
N PRO B 247 -17.79 -27.52 -5.82
CA PRO B 247 -16.62 -28.28 -6.25
C PRO B 247 -16.50 -29.67 -5.61
N TYR B 248 -16.79 -29.75 -4.31
CA TYR B 248 -16.64 -31.00 -3.57
C TYR B 248 -17.68 -32.04 -4.01
N SER B 249 -18.89 -31.56 -4.33
CA SER B 249 -19.95 -32.44 -4.85
C SER B 249 -19.57 -33.03 -6.20
N GLY B 250 -19.07 -32.17 -7.09
CA GLY B 250 -18.58 -32.60 -8.40
C GLY B 250 -17.37 -33.51 -8.29
N CYS B 251 -16.51 -33.22 -7.32
CA CYS B 251 -15.33 -34.05 -7.06
C CYS B 251 -15.73 -35.46 -6.68
N SER B 252 -16.73 -35.59 -5.82
CA SER B 252 -17.26 -36.89 -5.41
C SER B 252 -17.83 -37.68 -6.59
N MET B 253 -18.48 -36.97 -7.51
CA MET B 253 -19.03 -37.59 -8.72
C MET B 253 -17.92 -38.10 -9.64
N GLY B 254 -16.79 -37.40 -9.65
CA GLY B 254 -15.62 -37.83 -10.40
C GLY B 254 -14.92 -39.03 -9.80
N GLU B 255 -14.95 -39.13 -8.47
CA GLU B 255 -14.32 -40.24 -7.76
C GLU B 255 -15.02 -41.58 -7.98
N TYR B 256 -16.30 -41.55 -8.38
CA TYR B 256 -17.03 -42.77 -8.75
C TYR B 256 -16.31 -43.49 -9.90
N PHE B 257 -15.83 -42.73 -10.87
CA PHE B 257 -15.11 -43.28 -12.02
C PHE B 257 -13.71 -43.70 -11.61
N ARG B 258 -13.00 -42.80 -10.91
CA ARG B 258 -11.64 -43.05 -10.47
C ARG B 258 -11.46 -44.38 -9.76
N ASP B 259 -12.29 -44.62 -8.74
CA ASP B 259 -12.17 -45.82 -7.91
C ASP B 259 -12.63 -47.09 -8.63
N ASN B 260 -13.54 -46.96 -9.59
CA ASN B 260 -14.06 -48.12 -10.33
C ASN B 260 -13.36 -48.32 -11.69
N GLY B 261 -12.04 -48.17 -11.71
CA GLY B 261 -11.23 -48.46 -12.89
C GLY B 261 -11.59 -47.69 -14.15
N LYS B 262 -12.05 -46.45 -13.98
CA LYS B 262 -12.35 -45.57 -15.10
C LYS B 262 -11.69 -44.22 -14.93
N HIS B 263 -11.64 -43.45 -16.01
CA HIS B 263 -10.96 -42.16 -16.03
C HIS B 263 -11.95 -41.01 -16.20
N ALA B 264 -11.74 -39.94 -15.43
CA ALA B 264 -12.63 -38.79 -15.45
C ALA B 264 -11.88 -37.48 -15.41
N LEU B 265 -12.44 -36.46 -16.06
CA LEU B 265 -11.92 -35.10 -16.04
C LEU B 265 -12.87 -34.24 -15.23
N ILE B 266 -12.30 -33.34 -14.42
CA ILE B 266 -13.10 -32.38 -13.66
C ILE B 266 -12.54 -30.96 -13.82
N ILE B 267 -13.45 -29.99 -13.95
CA ILE B 267 -13.08 -28.61 -14.21
C ILE B 267 -13.79 -27.68 -13.22
N TYR B 268 -13.02 -27.04 -12.37
CA TYR B 268 -13.56 -26.06 -11.42
C TYR B 268 -13.44 -24.67 -12.02
N ASP B 269 -14.58 -24.09 -12.39
CA ASP B 269 -14.62 -22.79 -13.07
C ASP B 269 -15.52 -21.82 -12.32
N ASP B 270 -14.99 -21.06 -11.36
CA ASP B 270 -13.57 -21.11 -10.99
C ASP B 270 -13.39 -21.10 -9.47
N LEU B 271 -12.20 -21.49 -9.03
CA LEU B 271 -11.88 -21.55 -7.60
C LEU B 271 -11.68 -20.15 -6.99
N SER B 272 -11.49 -19.14 -7.83
CA SER B 272 -11.45 -17.75 -7.37
C SER B 272 -12.80 -17.34 -6.79
N LYS B 273 -13.86 -17.59 -7.54
CA LYS B 273 -15.22 -17.28 -7.10
C LYS B 273 -15.68 -18.15 -5.93
N GLN B 274 -15.13 -19.38 -5.83
CA GLN B 274 -15.39 -20.23 -4.68
C GLN B 274 -14.75 -19.66 -3.42
N ALA B 275 -13.51 -19.18 -3.56
CA ALA B 275 -12.78 -18.58 -2.44
C ALA B 275 -13.47 -17.32 -1.91
N VAL B 276 -14.02 -16.53 -2.83
CA VAL B 276 -14.79 -15.34 -2.45
C VAL B 276 -16.05 -15.75 -1.68
N ALA B 277 -16.69 -16.83 -2.12
CA ALA B 277 -17.88 -17.36 -1.44
C ALA B 277 -17.53 -17.93 -0.07
N TYR B 278 -16.36 -18.56 0.05
CA TYR B 278 -15.89 -19.08 1.33
C TYR B 278 -15.42 -17.95 2.26
N ARG B 279 -14.89 -16.88 1.68
CA ARG B 279 -14.53 -15.69 2.44
C ARG B 279 -15.76 -15.05 3.07
N GLN B 280 -16.86 -15.02 2.32
CA GLN B 280 -18.15 -14.54 2.84
C GLN B 280 -18.56 -15.36 4.07
N MET B 281 -18.48 -16.68 3.95
CA MET B 281 -18.82 -17.57 5.06
C MET B 281 -17.94 -17.34 6.27
N SER B 282 -16.64 -17.13 6.04
CA SER B 282 -15.67 -16.92 7.12
C SER B 282 -15.82 -15.56 7.80
N LEU B 283 -16.02 -14.51 7.00
CA LEU B 283 -16.20 -13.17 7.54
C LEU B 283 -17.53 -13.01 8.28
N LEU B 284 -18.56 -13.75 7.84
CA LEU B 284 -19.84 -13.77 8.54
C LEU B 284 -19.76 -14.59 9.83
N LEU B 285 -18.93 -15.62 9.83
CA LEU B 285 -18.66 -16.41 11.04
C LEU B 285 -17.76 -15.69 12.05
N ARG B 286 -17.10 -14.62 11.59
CA ARG B 286 -16.18 -13.82 12.41
C ARG B 286 -14.94 -14.62 12.80
N ARG B 287 -14.04 -14.80 11.83
CA ARG B 287 -12.76 -15.46 12.05
C ARG B 287 -11.64 -14.62 11.45
N PRO B 288 -10.44 -14.67 12.08
CA PRO B 288 -9.25 -13.90 11.66
C PRO B 288 -9.01 -13.88 10.14
N PRO B 289 -9.18 -12.70 9.52
CA PRO B 289 -8.88 -12.53 8.10
C PRO B 289 -7.41 -12.13 7.86
N GLY B 290 -6.76 -12.80 6.92
CA GLY B 290 -5.36 -12.53 6.59
C GLY B 290 -5.21 -11.69 5.34
N ARG B 291 -4.42 -12.19 4.39
CA ARG B 291 -4.16 -11.49 3.13
C ARG B 291 -5.43 -11.33 2.31
N GLU B 292 -5.71 -10.10 1.87
CA GLU B 292 -6.89 -9.79 1.07
C GLU B 292 -8.19 -10.23 1.77
N ALA B 293 -8.21 -10.13 3.09
CA ALA B 293 -9.37 -10.46 3.93
C ALA B 293 -9.81 -11.94 3.89
N TYR B 294 -8.98 -12.82 3.33
CA TYR B 294 -9.29 -14.25 3.26
C TYR B 294 -8.90 -14.91 4.59
N PRO B 295 -9.60 -16.01 4.95
CA PRO B 295 -9.28 -16.71 6.20
C PRO B 295 -7.95 -17.48 6.11
N GLY B 296 -7.53 -18.04 7.25
CA GLY B 296 -6.27 -18.78 7.32
C GLY B 296 -6.28 -20.09 6.56
N ASP B 297 -7.46 -20.72 6.46
CA ASP B 297 -7.60 -22.04 5.84
C ASP B 297 -8.12 -22.00 4.39
N VAL B 298 -7.93 -20.86 3.72
CA VAL B 298 -8.31 -20.74 2.30
C VAL B 298 -7.40 -21.59 1.41
N PHE B 299 -6.18 -21.85 1.87
CA PHE B 299 -5.27 -22.80 1.20
C PHE B 299 -5.80 -24.22 1.38
N TYR B 300 -6.13 -24.57 2.62
CA TYR B 300 -6.68 -25.88 2.96
C TYR B 300 -7.96 -26.17 2.17
N LEU B 301 -8.75 -25.12 1.90
CA LEU B 301 -9.97 -25.21 1.10
C LEU B 301 -9.69 -25.84 -0.27
N HIS B 302 -8.70 -25.30 -0.97
CA HIS B 302 -8.35 -25.78 -2.32
C HIS B 302 -7.44 -27.00 -2.32
N SER B 303 -6.63 -27.16 -1.27
CA SER B 303 -5.64 -28.23 -1.21
C SER B 303 -6.29 -29.61 -1.10
N ARG B 304 -7.25 -29.75 -0.18
CA ARG B 304 -7.94 -31.03 0.02
C ARG B 304 -8.82 -31.39 -1.17
N LEU B 305 -9.32 -30.38 -1.88
CA LEU B 305 -10.12 -30.60 -3.08
C LEU B 305 -9.29 -31.18 -4.23
N LEU B 306 -8.15 -30.56 -4.50
CA LEU B 306 -7.33 -30.89 -5.66
C LEU B 306 -6.60 -32.24 -5.54
N GLU B 307 -6.17 -32.58 -4.33
CA GLU B 307 -5.46 -33.86 -4.11
C GLU B 307 -6.33 -35.09 -4.39
N ARG B 308 -7.64 -34.93 -4.27
CA ARG B 308 -8.57 -36.02 -4.60
C ARG B 308 -8.47 -36.42 -6.07
N ALA B 309 -8.05 -35.49 -6.93
CA ALA B 309 -7.67 -35.81 -8.29
C ALA B 309 -6.33 -36.55 -8.26
N ALA B 310 -6.33 -37.79 -8.75
CA ALA B 310 -5.14 -38.65 -8.68
C ALA B 310 -5.15 -39.74 -9.74
N LYS B 311 -4.05 -40.49 -9.80
CA LYS B 311 -3.92 -41.64 -10.69
C LYS B 311 -3.77 -42.91 -9.85
N MET B 312 -4.78 -43.77 -9.88
CA MET B 312 -4.78 -44.99 -9.09
C MET B 312 -4.02 -46.10 -9.80
N ASN B 313 -3.29 -46.91 -9.04
CA ASN B 313 -2.57 -48.05 -9.58
C ASN B 313 -3.51 -49.22 -9.89
N ASP B 314 -2.97 -50.28 -10.50
CA ASP B 314 -3.77 -51.44 -10.90
C ASP B 314 -4.40 -52.19 -9.72
N ALA B 315 -3.76 -52.09 -8.55
CA ALA B 315 -4.31 -52.68 -7.33
C ALA B 315 -5.62 -52.02 -6.91
N PHE B 316 -5.75 -50.72 -7.15
CA PHE B 316 -6.96 -49.96 -6.79
C PHE B 316 -7.83 -49.62 -8.00
N GLY B 317 -7.91 -50.53 -8.97
CA GLY B 317 -8.78 -50.38 -10.13
C GLY B 317 -8.09 -49.87 -11.38
N GLY B 318 -7.08 -49.03 -11.21
CA GLY B 318 -6.32 -48.49 -12.34
C GLY B 318 -6.93 -47.25 -12.97
N GLY B 319 -7.91 -46.65 -12.31
CA GLY B 319 -8.58 -45.45 -12.81
C GLY B 319 -7.84 -44.19 -12.42
N SER B 320 -8.44 -43.04 -12.73
CA SER B 320 -7.84 -41.74 -12.41
C SER B 320 -8.84 -40.59 -12.49
N LEU B 321 -8.56 -39.53 -11.74
CA LEU B 321 -9.32 -38.29 -11.83
C LEU B 321 -8.36 -37.16 -12.17
N THR B 322 -8.66 -36.42 -13.24
CA THR B 322 -7.81 -35.34 -13.72
C THR B 322 -8.49 -34.00 -13.45
N ALA B 323 -7.77 -33.10 -12.77
CA ALA B 323 -8.33 -31.81 -12.37
C ALA B 323 -7.83 -30.67 -13.25
N LEU B 324 -8.74 -29.78 -13.64
CA LEU B 324 -8.41 -28.57 -14.37
C LEU B 324 -9.06 -27.37 -13.67
N PRO B 325 -8.48 -26.94 -12.53
CA PRO B 325 -9.00 -25.77 -11.83
C PRO B 325 -8.71 -24.48 -12.57
N VAL B 326 -9.50 -23.45 -12.29
CA VAL B 326 -9.36 -22.15 -12.94
C VAL B 326 -9.19 -21.05 -11.90
N ILE B 327 -8.34 -20.07 -12.21
CA ILE B 327 -8.12 -18.91 -11.34
C ILE B 327 -8.13 -17.63 -12.17
N GLU B 328 -8.72 -16.58 -11.61
CA GLU B 328 -8.82 -15.28 -12.26
C GLU B 328 -7.84 -14.31 -11.60
N THR B 329 -6.82 -13.89 -12.37
CA THR B 329 -5.86 -12.89 -11.90
C THR B 329 -6.36 -11.49 -12.20
N GLN B 330 -5.86 -10.51 -11.46
CA GLN B 330 -6.22 -9.11 -11.65
C GLN B 330 -5.05 -8.33 -12.23
N ALA B 331 -5.16 -7.98 -13.52
CA ALA B 331 -4.13 -7.25 -14.26
C ALA B 331 -2.81 -8.02 -14.38
N GLY B 332 -2.90 -9.35 -14.44
CA GLY B 332 -1.74 -10.21 -14.62
C GLY B 332 -0.91 -10.40 -13.36
N ASP B 333 -1.54 -10.20 -12.20
CA ASP B 333 -0.86 -10.35 -10.91
C ASP B 333 -0.75 -11.84 -10.57
N VAL B 334 0.30 -12.47 -11.09
CA VAL B 334 0.54 -13.91 -10.88
C VAL B 334 0.96 -14.22 -9.44
N SER B 335 1.58 -13.25 -8.77
CA SER B 335 2.09 -13.44 -7.40
C SER B 335 1.10 -12.94 -6.34
N ALA B 336 -0.20 -13.03 -6.61
CA ALA B 336 -1.22 -12.67 -5.62
C ALA B 336 -1.39 -13.81 -4.63
N TYR B 337 -2.24 -13.62 -3.62
CA TYR B 337 -2.40 -14.58 -2.53
C TYR B 337 -3.02 -15.91 -3.00
N ILE B 338 -4.23 -15.85 -3.52
CA ILE B 338 -4.98 -17.07 -3.89
C ILE B 338 -4.37 -17.79 -5.10
N PRO B 339 -3.94 -17.05 -6.13
CA PRO B 339 -3.26 -17.70 -7.27
C PRO B 339 -2.00 -18.50 -6.90
N THR B 340 -1.16 -17.94 -6.03
CA THR B 340 0.06 -18.63 -5.60
C THR B 340 -0.23 -19.89 -4.79
N ASN B 341 -1.35 -19.88 -4.05
CA ASN B 341 -1.78 -21.06 -3.30
C ASN B 341 -2.14 -22.23 -4.22
N VAL B 342 -2.86 -21.94 -5.29
CA VAL B 342 -3.26 -22.97 -6.27
C VAL B 342 -2.08 -23.40 -7.14
N ILE B 343 -1.11 -22.50 -7.34
CA ILE B 343 0.13 -22.84 -8.04
C ILE B 343 1.00 -23.79 -7.19
N SER B 344 0.99 -23.59 -5.87
CA SER B 344 1.74 -24.44 -4.96
C SER B 344 1.06 -25.80 -4.70
N ILE B 345 -0.17 -25.97 -5.17
CA ILE B 345 -0.89 -27.24 -5.08
C ILE B 345 -0.79 -28.03 -6.38
N THR B 346 -1.14 -27.40 -7.49
CA THR B 346 -1.23 -28.08 -8.79
C THR B 346 0.14 -28.50 -9.35
N ASP B 347 0.11 -29.43 -10.29
CA ASP B 347 1.32 -29.94 -10.94
C ASP B 347 1.63 -29.11 -12.20
N GLY B 348 1.84 -27.82 -12.02
CA GLY B 348 2.06 -26.89 -13.12
C GLY B 348 0.83 -26.05 -13.42
N GLN B 349 0.96 -25.15 -14.38
CA GLN B 349 -0.12 -24.23 -14.74
C GLN B 349 0.02 -23.71 -16.16
N ILE B 350 -1.06 -23.12 -16.67
CA ILE B 350 -1.10 -22.56 -18.02
C ILE B 350 -1.48 -21.09 -17.95
N PHE B 351 -0.47 -20.22 -17.92
CA PHE B 351 -0.70 -18.77 -17.88
C PHE B 351 -1.22 -18.29 -19.23
N LEU B 352 -2.16 -17.34 -19.19
CA LEU B 352 -2.78 -16.80 -20.39
C LEU B 352 -2.67 -15.27 -20.40
N GLU B 353 -2.07 -14.74 -21.46
CA GLU B 353 -1.79 -13.30 -21.55
C GLU B 353 -2.96 -12.51 -22.15
N THR B 354 -3.21 -11.34 -21.59
CA THR B 354 -4.21 -10.41 -22.15
C THR B 354 -3.71 -9.78 -23.44
N GLU B 355 -2.38 -9.63 -23.56
CA GLU B 355 -1.76 -9.01 -24.73
C GLU B 355 -1.92 -9.89 -25.96
N LEU B 356 -1.47 -11.13 -25.84
CA LEU B 356 -1.59 -12.12 -26.93
C LEU B 356 -3.03 -12.34 -27.37
N PHE B 357 -3.96 -12.30 -26.42
CA PHE B 357 -5.38 -12.54 -26.69
C PHE B 357 -5.99 -11.38 -27.48
N TYR B 358 -5.68 -10.15 -27.08
CA TYR B 358 -6.14 -8.95 -27.77
C TYR B 358 -5.46 -8.78 -29.13
N LYS B 359 -4.18 -9.17 -29.20
CA LYS B 359 -3.39 -9.05 -30.41
C LYS B 359 -3.88 -9.99 -31.52
N GLY B 360 -4.54 -11.08 -31.14
CA GLY B 360 -5.08 -12.05 -32.09
C GLY B 360 -4.62 -13.48 -31.89
N ILE B 361 -3.58 -13.67 -31.08
CA ILE B 361 -3.00 -15.00 -30.85
C ILE B 361 -3.89 -15.78 -29.88
N ARG B 362 -4.62 -16.75 -30.41
CA ARG B 362 -5.55 -17.56 -29.62
C ARG B 362 -5.38 -19.05 -29.96
N PRO B 363 -5.16 -19.91 -28.96
CA PRO B 363 -5.13 -19.56 -27.54
C PRO B 363 -3.88 -18.78 -27.14
N ALA B 364 -4.05 -17.86 -26.18
CA ALA B 364 -2.99 -16.95 -25.76
C ALA B 364 -2.16 -17.52 -24.62
N ILE B 365 -1.46 -18.63 -24.88
CA ILE B 365 -0.68 -19.32 -23.86
C ILE B 365 0.71 -18.68 -23.71
N ASN B 366 1.06 -18.30 -22.49
CA ASN B 366 2.40 -17.80 -22.19
C ASN B 366 3.38 -18.97 -22.15
N VAL B 367 4.22 -19.07 -23.17
CA VAL B 367 5.14 -20.19 -23.31
C VAL B 367 6.20 -20.19 -22.20
N GLY B 368 6.66 -18.99 -21.82
CA GLY B 368 7.71 -18.84 -20.81
C GLY B 368 7.32 -19.33 -19.43
N LEU B 369 6.15 -18.91 -18.96
CA LEU B 369 5.71 -19.21 -17.59
C LEU B 369 4.95 -20.55 -17.48
N SER B 370 4.19 -20.89 -18.51
CA SER B 370 3.40 -22.13 -18.50
C SER B 370 4.30 -23.36 -18.54
N VAL B 371 4.06 -24.29 -17.62
CA VAL B 371 4.85 -25.53 -17.53
C VAL B 371 3.99 -26.70 -17.09
N SER B 372 4.36 -27.90 -17.55
CA SER B 372 3.73 -29.14 -17.10
C SER B 372 4.80 -30.07 -16.57
N ARG B 373 4.68 -30.47 -15.32
CA ARG B 373 5.70 -31.26 -14.63
C ARG B 373 5.59 -32.73 -15.04
N VAL B 374 4.45 -33.35 -14.71
CA VAL B 374 4.23 -34.78 -14.95
C VAL B 374 3.68 -35.09 -16.35
N GLY B 375 3.31 -34.05 -17.10
CA GLY B 375 2.77 -34.22 -18.44
C GLY B 375 3.78 -34.62 -19.50
N SER B 376 5.04 -34.25 -19.29
CA SER B 376 6.13 -34.61 -20.20
C SER B 376 6.30 -36.12 -20.31
N ALA B 377 6.11 -36.82 -19.19
CA ALA B 377 6.17 -38.29 -19.17
C ALA B 377 4.95 -38.91 -19.87
N ALA B 378 3.78 -38.33 -19.64
CA ALA B 378 2.54 -38.81 -20.26
C ALA B 378 2.26 -38.07 -21.56
N GLN B 379 3.09 -38.32 -22.58
CA GLN B 379 2.97 -37.69 -23.88
C GLN B 379 3.43 -38.66 -24.96
N THR B 380 2.68 -38.70 -26.07
CA THR B 380 3.03 -39.56 -27.20
C THR B 380 4.38 -39.15 -27.78
N ARG B 381 5.15 -40.15 -28.22
CA ARG B 381 6.50 -39.90 -28.73
C ARG B 381 6.48 -39.09 -30.03
N ALA B 382 5.38 -39.21 -30.79
CA ALA B 382 5.19 -38.42 -32.01
C ALA B 382 5.22 -36.93 -31.73
N MET B 383 4.62 -36.51 -30.61
CA MET B 383 4.64 -35.10 -30.20
C MET B 383 6.04 -34.69 -29.72
N LYS B 384 6.71 -35.57 -28.97
CA LYS B 384 8.03 -35.26 -28.43
C LYS B 384 9.10 -35.09 -29.52
N GLN B 385 8.89 -35.73 -30.68
CA GLN B 385 9.78 -35.57 -31.82
C GLN B 385 9.61 -34.22 -32.50
N VAL B 386 8.36 -33.90 -32.85
CA VAL B 386 8.05 -32.62 -33.52
C VAL B 386 8.17 -31.43 -32.56
N ALA B 387 7.76 -31.62 -31.31
CA ALA B 387 7.93 -30.61 -30.26
C ALA B 387 9.26 -30.85 -29.54
N GLY B 388 9.44 -30.24 -28.37
CA GLY B 388 10.68 -30.37 -27.60
C GLY B 388 11.66 -29.27 -27.95
N THR B 389 11.99 -29.18 -29.24
CA THR B 389 12.78 -28.07 -29.76
C THR B 389 11.96 -26.79 -29.73
N MET B 390 10.67 -26.90 -30.06
CA MET B 390 9.74 -25.78 -30.07
C MET B 390 9.53 -25.16 -28.68
N LYS B 391 9.82 -25.93 -27.63
CA LYS B 391 9.69 -25.45 -26.25
C LYS B 391 10.46 -24.16 -26.04
N LEU B 392 11.77 -24.21 -26.28
CA LEU B 392 12.67 -23.07 -26.08
C LEU B 392 12.84 -22.21 -27.32
N GLU B 393 12.41 -22.71 -28.48
CA GLU B 393 12.50 -21.93 -29.72
C GLU B 393 11.56 -20.72 -29.69
N LEU B 394 10.38 -20.91 -29.10
CA LEU B 394 9.44 -19.80 -28.89
C LEU B 394 9.86 -18.91 -27.73
N ALA B 395 10.59 -19.47 -26.77
CA ALA B 395 11.09 -18.72 -25.61
C ALA B 395 12.06 -17.61 -26.00
N GLN B 396 13.01 -17.93 -26.88
CA GLN B 396 13.96 -16.92 -27.39
C GLN B 396 13.29 -15.92 -28.34
N TYR B 397 12.25 -16.38 -29.05
CA TYR B 397 11.46 -15.50 -29.91
C TYR B 397 10.72 -14.44 -29.10
N ARG B 398 10.22 -14.83 -27.92
CA ARG B 398 9.55 -13.91 -27.00
C ARG B 398 10.48 -12.80 -26.53
N GLU B 399 11.75 -13.13 -26.31
CA GLU B 399 12.76 -12.16 -25.87
C GLU B 399 13.01 -11.11 -26.95
N VAL B 400 13.30 -11.57 -28.16
CA VAL B 400 13.58 -10.68 -29.29
C VAL B 400 12.28 -10.13 -29.85
N ALA B 401 11.85 -8.99 -29.31
CA ALA B 401 10.60 -8.36 -29.73
C ALA B 401 10.74 -7.70 -31.10
N ASP B 411 21.15 -7.56 -40.50
CA ASP B 411 21.17 -8.10 -39.14
C ASP B 411 21.85 -9.47 -39.09
N ALA B 412 22.06 -9.97 -37.87
CA ALA B 412 22.74 -11.24 -37.66
C ALA B 412 21.88 -12.45 -38.05
N ALA B 413 22.36 -13.66 -37.74
CA ALA B 413 21.62 -14.89 -38.04
C ALA B 413 20.36 -15.10 -37.18
N THR B 414 20.17 -14.26 -36.17
CA THR B 414 18.96 -14.28 -35.34
C THR B 414 17.70 -13.84 -36.11
N GLN B 415 17.88 -13.26 -37.29
CA GLN B 415 16.76 -12.96 -38.18
C GLN B 415 16.00 -14.22 -38.59
N GLN B 416 16.71 -15.34 -38.70
CA GLN B 416 16.09 -16.63 -39.00
C GLN B 416 15.18 -17.10 -37.86
N LEU B 417 15.64 -16.90 -36.62
CA LEU B 417 14.85 -17.23 -35.43
C LEU B 417 13.60 -16.35 -35.34
N LEU B 418 13.73 -15.09 -35.74
CA LEU B 418 12.60 -14.17 -35.82
C LEU B 418 11.64 -14.62 -36.92
N SER B 419 12.20 -14.99 -38.07
CA SER B 419 11.41 -15.48 -39.20
C SER B 419 10.73 -16.82 -38.89
N ARG B 420 11.38 -17.64 -38.07
CA ARG B 420 10.81 -18.93 -37.65
C ARG B 420 9.73 -18.73 -36.59
N GLY B 421 9.96 -17.81 -35.66
CA GLY B 421 9.06 -17.55 -34.54
C GLY B 421 7.66 -17.11 -34.96
N VAL B 422 7.57 -16.25 -35.96
CA VAL B 422 6.28 -15.74 -36.44
C VAL B 422 5.43 -16.84 -37.11
N ARG B 423 6.09 -17.87 -37.65
CA ARG B 423 5.39 -18.96 -38.34
C ARG B 423 4.81 -19.93 -37.33
N LEU B 424 5.63 -20.32 -36.34
CA LEU B 424 5.20 -21.22 -35.29
C LEU B 424 4.07 -20.63 -34.45
N THR B 425 4.15 -19.32 -34.18
CA THR B 425 3.11 -18.62 -33.45
C THR B 425 1.78 -18.66 -34.21
N GLU B 426 1.83 -18.38 -35.50
CA GLU B 426 0.64 -18.46 -36.36
C GLU B 426 0.17 -19.91 -36.56
N LEU B 427 1.11 -20.85 -36.55
CA LEU B 427 0.79 -22.27 -36.67
C LEU B 427 0.05 -22.80 -35.44
N LEU B 428 0.39 -22.28 -34.26
CA LEU B 428 -0.24 -22.70 -33.00
C LEU B 428 -1.58 -22.00 -32.74
N LYS B 429 -1.94 -21.01 -33.56
CA LYS B 429 -3.27 -20.41 -33.50
C LYS B 429 -4.32 -21.44 -33.87
N GLN B 430 -5.46 -21.42 -33.19
CA GLN B 430 -6.51 -22.41 -33.41
C GLN B 430 -7.89 -21.84 -33.13
N GLY B 431 -8.85 -22.19 -33.96
CA GLY B 431 -10.24 -21.75 -33.81
C GLY B 431 -10.95 -22.50 -32.71
N GLN B 432 -12.01 -21.90 -32.19
CA GLN B 432 -12.78 -22.46 -31.09
C GLN B 432 -13.73 -23.55 -31.58
N TYR B 433 -14.08 -24.47 -30.69
CA TYR B 433 -15.02 -25.56 -30.96
C TYR B 433 -14.59 -26.49 -32.09
N SER B 434 -13.28 -26.74 -32.20
CA SER B 434 -12.73 -27.62 -33.21
C SER B 434 -11.36 -28.19 -32.79
N PRO B 435 -11.38 -29.18 -31.88
CA PRO B 435 -10.14 -29.82 -31.44
C PRO B 435 -9.68 -30.90 -32.41
N MET B 436 -8.36 -31.02 -32.57
CA MET B 436 -7.77 -31.97 -33.52
C MET B 436 -7.36 -33.26 -32.84
N ALA B 437 -7.08 -34.28 -33.65
CA ALA B 437 -6.52 -35.53 -33.16
C ALA B 437 -5.01 -35.35 -32.97
N ILE B 438 -4.40 -36.22 -32.18
CA ILE B 438 -2.97 -36.11 -31.90
C ILE B 438 -2.11 -36.37 -33.15
N GLU B 439 -2.56 -37.28 -34.01
CA GLU B 439 -1.86 -37.57 -35.26
C GLU B 439 -2.04 -36.43 -36.28
N GLU B 440 -3.14 -35.71 -36.18
CA GLU B 440 -3.40 -34.54 -37.02
C GLU B 440 -2.56 -33.34 -36.60
N GLN B 441 -2.27 -33.23 -35.31
CA GLN B 441 -1.45 -32.13 -34.79
C GLN B 441 0.01 -32.24 -35.22
N VAL B 442 0.61 -33.42 -35.00
CA VAL B 442 2.02 -33.65 -35.37
C VAL B 442 2.32 -33.36 -36.83
N ALA B 443 1.37 -33.67 -37.72
CA ALA B 443 1.50 -33.41 -39.15
C ALA B 443 1.63 -31.91 -39.43
N VAL B 444 0.83 -31.12 -38.72
CA VAL B 444 0.84 -29.65 -38.89
C VAL B 444 2.11 -29.04 -38.29
N ILE B 445 2.50 -29.50 -37.10
CA ILE B 445 3.70 -28.99 -36.43
C ILE B 445 4.97 -29.40 -37.18
N TYR B 446 4.94 -30.58 -37.80
CA TYR B 446 6.06 -31.09 -38.62
C TYR B 446 6.46 -30.10 -39.71
N ALA B 447 5.46 -29.55 -40.40
CA ALA B 447 5.69 -28.59 -41.48
C ALA B 447 6.42 -27.35 -40.99
N GLY B 448 6.01 -26.83 -39.84
CA GLY B 448 6.57 -25.60 -39.29
C GLY B 448 7.93 -25.77 -38.64
N VAL B 449 8.04 -26.77 -37.77
CA VAL B 449 9.25 -26.96 -36.96
C VAL B 449 10.47 -27.42 -37.77
N ARG B 450 10.23 -28.18 -38.83
CA ARG B 450 11.32 -28.66 -39.70
C ARG B 450 11.80 -27.58 -40.68
N GLY B 451 10.97 -26.55 -40.87
CA GLY B 451 11.37 -25.37 -41.63
C GLY B 451 10.99 -25.40 -43.10
N TYR B 452 9.82 -25.97 -43.40
CA TYR B 452 9.32 -26.01 -44.78
C TYR B 452 8.51 -24.75 -45.11
N LEU B 453 7.98 -24.08 -44.09
CA LEU B 453 7.16 -22.88 -44.28
C LEU B 453 7.91 -21.60 -43.96
N ASP B 454 9.24 -21.63 -44.03
CA ASP B 454 10.07 -20.46 -43.75
C ASP B 454 10.05 -19.46 -44.91
N LYS B 455 9.93 -19.97 -46.13
CA LYS B 455 9.81 -19.13 -47.32
C LYS B 455 8.44 -18.45 -47.40
N LEU B 456 7.40 -19.12 -46.91
CA LEU B 456 6.04 -18.61 -46.95
C LEU B 456 5.83 -17.45 -45.99
N GLU B 457 4.89 -16.57 -46.31
CA GLU B 457 4.59 -15.39 -45.50
C GLU B 457 3.68 -15.76 -44.32
N PRO B 458 3.69 -14.96 -43.23
CA PRO B 458 2.86 -15.23 -42.06
C PRO B 458 1.36 -15.29 -42.34
N SER B 459 0.89 -14.44 -43.26
CA SER B 459 -0.53 -14.35 -43.59
C SER B 459 -1.10 -15.64 -44.17
N LYS B 460 -0.27 -16.38 -44.91
CA LYS B 460 -0.69 -17.62 -45.58
C LYS B 460 -0.65 -18.86 -44.68
N ILE B 461 -0.16 -18.72 -43.44
CA ILE B 461 0.05 -19.87 -42.56
C ILE B 461 -1.26 -20.53 -42.14
N THR B 462 -2.22 -19.71 -41.71
CA THR B 462 -3.52 -20.23 -41.25
C THR B 462 -4.34 -20.84 -42.38
N LYS B 463 -4.27 -20.25 -43.56
CA LYS B 463 -4.98 -20.77 -44.73
C LYS B 463 -4.31 -22.04 -45.25
N PHE B 464 -2.99 -22.12 -45.11
CA PHE B 464 -2.23 -23.33 -45.47
C PHE B 464 -2.57 -24.50 -44.56
N GLU B 465 -2.60 -24.21 -43.25
CA GLU B 465 -2.95 -25.22 -42.23
C GLU B 465 -4.21 -25.99 -42.59
N ASN B 466 -5.27 -25.27 -42.90
CA ASN B 466 -6.57 -25.89 -43.20
C ASN B 466 -6.57 -26.67 -44.52
N ALA B 467 -5.89 -26.13 -45.53
CA ALA B 467 -5.78 -26.80 -46.83
C ALA B 467 -4.90 -28.04 -46.74
N PHE B 468 -3.80 -27.93 -46.00
CA PHE B 468 -2.90 -29.06 -45.77
C PHE B 468 -3.58 -30.16 -44.95
N LEU B 469 -4.28 -29.76 -43.89
CA LEU B 469 -4.96 -30.69 -43.00
C LEU B 469 -6.06 -31.48 -43.72
N SER B 470 -6.84 -30.78 -44.54
CA SER B 470 -7.94 -31.42 -45.28
C SER B 470 -7.41 -32.41 -46.33
N HIS B 471 -6.22 -32.14 -46.87
CA HIS B 471 -5.60 -33.02 -47.86
C HIS B 471 -5.09 -34.31 -47.23
N VAL B 472 -4.30 -34.18 -46.17
CA VAL B 472 -3.68 -35.35 -45.52
C VAL B 472 -4.73 -36.31 -44.92
N ILE B 473 -5.84 -35.76 -44.43
CA ILE B 473 -6.94 -36.57 -43.90
C ILE B 473 -7.68 -37.30 -45.03
N SER B 474 -7.90 -36.60 -46.14
CA SER B 474 -8.62 -37.17 -47.27
C SER B 474 -7.82 -38.26 -47.98
N GLN B 475 -6.63 -37.90 -48.46
CA GLN B 475 -5.82 -38.81 -49.26
C GLN B 475 -5.01 -39.79 -48.41
N HIS B 476 -4.13 -39.26 -47.57
CA HIS B 476 -3.17 -40.07 -46.82
C HIS B 476 -3.69 -40.52 -45.45
N GLN B 477 -4.69 -41.40 -45.48
CA GLN B 477 -5.29 -41.94 -44.26
C GLN B 477 -4.34 -42.92 -43.56
N ALA B 478 -3.59 -43.69 -44.37
CA ALA B 478 -2.66 -44.70 -43.85
C ALA B 478 -1.49 -44.08 -43.09
N LEU B 479 -1.01 -42.93 -43.55
CA LEU B 479 0.09 -42.22 -42.89
C LEU B 479 -0.31 -41.77 -41.49
N LEU B 480 -1.51 -41.19 -41.39
CA LEU B 480 -2.05 -40.73 -40.10
C LEU B 480 -2.40 -41.92 -39.20
N GLY B 481 -2.86 -43.00 -39.80
CA GLY B 481 -3.19 -44.22 -39.07
C GLY B 481 -1.98 -44.90 -38.45
N LYS B 482 -0.86 -44.91 -39.18
CA LYS B 482 0.38 -45.49 -38.70
C LYS B 482 0.99 -44.69 -37.55
N ILE B 483 0.88 -43.37 -37.63
CA ILE B 483 1.39 -42.48 -36.59
C ILE B 483 0.61 -42.66 -35.27
N ARG B 484 -0.70 -42.83 -35.39
CA ARG B 484 -1.55 -43.04 -34.22
C ARG B 484 -1.27 -44.40 -33.57
N THR B 485 -1.25 -45.45 -34.38
CA THR B 485 -1.04 -46.81 -33.90
C THR B 485 0.31 -46.97 -33.20
N ASP B 486 1.37 -46.56 -33.89
CA ASP B 486 2.73 -46.66 -33.35
C ASP B 486 3.01 -45.63 -32.26
N GLY B 487 2.36 -44.47 -32.35
CA GLY B 487 2.61 -43.36 -31.43
C GLY B 487 4.02 -42.82 -31.59
N LYS B 488 4.51 -42.82 -32.82
CA LYS B 488 5.89 -42.49 -33.12
C LYS B 488 6.06 -42.25 -34.62
N ILE B 489 6.88 -41.26 -34.99
CA ILE B 489 7.17 -40.98 -36.39
C ILE B 489 8.35 -41.84 -36.83
N SER B 490 8.06 -42.86 -37.64
CA SER B 490 9.10 -43.75 -38.17
C SER B 490 9.84 -43.07 -39.32
N GLU B 491 10.93 -43.68 -39.77
CA GLU B 491 11.73 -43.14 -40.86
C GLU B 491 10.95 -43.10 -42.18
N GLU B 492 10.09 -44.09 -42.39
CA GLU B 492 9.25 -44.14 -43.59
C GLU B 492 8.21 -43.03 -43.59
N SER B 493 7.56 -42.83 -42.44
CA SER B 493 6.58 -41.75 -42.27
C SER B 493 7.25 -40.38 -42.30
N ASP B 494 8.43 -40.28 -41.67
CA ASP B 494 9.24 -39.07 -41.71
C ASP B 494 9.61 -38.70 -43.14
N ALA B 495 9.94 -39.71 -43.95
CA ALA B 495 10.27 -39.51 -45.36
C ALA B 495 9.04 -39.09 -46.17
N LYS B 496 7.89 -39.71 -45.90
CA LYS B 496 6.67 -39.42 -46.63
C LYS B 496 6.08 -38.05 -46.29
N LEU B 497 6.19 -37.65 -45.02
CA LEU B 497 5.73 -36.33 -44.59
C LEU B 497 6.51 -35.21 -45.31
N LYS B 498 7.81 -35.40 -45.46
CA LYS B 498 8.66 -34.45 -46.18
C LYS B 498 8.20 -34.29 -47.62
N GLU B 499 7.78 -35.39 -48.25
CA GLU B 499 7.32 -35.37 -49.63
C GLU B 499 5.95 -34.69 -49.77
N ILE B 500 5.04 -34.95 -48.84
CA ILE B 500 3.69 -34.36 -48.89
C ILE B 500 3.74 -32.85 -48.59
N VAL B 501 4.53 -32.46 -47.59
CA VAL B 501 4.63 -31.06 -47.20
C VAL B 501 5.29 -30.21 -48.28
N THR B 502 6.39 -30.71 -48.84
CA THR B 502 7.17 -29.98 -49.85
C THR B 502 6.38 -29.76 -51.15
N ASN B 503 5.78 -30.82 -51.66
CA ASN B 503 5.04 -30.77 -52.93
C ASN B 503 3.73 -29.99 -52.81
N PHE B 504 3.04 -30.15 -51.69
CA PHE B 504 1.77 -29.45 -51.45
C PHE B 504 1.97 -27.94 -51.34
N LEU B 505 3.08 -27.53 -50.73
CA LEU B 505 3.41 -26.11 -50.59
C LEU B 505 3.71 -25.47 -51.94
N ALA B 506 4.43 -26.17 -52.80
CA ALA B 506 4.77 -25.67 -54.13
C ALA B 506 3.54 -25.36 -54.98
N GLY B 507 2.53 -26.23 -54.90
CA GLY B 507 1.24 -26.00 -55.57
C GLY B 507 0.47 -24.87 -54.92
N PHE B 508 0.51 -24.81 -53.59
CA PHE B 508 -0.16 -23.77 -52.81
C PHE B 508 0.45 -22.37 -53.03
N GLU B 509 1.76 -22.32 -53.25
CA GLU B 509 2.46 -21.05 -53.46
C GLU B 509 2.06 -20.37 -54.78
N ALA B 510 2.03 -21.14 -55.86
CA ALA B 510 1.65 -20.62 -57.17
C ALA B 510 1.10 -21.72 -58.06
N VAL C 23 -8.16 -23.81 51.51
CA VAL C 23 -8.45 -23.24 52.86
C VAL C 23 -8.26 -21.72 52.84
N ASP C 24 -7.06 -21.29 52.45
CA ASP C 24 -6.70 -19.87 52.42
C ASP C 24 -6.83 -19.31 51.01
N LEU C 25 -7.38 -18.10 50.91
CA LEU C 25 -7.46 -17.38 49.63
C LEU C 25 -6.81 -15.99 49.69
N GLU C 26 -6.18 -15.66 50.82
CA GLU C 26 -5.52 -14.36 50.99
C GLU C 26 -4.13 -14.38 50.38
N GLU C 27 -3.32 -15.36 50.79
CA GLU C 27 -1.95 -15.51 50.31
C GLU C 27 -1.79 -16.70 49.36
N THR C 28 -2.92 -17.28 48.94
CA THR C 28 -2.93 -18.48 48.10
C THR C 28 -4.02 -18.36 47.05
N GLY C 29 -3.86 -19.08 45.93
CA GLY C 29 -4.88 -19.10 44.87
C GLY C 29 -4.97 -20.42 44.13
N ARG C 30 -6.07 -20.59 43.39
CA ARG C 30 -6.31 -21.78 42.58
C ARG C 30 -6.50 -21.39 41.12
N VAL C 31 -6.01 -22.25 40.22
CA VAL C 31 -6.04 -21.96 38.78
C VAL C 31 -7.43 -22.25 38.21
N LEU C 32 -8.09 -21.20 37.71
CA LEU C 32 -9.38 -21.34 37.03
C LEU C 32 -9.19 -21.90 35.63
N SER C 33 -8.34 -21.25 34.86
CA SER C 33 -8.04 -21.66 33.48
C SER C 33 -6.56 -21.43 33.17
N ILE C 34 -5.99 -22.32 32.36
CA ILE C 34 -4.60 -22.21 31.93
C ILE C 34 -4.47 -22.62 30.47
N GLY C 35 -3.96 -21.72 29.65
CA GLY C 35 -3.75 -21.98 28.23
C GLY C 35 -2.82 -20.95 27.61
N ASP C 36 -1.85 -21.43 26.82
CA ASP C 36 -0.86 -20.59 26.15
C ASP C 36 0.00 -19.81 27.15
N GLY C 37 0.36 -20.46 28.25
CA GLY C 37 1.22 -19.85 29.27
C GLY C 37 0.60 -18.68 30.03
N ILE C 38 -0.73 -18.67 30.12
CA ILE C 38 -1.46 -17.63 30.84
C ILE C 38 -2.42 -18.29 31.82
N ALA C 39 -2.10 -18.18 33.12
CA ALA C 39 -2.93 -18.75 34.17
C ALA C 39 -3.86 -17.69 34.74
N ARG C 40 -5.15 -18.00 34.78
CA ARG C 40 -6.14 -17.17 35.48
C ARG C 40 -6.36 -17.77 36.85
N VAL C 41 -5.92 -17.06 37.90
CA VAL C 41 -5.94 -17.59 39.26
C VAL C 41 -7.07 -16.98 40.10
N HIS C 42 -7.92 -17.84 40.64
CA HIS C 42 -8.91 -17.44 41.64
C HIS C 42 -8.21 -17.33 43.00
N GLY C 43 -8.49 -16.26 43.73
CA GLY C 43 -7.86 -16.00 45.02
C GLY C 43 -6.73 -15.00 44.88
N LEU C 44 -5.69 -15.17 45.69
CA LEU C 44 -4.55 -14.24 45.73
C LEU C 44 -5.03 -12.80 45.92
N ARG C 45 -5.79 -12.56 46.98
CA ARG C 45 -6.42 -11.26 47.19
C ARG C 45 -5.41 -10.18 47.59
N ASN C 46 -4.41 -10.55 48.38
CA ASN C 46 -3.40 -9.60 48.85
C ASN C 46 -2.18 -9.47 47.91
N VAL C 47 -2.21 -10.13 46.75
CA VAL C 47 -1.10 -10.10 45.81
C VAL C 47 -0.91 -8.72 45.18
N GLN C 48 0.34 -8.34 44.95
CA GLN C 48 0.67 -7.05 44.36
C GLN C 48 0.73 -7.15 42.84
N ALA C 49 0.71 -5.98 42.19
CA ALA C 49 0.91 -5.91 40.74
C ALA C 49 2.38 -6.15 40.45
N GLU C 50 2.64 -6.95 39.41
CA GLU C 50 4.00 -7.34 39.02
C GLU C 50 4.73 -8.14 40.10
N GLU C 51 3.98 -8.92 40.88
CA GLU C 51 4.55 -9.76 41.94
C GLU C 51 4.82 -11.16 41.39
N MET C 52 5.91 -11.76 41.84
CA MET C 52 6.25 -13.13 41.46
C MET C 52 5.47 -14.13 42.31
N VAL C 53 4.99 -15.20 41.68
CA VAL C 53 4.20 -16.22 42.37
C VAL C 53 4.64 -17.63 41.99
N GLU C 54 4.61 -18.54 42.94
CA GLU C 54 5.06 -19.92 42.74
C GLU C 54 3.89 -20.87 42.55
N PHE C 55 3.95 -21.69 41.51
CA PHE C 55 2.95 -22.73 41.26
C PHE C 55 3.30 -23.99 42.03
N SER C 56 2.35 -24.92 42.09
CA SER C 56 2.52 -26.17 42.85
C SER C 56 3.59 -27.07 42.24
N SER C 57 3.74 -27.03 40.92
CA SER C 57 4.74 -27.84 40.22
C SER C 57 6.18 -27.39 40.51
N GLY C 58 6.36 -26.10 40.81
CA GLY C 58 7.69 -25.53 41.05
C GLY C 58 7.99 -24.34 40.15
N LEU C 59 7.24 -24.21 39.06
CA LEU C 59 7.39 -23.09 38.14
C LEU C 59 6.95 -21.78 38.78
N LYS C 60 7.58 -20.68 38.35
CA LYS C 60 7.24 -19.35 38.84
C LYS C 60 6.45 -18.58 37.78
N GLY C 61 5.83 -17.48 38.21
CA GLY C 61 5.05 -16.63 37.31
C GLY C 61 4.94 -15.20 37.81
N MET C 62 4.47 -14.31 36.95
CA MET C 62 4.36 -12.89 37.26
C MET C 62 2.91 -12.44 37.15
N SER C 63 2.43 -11.76 38.19
CA SER C 63 1.05 -11.26 38.24
C SER C 63 0.96 -9.87 37.62
N LEU C 64 0.55 -9.81 36.35
CA LEU C 64 0.44 -8.55 35.62
C LEU C 64 -0.98 -7.99 35.70
N ASN C 65 -1.95 -8.77 35.22
CA ASN C 65 -3.36 -8.37 35.22
C ASN C 65 -4.04 -8.70 36.54
N LEU C 66 -4.36 -7.67 37.32
CA LEU C 66 -5.20 -7.83 38.51
C LEU C 66 -6.63 -7.44 38.14
N GLU C 67 -7.52 -8.43 38.10
CA GLU C 67 -8.93 -8.21 37.76
C GLU C 67 -9.80 -8.52 38.98
N PRO C 68 -11.07 -8.05 38.98
CA PRO C 68 -11.93 -8.23 40.16
C PRO C 68 -12.14 -9.69 40.57
N ASP C 69 -12.38 -10.57 39.60
CA ASP C 69 -12.70 -11.97 39.87
C ASP C 69 -11.55 -12.95 39.60
N ASN C 70 -10.43 -12.46 39.09
CA ASN C 70 -9.26 -13.31 38.81
C ASN C 70 -7.95 -12.53 38.70
N VAL C 71 -6.85 -13.28 38.59
CA VAL C 71 -5.52 -12.70 38.41
C VAL C 71 -4.85 -13.32 37.19
N GLY C 72 -4.51 -12.48 36.21
CA GLY C 72 -3.80 -12.93 35.02
C GLY C 72 -2.32 -13.09 35.30
N VAL C 73 -1.84 -14.34 35.25
CA VAL C 73 -0.46 -14.66 35.58
C VAL C 73 0.24 -15.30 34.38
N VAL C 74 1.36 -14.69 33.96
CA VAL C 74 2.19 -15.25 32.89
C VAL C 74 3.14 -16.30 33.47
N VAL C 75 3.36 -17.38 32.71
CA VAL C 75 4.17 -18.51 33.18
C VAL C 75 5.60 -18.41 32.64
N PHE C 76 6.57 -18.46 33.55
CA PHE C 76 7.98 -18.47 33.18
C PHE C 76 8.43 -19.91 32.88
N GLY C 77 8.29 -20.32 31.62
CA GLY C 77 8.68 -21.65 31.18
C GLY C 77 7.51 -22.44 30.63
N ASN C 78 7.71 -23.73 30.44
CA ASN C 78 6.67 -24.61 29.90
C ASN C 78 5.53 -24.76 30.90
N ASP C 79 4.30 -24.70 30.39
CA ASP C 79 3.10 -24.74 31.24
C ASP C 79 2.32 -26.05 31.12
N LYS C 80 3.00 -27.13 30.74
CA LYS C 80 2.37 -28.46 30.65
C LYS C 80 2.07 -29.04 32.03
N LEU C 81 2.89 -28.68 33.01
CA LEU C 81 2.72 -29.17 34.39
C LEU C 81 1.58 -28.47 35.13
N ILE C 82 1.29 -27.22 34.75
CA ILE C 82 0.23 -26.44 35.40
C ILE C 82 -1.15 -26.92 34.92
N LYS C 83 -1.83 -27.68 35.79
CA LYS C 83 -3.20 -28.13 35.53
C LYS C 83 -4.20 -27.18 36.17
N GLU C 84 -5.49 -27.47 35.98
CA GLU C 84 -6.55 -26.71 36.63
C GLU C 84 -6.63 -27.06 38.12
N GLY C 85 -6.92 -26.07 38.95
CA GLY C 85 -7.03 -26.27 40.39
C GLY C 85 -5.71 -26.50 41.11
N ASP C 86 -4.62 -26.00 40.52
CA ASP C 86 -3.30 -26.09 41.15
C ASP C 86 -3.12 -24.95 42.15
N ILE C 87 -2.33 -25.21 43.18
CA ILE C 87 -2.15 -24.25 44.26
C ILE C 87 -1.09 -23.23 43.85
N VAL C 88 -1.41 -21.94 44.00
CA VAL C 88 -0.52 -20.86 43.64
C VAL C 88 -0.18 -20.03 44.88
N LYS C 89 1.07 -20.13 45.33
CA LYS C 89 1.53 -19.43 46.53
C LYS C 89 1.96 -18.01 46.20
N ARG C 90 2.35 -17.26 47.23
CA ARG C 90 2.90 -15.91 47.07
C ARG C 90 4.35 -15.86 47.54
N THR C 91 5.19 -15.14 46.80
CA THR C 91 6.55 -14.84 47.24
C THR C 91 6.55 -13.59 48.13
N GLY C 92 5.60 -12.70 47.90
CA GLY C 92 5.46 -11.48 48.70
C GLY C 92 6.49 -10.42 48.35
N ALA C 93 6.99 -10.45 47.11
CA ALA C 93 8.01 -9.50 46.66
C ALA C 93 7.95 -9.33 45.15
N ILE C 94 8.27 -8.11 44.70
CA ILE C 94 8.23 -7.77 43.27
C ILE C 94 9.37 -8.50 42.56
N VAL C 95 9.16 -8.82 41.28
CA VAL C 95 10.12 -9.58 40.48
C VAL C 95 11.50 -8.94 40.55
N ASP C 96 12.51 -9.74 40.92
CA ASP C 96 13.88 -9.27 41.07
C ASP C 96 14.87 -10.31 40.56
N VAL C 97 16.12 -9.89 40.41
CA VAL C 97 17.18 -10.77 39.92
C VAL C 97 18.46 -10.58 40.71
N PRO C 98 19.30 -11.63 40.80
CA PRO C 98 20.57 -11.49 41.51
C PRO C 98 21.53 -10.55 40.79
N VAL C 99 22.35 -9.83 41.55
CA VAL C 99 23.30 -8.87 40.99
C VAL C 99 24.64 -8.94 41.73
N GLY C 100 25.66 -8.29 41.17
CA GLY C 100 26.99 -8.24 41.76
C GLY C 100 28.08 -8.59 40.77
N GLU C 101 29.29 -8.79 41.28
CA GLU C 101 30.45 -9.11 40.45
C GLU C 101 30.66 -10.61 40.28
N GLU C 102 29.86 -11.42 40.97
CA GLU C 102 29.97 -12.88 40.87
C GLU C 102 29.39 -13.41 39.55
N LEU C 103 28.51 -12.63 38.94
CA LEU C 103 27.92 -12.98 37.65
C LEU C 103 28.91 -12.88 36.49
N LEU C 104 29.99 -12.12 36.70
CA LEU C 104 31.05 -12.01 35.70
C LEU C 104 31.74 -13.37 35.51
N GLY C 105 31.61 -13.93 34.31
CA GLY C 105 32.12 -15.26 34.01
C GLY C 105 31.02 -16.27 33.76
N ARG C 106 29.93 -16.16 34.52
CA ARG C 106 28.83 -17.11 34.43
C ARG C 106 27.84 -16.74 33.33
N VAL C 107 27.11 -17.74 32.84
CA VAL C 107 26.03 -17.55 31.88
C VAL C 107 24.71 -17.87 32.58
N VAL C 108 23.73 -16.97 32.46
CA VAL C 108 22.47 -17.11 33.18
C VAL C 108 21.25 -16.89 32.28
N ASP C 109 20.08 -17.24 32.79
CA ASP C 109 18.81 -17.03 32.08
C ASP C 109 18.18 -15.71 32.52
N ALA C 110 16.94 -15.46 32.12
CA ALA C 110 16.25 -14.20 32.42
C ALA C 110 16.06 -13.97 33.93
N LEU C 111 15.73 -15.04 34.65
CA LEU C 111 15.51 -14.95 36.10
C LEU C 111 16.80 -14.82 36.90
N GLY C 112 17.92 -15.22 36.30
CA GLY C 112 19.23 -15.14 36.94
C GLY C 112 19.70 -16.44 37.55
N ASN C 113 19.38 -17.56 36.90
CA ASN C 113 19.82 -18.88 37.33
C ASN C 113 20.98 -19.36 36.43
N ALA C 114 21.88 -20.14 37.01
CA ALA C 114 23.04 -20.65 36.27
C ALA C 114 22.60 -21.70 35.26
N ILE C 115 23.12 -21.60 34.03
CA ILE C 115 22.79 -22.53 32.95
C ILE C 115 24.00 -23.00 32.16
N ASP C 116 25.19 -22.96 32.78
CA ASP C 116 26.43 -23.37 32.12
C ASP C 116 27.10 -24.57 32.79
N GLY C 117 26.42 -25.18 33.77
CA GLY C 117 26.93 -26.38 34.43
C GLY C 117 28.21 -26.15 35.22
N LYS C 118 28.24 -25.06 35.99
CA LYS C 118 29.39 -24.72 36.82
C LYS C 118 28.94 -24.35 38.24
N GLY C 119 27.97 -25.11 38.76
CA GLY C 119 27.45 -24.87 40.11
C GLY C 119 26.61 -23.61 40.23
N PRO C 120 25.95 -23.43 41.39
CA PRO C 120 25.16 -22.23 41.65
C PRO C 120 26.03 -21.06 42.11
N ILE C 121 25.88 -19.91 41.46
CA ILE C 121 26.63 -18.71 41.83
C ILE C 121 26.02 -18.06 43.08
N GLY C 122 26.89 -17.50 43.92
CA GLY C 122 26.47 -16.86 45.16
C GLY C 122 26.42 -15.35 45.05
N SER C 123 25.23 -14.81 44.83
CA SER C 123 25.03 -13.36 44.72
C SER C 123 24.79 -12.76 46.11
N LYS C 124 25.35 -11.58 46.34
CA LYS C 124 25.18 -10.88 47.62
C LYS C 124 23.84 -10.16 47.66
N ALA C 125 23.63 -9.26 46.70
CA ALA C 125 22.42 -8.43 46.64
C ALA C 125 21.46 -8.92 45.56
N ARG C 126 20.25 -8.36 45.57
CA ARG C 126 19.23 -8.67 44.58
C ARG C 126 18.47 -7.41 44.19
N ARG C 127 18.76 -6.88 43.00
CA ARG C 127 18.16 -5.64 42.51
C ARG C 127 16.82 -5.92 41.81
N ARG C 128 15.93 -4.93 41.87
CA ARG C 128 14.61 -5.03 41.25
C ARG C 128 14.74 -4.88 39.73
N VAL C 129 13.89 -5.58 38.99
CA VAL C 129 13.93 -5.54 37.52
C VAL C 129 13.39 -4.22 36.94
N GLY C 130 12.31 -3.70 37.52
CA GLY C 130 11.60 -2.55 36.97
C GLY C 130 11.75 -1.28 37.78
N LEU C 131 13.00 -0.90 38.07
CA LEU C 131 13.28 0.36 38.77
C LEU C 131 13.26 1.54 37.80
N LYS C 132 12.89 2.71 38.30
CA LYS C 132 12.86 3.92 37.50
C LYS C 132 14.28 4.38 37.16
N ALA C 133 14.42 5.05 36.02
CA ALA C 133 15.72 5.59 35.61
C ALA C 133 16.07 6.79 36.46
N PRO C 134 17.39 7.05 36.66
CA PRO C 134 17.81 8.20 37.47
C PRO C 134 17.35 9.53 36.87
N GLY C 135 17.00 10.47 37.74
CA GLY C 135 16.42 11.74 37.33
C GLY C 135 17.41 12.72 36.72
N ILE C 136 17.08 14.00 36.78
CA ILE C 136 17.86 15.05 36.13
C ILE C 136 19.12 15.41 36.91
N ILE C 137 19.01 15.48 38.24
CA ILE C 137 20.13 15.93 39.09
C ILE C 137 21.28 14.91 39.18
N PRO C 138 20.97 13.62 39.42
CA PRO C 138 22.05 12.62 39.52
C PRO C 138 22.91 12.47 38.27
N ARG C 139 22.33 12.73 37.10
CA ARG C 139 23.05 12.61 35.84
C ARG C 139 24.07 13.73 35.63
N ILE C 140 25.00 13.48 34.72
CA ILE C 140 25.98 14.49 34.28
C ILE C 140 26.36 14.19 32.84
N SER C 141 26.72 15.22 32.08
CA SER C 141 27.11 15.07 30.68
C SER C 141 28.21 14.04 30.48
N VAL C 142 28.20 13.39 29.32
CA VAL C 142 29.17 12.33 29.02
C VAL C 142 30.54 12.95 28.73
N ARG C 143 31.59 12.37 29.30
CA ARG C 143 32.94 12.91 29.18
C ARG C 143 33.94 11.85 28.69
N GLU C 144 34.15 10.81 29.48
CA GLU C 144 35.13 9.76 29.15
C GLU C 144 34.64 8.89 27.98
N PRO C 145 35.57 8.34 27.19
CA PRO C 145 35.20 7.59 25.99
C PRO C 145 34.89 6.11 26.24
N MET C 146 34.05 5.54 25.37
CA MET C 146 33.79 4.10 25.37
C MET C 146 34.40 3.53 24.08
N GLN C 147 35.60 2.97 24.20
CA GLN C 147 36.36 2.51 23.04
C GLN C 147 35.86 1.15 22.55
N THR C 148 35.34 1.13 21.32
CA THR C 148 34.89 -0.11 20.69
C THR C 148 36.04 -0.88 20.06
N GLY C 149 37.07 -0.16 19.63
CA GLY C 149 38.21 -0.77 18.95
C GLY C 149 38.01 -0.96 17.46
N ILE C 150 36.95 -0.35 16.91
CA ILE C 150 36.65 -0.41 15.49
C ILE C 150 36.98 0.95 14.87
N LYS C 151 37.73 0.92 13.78
CA LYS C 151 38.22 2.15 13.14
C LYS C 151 37.09 3.09 12.74
N ALA C 152 36.08 2.54 12.07
CA ALA C 152 34.94 3.32 11.59
C ALA C 152 34.11 3.92 12.73
N VAL C 153 33.96 3.18 13.82
CA VAL C 153 33.12 3.61 14.94
C VAL C 153 33.81 4.72 15.74
N ASP C 154 34.96 4.41 16.34
CA ASP C 154 35.66 5.33 17.23
C ASP C 154 36.02 6.67 16.56
N SER C 155 36.28 6.64 15.26
CA SER C 155 36.64 7.85 14.51
C SER C 155 35.40 8.70 14.19
N LEU C 156 34.45 8.11 13.46
CA LEU C 156 33.31 8.85 12.91
C LEU C 156 32.08 8.87 13.82
N VAL C 157 31.82 7.76 14.50
CA VAL C 157 30.65 7.63 15.39
C VAL C 157 31.12 7.29 16.81
N PRO C 158 31.76 8.27 17.49
CA PRO C 158 32.40 8.01 18.78
C PRO C 158 31.41 7.81 19.92
N ILE C 159 31.47 6.65 20.57
CA ILE C 159 30.57 6.31 21.66
C ILE C 159 31.20 6.69 23.00
N GLY C 160 30.52 7.54 23.76
CA GLY C 160 30.95 7.92 25.11
C GLY C 160 30.27 7.08 26.17
N ARG C 161 30.83 7.05 27.38
CA ARG C 161 30.30 6.22 28.45
C ARG C 161 29.04 6.84 29.05
N GLY C 162 27.98 6.03 29.10
CA GLY C 162 26.65 6.49 29.52
C GLY C 162 25.70 6.69 28.36
N GLN C 163 26.25 6.78 27.14
CA GLN C 163 25.47 7.01 25.93
C GLN C 163 24.72 5.74 25.52
N ARG C 164 23.65 5.93 24.75
CA ARG C 164 22.90 4.83 24.15
C ARG C 164 23.02 4.93 22.63
N GLU C 165 23.70 3.94 22.03
CA GLU C 165 23.96 3.96 20.58
C GLU C 165 23.30 2.75 19.91
N LEU C 166 22.40 3.03 18.96
CA LEU C 166 21.64 1.98 18.28
C LEU C 166 22.46 1.31 17.18
N ILE C 167 22.39 -0.02 17.13
CA ILE C 167 22.96 -0.81 16.04
C ILE C 167 21.81 -1.37 15.20
N ILE C 168 21.45 -0.64 14.15
CA ILE C 168 20.31 -1.00 13.30
C ILE C 168 20.78 -1.50 11.93
N GLY C 169 20.02 -2.43 11.35
CA GLY C 169 20.34 -3.00 10.05
C GLY C 169 19.59 -4.28 9.78
N ASP C 170 19.70 -4.78 8.54
CA ASP C 170 19.03 -6.01 8.13
C ASP C 170 19.72 -7.25 8.72
N ARG C 171 19.10 -8.41 8.52
CA ARG C 171 19.68 -9.69 8.95
C ARG C 171 20.99 -9.97 8.22
N GLN C 172 21.96 -10.51 8.96
CA GLN C 172 23.27 -10.90 8.40
C GLN C 172 24.02 -9.71 7.80
N THR C 173 24.10 -8.61 8.55
CA THR C 173 24.81 -7.39 8.10
C THR C 173 25.82 -6.90 9.14
N GLY C 174 26.30 -7.81 9.98
CA GLY C 174 27.32 -7.47 10.98
C GLY C 174 26.80 -6.59 12.11
N LYS C 175 25.69 -7.00 12.73
CA LYS C 175 25.13 -6.28 13.88
C LYS C 175 25.72 -6.80 15.17
N THR C 176 25.63 -8.11 15.39
CA THR C 176 26.18 -8.75 16.58
C THR C 176 27.71 -8.72 16.58
N SER C 177 28.30 -8.78 15.39
CA SER C 177 29.75 -8.73 15.24
C SER C 177 30.38 -7.46 15.82
N ILE C 178 29.65 -6.35 15.72
CA ILE C 178 30.11 -5.07 16.26
C ILE C 178 30.16 -5.14 17.80
N ALA C 179 29.15 -5.77 18.40
CA ALA C 179 29.08 -5.91 19.84
C ALA C 179 30.18 -6.83 20.39
N ILE C 180 30.49 -7.90 19.66
CA ILE C 180 31.51 -8.86 20.09
C ILE C 180 32.89 -8.23 20.11
N ASP C 181 33.21 -7.47 19.05
CA ASP C 181 34.50 -6.78 18.95
C ASP C 181 34.65 -5.69 20.02
N THR C 182 33.53 -5.08 20.43
CA THR C 182 33.54 -4.10 21.50
C THR C 182 33.90 -4.73 22.84
N ILE C 183 33.35 -5.92 23.11
CA ILE C 183 33.60 -6.63 24.36
C ILE C 183 35.05 -7.11 24.46
N ILE C 184 35.58 -7.62 23.34
CA ILE C 184 36.96 -8.12 23.29
C ILE C 184 37.97 -6.96 23.40
N ASN C 185 37.57 -5.77 22.97
CA ASN C 185 38.42 -4.58 23.05
C ASN C 185 38.69 -4.11 24.49
N GLN C 186 37.79 -4.46 25.42
CA GLN C 186 37.92 -4.01 26.81
C GLN C 186 39.00 -4.77 27.60
N LYS C 187 39.53 -5.84 27.03
CA LYS C 187 40.65 -6.58 27.64
C LYS C 187 41.89 -5.70 27.83
N ARG C 188 42.07 -4.74 26.92
CA ARG C 188 43.18 -3.78 27.00
C ARG C 188 43.14 -2.95 28.29
N PHE C 189 41.93 -2.57 28.69
CA PHE C 189 41.72 -1.73 29.87
C PHE C 189 41.60 -2.54 31.16
N ASN C 190 40.87 -3.66 31.10
CA ASN C 190 40.55 -4.45 32.29
C ASN C 190 41.74 -5.22 32.87
N ASP C 191 42.68 -5.61 32.03
CA ASP C 191 43.90 -6.27 32.49
C ASP C 191 44.90 -5.30 33.13
N GLY C 192 44.79 -4.02 32.77
CA GLY C 192 45.68 -2.98 33.30
C GLY C 192 45.40 -2.61 34.74
N THR C 193 46.16 -1.63 35.24
CA THR C 193 46.05 -1.17 36.63
C THR C 193 45.03 -0.04 36.79
N ASP C 194 44.80 0.74 35.73
CA ASP C 194 43.90 1.88 35.78
C ASP C 194 42.46 1.43 36.08
N GLU C 195 41.91 1.94 37.19
CA GLU C 195 40.62 1.47 37.70
C GLU C 195 39.44 2.11 36.96
N LYS C 196 39.52 3.42 36.71
CA LYS C 196 38.42 4.16 36.08
C LYS C 196 38.16 3.74 34.64
N LYS C 197 39.20 3.33 33.92
CA LYS C 197 39.07 2.98 32.50
C LYS C 197 38.50 1.57 32.25
N LYS C 198 38.30 0.78 33.30
CA LYS C 198 37.72 -0.56 33.15
C LYS C 198 36.26 -0.49 32.75
N LEU C 199 35.77 -1.52 32.06
CA LEU C 199 34.39 -1.58 31.60
C LEU C 199 33.90 -3.03 31.57
N TYR C 200 32.94 -3.34 32.43
CA TYR C 200 32.38 -4.69 32.53
C TYR C 200 31.21 -4.85 31.56
N CYS C 201 31.24 -5.94 30.79
CA CYS C 201 30.27 -6.14 29.70
C CYS C 201 29.11 -7.03 30.11
N ILE C 202 27.96 -6.83 29.45
CA ILE C 202 26.75 -7.61 29.70
C ILE C 202 26.01 -7.87 28.38
N TYR C 203 26.11 -9.11 27.88
CA TYR C 203 25.45 -9.48 26.62
C TYR C 203 24.11 -10.15 26.89
N VAL C 204 23.02 -9.49 26.45
CA VAL C 204 21.67 -10.04 26.60
C VAL C 204 21.21 -10.60 25.26
N ALA C 205 20.84 -11.87 25.24
CA ALA C 205 20.37 -12.55 24.04
C ALA C 205 18.85 -12.76 24.11
N ILE C 206 18.14 -12.19 23.15
CA ILE C 206 16.67 -12.27 23.11
C ILE C 206 16.21 -12.88 21.79
N GLY C 207 15.69 -14.10 21.85
CA GLY C 207 15.10 -14.77 20.68
C GLY C 207 16.05 -15.70 19.95
N GLN C 208 17.25 -15.21 19.63
CA GLN C 208 18.25 -16.00 18.91
C GLN C 208 18.48 -17.38 19.53
N LYS C 209 18.73 -18.38 18.68
CA LYS C 209 18.84 -19.78 19.12
C LYS C 209 20.11 -20.06 19.94
N ARG C 210 20.05 -21.12 20.73
CA ARG C 210 21.13 -21.48 21.67
C ARG C 210 22.46 -21.77 20.99
N SER C 211 22.42 -22.43 19.84
CA SER C 211 23.63 -22.75 19.09
C SER C 211 24.42 -21.48 18.77
N THR C 212 23.71 -20.44 18.33
CA THR C 212 24.33 -19.15 18.04
C THR C 212 24.97 -18.55 19.30
N VAL C 213 24.25 -18.61 20.41
CA VAL C 213 24.75 -18.07 21.69
C VAL C 213 25.93 -18.88 22.21
N ALA C 214 25.91 -20.19 21.97
CA ALA C 214 27.01 -21.08 22.36
C ALA C 214 28.32 -20.74 21.64
N GLN C 215 28.21 -20.29 20.38
CA GLN C 215 29.37 -19.86 19.61
C GLN C 215 29.94 -18.55 20.15
N LEU C 216 29.06 -17.64 20.57
CA LEU C 216 29.47 -16.36 21.13
C LEU C 216 30.24 -16.51 22.44
N VAL C 217 29.78 -17.41 23.31
CA VAL C 217 30.47 -17.69 24.57
C VAL C 217 31.82 -18.36 24.29
N LYS C 218 31.84 -19.30 23.34
CA LYS C 218 33.07 -19.95 22.90
C LYS C 218 34.07 -18.94 22.33
N ARG C 219 33.56 -17.95 21.59
CA ARG C 219 34.40 -16.90 21.03
C ARG C 219 35.00 -16.01 22.12
N LEU C 220 34.15 -15.59 23.06
CA LEU C 220 34.59 -14.76 24.18
C LEU C 220 35.52 -15.51 25.14
N THR C 221 35.29 -16.81 25.29
CA THR C 221 36.15 -17.67 26.11
C THR C 221 37.56 -17.77 25.52
N ASP C 222 37.64 -17.96 24.21
CA ASP C 222 38.92 -18.11 23.52
C ASP C 222 39.73 -16.81 23.50
N ALA C 223 39.04 -15.67 23.54
CA ALA C 223 39.70 -14.36 23.53
C ALA C 223 39.93 -13.80 24.95
N ASP C 224 39.71 -14.63 25.97
CA ASP C 224 39.86 -14.22 27.38
C ASP C 224 38.98 -13.01 27.71
N ALA C 225 37.74 -13.04 27.22
CA ALA C 225 36.78 -11.94 27.40
C ALA C 225 35.70 -12.27 28.44
N MET C 226 35.41 -13.55 28.65
CA MET C 226 34.33 -13.98 29.56
C MET C 226 34.56 -13.60 31.02
N LYS C 227 35.82 -13.50 31.44
CA LYS C 227 36.15 -13.20 32.83
C LYS C 227 35.63 -11.85 33.34
N TYR C 228 35.25 -10.96 32.42
CA TYR C 228 34.64 -9.67 32.78
C TYR C 228 33.33 -9.43 32.02
N THR C 229 32.64 -10.50 31.64
CA THR C 229 31.42 -10.41 30.85
C THR C 229 30.31 -11.29 31.44
N ILE C 230 29.07 -10.80 31.35
CA ILE C 230 27.89 -11.53 31.83
C ILE C 230 26.98 -11.82 30.64
N VAL C 231 26.41 -13.03 30.61
CA VAL C 231 25.57 -13.47 29.50
C VAL C 231 24.18 -13.85 29.98
N VAL C 232 23.19 -13.06 29.58
CA VAL C 232 21.78 -13.32 29.90
C VAL C 232 21.09 -13.94 28.68
N SER C 233 20.85 -15.25 28.73
CA SER C 233 20.34 -16.00 27.58
C SER C 233 18.84 -16.25 27.67
N ALA C 234 18.09 -15.65 26.75
CA ALA C 234 16.66 -15.90 26.60
C ALA C 234 16.35 -16.27 25.15
N THR C 235 16.52 -17.55 24.84
CA THR C 235 16.44 -18.04 23.46
C THR C 235 15.00 -18.36 23.04
N ALA C 236 14.82 -18.80 21.80
CA ALA C 236 13.50 -19.10 21.24
C ALA C 236 12.79 -20.26 21.95
N SER C 237 13.55 -21.19 22.52
CA SER C 237 12.97 -22.30 23.29
C SER C 237 12.28 -21.81 24.58
N ASP C 238 12.77 -20.70 25.13
CA ASP C 238 12.19 -20.11 26.33
C ASP C 238 10.88 -19.40 26.03
N ALA C 239 10.02 -19.30 27.05
CA ALA C 239 8.71 -18.66 26.92
C ALA C 239 8.84 -17.14 26.75
N ALA C 240 7.75 -16.52 26.30
CA ALA C 240 7.74 -15.10 25.97
C ALA C 240 8.04 -14.17 27.16
N PRO C 241 7.51 -14.48 28.36
CA PRO C 241 7.83 -13.67 29.55
C PRO C 241 9.33 -13.59 29.87
N LEU C 242 10.06 -14.67 29.63
CA LEU C 242 11.52 -14.68 29.85
C LEU C 242 12.24 -13.80 28.83
N GLN C 243 11.81 -13.88 27.58
CA GLN C 243 12.34 -13.01 26.51
C GLN C 243 11.95 -11.56 26.76
N TYR C 244 10.75 -11.36 27.29
CA TYR C 244 10.27 -10.02 27.66
C TYR C 244 11.09 -9.42 28.80
N LEU C 245 11.40 -10.22 29.81
CA LEU C 245 12.05 -9.75 31.03
C LEU C 245 13.58 -9.63 30.90
N ALA C 246 14.18 -10.45 30.02
CA ALA C 246 15.64 -10.58 29.95
C ALA C 246 16.43 -9.27 29.86
N PRO C 247 16.00 -8.32 29.00
CA PRO C 247 16.71 -7.04 28.91
C PRO C 247 16.66 -6.21 30.20
N TYR C 248 15.57 -6.31 30.94
CA TYR C 248 15.41 -5.59 32.21
C TYR C 248 16.26 -6.24 33.30
N SER C 249 16.31 -7.57 33.30
CA SER C 249 17.16 -8.32 34.24
C SER C 249 18.62 -7.97 34.06
N GLY C 250 19.07 -7.89 32.81
CA GLY C 250 20.43 -7.50 32.49
C GLY C 250 20.74 -6.06 32.85
N CYS C 251 19.77 -5.17 32.64
CA CYS C 251 19.91 -3.76 32.98
C CYS C 251 20.16 -3.56 34.47
N SER C 252 19.43 -4.32 35.29
CA SER C 252 19.60 -4.28 36.75
C SER C 252 20.99 -4.74 37.17
N MET C 253 21.51 -5.77 36.50
CA MET C 253 22.86 -6.26 36.76
C MET C 253 23.92 -5.21 36.43
N GLY C 254 23.66 -4.41 35.40
CA GLY C 254 24.55 -3.32 35.00
C GLY C 254 24.47 -2.11 35.92
N GLU C 255 23.29 -1.85 36.48
CA GLU C 255 23.09 -0.72 37.40
C GLU C 255 23.84 -0.87 38.72
N TYR C 256 24.16 -2.11 39.10
CA TYR C 256 25.01 -2.38 40.26
C TYR C 256 26.34 -1.65 40.14
N PHE C 257 26.96 -1.74 38.97
CA PHE C 257 28.22 -1.07 38.70
C PHE C 257 28.01 0.44 38.59
N ARG C 258 27.00 0.83 37.82
CA ARG C 258 26.65 2.24 37.59
C ARG C 258 26.60 3.05 38.88
N ASP C 259 25.90 2.51 39.89
CA ASP C 259 25.71 3.20 41.16
C ASP C 259 26.96 3.18 42.04
N ASN C 260 27.71 2.09 41.98
CA ASN C 260 28.86 1.89 42.87
C ASN C 260 30.21 2.22 42.20
N GLY C 261 30.30 3.39 41.58
CA GLY C 261 31.58 3.90 41.07
C GLY C 261 32.03 3.35 39.72
N LYS C 262 31.95 2.03 39.55
CA LYS C 262 32.42 1.38 38.32
C LYS C 262 31.54 1.70 37.11
N HIS C 263 32.02 1.31 35.93
CA HIS C 263 31.28 1.51 34.68
C HIS C 263 30.94 0.16 34.06
N ALA C 264 29.91 0.14 33.21
CA ALA C 264 29.45 -1.09 32.58
C ALA C 264 28.95 -0.88 31.16
N LEU C 265 28.85 -1.99 30.42
CA LEU C 265 28.38 -1.98 29.03
C LEU C 265 27.34 -3.09 28.86
N ILE C 266 26.20 -2.75 28.25
CA ILE C 266 25.13 -3.72 28.02
C ILE C 266 24.71 -3.72 26.55
N ILE C 267 24.43 -4.93 26.02
CA ILE C 267 24.02 -5.10 24.63
C ILE C 267 22.72 -5.89 24.56
N TYR C 268 21.66 -5.24 24.11
CA TYR C 268 20.37 -5.91 23.90
C TYR C 268 20.32 -6.42 22.45
N ASP C 269 20.47 -7.73 22.28
CA ASP C 269 20.50 -8.36 20.97
C ASP C 269 19.44 -9.46 20.89
N ASP C 270 18.20 -9.13 20.51
CA ASP C 270 17.81 -7.79 20.05
C ASP C 270 16.44 -7.38 20.58
N LEU C 271 16.16 -6.08 20.52
CA LEU C 271 14.91 -5.53 21.03
C LEU C 271 13.71 -5.79 20.12
N SER C 272 13.96 -6.12 18.85
CA SER C 272 12.89 -6.48 17.92
C SER C 272 12.23 -7.79 18.32
N LYS C 273 13.05 -8.78 18.65
CA LYS C 273 12.55 -10.09 19.10
C LYS C 273 11.96 -10.04 20.51
N GLN C 274 12.34 -9.03 21.29
CA GLN C 274 11.71 -8.78 22.59
C GLN C 274 10.27 -8.31 22.41
N ALA C 275 10.09 -7.33 21.51
CA ALA C 275 8.76 -6.77 21.22
C ALA C 275 7.77 -7.84 20.76
N VAL C 276 8.26 -8.80 19.99
CA VAL C 276 7.43 -9.91 19.51
C VAL C 276 6.94 -10.77 20.67
N ALA C 277 7.79 -10.97 21.67
CA ALA C 277 7.43 -11.71 22.88
C ALA C 277 6.43 -10.91 23.72
N TYR C 278 6.70 -9.62 23.89
CA TYR C 278 5.80 -8.74 24.63
C TYR C 278 4.42 -8.67 23.99
N ARG C 279 4.40 -8.66 22.65
CA ARG C 279 3.15 -8.69 21.89
C ARG C 279 2.36 -9.98 22.16
N GLN C 280 3.06 -11.10 22.10
CA GLN C 280 2.45 -12.41 22.38
C GLN C 280 1.93 -12.47 23.81
N MET C 281 2.78 -12.05 24.74
CA MET C 281 2.42 -12.04 26.16
C MET C 281 1.19 -11.17 26.41
N SER C 282 1.15 -10.01 25.77
CA SER C 282 0.04 -9.06 25.92
C SER C 282 -1.25 -9.58 25.28
N LEU C 283 -1.16 -10.07 24.06
CA LEU C 283 -2.34 -10.54 23.32
C LEU C 283 -3.02 -11.75 23.98
N LEU C 284 -2.24 -12.61 24.61
CA LEU C 284 -2.79 -13.77 25.32
C LEU C 284 -3.43 -13.40 26.66
N LEU C 285 -3.07 -12.21 27.18
CA LEU C 285 -3.75 -11.63 28.35
C LEU C 285 -5.00 -10.83 27.95
N ARG C 286 -5.47 -11.01 26.72
CA ARG C 286 -6.70 -10.37 26.22
C ARG C 286 -6.61 -8.84 26.17
N ARG C 287 -5.39 -8.30 26.05
CA ARG C 287 -5.19 -6.87 25.90
C ARG C 287 -5.31 -6.51 24.41
N PRO C 288 -6.08 -5.45 24.09
CA PRO C 288 -6.31 -5.14 22.67
C PRO C 288 -5.05 -4.75 21.88
N PRO C 289 -4.96 -5.15 20.60
CA PRO C 289 -3.81 -4.82 19.76
C PRO C 289 -3.77 -3.37 19.29
N GLY C 290 -2.64 -2.97 18.74
CA GLY C 290 -2.45 -1.63 18.17
C GLY C 290 -1.87 -1.74 16.78
N ARG C 291 -0.86 -0.92 16.47
CA ARG C 291 -0.20 -0.96 15.16
C ARG C 291 0.57 -2.27 14.98
N GLU C 292 0.37 -2.91 13.84
CA GLU C 292 1.00 -4.21 13.55
C GLU C 292 0.81 -5.22 14.68
N ALA C 293 -0.38 -5.18 15.28
CA ALA C 293 -0.77 -6.08 16.39
C ALA C 293 -0.01 -5.87 17.70
N TYR C 294 0.87 -4.86 17.77
CA TYR C 294 1.64 -4.59 18.98
C TYR C 294 0.79 -3.83 19.99
N PRO C 295 1.10 -3.98 21.30
CA PRO C 295 0.40 -3.19 22.32
C PRO C 295 0.59 -1.69 22.16
N GLY C 296 -0.22 -0.91 22.88
CA GLY C 296 -0.16 0.54 22.82
C GLY C 296 1.12 1.13 23.39
N ASP C 297 1.70 0.43 24.37
CA ASP C 297 2.87 0.95 25.11
C ASP C 297 4.19 0.25 24.75
N VAL C 298 4.41 -0.01 23.46
CA VAL C 298 5.67 -0.60 22.99
C VAL C 298 6.81 0.43 22.95
N PHE C 299 6.46 1.72 22.89
CA PHE C 299 7.44 2.79 23.03
C PHE C 299 7.90 2.89 24.47
N TYR C 300 6.94 2.78 25.39
CA TYR C 300 7.23 2.78 26.83
C TYR C 300 8.11 1.58 27.22
N LEU C 301 7.92 0.46 26.52
CA LEU C 301 8.72 -0.74 26.74
C LEU C 301 10.22 -0.48 26.58
N HIS C 302 10.59 0.14 25.47
CA HIS C 302 12.00 0.37 25.13
C HIS C 302 12.55 1.67 25.71
N SER C 303 11.68 2.65 25.93
CA SER C 303 12.11 3.94 26.48
C SER C 303 12.59 3.82 27.92
N ARG C 304 11.81 3.16 28.76
CA ARG C 304 12.17 2.99 30.18
C ARG C 304 13.39 2.07 30.35
N LEU C 305 13.56 1.12 29.44
CA LEU C 305 14.72 0.22 29.45
C LEU C 305 16.00 0.97 29.12
N LEU C 306 15.96 1.77 28.06
CA LEU C 306 17.14 2.50 27.59
C LEU C 306 17.49 3.69 28.48
N GLU C 307 16.49 4.42 28.94
CA GLU C 307 16.70 5.57 29.83
C GLU C 307 17.57 5.23 31.06
N ARG C 308 17.44 4.02 31.57
CA ARG C 308 18.21 3.56 32.73
C ARG C 308 19.73 3.58 32.47
N ALA C 309 20.12 3.44 31.21
CA ALA C 309 21.52 3.64 30.81
C ALA C 309 21.83 5.13 30.85
N ALA C 310 22.79 5.51 31.70
CA ALA C 310 23.14 6.92 31.90
C ALA C 310 24.51 7.07 32.57
N LYS C 311 24.96 8.32 32.68
CA LYS C 311 26.22 8.65 33.34
C LYS C 311 25.95 9.36 34.66
N MET C 312 26.33 8.72 35.77
CA MET C 312 26.09 9.27 37.11
C MET C 312 27.18 10.27 37.47
N ASN C 313 26.81 11.34 38.18
CA ASN C 313 27.77 12.36 38.61
C ASN C 313 28.63 11.90 39.77
N ASP C 314 29.63 12.71 40.14
CA ASP C 314 30.57 12.36 41.19
C ASP C 314 29.92 12.20 42.56
N ALA C 315 28.87 12.97 42.82
CA ALA C 315 28.15 12.92 44.10
C ALA C 315 27.50 11.55 44.32
N PHE C 316 26.77 11.07 43.31
CA PHE C 316 26.04 9.79 43.42
C PHE C 316 26.93 8.57 43.19
N GLY C 317 28.13 8.76 42.64
CA GLY C 317 29.08 7.67 42.45
C GLY C 317 30.16 7.96 41.42
N GLY C 318 29.75 8.49 40.28
CA GLY C 318 30.67 8.75 39.16
C GLY C 318 30.65 7.67 38.09
N GLY C 319 29.99 6.56 38.38
CA GLY C 319 29.90 5.44 37.43
C GLY C 319 28.92 5.71 36.30
N SER C 320 28.77 4.72 35.41
CA SER C 320 27.91 4.85 34.24
C SER C 320 27.43 3.51 33.71
N LEU C 321 26.52 3.57 32.74
CA LEU C 321 26.02 2.39 32.05
C LEU C 321 25.79 2.73 30.58
N THR C 322 26.56 2.10 29.70
CA THR C 322 26.47 2.33 28.26
C THR C 322 25.61 1.23 27.63
N ALA C 323 24.63 1.63 26.82
CA ALA C 323 23.70 0.69 26.20
C ALA C 323 23.95 0.58 24.70
N LEU C 324 23.76 -0.62 24.17
CA LEU C 324 23.87 -0.89 22.73
C LEU C 324 22.71 -1.77 22.26
N PRO C 325 21.53 -1.16 22.04
CA PRO C 325 20.39 -1.92 21.54
C PRO C 325 20.53 -2.31 20.07
N VAL C 326 19.88 -3.40 19.69
CA VAL C 326 19.91 -3.91 18.32
C VAL C 326 18.50 -3.98 17.74
N ILE C 327 18.37 -3.61 16.47
CA ILE C 327 17.07 -3.65 15.78
C ILE C 327 17.26 -4.27 14.39
N GLU C 328 16.35 -5.18 14.03
CA GLU C 328 16.37 -5.85 12.74
C GLU C 328 15.33 -5.24 11.81
N THR C 329 15.80 -4.48 10.82
CA THR C 329 14.91 -3.88 9.83
C THR C 329 14.59 -4.87 8.71
N GLN C 330 13.37 -4.79 8.19
CA GLN C 330 12.92 -5.65 7.10
C GLN C 330 13.11 -4.93 5.77
N ALA C 331 14.00 -5.47 4.94
CA ALA C 331 14.29 -4.90 3.61
C ALA C 331 14.74 -3.44 3.66
N GLY C 332 15.50 -3.10 4.70
CA GLY C 332 16.03 -1.74 4.87
C GLY C 332 14.97 -0.69 5.14
N ASP C 333 13.87 -1.11 5.78
CA ASP C 333 12.77 -0.21 6.11
C ASP C 333 12.94 0.33 7.53
N VAL C 334 13.73 1.38 7.65
CA VAL C 334 13.94 2.06 8.95
C VAL C 334 12.70 2.87 9.38
N SER C 335 11.81 3.14 8.43
CA SER C 335 10.58 3.88 8.69
C SER C 335 9.45 3.02 9.30
N ALA C 336 9.72 1.74 9.57
CA ALA C 336 8.74 0.85 10.19
C ALA C 336 8.43 1.25 11.63
N TYR C 337 7.42 0.61 12.21
CA TYR C 337 6.89 1.00 13.54
C TYR C 337 7.91 0.91 14.66
N ILE C 338 8.45 -0.28 14.90
CA ILE C 338 9.39 -0.50 16.02
C ILE C 338 10.74 0.18 15.79
N PRO C 339 11.30 0.12 14.56
CA PRO C 339 12.53 0.85 14.28
C PRO C 339 12.47 2.36 14.51
N THR C 340 11.36 3.00 14.11
CA THR C 340 11.18 4.45 14.31
C THR C 340 11.07 4.83 15.78
N ASN C 341 10.58 3.92 16.61
CA ASN C 341 10.48 4.16 18.05
C ASN C 341 11.85 4.22 18.72
N VAL C 342 12.68 3.21 18.44
CA VAL C 342 13.99 3.08 19.11
C VAL C 342 14.98 4.15 18.66
N ILE C 343 14.88 4.59 17.41
CA ILE C 343 15.77 5.64 16.89
C ILE C 343 15.55 6.97 17.60
N SER C 344 14.30 7.28 17.92
CA SER C 344 13.97 8.52 18.64
C SER C 344 14.38 8.47 20.11
N ILE C 345 14.47 7.26 20.68
CA ILE C 345 14.92 7.07 22.06
C ILE C 345 16.43 7.25 22.20
N THR C 346 17.18 6.47 21.42
CA THR C 346 18.64 6.41 21.55
C THR C 346 19.31 7.73 21.19
N ASP C 347 20.50 7.94 21.77
CA ASP C 347 21.27 9.17 21.57
C ASP C 347 21.82 9.26 20.15
N GLY C 348 22.14 8.11 19.56
CA GLY C 348 22.58 8.03 18.18
C GLY C 348 22.24 6.68 17.56
N GLN C 349 22.60 6.50 16.29
CA GLN C 349 22.36 5.23 15.60
C GLN C 349 23.42 4.93 14.55
N ILE C 350 23.68 3.64 14.33
CA ILE C 350 24.66 3.18 13.35
C ILE C 350 23.94 2.35 12.30
N PHE C 351 23.61 2.97 11.17
CA PHE C 351 22.90 2.30 10.09
C PHE C 351 23.80 1.34 9.33
N LEU C 352 23.59 0.05 9.53
CA LEU C 352 24.29 -0.98 8.77
C LEU C 352 23.45 -1.35 7.54
N GLU C 353 24.12 -1.54 6.40
CA GLU C 353 23.44 -1.74 5.13
C GLU C 353 23.94 -2.96 4.38
N THR C 354 23.04 -3.65 3.70
CA THR C 354 23.37 -4.83 2.90
C THR C 354 24.16 -4.45 1.65
N GLU C 355 23.83 -3.31 1.06
CA GLU C 355 24.48 -2.82 -0.15
C GLU C 355 26.01 -2.72 0.01
N LEU C 356 26.44 -2.13 1.11
CA LEU C 356 27.87 -2.02 1.43
C LEU C 356 28.45 -3.37 1.88
N PHE C 357 27.64 -4.15 2.60
CA PHE C 357 28.06 -5.45 3.12
C PHE C 357 28.39 -6.45 2.00
N TYR C 358 27.56 -6.48 0.97
CA TYR C 358 27.78 -7.39 -0.17
C TYR C 358 28.99 -6.98 -1.00
N LYS C 359 29.19 -5.68 -1.19
CA LYS C 359 30.35 -5.15 -1.91
C LYS C 359 31.68 -5.68 -1.35
N GLY C 360 31.77 -5.76 -0.02
CA GLY C 360 33.01 -6.10 0.66
C GLY C 360 33.32 -5.22 1.86
N ILE C 361 32.65 -4.07 1.93
CA ILE C 361 32.86 -3.12 3.03
C ILE C 361 32.27 -3.69 4.33
N ARG C 362 33.11 -4.39 5.09
CA ARG C 362 32.72 -4.93 6.39
C ARG C 362 33.70 -4.40 7.44
N PRO C 363 33.20 -3.74 8.50
CA PRO C 363 31.77 -3.54 8.77
C PRO C 363 31.11 -2.55 7.82
N ALA C 364 29.82 -2.78 7.54
CA ALA C 364 29.08 -2.00 6.55
C ALA C 364 28.39 -0.78 7.17
N ILE C 365 29.17 0.04 7.85
CA ILE C 365 28.64 1.21 8.54
C ILE C 365 28.49 2.38 7.57
N ASN C 366 27.25 2.80 7.34
CA ASN C 366 26.98 3.97 6.50
C ASN C 366 27.41 5.23 7.24
N VAL C 367 28.42 5.92 6.70
CA VAL C 367 29.02 7.08 7.36
C VAL C 367 28.11 8.32 7.25
N GLY C 368 27.51 8.51 6.09
CA GLY C 368 26.65 9.67 5.84
C GLY C 368 25.38 9.70 6.68
N LEU C 369 24.83 8.52 6.98
CA LEU C 369 23.56 8.41 7.70
C LEU C 369 23.74 8.22 9.22
N SER C 370 24.77 7.48 9.63
CA SER C 370 25.01 7.20 11.04
C SER C 370 25.54 8.44 11.77
N VAL C 371 25.12 8.61 13.02
CA VAL C 371 25.54 9.74 13.85
C VAL C 371 25.63 9.33 15.33
N SER C 372 26.49 10.01 16.07
CA SER C 372 26.65 9.78 17.51
C SER C 372 26.02 10.90 18.35
N ARG C 373 26.08 12.13 17.84
CA ARG C 373 25.54 13.32 18.52
C ARG C 373 26.32 13.75 19.78
N VAL C 374 27.53 13.22 19.96
CA VAL C 374 28.41 13.61 21.06
C VAL C 374 29.88 13.51 20.63
N GLY C 375 30.17 13.98 19.42
CA GLY C 375 31.51 13.89 18.84
C GLY C 375 32.43 15.01 19.30
N SER C 376 32.92 14.89 20.53
CA SER C 376 33.85 15.87 21.09
C SER C 376 34.60 15.29 22.29
N ALA C 377 33.87 15.05 23.38
CA ALA C 377 34.44 14.43 24.57
C ALA C 377 34.65 12.93 24.37
N ALA C 378 33.79 12.31 23.56
CA ALA C 378 33.86 10.89 23.26
C ALA C 378 35.09 10.51 22.44
N GLN C 379 35.65 11.47 21.71
CA GLN C 379 36.89 11.26 20.97
C GLN C 379 38.10 11.73 21.77
N THR C 380 39.19 10.98 21.67
CA THR C 380 40.47 11.38 22.28
C THR C 380 41.09 12.50 21.44
N ARG C 381 41.90 13.33 22.07
CA ARG C 381 42.54 14.47 21.38
C ARG C 381 43.44 14.04 20.22
N ALA C 382 44.04 12.86 20.33
CA ALA C 382 44.85 12.29 19.26
C ALA C 382 43.99 11.89 18.06
N MET C 383 42.89 11.18 18.34
CA MET C 383 41.95 10.74 17.31
C MET C 383 41.23 11.91 16.65
N LYS C 384 40.96 12.97 17.42
CA LYS C 384 40.21 14.13 16.94
C LYS C 384 40.89 14.83 15.75
N GLN C 385 42.22 14.75 15.68
CA GLN C 385 42.98 15.36 14.58
C GLN C 385 42.72 14.64 13.26
N VAL C 386 42.97 13.33 13.26
CA VAL C 386 42.82 12.52 12.05
C VAL C 386 41.36 12.23 11.68
N ALA C 387 40.49 12.09 12.68
CA ALA C 387 39.08 11.81 12.44
C ALA C 387 38.34 13.01 11.88
N GLY C 388 38.63 14.19 12.39
CA GLY C 388 38.01 15.44 11.93
C GLY C 388 38.27 15.73 10.47
N THR C 389 39.50 15.47 10.02
CA THR C 389 39.89 15.67 8.64
C THR C 389 39.34 14.55 7.73
N MET C 390 39.30 13.32 8.24
CA MET C 390 38.74 12.19 7.50
C MET C 390 37.23 12.34 7.29
N LYS C 391 36.56 12.91 8.29
CA LYS C 391 35.12 13.18 8.20
C LYS C 391 34.79 14.15 7.07
N LEU C 392 35.65 15.16 6.90
CA LEU C 392 35.45 16.19 5.87
C LEU C 392 35.70 15.63 4.47
N GLU C 393 36.79 14.90 4.30
CA GLU C 393 37.17 14.36 2.99
C GLU C 393 36.17 13.33 2.47
N LEU C 394 35.70 12.45 3.35
CA LEU C 394 34.68 11.46 3.01
C LEU C 394 33.32 12.11 2.70
N ALA C 395 33.01 13.19 3.42
CA ALA C 395 31.77 13.94 3.18
C ALA C 395 31.78 14.60 1.80
N GLN C 396 32.92 15.20 1.44
CA GLN C 396 33.09 15.83 0.13
C GLN C 396 33.15 14.77 -0.99
N TYR C 397 33.70 13.60 -0.66
CA TYR C 397 33.80 12.48 -1.61
C TYR C 397 32.42 11.92 -1.99
N ARG C 398 31.56 11.72 -1.00
CA ARG C 398 30.24 11.13 -1.24
C ARG C 398 29.31 12.04 -2.06
N GLU C 399 29.59 13.34 -2.08
CA GLU C 399 28.86 14.27 -2.95
C GLU C 399 29.22 14.07 -4.41
N VAL C 400 30.52 13.87 -4.68
CA VAL C 400 31.02 13.64 -6.04
C VAL C 400 31.51 12.19 -6.15
N ALA C 401 30.60 11.24 -5.99
CA ALA C 401 30.92 9.81 -5.96
C ALA C 401 30.48 9.10 -7.23
N ALA C 402 29.22 9.29 -7.63
CA ALA C 402 28.65 8.58 -8.78
C ALA C 402 29.23 9.06 -10.11
N PHE C 403 30.38 8.50 -10.47
CA PHE C 403 31.05 8.81 -11.75
C PHE C 403 31.78 7.59 -12.29
N ALA C 404 32.84 7.16 -11.60
CA ALA C 404 33.64 6.01 -12.04
C ALA C 404 32.94 4.70 -11.70
N LEU C 410 37.88 14.99 -18.06
CA LEU C 410 37.47 15.19 -16.67
C LEU C 410 38.33 16.26 -15.98
N ASP C 411 37.85 16.73 -14.83
CA ASP C 411 38.56 17.75 -14.06
C ASP C 411 39.76 17.12 -13.34
N ALA C 412 40.96 17.62 -13.64
CA ALA C 412 42.20 17.09 -13.09
C ALA C 412 42.37 17.42 -11.60
N ALA C 413 41.78 18.53 -11.15
CA ALA C 413 41.88 18.96 -9.76
C ALA C 413 41.14 18.02 -8.81
N THR C 414 39.89 17.71 -9.15
CA THR C 414 39.06 16.81 -8.34
C THR C 414 39.23 15.33 -8.70
N GLN C 415 40.11 15.04 -9.66
CA GLN C 415 40.42 13.66 -10.04
C GLN C 415 41.02 12.87 -8.87
N GLN C 416 41.98 13.49 -8.19
CA GLN C 416 42.64 12.86 -7.04
C GLN C 416 41.78 12.83 -5.78
N LEU C 417 40.74 13.67 -5.74
CA LEU C 417 39.80 13.69 -4.61
C LEU C 417 38.98 12.40 -4.57
N LEU C 418 38.53 11.94 -5.74
CA LEU C 418 37.79 10.68 -5.84
C LEU C 418 38.63 9.47 -5.40
N SER C 419 39.94 9.56 -5.60
CA SER C 419 40.85 8.49 -5.17
C SER C 419 40.89 8.42 -3.64
N ARG C 420 41.19 9.55 -2.99
CA ARG C 420 41.26 9.62 -1.52
C ARG C 420 40.11 8.91 -0.82
N GLY C 421 38.89 9.16 -1.29
CA GLY C 421 37.69 8.53 -0.73
C GLY C 421 37.70 7.01 -0.83
N VAL C 422 38.12 6.51 -1.99
CA VAL C 422 38.23 5.06 -2.21
C VAL C 422 39.37 4.47 -1.36
N ARG C 423 40.46 5.24 -1.21
CA ARG C 423 41.59 4.80 -0.40
C ARG C 423 41.22 4.75 1.08
N LEU C 424 40.55 5.78 1.56
CA LEU C 424 40.11 5.85 2.96
C LEU C 424 39.04 4.82 3.30
N THR C 425 38.14 4.55 2.35
CA THR C 425 37.08 3.56 2.54
C THR C 425 37.63 2.15 2.71
N GLU C 426 38.74 1.85 2.04
CA GLU C 426 39.42 0.56 2.19
C GLU C 426 40.08 0.40 3.57
N LEU C 427 40.49 1.51 4.17
CA LEU C 427 41.04 1.49 5.53
C LEU C 427 39.96 1.21 6.58
N LEU C 428 38.72 1.60 6.29
CA LEU C 428 37.59 1.36 7.19
C LEU C 428 37.21 -0.12 7.29
N LYS C 429 37.63 -0.92 6.31
CA LYS C 429 37.49 -2.37 6.40
C LYS C 429 38.25 -2.90 7.61
N GLN C 430 37.71 -3.92 8.25
CA GLN C 430 38.31 -4.47 9.46
C GLN C 430 37.84 -5.91 9.69
N GLY C 431 38.81 -6.81 9.88
CA GLY C 431 38.50 -8.23 10.09
C GLY C 431 37.88 -8.48 11.46
N GLN C 432 37.21 -9.63 11.58
CA GLN C 432 36.50 -9.96 12.81
C GLN C 432 37.44 -10.36 13.95
N TYR C 433 36.99 -10.10 15.17
CA TYR C 433 37.70 -10.51 16.39
C TYR C 433 39.10 -9.92 16.50
N SER C 434 39.27 -8.70 15.99
CA SER C 434 40.56 -8.00 16.02
C SER C 434 40.35 -6.50 16.21
N PRO C 435 39.91 -6.10 17.43
CA PRO C 435 39.74 -4.68 17.73
C PRO C 435 41.07 -4.00 17.99
N MET C 436 41.26 -2.82 17.39
CA MET C 436 42.52 -2.09 17.47
C MET C 436 42.48 -1.07 18.60
N ALA C 437 43.67 -0.71 19.12
CA ALA C 437 43.78 0.30 20.17
C ALA C 437 43.59 1.69 19.57
N ILE C 438 43.28 2.66 20.43
CA ILE C 438 43.08 4.05 20.01
C ILE C 438 44.33 4.64 19.35
N GLU C 439 45.50 4.32 19.90
CA GLU C 439 46.77 4.79 19.33
C GLU C 439 47.10 4.12 17.99
N GLU C 440 46.69 2.87 17.83
CA GLU C 440 46.93 2.10 16.61
C GLU C 440 46.05 2.57 15.45
N GLN C 441 44.82 2.97 15.77
CA GLN C 441 43.88 3.47 14.77
C GLN C 441 44.34 4.79 14.14
N VAL C 442 45.02 5.61 14.92
CA VAL C 442 45.56 6.89 14.42
C VAL C 442 46.68 6.65 13.41
N ALA C 443 47.48 5.61 13.64
CA ALA C 443 48.61 5.28 12.77
C ALA C 443 48.17 4.85 11.37
N VAL C 444 47.15 4.00 11.30
CA VAL C 444 46.64 3.49 10.01
C VAL C 444 45.93 4.57 9.19
N ILE C 445 45.28 5.52 9.87
CA ILE C 445 44.61 6.64 9.21
C ILE C 445 45.63 7.67 8.71
N TYR C 446 46.71 7.83 9.46
CA TYR C 446 47.79 8.77 9.12
C TYR C 446 48.33 8.55 7.70
N ALA C 447 48.42 7.29 7.28
CA ALA C 447 48.91 6.96 5.94
C ALA C 447 47.98 7.45 4.85
N GLY C 448 46.68 7.19 5.02
CA GLY C 448 45.68 7.56 4.02
C GLY C 448 45.37 9.06 4.00
N VAL C 449 45.26 9.66 5.19
CA VAL C 449 44.88 11.07 5.31
C VAL C 449 45.93 12.04 4.77
N ARG C 450 47.21 11.69 4.94
CA ARG C 450 48.31 12.53 4.47
C ARG C 450 48.66 12.27 2.99
N GLY C 451 48.19 11.15 2.45
CA GLY C 451 48.31 10.86 1.03
C GLY C 451 49.49 9.99 0.66
N TYR C 452 49.65 8.87 1.38
CA TYR C 452 50.68 7.88 1.09
C TYR C 452 50.09 6.65 0.41
N LEU C 453 48.78 6.66 0.16
CA LEU C 453 48.09 5.58 -0.54
C LEU C 453 47.42 6.05 -1.84
N ASP C 454 47.69 7.29 -2.25
CA ASP C 454 47.05 7.88 -3.42
C ASP C 454 47.52 7.22 -4.71
N LYS C 455 48.84 7.04 -4.83
CA LYS C 455 49.43 6.37 -5.98
C LYS C 455 49.25 4.85 -5.92
N LEU C 456 49.07 4.32 -4.72
CA LEU C 456 48.86 2.88 -4.51
C LEU C 456 47.49 2.44 -4.98
N GLU C 457 47.38 1.20 -5.43
CA GLU C 457 46.14 0.66 -5.98
C GLU C 457 45.14 0.31 -4.87
N PRO C 458 43.83 0.59 -5.08
CA PRO C 458 42.78 0.31 -4.08
C PRO C 458 42.74 -1.12 -3.56
N SER C 459 43.01 -2.10 -4.41
CA SER C 459 42.91 -3.51 -4.04
C SER C 459 44.01 -3.97 -3.07
N LYS C 460 45.14 -3.25 -3.05
CA LYS C 460 46.29 -3.64 -2.24
C LYS C 460 46.33 -3.02 -0.83
N ILE C 461 45.32 -2.24 -0.47
CA ILE C 461 45.31 -1.52 0.81
C ILE C 461 45.06 -2.45 2.00
N THR C 462 44.25 -3.49 1.80
CA THR C 462 44.02 -4.49 2.85
C THR C 462 45.31 -5.23 3.19
N LYS C 463 46.08 -5.57 2.16
CA LYS C 463 47.40 -6.20 2.34
C LYS C 463 48.39 -5.21 2.94
N PHE C 464 48.30 -3.95 2.52
CA PHE C 464 49.16 -2.88 3.04
C PHE C 464 48.97 -2.70 4.54
N GLU C 465 47.73 -2.49 4.95
CA GLU C 465 47.40 -2.24 6.36
C GLU C 465 47.69 -3.44 7.25
N ASN C 466 47.50 -4.64 6.71
CA ASN C 466 47.80 -5.88 7.44
C ASN C 466 49.26 -5.93 7.89
N ALA C 467 50.17 -5.75 6.93
CA ALA C 467 51.60 -5.75 7.21
C ALA C 467 52.03 -4.52 7.99
N PHE C 468 51.44 -3.36 7.66
CA PHE C 468 51.77 -2.09 8.31
C PHE C 468 51.44 -2.09 9.80
N LEU C 469 50.28 -2.64 10.15
CA LEU C 469 49.83 -2.69 11.55
C LEU C 469 50.66 -3.68 12.36
N SER C 470 50.91 -4.85 11.79
CA SER C 470 51.72 -5.89 12.45
C SER C 470 53.17 -5.44 12.64
N HIS C 471 53.68 -4.68 11.67
CA HIS C 471 55.05 -4.15 11.74
C HIS C 471 55.20 -3.08 12.83
N VAL C 472 54.29 -2.11 12.83
CA VAL C 472 54.35 -1.00 13.79
C VAL C 472 54.22 -1.49 15.23
N ILE C 473 53.31 -2.43 15.46
CA ILE C 473 53.10 -2.99 16.79
C ILE C 473 54.31 -3.80 17.28
N SER C 474 54.97 -4.49 16.35
CA SER C 474 56.11 -5.34 16.68
C SER C 474 57.35 -4.54 17.11
N GLN C 475 57.78 -3.63 16.26
CA GLN C 475 59.03 -2.89 16.47
C GLN C 475 58.81 -1.50 17.08
N HIS C 476 57.93 -0.70 16.48
CA HIS C 476 57.72 0.68 16.90
C HIS C 476 56.68 0.77 18.03
N GLN C 477 57.05 0.26 19.19
CA GLN C 477 56.18 0.27 20.36
C GLN C 477 56.26 1.62 21.09
N ALA C 478 57.47 2.18 21.16
CA ALA C 478 57.71 3.45 21.83
C ALA C 478 56.96 4.61 21.17
N LEU C 479 56.79 4.55 19.85
CA LEU C 479 56.05 5.58 19.12
C LEU C 479 54.57 5.52 19.48
N LEU C 480 54.02 4.31 19.54
CA LEU C 480 52.64 4.11 19.99
C LEU C 480 52.48 4.52 21.45
N GLY C 481 53.49 4.20 22.26
CA GLY C 481 53.51 4.59 23.67
C GLY C 481 53.56 6.10 23.89
N LYS C 482 54.31 6.80 23.05
CA LYS C 482 54.45 8.26 23.15
C LYS C 482 53.14 8.97 22.80
N ILE C 483 52.39 8.41 21.85
CA ILE C 483 51.07 8.95 21.49
C ILE C 483 50.09 8.77 22.66
N ARG C 484 50.16 7.61 23.31
CA ARG C 484 49.33 7.35 24.49
C ARG C 484 49.76 8.19 25.69
N THR C 485 51.07 8.43 25.82
CA THR C 485 51.61 9.25 26.91
C THR C 485 51.21 10.71 26.74
N ASP C 486 51.53 11.29 25.58
CA ASP C 486 51.21 12.68 25.29
C ASP C 486 49.71 12.90 25.07
N GLY C 487 49.03 11.87 24.57
CA GLY C 487 47.61 11.95 24.27
C GLY C 487 47.32 12.74 22.99
N LYS C 488 48.30 12.82 22.11
CA LYS C 488 48.18 13.57 20.86
C LYS C 488 49.32 13.22 19.90
N ILE C 489 49.19 13.69 18.66
CA ILE C 489 50.25 13.53 17.66
C ILE C 489 51.20 14.73 17.77
N SER C 490 52.28 14.53 18.52
CA SER C 490 53.29 15.58 18.72
C SER C 490 54.12 15.80 17.45
N GLU C 491 54.84 16.92 17.42
CA GLU C 491 55.66 17.27 16.26
C GLU C 491 56.79 16.26 16.03
N GLU C 492 57.34 15.74 17.12
CA GLU C 492 58.37 14.71 17.05
C GLU C 492 57.79 13.38 16.54
N SER C 493 56.66 12.98 17.10
CA SER C 493 55.97 11.75 16.68
C SER C 493 55.45 11.84 15.25
N ASP C 494 55.03 13.05 14.84
CA ASP C 494 54.58 13.29 13.48
C ASP C 494 55.74 13.12 12.48
N ALA C 495 56.93 13.54 12.87
CA ALA C 495 58.13 13.41 12.04
C ALA C 495 58.58 11.96 11.87
N LYS C 496 58.42 11.16 12.93
CA LYS C 496 58.80 9.74 12.89
C LYS C 496 57.89 8.95 11.94
N LEU C 497 56.59 9.15 12.05
CA LEU C 497 55.61 8.49 11.16
C LEU C 497 55.83 8.87 9.70
N LYS C 498 56.19 10.13 9.46
CA LYS C 498 56.46 10.64 8.11
C LYS C 498 57.54 9.83 7.38
N GLU C 499 58.56 9.41 8.13
CA GLU C 499 59.67 8.65 7.55
C GLU C 499 59.39 7.15 7.50
N ILE C 500 58.54 6.65 8.40
CA ILE C 500 58.19 5.24 8.43
C ILE C 500 57.30 4.82 7.26
N VAL C 501 56.24 5.60 7.03
CA VAL C 501 55.29 5.28 5.94
C VAL C 501 55.90 5.41 4.55
N THR C 502 56.79 6.40 4.37
CA THR C 502 57.47 6.62 3.08
C THR C 502 58.40 5.46 2.74
N ASN C 503 59.18 5.03 3.73
CA ASN C 503 60.09 3.90 3.56
C ASN C 503 59.35 2.57 3.39
N PHE C 504 58.24 2.43 4.10
CA PHE C 504 57.38 1.24 3.99
C PHE C 504 56.71 1.17 2.62
N LEU C 505 56.20 2.31 2.15
CA LEU C 505 55.53 2.40 0.85
C LEU C 505 56.48 2.06 -0.29
N ALA C 506 57.71 2.58 -0.22
CA ALA C 506 58.73 2.29 -1.23
C ALA C 506 59.09 0.81 -1.25
N GLY C 507 59.18 0.20 -0.07
CA GLY C 507 59.44 -1.23 0.07
C GLY C 507 58.26 -2.08 -0.40
N PHE C 508 57.05 -1.58 -0.18
CA PHE C 508 55.83 -2.28 -0.57
C PHE C 508 55.68 -2.39 -2.09
N GLU C 509 55.87 -1.27 -2.79
CA GLU C 509 55.75 -1.24 -4.24
C GLU C 509 56.91 -1.95 -4.92
N ALA C 510 58.12 -1.46 -4.70
CA ALA C 510 59.34 -2.03 -5.28
C ALA C 510 59.93 -3.08 -4.35
N THR D 11 -13.35 11.03 51.01
CA THR D 11 -14.12 9.75 50.95
C THR D 11 -13.22 8.57 50.57
N THR D 12 -13.51 7.40 51.13
CA THR D 12 -12.71 6.20 50.91
C THR D 12 -13.10 5.52 49.60
N GLY D 13 -12.09 4.94 48.91
CA GLY D 13 -12.31 4.20 47.68
C GLY D 13 -11.27 3.10 47.52
N ARG D 14 -11.72 1.86 47.39
CA ARG D 14 -10.83 0.71 47.30
C ARG D 14 -10.57 0.30 45.85
N ILE D 15 -9.35 -0.16 45.59
CA ILE D 15 -8.96 -0.60 44.24
C ILE D 15 -9.53 -1.98 43.95
N VAL D 16 -10.18 -2.13 42.80
CA VAL D 16 -10.79 -3.40 42.40
C VAL D 16 -10.03 -4.13 41.28
N ALA D 17 -9.31 -3.37 40.45
CA ALA D 17 -8.55 -3.96 39.35
C ALA D 17 -7.37 -3.07 38.93
N VAL D 18 -6.31 -3.71 38.45
CA VAL D 18 -5.10 -3.03 38.00
C VAL D 18 -4.52 -3.74 36.78
N ILE D 19 -4.54 -3.08 35.62
CA ILE D 19 -3.97 -3.61 34.38
C ILE D 19 -3.13 -2.52 33.72
N GLY D 20 -1.81 -2.63 33.87
CA GLY D 20 -0.89 -1.65 33.30
C GLY D 20 -1.01 -0.30 34.02
N ALA D 21 -1.10 0.77 33.23
CA ALA D 21 -1.27 2.11 33.77
C ALA D 21 -2.69 2.37 34.27
N VAL D 22 -3.66 1.63 33.73
CA VAL D 22 -5.06 1.81 34.09
C VAL D 22 -5.37 1.12 35.42
N VAL D 23 -6.12 1.82 36.28
CA VAL D 23 -6.52 1.30 37.58
C VAL D 23 -8.01 1.60 37.83
N ASP D 24 -8.74 0.60 38.32
CA ASP D 24 -10.16 0.75 38.63
C ASP D 24 -10.37 0.84 40.14
N VAL D 25 -11.04 1.90 40.59
CA VAL D 25 -11.29 2.14 42.01
C VAL D 25 -12.81 2.19 42.27
N GLN D 26 -13.25 1.45 43.28
CA GLN D 26 -14.68 1.37 43.64
C GLN D 26 -14.94 2.15 44.93
N PHE D 27 -15.78 3.18 44.83
CA PHE D 27 -16.18 3.98 45.99
C PHE D 27 -17.50 3.46 46.55
N ASP D 28 -17.65 3.54 47.88
CA ASP D 28 -18.80 2.96 48.56
C ASP D 28 -20.04 3.86 48.44
N GLU D 29 -19.86 5.15 48.69
CA GLU D 29 -20.96 6.12 48.59
C GLU D 29 -20.56 7.37 47.80
N GLY D 30 -19.59 8.12 48.31
CA GLY D 30 -19.14 9.36 47.67
C GLY D 30 -18.31 9.09 46.43
N LEU D 31 -18.91 9.33 45.26
CA LEU D 31 -18.25 9.08 43.98
C LEU D 31 -17.61 10.36 43.43
N PRO D 32 -16.32 10.30 43.07
CA PRO D 32 -15.62 11.50 42.59
C PRO D 32 -15.91 11.83 41.14
N PRO D 33 -15.97 13.14 40.79
CA PRO D 33 -16.07 13.54 39.38
C PRO D 33 -14.87 13.17 38.53
N ILE D 34 -14.97 13.42 37.23
CA ILE D 34 -13.88 13.12 36.28
C ILE D 34 -12.84 14.25 36.39
N LEU D 35 -11.58 13.88 36.16
CA LEU D 35 -10.44 14.80 36.30
C LEU D 35 -10.23 15.22 37.77
N ASN D 36 -10.25 14.23 38.66
CA ASN D 36 -9.99 14.46 40.08
C ASN D 36 -8.78 13.66 40.56
N ALA D 37 -7.96 14.27 41.41
CA ALA D 37 -6.77 13.61 41.93
C ALA D 37 -7.11 12.67 43.08
N LEU D 38 -6.68 11.42 42.98
CA LEU D 38 -6.92 10.41 44.01
C LEU D 38 -5.60 10.00 44.66
N GLU D 39 -5.52 10.13 45.98
CA GLU D 39 -4.31 9.80 46.74
C GLU D 39 -4.33 8.34 47.18
N VAL D 40 -3.37 7.56 46.68
CA VAL D 40 -3.26 6.14 47.02
C VAL D 40 -2.47 5.99 48.32
N GLN D 41 -3.13 5.48 49.36
CA GLN D 41 -2.50 5.30 50.67
C GLN D 41 -1.68 4.02 50.70
N GLY D 42 -0.72 3.96 51.63
CA GLY D 42 0.15 2.80 51.78
C GLY D 42 1.19 2.68 50.68
N ARG D 43 1.82 3.81 50.36
CA ARG D 43 2.84 3.87 49.31
C ARG D 43 4.06 4.66 49.80
N GLU D 44 5.24 4.25 49.37
CA GLU D 44 6.48 4.92 49.76
C GLU D 44 6.58 6.28 49.09
N THR D 45 6.51 6.28 47.76
CA THR D 45 6.44 7.52 46.99
C THR D 45 4.98 7.85 46.68
N ARG D 46 4.70 9.12 46.40
CA ARG D 46 3.33 9.57 46.13
C ARG D 46 2.85 9.05 44.77
N LEU D 47 1.61 8.59 44.72
CA LEU D 47 1.02 8.04 43.51
C LEU D 47 -0.38 8.63 43.28
N VAL D 48 -0.47 9.63 42.40
CA VAL D 48 -1.73 10.28 42.08
C VAL D 48 -2.42 9.52 40.95
N LEU D 49 -3.73 9.33 41.09
CA LEU D 49 -4.56 8.71 40.05
C LEU D 49 -5.61 9.72 39.59
N GLU D 50 -5.73 9.89 38.28
CA GLU D 50 -6.73 10.80 37.71
C GLU D 50 -7.89 10.03 37.12
N VAL D 51 -9.11 10.44 37.45
CA VAL D 51 -10.32 9.79 36.95
C VAL D 51 -10.55 10.20 35.50
N ALA D 52 -10.78 9.21 34.64
CA ALA D 52 -11.09 9.46 33.22
C ALA D 52 -12.54 9.11 32.89
N GLN D 53 -13.02 7.98 33.39
CA GLN D 53 -14.36 7.48 33.08
C GLN D 53 -15.13 7.09 34.34
N HIS D 54 -16.45 6.96 34.18
CA HIS D 54 -17.32 6.38 35.21
C HIS D 54 -17.90 5.09 34.67
N LEU D 55 -17.39 3.96 35.17
CA LEU D 55 -17.80 2.64 34.66
C LEU D 55 -19.22 2.26 35.10
N GLY D 56 -19.67 2.81 36.22
CA GLY D 56 -20.98 2.48 36.77
C GLY D 56 -20.86 1.62 38.01
N GLU D 57 -21.98 1.40 38.69
CA GLU D 57 -22.01 0.62 39.94
C GLU D 57 -21.07 1.21 40.99
N SER D 58 -21.09 2.53 41.12
CA SER D 58 -20.19 3.28 42.01
C SER D 58 -18.72 2.86 41.84
N THR D 59 -18.28 2.79 40.59
CA THR D 59 -16.90 2.43 40.26
C THR D 59 -16.39 3.35 39.15
N VAL D 60 -15.10 3.70 39.22
CA VAL D 60 -14.49 4.61 38.25
C VAL D 60 -13.16 4.08 37.75
N ARG D 61 -12.83 4.42 36.51
CA ARG D 61 -11.57 4.02 35.88
C ARG D 61 -10.61 5.20 35.89
N THR D 62 -9.35 4.94 36.28
CA THR D 62 -8.35 6.00 36.44
C THR D 62 -7.07 5.69 35.65
N ILE D 63 -6.18 6.68 35.59
CA ILE D 63 -4.88 6.54 34.94
C ILE D 63 -3.76 6.95 35.90
N ALA D 64 -2.76 6.10 36.04
CA ALA D 64 -1.69 6.31 37.02
C ALA D 64 -0.64 7.30 36.52
N MET D 65 -0.20 8.18 37.41
CA MET D 65 0.84 9.17 37.10
C MET D 65 2.25 8.63 37.39
N ASP D 66 2.33 7.40 37.90
CA ASP D 66 3.61 6.73 38.12
C ASP D 66 3.43 5.22 38.04
N GLY D 67 4.50 4.46 38.22
CA GLY D 67 4.47 3.01 38.16
C GLY D 67 3.39 2.40 39.05
N THR D 68 2.66 1.43 38.50
CA THR D 68 1.56 0.78 39.22
C THR D 68 1.97 -0.52 39.91
N GLU D 69 3.25 -0.87 39.81
CA GLU D 69 3.78 -2.05 40.52
C GLU D 69 3.64 -1.88 42.03
N GLY D 70 3.28 -2.97 42.72
CA GLY D 70 3.10 -2.96 44.17
C GLY D 70 1.66 -2.81 44.63
N LEU D 71 0.79 -2.31 43.75
CA LEU D 71 -0.62 -2.07 44.09
C LEU D 71 -1.38 -3.38 44.31
N VAL D 72 -2.22 -3.39 45.34
CA VAL D 72 -2.99 -4.58 45.72
C VAL D 72 -4.48 -4.30 45.59
N ARG D 73 -5.26 -5.34 45.29
CA ARG D 73 -6.71 -5.23 45.24
C ARG D 73 -7.26 -5.08 46.66
N GLY D 74 -8.00 -4.00 46.89
CA GLY D 74 -8.52 -3.67 48.22
C GLY D 74 -7.73 -2.57 48.92
N GLN D 75 -6.71 -2.04 48.24
CA GLN D 75 -5.89 -0.96 48.79
C GLN D 75 -6.69 0.34 48.80
N LYS D 76 -6.59 1.08 49.91
CA LYS D 76 -7.41 2.27 50.13
C LYS D 76 -6.91 3.46 49.31
N VAL D 77 -7.84 4.24 48.77
CA VAL D 77 -7.53 5.43 47.98
C VAL D 77 -8.51 6.55 48.37
N LEU D 78 -7.97 7.71 48.74
CA LEU D 78 -8.80 8.83 49.20
C LEU D 78 -8.99 9.87 48.10
N ASP D 79 -10.19 10.44 48.04
CA ASP D 79 -10.53 11.49 47.09
C ASP D 79 -10.06 12.84 47.63
N SER D 80 -9.26 13.55 46.86
CA SER D 80 -8.75 14.86 47.25
C SER D 80 -9.84 15.94 47.26
N GLY D 81 -10.86 15.75 46.43
CA GLY D 81 -11.97 16.69 46.31
C GLY D 81 -11.74 17.75 45.24
N ALA D 82 -10.68 17.55 44.44
CA ALA D 82 -10.32 18.51 43.38
C ALA D 82 -9.36 17.85 42.40
N PRO D 83 -9.12 18.49 41.24
CA PRO D 83 -8.13 17.95 40.28
C PRO D 83 -6.69 17.99 40.80
N ILE D 84 -5.74 17.69 39.91
CA ILE D 84 -4.32 17.78 40.25
C ILE D 84 -3.93 19.25 40.36
N ARG D 85 -3.77 19.73 41.59
CA ARG D 85 -3.41 21.12 41.86
C ARG D 85 -1.92 21.24 42.12
N ILE D 86 -1.29 22.25 41.50
CA ILE D 86 0.16 22.42 41.56
C ILE D 86 0.55 23.80 42.11
N PRO D 87 1.80 23.93 42.60
CA PRO D 87 2.32 25.24 43.00
C PRO D 87 2.40 26.21 41.83
N VAL D 88 2.00 27.46 42.07
CA VAL D 88 2.08 28.52 41.06
C VAL D 88 2.49 29.84 41.70
N GLY D 89 3.36 30.58 41.01
CA GLY D 89 3.90 31.84 41.53
C GLY D 89 5.36 32.02 41.17
N PRO D 90 6.04 33.00 41.80
CA PRO D 90 7.47 33.21 41.58
C PRO D 90 8.38 32.15 42.24
N GLU D 91 7.83 31.33 43.13
CA GLU D 91 8.60 30.28 43.80
C GLU D 91 8.95 29.14 42.86
N THR D 92 8.14 28.96 41.80
CA THR D 92 8.38 27.91 40.80
C THR D 92 9.54 28.23 39.86
N LEU D 93 9.94 29.50 39.81
CA LEU D 93 11.04 29.94 38.94
C LEU D 93 12.36 29.34 39.39
N GLY D 94 13.11 28.79 38.43
CA GLY D 94 14.40 28.15 38.72
C GLY D 94 14.27 26.86 39.52
N ARG D 95 13.15 26.15 39.34
CA ARG D 95 12.88 24.91 40.07
C ARG D 95 12.22 23.89 39.14
N ILE D 96 12.65 22.64 39.25
CA ILE D 96 12.07 21.53 38.48
C ILE D 96 10.98 20.85 39.31
N MET D 97 9.93 20.36 38.64
CA MET D 97 8.81 19.73 39.33
C MET D 97 8.19 18.59 38.51
N ASN D 98 7.46 17.72 39.21
CA ASN D 98 6.76 16.59 38.59
C ASN D 98 5.49 17.05 37.87
N VAL D 99 4.85 16.09 37.20
CA VAL D 99 3.52 16.29 36.62
C VAL D 99 2.47 16.56 37.72
N ILE D 100 2.65 15.95 38.88
CA ILE D 100 1.71 16.09 40.00
C ILE D 100 1.93 17.36 40.84
N GLY D 101 3.13 17.92 40.77
CA GLY D 101 3.43 19.20 41.41
C GLY D 101 4.63 19.21 42.36
N GLU D 102 5.05 18.03 42.79
CA GLU D 102 6.16 17.91 43.75
C GLU D 102 7.50 18.23 43.09
N PRO D 103 8.45 18.78 43.88
CA PRO D 103 9.76 19.11 43.34
C PRO D 103 10.66 17.89 43.18
N ILE D 104 11.51 17.91 42.16
CA ILE D 104 12.49 16.83 41.93
C ILE D 104 13.85 17.39 41.51
N ASP D 105 14.29 18.44 42.19
CA ASP D 105 15.64 18.98 42.02
C ASP D 105 16.42 18.97 43.33
N GLU D 106 15.89 18.27 44.33
CA GLU D 106 16.50 18.17 45.66
C GLU D 106 16.81 19.54 46.28
N ARG D 107 15.81 20.42 46.26
CA ARG D 107 15.93 21.76 46.83
C ARG D 107 14.74 22.12 47.71
N GLY D 108 14.32 21.16 48.54
CA GLY D 108 13.24 21.37 49.50
C GLY D 108 11.87 21.56 48.86
N PRO D 109 10.85 21.85 49.68
CA PRO D 109 9.50 22.11 49.15
C PRO D 109 9.38 23.47 48.45
N ILE D 110 8.46 23.55 47.50
CA ILE D 110 8.16 24.81 46.81
C ILE D 110 6.99 25.48 47.52
N LYS D 111 7.30 26.33 48.50
CA LYS D 111 6.29 26.96 49.34
C LYS D 111 5.59 28.13 48.64
N THR D 112 4.57 27.81 47.83
CA THR D 112 3.75 28.82 47.18
C THR D 112 2.56 29.18 48.06
N LYS D 113 2.11 30.42 47.95
CA LYS D 113 0.97 30.92 48.72
C LYS D 113 -0.37 30.61 48.04
N GLN D 114 -0.33 30.28 46.75
CA GLN D 114 -1.53 29.96 45.98
C GLN D 114 -1.28 28.80 45.01
N PHE D 115 -2.30 27.96 44.83
CA PHE D 115 -2.23 26.79 43.95
C PHE D 115 -3.14 26.98 42.74
N ALA D 116 -3.04 26.06 41.79
CA ALA D 116 -3.87 26.10 40.58
C ALA D 116 -4.02 24.70 39.98
N ALA D 117 -5.22 24.36 39.53
CA ALA D 117 -5.50 23.06 38.94
C ALA D 117 -5.02 23.00 37.49
N ILE D 118 -4.49 21.84 37.09
CA ILE D 118 -3.97 21.65 35.73
C ILE D 118 -5.08 21.59 34.67
N HIS D 119 -6.31 21.25 35.08
CA HIS D 119 -7.46 21.24 34.18
C HIS D 119 -8.31 22.49 34.37
N ALA D 120 -8.62 23.17 33.25
CA ALA D 120 -9.43 24.38 33.28
C ALA D 120 -10.01 24.67 31.90
N GLU D 121 -11.12 25.39 31.87
CA GLU D 121 -11.79 25.74 30.62
C GLU D 121 -10.97 26.77 29.86
N ALA D 122 -10.87 26.60 28.54
CA ALA D 122 -10.06 27.48 27.70
C ALA D 122 -10.70 28.86 27.56
N PRO D 123 -9.90 29.89 27.21
CA PRO D 123 -10.44 31.23 27.00
C PRO D 123 -11.48 31.28 25.87
N GLU D 124 -12.56 32.02 26.09
CA GLU D 124 -13.67 32.08 25.14
C GLU D 124 -13.32 32.93 23.91
N PHE D 125 -14.22 32.92 22.93
CA PHE D 125 -14.05 33.67 21.68
C PHE D 125 -13.89 35.19 21.92
N VAL D 126 -14.64 35.71 22.89
CA VAL D 126 -14.59 37.14 23.24
C VAL D 126 -13.23 37.56 23.82
N GLU D 127 -12.53 36.63 24.46
CA GLU D 127 -11.23 36.91 25.08
C GLU D 127 -10.06 36.90 24.09
N MET D 128 -10.31 36.50 22.84
CA MET D 128 -9.26 36.40 21.84
C MET D 128 -8.85 37.76 21.29
N SER D 129 -7.54 37.94 21.10
CA SER D 129 -6.98 39.18 20.56
C SER D 129 -6.50 38.93 19.13
N VAL D 130 -6.36 40.02 18.36
CA VAL D 130 -5.90 39.95 16.97
C VAL D 130 -4.79 40.97 16.71
N GLU D 131 -3.93 41.17 17.70
CA GLU D 131 -2.81 42.10 17.58
C GLU D 131 -1.57 41.38 17.05
N GLN D 132 -1.43 41.36 15.73
CA GLN D 132 -0.30 40.71 15.08
C GLN D 132 0.92 41.65 15.06
N GLU D 133 2.03 41.16 15.58
CA GLU D 133 3.29 41.92 15.62
C GLU D 133 4.46 40.96 15.42
N ILE D 134 5.42 41.35 14.58
CA ILE D 134 6.58 40.51 14.28
C ILE D 134 7.53 40.41 15.47
N LEU D 135 8.11 39.22 15.65
CA LEU D 135 9.08 38.96 16.72
C LEU D 135 10.41 38.56 16.08
N VAL D 136 11.43 39.41 16.26
CA VAL D 136 12.74 39.18 15.67
C VAL D 136 13.57 38.25 16.55
N THR D 137 13.86 37.05 16.04
CA THR D 137 14.63 36.05 16.77
C THR D 137 16.13 36.22 16.55
N GLY D 138 16.53 36.26 15.29
CA GLY D 138 17.94 36.30 14.91
C GLY D 138 18.29 35.37 13.76
N ILE D 139 17.48 34.34 13.55
CA ILE D 139 17.72 33.36 12.49
C ILE D 139 17.19 33.91 11.16
N LYS D 140 17.97 33.74 10.10
CA LYS D 140 17.66 34.33 8.79
C LYS D 140 16.49 33.63 8.10
N VAL D 141 16.56 32.31 7.99
CA VAL D 141 15.49 31.51 7.35
C VAL D 141 14.14 31.67 8.04
N VAL D 142 14.16 31.88 9.35
CA VAL D 142 12.94 32.11 10.13
C VAL D 142 12.41 33.52 9.89
N ASP D 143 13.21 34.53 10.20
CA ASP D 143 12.77 35.93 10.13
C ASP D 143 12.42 36.40 8.72
N LEU D 144 12.97 35.74 7.69
CA LEU D 144 12.68 36.10 6.30
C LEU D 144 11.36 35.48 5.80
N LEU D 145 11.29 34.14 5.85
CA LEU D 145 10.21 33.41 5.19
C LEU D 145 8.98 33.21 6.08
N ALA D 146 9.19 32.72 7.30
CA ALA D 146 8.11 32.43 8.24
C ALA D 146 8.40 33.04 9.61
N PRO D 147 8.39 34.37 9.70
CA PRO D 147 8.72 35.05 10.96
C PRO D 147 7.68 34.81 12.04
N TYR D 148 8.12 34.68 13.29
CA TYR D 148 7.22 34.40 14.40
C TYR D 148 6.44 35.63 14.83
N ALA D 149 5.27 35.39 15.43
CA ALA D 149 4.42 36.47 15.91
C ALA D 149 4.63 36.68 17.41
N LYS D 150 4.79 37.93 17.82
CA LYS D 150 4.90 38.29 19.22
C LYS D 150 3.54 38.10 19.88
N GLY D 151 3.46 37.10 20.76
CA GLY D 151 2.18 36.69 21.33
C GLY D 151 1.43 35.83 20.36
N GLY D 152 2.08 34.75 19.91
CA GLY D 152 1.50 33.82 18.94
C GLY D 152 1.90 32.39 19.24
N LYS D 153 1.42 31.47 18.41
CA LYS D 153 1.68 30.05 18.58
C LYS D 153 2.63 29.53 17.50
N ILE D 154 3.83 29.16 17.93
CA ILE D 154 4.91 28.75 17.03
C ILE D 154 5.09 27.23 17.07
N GLY D 155 5.27 26.62 15.90
CA GLY D 155 5.45 25.18 15.79
C GLY D 155 6.75 24.81 15.10
N LEU D 156 7.42 23.77 15.62
CA LEU D 156 8.69 23.29 15.08
C LEU D 156 8.58 21.81 14.70
N PHE D 157 8.07 21.55 13.50
CA PHE D 157 7.89 20.20 13.00
C PHE D 157 9.23 19.63 12.53
N GLY D 158 9.48 18.37 12.83
CA GLY D 158 10.70 17.70 12.39
C GLY D 158 10.72 16.21 12.68
N GLY D 159 11.42 15.47 11.83
CA GLY D 159 11.55 14.01 12.00
C GLY D 159 12.58 13.64 13.06
N ALA D 160 13.02 12.39 13.02
CA ALA D 160 13.97 11.88 14.01
C ALA D 160 15.39 12.38 13.75
N GLY D 161 15.83 13.35 14.56
CA GLY D 161 17.19 13.87 14.47
C GLY D 161 17.42 14.83 13.32
N VAL D 162 16.48 15.73 13.10
CA VAL D 162 16.61 16.76 12.06
C VAL D 162 16.95 18.14 12.63
N GLY D 163 17.05 18.24 13.95
CA GLY D 163 17.41 19.48 14.62
C GLY D 163 16.24 20.24 15.21
N LYS D 164 15.38 19.53 15.94
CA LYS D 164 14.28 20.16 16.67
C LYS D 164 14.77 20.71 18.01
N THR D 165 15.49 19.88 18.76
CA THR D 165 16.00 20.24 20.08
C THR D 165 17.05 21.36 19.98
N VAL D 166 17.94 21.27 18.99
CA VAL D 166 18.95 22.30 18.77
C VAL D 166 18.29 23.63 18.39
N LEU D 167 17.22 23.56 17.60
CA LEU D 167 16.50 24.76 17.15
C LEU D 167 15.77 25.46 18.29
N ILE D 168 15.03 24.70 19.10
CA ILE D 168 14.27 25.27 20.22
C ILE D 168 15.17 25.79 21.34
N MET D 169 16.28 25.08 21.58
CA MET D 169 17.24 25.47 22.63
C MET D 169 18.00 26.75 22.24
N GLU D 170 18.12 27.01 20.94
CA GLU D 170 18.70 28.27 20.45
C GLU D 170 17.75 29.44 20.71
N LEU D 171 16.46 29.22 20.46
CA LEU D 171 15.45 30.26 20.69
C LEU D 171 15.34 30.64 22.17
N ILE D 172 15.56 29.67 23.06
CA ILE D 172 15.60 29.93 24.50
C ILE D 172 16.81 30.81 24.82
N ASN D 173 17.95 30.47 24.24
CA ASN D 173 19.19 31.22 24.45
C ASN D 173 19.14 32.64 23.88
N ASN D 174 18.44 32.80 22.76
CA ASN D 174 18.38 34.10 22.07
C ASN D 174 17.25 35.01 22.56
N VAL D 175 16.05 34.46 22.64
CA VAL D 175 14.85 35.27 22.92
C VAL D 175 14.68 35.59 24.41
N ALA D 176 14.92 34.60 25.27
CA ALA D 176 14.71 34.75 26.71
C ALA D 176 15.59 35.82 27.35
N LYS D 177 16.81 35.97 26.84
CA LYS D 177 17.74 37.00 27.32
C LYS D 177 17.21 38.41 27.02
N ALA D 178 16.83 38.62 25.76
CA ALA D 178 16.25 39.90 25.33
C ALA D 178 14.87 40.14 25.93
N HIS D 179 14.13 39.05 26.15
CA HIS D 179 12.80 39.12 26.77
C HIS D 179 12.89 39.59 28.22
N GLY D 180 12.24 40.72 28.50
CA GLY D 180 12.19 41.27 29.85
C GLY D 180 10.98 40.74 30.61
N GLY D 181 11.04 39.46 30.97
CA GLY D 181 9.94 38.82 31.69
C GLY D 181 10.32 37.45 32.21
N TYR D 182 9.45 36.47 31.98
CA TYR D 182 9.66 35.10 32.44
C TYR D 182 9.55 34.10 31.30
N SER D 183 9.93 32.85 31.57
CA SER D 183 9.86 31.76 30.59
C SER D 183 9.52 30.44 31.26
N VAL D 184 9.03 29.48 30.48
CA VAL D 184 8.69 28.15 30.97
C VAL D 184 9.12 27.09 29.96
N PHE D 185 9.69 26.00 30.47
CA PHE D 185 10.10 24.87 29.64
C PHE D 185 9.44 23.58 30.13
N ALA D 186 9.04 22.74 29.17
CA ALA D 186 8.34 21.49 29.47
C ALA D 186 9.01 20.31 28.78
N GLY D 187 9.60 19.42 29.58
CA GLY D 187 10.23 18.20 29.05
C GLY D 187 9.23 17.07 28.96
N VAL D 188 8.43 17.09 27.89
CA VAL D 188 7.35 16.12 27.71
C VAL D 188 7.82 14.90 26.90
N GLY D 189 8.10 13.81 27.61
CA GLY D 189 8.40 12.52 26.98
C GLY D 189 9.64 12.47 26.10
N GLU D 190 10.66 13.24 26.45
CA GLU D 190 11.91 13.28 25.70
C GLU D 190 13.06 12.77 26.57
N ARG D 191 14.29 12.90 26.09
CA ARG D 191 15.47 12.36 26.78
C ARG D 191 15.76 13.14 28.06
N THR D 192 16.03 12.41 29.15
CA THR D 192 16.41 13.01 30.42
C THR D 192 17.83 13.57 30.36
N ARG D 193 18.65 13.03 29.47
CA ARG D 193 19.97 13.57 29.16
C ARG D 193 19.87 15.04 28.73
N GLU D 194 18.87 15.34 27.90
CA GLU D 194 18.63 16.71 27.45
C GLU D 194 18.20 17.61 28.61
N GLY D 195 17.40 17.06 29.52
CA GLY D 195 16.99 17.75 30.74
C GLY D 195 18.16 18.07 31.65
N ASN D 196 19.13 17.16 31.69
CA ASN D 196 20.38 17.39 32.43
C ASN D 196 21.24 18.48 31.78
N ASP D 197 21.33 18.45 30.46
CA ASP D 197 22.13 19.43 29.71
C ASP D 197 21.55 20.85 29.78
N LEU D 198 20.23 20.96 29.82
CA LEU D 198 19.56 22.26 29.87
C LEU D 198 19.64 22.91 31.26
N TYR D 199 19.44 22.10 32.31
CA TYR D 199 19.43 22.62 33.68
C TYR D 199 20.77 23.24 34.08
N HIS D 200 21.87 22.61 33.67
CA HIS D 200 23.21 23.09 34.02
C HIS D 200 23.64 24.34 33.23
N GLU D 201 23.34 24.35 31.94
CA GLU D 201 23.76 25.48 31.08
C GLU D 201 22.99 26.77 31.37
N MET D 202 21.76 26.65 31.88
CA MET D 202 20.97 27.82 32.28
C MET D 202 21.50 28.47 33.56
N ILE D 203 22.18 27.69 34.39
CA ILE D 203 22.87 28.22 35.57
C ILE D 203 24.12 28.99 35.13
N GLU D 204 24.81 28.46 34.12
CA GLU D 204 26.01 29.10 33.59
C GLU D 204 25.70 30.44 32.91
N SER D 205 24.63 30.48 32.12
CA SER D 205 24.21 31.71 31.45
C SER D 205 23.65 32.74 32.44
N GLY D 206 23.08 32.26 33.54
CA GLY D 206 22.59 33.13 34.61
C GLY D 206 21.10 33.42 34.57
N VAL D 207 20.36 32.69 33.75
CA VAL D 207 18.89 32.86 33.67
C VAL D 207 18.20 32.24 34.89
N ILE D 208 18.84 31.23 35.50
CA ILE D 208 18.38 30.65 36.76
C ILE D 208 19.49 30.77 37.80
N ASN D 209 19.29 31.67 38.76
CA ASN D 209 20.27 31.91 39.82
C ASN D 209 19.97 31.03 41.03
N LEU D 210 21.02 30.61 41.72
CA LEU D 210 20.91 29.66 42.84
C LEU D 210 20.80 30.37 44.19
N LYS D 211 21.81 31.16 44.53
CA LYS D 211 21.92 31.76 45.87
C LYS D 211 20.88 32.86 46.15
N ASP D 212 20.36 33.49 45.08
CA ASP D 212 19.34 34.52 45.22
C ASP D 212 18.18 34.31 44.24
N ALA D 213 17.02 34.87 44.57
CA ALA D 213 15.81 34.70 43.77
C ALA D 213 15.76 35.73 42.65
N THR D 214 16.50 35.47 41.57
CA THR D 214 16.47 36.28 40.36
C THR D 214 16.35 35.38 39.12
N SER D 215 15.56 34.32 39.25
CA SER D 215 15.41 33.33 38.19
C SER D 215 14.36 33.78 37.19
N LYS D 216 14.69 33.66 35.91
CA LYS D 216 13.79 34.04 34.81
C LYS D 216 12.96 32.85 34.34
N VAL D 217 13.61 31.69 34.20
CA VAL D 217 12.99 30.50 33.62
C VAL D 217 12.44 29.55 34.69
N ALA D 218 11.29 28.95 34.40
CA ALA D 218 10.71 27.89 35.23
C ALA D 218 10.85 26.56 34.50
N LEU D 219 10.78 25.45 35.25
CA LEU D 219 11.00 24.12 34.68
C LEU D 219 9.94 23.10 35.13
N VAL D 220 9.43 22.35 34.16
CA VAL D 220 8.55 21.21 34.41
C VAL D 220 9.07 20.03 33.58
N TYR D 221 9.04 18.83 34.15
CA TYR D 221 9.60 17.66 33.49
C TYR D 221 8.80 16.37 33.71
N GLY D 222 8.75 15.55 32.66
CA GLY D 222 8.14 14.23 32.71
C GLY D 222 8.62 13.45 31.50
N GLN D 223 9.85 12.93 31.59
CA GLN D 223 10.57 12.39 30.44
C GLN D 223 10.09 10.99 30.05
N MET D 224 10.69 10.43 28.99
CA MET D 224 10.27 9.13 28.45
C MET D 224 10.56 7.92 29.36
N ASN D 225 11.19 8.15 30.51
CA ASN D 225 11.25 7.12 31.57
C ASN D 225 9.95 7.01 32.36
N GLU D 226 9.08 8.03 32.26
CA GLU D 226 7.79 8.04 32.95
C GLU D 226 6.76 7.20 32.19
N PRO D 227 5.65 6.81 32.88
CA PRO D 227 4.56 6.08 32.21
C PRO D 227 3.74 6.97 31.28
N PRO D 228 2.73 6.39 30.58
CA PRO D 228 1.88 7.19 29.69
C PRO D 228 1.06 8.25 30.42
N GLY D 229 0.37 7.84 31.49
CA GLY D 229 -0.47 8.76 32.27
C GLY D 229 0.25 10.00 32.74
N ALA D 230 1.53 9.84 33.08
CA ALA D 230 2.38 10.97 33.46
C ALA D 230 2.62 11.87 32.25
N ARG D 231 3.17 11.28 31.18
CA ARG D 231 3.53 12.03 29.96
C ARG D 231 2.34 12.68 29.26
N ALA D 232 1.15 12.12 29.45
CA ALA D 232 -0.07 12.68 28.87
C ALA D 232 -0.56 13.94 29.58
N ARG D 233 -0.05 14.22 30.77
CA ARG D 233 -0.51 15.36 31.58
C ARG D 233 0.59 16.39 31.90
N VAL D 234 1.79 16.22 31.34
CA VAL D 234 2.89 17.13 31.61
C VAL D 234 2.70 18.47 30.90
N ALA D 235 2.26 18.41 29.64
CA ALA D 235 1.96 19.61 28.86
C ALA D 235 0.91 20.47 29.55
N LEU D 236 -0.09 19.82 30.13
CA LEU D 236 -1.13 20.51 30.91
C LEU D 236 -0.56 21.11 32.19
N THR D 237 0.33 20.37 32.86
CA THR D 237 1.03 20.87 34.04
C THR D 237 1.95 22.04 33.68
N GLY D 238 2.59 21.95 32.51
CA GLY D 238 3.50 22.98 32.03
C GLY D 238 2.80 24.28 31.65
N LEU D 239 1.74 24.17 30.87
CA LEU D 239 1.00 25.35 30.41
C LEU D 239 0.22 26.04 31.54
N THR D 240 -0.15 25.26 32.56
CA THR D 240 -0.86 25.80 33.73
C THR D 240 0.01 26.80 34.51
N VAL D 241 1.33 26.59 34.49
CA VAL D 241 2.25 27.55 35.08
C VAL D 241 2.25 28.84 34.26
N ALA D 242 2.27 28.71 32.93
CA ALA D 242 2.23 29.86 32.03
C ALA D 242 0.92 30.65 32.13
N GLU D 243 -0.17 29.96 32.47
CA GLU D 243 -1.46 30.61 32.70
C GLU D 243 -1.43 31.56 33.89
N TYR D 244 -0.68 31.19 34.93
CA TYR D 244 -0.53 32.03 36.12
C TYR D 244 0.26 33.30 35.80
N PHE D 245 1.33 33.15 35.03
CA PHE D 245 2.16 34.28 34.62
C PHE D 245 1.48 35.15 33.55
N ARG D 246 0.44 34.59 32.92
CA ARG D 246 -0.41 35.35 31.99
C ARG D 246 -1.53 36.08 32.74
N ASP D 247 -2.31 35.34 33.51
CA ASP D 247 -3.53 35.86 34.14
C ASP D 247 -3.23 36.80 35.32
N GLN D 248 -2.68 36.26 36.40
CA GLN D 248 -2.48 37.01 37.64
C GLN D 248 -1.56 38.20 37.46
N GLU D 249 -0.38 37.95 36.90
CA GLU D 249 0.59 39.00 36.60
C GLU D 249 0.39 39.48 35.17
N GLY D 250 0.02 40.76 35.01
CA GLY D 250 -0.21 41.34 33.69
C GLY D 250 1.09 41.57 32.93
N GLN D 251 1.70 40.47 32.47
CA GLN D 251 2.98 40.52 31.77
C GLN D 251 3.02 39.44 30.70
N ASP D 252 4.02 39.53 29.82
CA ASP D 252 4.24 38.54 28.77
C ASP D 252 4.91 37.29 29.34
N VAL D 253 4.91 36.22 28.56
CA VAL D 253 5.50 34.95 29.01
C VAL D 253 5.80 34.03 27.82
N LEU D 254 6.90 33.28 27.91
CA LEU D 254 7.30 32.31 26.90
C LEU D 254 7.01 30.90 27.40
N LEU D 255 6.51 30.04 26.51
CA LEU D 255 6.16 28.67 26.86
C LEU D 255 6.78 27.69 25.86
N PHE D 256 7.98 27.21 26.18
CA PHE D 256 8.68 26.24 25.35
C PHE D 256 8.23 24.82 25.71
N ILE D 257 7.99 24.00 24.69
CA ILE D 257 7.57 22.61 24.91
C ILE D 257 8.38 21.68 24.02
N ASP D 258 8.82 20.56 24.58
CA ASP D 258 9.56 19.54 23.83
C ASP D 258 9.45 18.19 24.55
N ASN D 259 8.72 17.22 24.00
CA ASN D 259 8.04 17.30 22.70
C ASN D 259 6.54 17.10 22.87
N ILE D 260 5.75 17.90 22.16
CA ILE D 260 4.29 17.92 22.33
C ILE D 260 3.59 16.72 21.65
N PHE D 261 4.30 16.03 20.75
CA PHE D 261 3.79 14.79 20.15
C PHE D 261 3.53 13.71 21.20
N ARG D 262 4.32 13.70 22.26
CA ARG D 262 4.25 12.67 23.29
C ARG D 262 2.96 12.77 24.13
N PHE D 263 2.30 13.93 24.09
CA PHE D 263 0.97 14.09 24.67
C PHE D 263 -0.03 13.19 23.95
N THR D 264 -0.07 13.30 22.63
CA THR D 264 -0.99 12.51 21.79
C THR D 264 -0.60 11.03 21.75
N GLN D 265 0.71 10.76 21.79
CA GLN D 265 1.21 9.37 21.84
C GLN D 265 0.77 8.69 23.13
N ALA D 266 1.04 9.35 24.25
CA ALA D 266 0.72 8.79 25.58
C ALA D 266 -0.76 8.45 25.75
N GLY D 267 -1.62 9.22 25.12
CA GLY D 267 -3.06 8.94 25.12
C GLY D 267 -3.42 7.64 24.44
N SER D 268 -2.76 7.37 23.31
CA SER D 268 -3.01 6.14 22.54
C SER D 268 -2.47 4.88 23.24
N GLU D 269 -1.50 5.06 24.14
CA GLU D 269 -0.95 3.94 24.91
C GLU D 269 -1.94 3.38 25.94
N VAL D 270 -2.89 4.21 26.36
CA VAL D 270 -3.93 3.80 27.32
C VAL D 270 -5.35 3.82 26.73
N SER D 271 -5.46 4.07 25.43
CA SER D 271 -6.76 4.13 24.76
C SER D 271 -7.44 2.76 24.72
N ALA D 272 -6.65 1.73 24.42
CA ALA D 272 -7.15 0.35 24.37
C ALA D 272 -7.64 -0.12 25.74
N LEU D 273 -6.88 0.20 26.79
CA LEU D 273 -7.20 -0.23 28.14
C LEU D 273 -8.39 0.55 28.75
N LEU D 274 -8.62 1.77 28.27
CA LEU D 274 -9.77 2.57 28.69
C LEU D 274 -11.10 2.09 28.08
N GLY D 275 -11.01 1.28 27.03
CA GLY D 275 -12.20 0.69 26.39
C GLY D 275 -12.66 1.50 25.19
N ARG D 276 -11.72 1.75 24.28
CA ARG D 276 -12.00 2.54 23.08
C ARG D 276 -11.60 1.76 21.82
N ILE D 277 -12.41 1.90 20.78
CA ILE D 277 -12.10 1.31 19.47
C ILE D 277 -11.02 2.18 18.82
N PRO D 278 -9.90 1.59 18.41
CA PRO D 278 -8.79 2.38 17.90
C PRO D 278 -9.09 3.05 16.55
N SER D 279 -8.53 4.25 16.36
CA SER D 279 -8.72 5.02 15.13
C SER D 279 -7.65 4.65 14.10
N ALA D 280 -7.54 5.45 13.04
CA ALA D 280 -6.58 5.19 11.96
C ALA D 280 -5.14 5.41 12.43
N VAL D 281 -4.24 4.57 11.92
CA VAL D 281 -2.81 4.62 12.24
C VAL D 281 -2.56 4.44 13.75
N GLY D 282 -3.36 3.58 14.38
CA GLY D 282 -3.16 3.19 15.77
C GLY D 282 -3.49 4.22 16.84
N TYR D 283 -3.91 5.42 16.44
CA TYR D 283 -4.20 6.49 17.39
C TYR D 283 -5.57 6.30 18.03
N GLN D 284 -5.80 7.03 19.13
CA GLN D 284 -7.10 7.06 19.78
C GLN D 284 -8.09 7.89 18.96
N PRO D 285 -9.39 7.59 19.07
CA PRO D 285 -10.40 8.39 18.35
C PRO D 285 -10.50 9.82 18.88
N THR D 286 -10.24 10.00 20.17
CA THR D 286 -10.22 11.32 20.80
C THR D 286 -8.85 11.97 20.59
N LEU D 287 -8.59 12.44 19.38
CA LEU D 287 -7.32 13.07 19.04
C LEU D 287 -7.48 14.58 18.89
N ALA D 288 -8.42 14.99 18.03
CA ALA D 288 -8.66 16.41 17.78
C ALA D 288 -9.24 17.14 19.00
N THR D 289 -10.09 16.44 19.75
CA THR D 289 -10.72 17.01 20.95
C THR D 289 -9.77 17.07 22.14
N ASP D 290 -9.00 16.00 22.36
CA ASP D 290 -8.00 15.97 23.43
C ASP D 290 -6.89 16.99 23.17
N MET D 291 -6.52 17.17 21.91
CA MET D 291 -5.57 18.21 21.52
C MET D 291 -6.20 19.60 21.63
N GLY D 292 -7.46 19.71 21.20
CA GLY D 292 -8.17 21.00 21.19
C GLY D 292 -8.36 21.64 22.54
N THR D 293 -8.77 20.85 23.54
CA THR D 293 -8.97 21.35 24.90
C THR D 293 -7.65 21.78 25.55
N MET D 294 -6.54 21.19 25.10
CA MET D 294 -5.21 21.55 25.59
C MET D 294 -4.62 22.73 24.81
N GLN D 295 -4.72 22.67 23.48
CA GLN D 295 -4.05 23.65 22.61
C GLN D 295 -4.56 25.08 22.76
N GLU D 296 -5.88 25.25 22.79
CA GLU D 296 -6.48 26.59 22.83
C GLU D 296 -6.32 27.29 24.18
N ARG D 297 -5.93 26.55 25.21
CA ARG D 297 -5.54 27.14 26.49
C ARG D 297 -4.20 27.88 26.37
N ILE D 298 -3.32 27.34 25.51
CA ILE D 298 -2.05 27.99 25.20
C ILE D 298 -2.27 29.05 24.11
N THR D 299 -2.60 30.26 24.54
CA THR D 299 -2.80 31.37 23.60
C THR D 299 -2.80 32.72 24.33
N THR D 300 -2.82 33.80 23.55
CA THR D 300 -2.84 35.16 24.10
C THR D 300 -4.27 35.64 24.32
N THR D 301 -4.61 35.93 25.57
CA THR D 301 -5.86 36.59 25.91
C THR D 301 -5.67 38.10 25.80
N LYS D 302 -6.72 38.87 26.06
CA LYS D 302 -6.63 40.32 26.12
C LYS D 302 -5.93 40.78 27.41
N LYS D 303 -5.94 39.92 28.44
CA LYS D 303 -5.32 40.23 29.72
C LYS D 303 -3.80 40.09 29.66
N GLY D 304 -3.33 38.90 29.26
CA GLY D 304 -1.89 38.61 29.17
C GLY D 304 -1.46 38.28 27.76
N SER D 305 -0.37 37.52 27.63
CA SER D 305 0.17 37.13 26.32
C SER D 305 1.19 35.99 26.43
N ILE D 306 0.78 34.78 26.06
CA ILE D 306 1.69 33.65 25.96
C ILE D 306 2.25 33.56 24.54
N THR D 307 3.58 33.47 24.43
CA THR D 307 4.25 33.25 23.16
C THR D 307 4.89 31.86 23.20
N SER D 308 4.14 30.86 22.78
CA SER D 308 4.56 29.46 22.89
C SER D 308 5.46 29.02 21.72
N VAL D 309 6.36 28.09 22.01
CA VAL D 309 7.21 27.47 21.00
C VAL D 309 7.18 25.96 21.20
N GLN D 310 6.41 25.28 20.36
CA GLN D 310 6.16 23.84 20.53
C GLN D 310 6.96 23.01 19.54
N ALA D 311 7.79 22.11 20.07
CA ALA D 311 8.51 21.13 19.25
C ALA D 311 7.57 19.96 18.97
N ILE D 312 7.47 19.58 17.69
CA ILE D 312 6.52 18.54 17.26
C ILE D 312 7.26 17.43 16.53
N TYR D 313 7.19 16.22 17.07
CA TYR D 313 7.80 15.04 16.44
C TYR D 313 6.94 14.56 15.28
N VAL D 314 7.62 14.16 14.19
CA VAL D 314 6.96 13.69 12.98
C VAL D 314 7.45 12.27 12.69
N PRO D 315 6.68 11.24 13.11
CA PRO D 315 7.07 9.84 12.91
C PRO D 315 7.40 9.48 11.45
N ALA D 316 8.60 8.95 11.23
CA ALA D 316 9.05 8.53 9.90
C ALA D 316 9.00 9.65 8.86
N ASP D 317 9.26 10.89 9.30
CA ASP D 317 9.17 12.08 8.45
C ASP D 317 7.83 12.18 7.71
N ASP D 318 6.77 11.64 8.31
CA ASP D 318 5.47 11.54 7.68
C ASP D 318 4.57 12.69 8.16
N LEU D 319 4.48 13.74 7.34
CA LEU D 319 3.63 14.89 7.66
C LEU D 319 2.14 14.56 7.55
N THR D 320 1.81 13.53 6.78
CA THR D 320 0.42 13.09 6.62
C THR D 320 -0.07 12.26 7.81
N ASP D 321 0.83 11.91 8.72
CA ASP D 321 0.46 11.22 9.97
C ASP D 321 -0.55 12.05 10.76
N PRO D 322 -1.56 11.40 11.37
CA PRO D 322 -2.58 12.10 12.15
C PRO D 322 -2.07 13.12 13.18
N ALA D 323 -1.06 12.75 13.96
CA ALA D 323 -0.58 13.58 15.06
C ALA D 323 -0.05 14.96 14.62
N PRO D 324 0.97 14.99 13.74
CA PRO D 324 1.46 16.29 13.28
C PRO D 324 0.46 17.04 12.38
N ALA D 325 -0.29 16.30 11.57
CA ALA D 325 -1.25 16.89 10.63
C ALA D 325 -2.34 17.70 11.33
N THR D 326 -2.84 17.18 12.45
CA THR D 326 -3.88 17.86 13.22
C THR D 326 -3.36 19.14 13.89
N THR D 327 -2.07 19.14 14.23
CA THR D 327 -1.46 20.25 14.96
C THR D 327 -1.32 21.54 14.12
N PHE D 328 -1.25 21.40 12.79
CA PHE D 328 -1.10 22.57 11.90
C PHE D 328 -2.19 23.63 12.07
N ALA D 329 -3.41 23.20 12.36
CA ALA D 329 -4.54 24.12 12.54
C ALA D 329 -4.42 25.00 13.78
N HIS D 330 -3.67 24.53 14.78
CA HIS D 330 -3.49 25.25 16.04
C HIS D 330 -2.38 26.29 16.03
N LEU D 331 -1.63 26.39 14.93
CA LEU D 331 -0.42 27.23 14.89
C LEU D 331 -0.60 28.44 13.97
N ASP D 332 0.11 29.52 14.30
CA ASP D 332 0.17 30.72 13.47
C ASP D 332 1.42 30.67 12.59
N ALA D 333 2.58 30.50 13.22
CA ALA D 333 3.85 30.36 12.53
C ALA D 333 4.36 28.93 12.65
N THR D 334 4.90 28.39 11.55
CA THR D 334 5.40 27.03 11.53
C THR D 334 6.82 26.98 10.96
N THR D 335 7.61 26.03 11.44
CA THR D 335 8.97 25.80 10.96
C THR D 335 9.14 24.30 10.67
N VAL D 336 8.88 23.91 9.42
CA VAL D 336 8.94 22.52 9.01
C VAL D 336 10.38 22.14 8.65
N LEU D 337 10.92 21.15 9.36
CA LEU D 337 12.29 20.69 9.15
C LEU D 337 12.33 19.46 8.26
N SER D 338 13.16 19.50 7.21
CA SER D 338 13.28 18.40 6.25
C SER D 338 14.61 17.66 6.45
N ARG D 339 14.57 16.33 6.30
CA ARG D 339 15.76 15.50 6.42
C ARG D 339 16.66 15.64 5.19
N ALA D 340 16.06 15.72 4.01
CA ALA D 340 16.79 15.90 2.76
C ALA D 340 17.69 17.14 2.79
N ILE D 341 17.21 18.20 3.43
CA ILE D 341 17.98 19.44 3.59
C ILE D 341 19.06 19.27 4.66
N ALA D 342 18.74 18.54 5.72
CA ALA D 342 19.69 18.26 6.81
C ALA D 342 20.88 17.40 6.35
N GLU D 343 20.62 16.43 5.47
CA GLU D 343 21.67 15.52 5.00
C GLU D 343 22.69 16.18 4.07
N LEU D 344 22.31 17.30 3.45
CA LEU D 344 23.25 18.10 2.66
C LEU D 344 24.28 18.82 3.52
N GLY D 345 23.89 19.17 4.75
CA GLY D 345 24.72 19.98 5.64
C GLY D 345 24.11 21.34 5.96
N ILE D 346 22.95 21.63 5.38
CA ILE D 346 22.25 22.89 5.62
C ILE D 346 21.58 22.85 7.00
N TYR D 347 22.13 23.63 7.93
CA TYR D 347 21.58 23.74 9.28
C TYR D 347 21.37 25.23 9.64
N PRO D 348 20.21 25.60 10.18
CA PRO D 348 19.11 24.68 10.46
C PRO D 348 18.41 24.21 9.19
N ALA D 349 18.04 22.93 9.15
CA ALA D 349 17.42 22.34 7.97
C ALA D 349 15.95 22.73 7.87
N VAL D 350 15.70 24.00 7.58
CA VAL D 350 14.35 24.54 7.48
C VAL D 350 13.90 24.54 6.03
N ASP D 351 12.75 23.94 5.75
CA ASP D 351 12.21 23.90 4.40
C ASP D 351 11.62 25.26 4.04
N PRO D 352 12.21 25.95 3.05
CA PRO D 352 11.73 27.27 2.67
C PRO D 352 10.40 27.26 1.90
N LEU D 353 10.05 26.11 1.31
CA LEU D 353 8.80 25.94 0.58
C LEU D 353 7.81 25.09 1.39
N ASP D 354 7.67 25.41 2.68
CA ASP D 354 6.78 24.68 3.58
C ASP D 354 6.53 25.48 4.86
N SER D 355 7.61 25.96 5.49
CA SER D 355 7.51 26.85 6.64
C SER D 355 6.89 28.19 6.24
N THR D 356 5.75 28.50 6.86
CA THR D 356 5.03 29.75 6.58
C THR D 356 4.47 30.36 7.87
N SER D 357 3.96 31.59 7.76
CA SER D 357 3.38 32.29 8.89
C SER D 357 2.23 33.19 8.47
N ARG D 358 1.32 33.45 9.41
CA ARG D 358 0.15 34.30 9.16
C ARG D 358 0.52 35.77 8.96
N ILE D 359 1.62 36.20 9.57
CA ILE D 359 2.07 37.60 9.50
C ILE D 359 2.82 37.94 8.19
N MET D 360 3.09 36.94 7.36
CA MET D 360 3.74 37.17 6.06
C MET D 360 2.77 37.86 5.11
N ASP D 361 2.75 39.20 5.18
CA ASP D 361 1.82 40.01 4.39
C ASP D 361 2.46 41.38 4.15
N PRO D 362 2.26 41.96 2.94
CA PRO D 362 2.86 43.28 2.68
C PRO D 362 2.36 44.41 3.58
N ASN D 363 1.12 44.28 4.06
CA ASN D 363 0.54 45.27 4.97
C ASN D 363 1.06 45.14 6.40
N ILE D 364 1.40 43.92 6.81
CA ILE D 364 1.84 43.66 8.18
C ILE D 364 3.32 43.97 8.38
N VAL D 365 4.17 43.36 7.54
CA VAL D 365 5.63 43.46 7.69
C VAL D 365 6.30 44.33 6.62
N GLY D 366 5.50 45.10 5.88
CA GLY D 366 6.03 45.98 4.84
C GLY D 366 6.21 45.27 3.51
N SER D 367 6.17 46.05 2.43
CA SER D 367 6.26 45.51 1.07
C SER D 367 7.65 44.98 0.73
N GLU D 368 8.69 45.61 1.29
CA GLU D 368 10.07 45.19 1.03
C GLU D 368 10.37 43.81 1.63
N HIS D 369 9.83 43.56 2.82
CA HIS D 369 9.98 42.26 3.48
C HIS D 369 9.26 41.16 2.71
N TYR D 370 8.05 41.46 2.25
CA TYR D 370 7.21 40.50 1.55
C TYR D 370 7.76 40.14 0.16
N ASP D 371 8.14 41.16 -0.61
CA ASP D 371 8.60 40.96 -1.98
C ASP D 371 9.89 40.15 -2.08
N VAL D 372 10.81 40.37 -1.14
CA VAL D 372 12.07 39.65 -1.11
C VAL D 372 11.86 38.19 -0.70
N ALA D 373 11.07 37.98 0.34
CA ALA D 373 10.76 36.63 0.83
C ALA D 373 10.09 35.77 -0.24
N ARG D 374 9.13 36.36 -0.95
CA ARG D 374 8.46 35.68 -2.05
C ARG D 374 9.41 35.43 -3.22
N GLY D 375 10.32 36.38 -3.46
CA GLY D 375 11.36 36.23 -4.49
C GLY D 375 12.30 35.07 -4.22
N VAL D 376 12.61 34.84 -2.94
CA VAL D 376 13.43 33.70 -2.54
C VAL D 376 12.69 32.38 -2.77
N GLN D 377 11.41 32.36 -2.42
CA GLN D 377 10.57 31.17 -2.61
C GLN D 377 10.25 30.89 -4.09
N LYS D 378 10.29 31.93 -4.90
CA LYS D 378 10.04 31.80 -6.34
C LYS D 378 11.19 31.08 -7.05
N ILE D 379 12.41 31.55 -6.82
CA ILE D 379 13.60 30.95 -7.44
C ILE D 379 13.87 29.54 -6.94
N LEU D 380 13.61 29.29 -5.65
CA LEU D 380 13.80 27.97 -5.06
C LEU D 380 12.78 26.95 -5.56
N GLN D 381 11.58 27.42 -5.90
CA GLN D 381 10.54 26.57 -6.48
C GLN D 381 10.85 26.22 -7.93
N ASP D 382 11.30 27.23 -8.69
CA ASP D 382 11.72 27.03 -10.08
C ASP D 382 12.98 26.16 -10.15
N TYR D 383 13.82 26.26 -9.13
CA TYR D 383 15.04 25.44 -9.04
C TYR D 383 14.73 23.94 -8.98
N LYS D 384 13.60 23.59 -8.35
CA LYS D 384 13.16 22.19 -8.32
C LYS D 384 12.77 21.66 -9.70
N SER D 385 12.14 22.51 -10.51
CA SER D 385 11.74 22.15 -11.86
C SER D 385 12.94 21.94 -12.79
N LEU D 386 13.97 22.77 -12.61
CA LEU D 386 15.20 22.67 -13.40
C LEU D 386 16.01 21.42 -13.04
N GLN D 387 15.95 21.00 -11.78
CA GLN D 387 16.63 19.77 -11.33
C GLN D 387 16.14 18.52 -12.07
N ASP D 388 14.88 18.52 -12.48
CA ASP D 388 14.32 17.42 -13.28
C ASP D 388 14.89 17.42 -14.70
N ILE D 389 15.16 18.61 -15.22
CA ILE D 389 15.75 18.77 -16.56
C ILE D 389 17.25 18.42 -16.52
N ILE D 390 17.92 18.80 -15.43
CA ILE D 390 19.36 18.56 -15.27
C ILE D 390 19.66 17.06 -15.11
N ALA D 391 18.72 16.31 -14.54
CA ALA D 391 18.90 14.87 -14.31
C ALA D 391 19.08 14.06 -15.60
N ILE D 392 18.47 14.52 -16.69
CA ILE D 392 18.57 13.85 -17.98
C ILE D 392 19.66 14.48 -18.85
N LEU D 393 19.62 15.80 -18.98
CA LEU D 393 20.58 16.53 -19.81
C LEU D 393 21.92 16.72 -19.10
N GLY D 394 21.89 17.46 -18.00
CA GLY D 394 23.10 17.91 -17.31
C GLY D 394 23.16 19.43 -17.28
N MET D 395 24.10 19.97 -16.52
CA MET D 395 24.24 21.42 -16.38
C MET D 395 24.75 22.10 -17.65
N ASP D 396 25.61 21.40 -18.39
CA ASP D 396 26.27 21.98 -19.57
C ASP D 396 25.32 22.28 -20.73
N GLU D 397 24.32 21.43 -20.92
CA GLU D 397 23.37 21.57 -22.03
C GLU D 397 22.33 22.68 -21.81
N LEU D 398 22.17 23.13 -20.56
CA LEU D 398 21.23 24.21 -20.24
C LEU D 398 21.62 25.54 -20.89
N SER D 399 20.65 26.44 -21.03
CA SER D 399 20.87 27.76 -21.60
C SER D 399 21.59 28.69 -20.61
N GLU D 400 21.97 29.87 -21.08
CA GLU D 400 22.65 30.87 -20.24
C GLU D 400 21.74 31.38 -19.13
N GLU D 401 20.44 31.49 -19.42
CA GLU D 401 19.45 31.99 -18.47
C GLU D 401 19.22 30.99 -17.31
N ASP D 402 19.08 29.72 -17.66
CA ASP D 402 18.80 28.67 -16.66
C ASP D 402 19.99 28.34 -15.78
N LYS D 403 21.21 28.49 -16.31
CA LYS D 403 22.43 28.28 -15.53
C LYS D 403 22.57 29.30 -14.40
N LEU D 404 22.15 30.53 -14.65
CA LEU D 404 22.22 31.60 -13.65
C LEU D 404 21.17 31.42 -12.55
N THR D 405 19.99 30.95 -12.93
CA THR D 405 18.90 30.69 -11.97
C THR D 405 19.32 29.63 -10.95
N VAL D 406 19.96 28.57 -11.43
CA VAL D 406 20.46 27.50 -10.57
C VAL D 406 21.59 28.02 -9.67
N SER D 407 22.45 28.87 -10.23
CA SER D 407 23.56 29.45 -9.48
C SER D 407 23.08 30.32 -8.32
N ARG D 408 22.11 31.17 -8.59
CA ARG D 408 21.50 32.02 -7.56
C ARG D 408 20.71 31.19 -6.54
N ALA D 409 20.06 30.12 -7.01
CA ALA D 409 19.27 29.25 -6.15
C ALA D 409 20.14 28.49 -5.14
N ARG D 410 21.26 27.93 -5.61
CA ARG D 410 22.18 27.20 -4.75
C ARG D 410 22.86 28.08 -3.70
N LYS D 411 23.12 29.34 -4.06
CA LYS D 411 23.71 30.31 -3.14
C LYS D 411 22.71 30.73 -2.06
N ILE D 412 21.45 30.91 -2.45
CA ILE D 412 20.38 31.26 -1.51
C ILE D 412 20.13 30.13 -0.51
N GLN D 413 20.14 28.89 -0.99
CA GLN D 413 19.99 27.71 -0.12
C GLN D 413 21.02 27.70 1.01
N ARG D 414 22.28 27.95 0.65
CA ARG D 414 23.38 27.92 1.62
C ARG D 414 23.41 29.15 2.53
N PHE D 415 22.89 30.28 2.04
CA PHE D 415 22.83 31.50 2.85
C PHE D 415 21.70 31.44 3.89
N LEU D 416 20.72 30.56 3.68
CA LEU D 416 19.68 30.29 4.68
C LEU D 416 20.23 29.56 5.91
N SER D 417 21.31 28.79 5.71
CA SER D 417 21.97 28.09 6.81
C SER D 417 22.68 29.09 7.73
N GLN D 418 22.89 28.69 8.99
CA GLN D 418 23.47 29.56 9.99
C GLN D 418 23.98 28.76 11.19
N PRO D 419 25.17 29.10 11.72
CA PRO D 419 25.68 28.45 12.92
C PRO D 419 25.06 29.04 14.19
N PHE D 420 24.73 28.18 15.14
CA PHE D 420 24.12 28.60 16.41
C PHE D 420 25.15 28.65 17.54
N GLN D 421 24.85 29.45 18.56
CA GLN D 421 25.68 29.56 19.75
C GLN D 421 25.50 28.34 20.65
N VAL D 422 24.28 27.79 20.68
CA VAL D 422 24.00 26.56 21.41
C VAL D 422 24.68 25.33 20.77
N ALA D 423 24.84 25.37 19.46
CA ALA D 423 25.45 24.27 18.71
C ALA D 423 26.84 24.66 18.21
N GLU D 424 27.77 24.86 19.14
CA GLU D 424 29.17 25.16 18.83
C GLU D 424 30.00 23.89 18.71
N VAL D 425 29.80 22.96 19.63
CA VAL D 425 30.53 21.68 19.63
C VAL D 425 30.21 20.80 18.42
N PHE D 426 29.00 20.94 17.88
CA PHE D 426 28.59 20.16 16.71
C PHE D 426 29.26 20.65 15.43
N THR D 427 29.14 21.94 15.15
CA THR D 427 29.73 22.54 13.96
C THR D 427 31.22 22.80 14.13
N GLY D 428 31.57 23.54 15.19
CA GLY D 428 32.94 23.95 15.44
C GLY D 428 33.10 25.47 15.41
N HIS D 429 32.33 26.12 14.53
CA HIS D 429 32.38 27.57 14.39
C HIS D 429 31.54 28.26 15.47
N LEU D 430 31.80 29.55 15.68
CA LEU D 430 31.06 30.33 16.68
C LEU D 430 29.66 30.68 16.18
N GLY D 431 28.75 30.87 17.12
CA GLY D 431 27.36 31.20 16.81
C GLY D 431 27.18 32.62 16.33
N LYS D 432 26.07 32.86 15.63
CA LYS D 432 25.76 34.19 15.07
C LYS D 432 24.33 34.61 15.40
N LEU D 433 24.05 35.89 15.17
CA LEU D 433 22.71 36.44 15.38
C LEU D 433 22.52 37.64 14.45
N VAL D 434 21.85 37.40 13.32
CA VAL D 434 21.71 38.42 12.28
C VAL D 434 20.47 39.29 12.57
N PRO D 435 20.61 40.63 12.46
CA PRO D 435 19.46 41.51 12.62
C PRO D 435 18.37 41.31 11.55
N LEU D 436 17.26 42.03 11.70
CA LEU D 436 16.12 41.89 10.80
C LEU D 436 16.44 42.44 9.41
N LYS D 437 16.79 43.72 9.35
CA LYS D 437 16.99 44.41 8.07
C LYS D 437 18.19 43.89 7.27
N GLU D 438 19.16 43.30 7.97
CA GLU D 438 20.31 42.64 7.32
C GLU D 438 19.87 41.42 6.52
N THR D 439 18.87 40.70 7.04
CA THR D 439 18.33 39.51 6.36
C THR D 439 17.57 39.89 5.09
N ILE D 440 16.70 40.88 5.18
CA ILE D 440 15.93 41.34 4.01
C ILE D 440 16.86 41.86 2.91
N LYS D 441 17.83 42.67 3.30
CA LYS D 441 18.77 43.26 2.34
C LYS D 441 19.80 42.24 1.84
N GLY D 442 20.15 41.28 2.68
CA GLY D 442 21.14 40.26 2.33
C GLY D 442 20.72 39.37 1.17
N PHE D 443 19.49 38.86 1.23
CA PHE D 443 18.95 38.01 0.16
C PHE D 443 18.53 38.81 -1.07
N GLN D 444 18.23 40.10 -0.89
CA GLN D 444 17.85 40.97 -1.99
C GLN D 444 19.01 41.22 -2.96
N GLN D 445 20.21 41.37 -2.41
CA GLN D 445 21.41 41.57 -3.23
C GLN D 445 21.76 40.34 -4.06
N ILE D 446 21.47 39.16 -3.53
CA ILE D 446 21.74 37.89 -4.22
C ILE D 446 20.79 37.70 -5.40
N LEU D 447 19.52 37.98 -5.18
CA LEU D 447 18.50 37.87 -6.24
C LEU D 447 18.69 38.91 -7.35
N ALA D 448 19.19 40.10 -6.98
CA ALA D 448 19.44 41.17 -7.94
C ALA D 448 20.59 40.84 -8.91
N GLY D 449 21.48 39.94 -8.49
CA GLY D 449 22.61 39.51 -9.32
C GLY D 449 23.88 40.28 -9.01
N GLU D 450 24.13 40.51 -7.72
CA GLU D 450 25.29 41.28 -7.28
C GLU D 450 26.33 40.38 -6.58
N TYR D 451 26.15 39.07 -6.70
CA TYR D 451 27.12 38.10 -6.17
C TYR D 451 27.28 36.91 -7.11
N ASP D 452 27.33 37.19 -8.40
CA ASP D 452 27.52 36.15 -9.41
C ASP D 452 28.99 35.73 -9.48
N HIS D 453 29.88 36.72 -9.31
CA HIS D 453 31.33 36.47 -9.35
C HIS D 453 31.85 35.64 -8.17
N LEU D 454 31.19 35.74 -7.01
CA LEU D 454 31.61 35.00 -5.82
C LEU D 454 31.18 33.53 -5.89
N PRO D 455 31.91 32.65 -5.18
CA PRO D 455 31.54 31.24 -5.09
C PRO D 455 30.45 30.98 -4.06
N GLU D 456 29.75 29.86 -4.21
CA GLU D 456 28.66 29.48 -3.30
C GLU D 456 29.15 29.03 -1.92
N GLN D 457 30.40 28.55 -1.85
CA GLN D 457 30.98 28.06 -0.60
C GLN D 457 31.12 29.18 0.45
N ALA D 458 31.31 30.41 0.00
CA ALA D 458 31.47 31.56 0.89
C ALA D 458 30.18 31.91 1.64
N PHE D 459 29.03 31.56 1.08
CA PHE D 459 27.73 31.85 1.70
C PHE D 459 27.27 30.75 2.66
N TYR D 460 27.96 29.61 2.67
CA TYR D 460 27.62 28.49 3.52
C TYR D 460 28.04 28.74 4.98
N MET D 461 27.06 28.72 5.88
CA MET D 461 27.27 28.86 7.33
C MET D 461 27.97 30.17 7.69
N VAL D 462 27.25 31.29 7.50
CA VAL D 462 27.74 32.61 7.89
C VAL D 462 26.59 33.45 8.45
N GLY D 463 26.92 34.58 9.05
CA GLY D 463 25.92 35.50 9.60
C GLY D 463 25.30 36.36 8.51
N PRO D 464 25.64 37.66 8.48
CA PRO D 464 25.10 38.55 7.47
C PRO D 464 25.80 38.41 6.11
N ILE D 465 25.39 39.22 5.14
CA ILE D 465 25.99 39.21 3.81
C ILE D 465 27.43 39.73 3.82
N GLU D 466 27.79 40.53 4.83
CA GLU D 466 29.15 41.06 4.97
C GLU D 466 30.18 39.95 5.19
N GLU D 467 29.84 38.95 6.00
CA GLU D 467 30.73 37.82 6.28
C GLU D 467 30.92 36.88 5.09
N ALA D 468 29.95 36.86 4.17
CA ALA D 468 30.08 36.09 2.93
C ALA D 468 31.14 36.70 2.02
N VAL D 469 31.20 38.04 2.00
CA VAL D 469 32.24 38.75 1.25
C VAL D 469 33.59 38.62 1.95
N ALA D 470 33.57 38.68 3.27
CA ALA D 470 34.79 38.53 4.08
C ALA D 470 35.38 37.12 3.99
N LYS D 471 34.52 36.10 3.92
CA LYS D 471 34.97 34.72 3.77
C LYS D 471 35.55 34.44 2.38
N ALA D 472 35.03 35.14 1.38
CA ALA D 472 35.53 35.03 0.01
C ALA D 472 36.98 35.51 -0.13
N ASP D 473 37.38 36.45 0.74
CA ASP D 473 38.76 36.93 0.78
C ASP D 473 39.71 35.86 1.31
N LYS D 474 39.26 35.12 2.32
CA LYS D 474 40.06 34.02 2.88
C LYS D 474 40.21 32.86 1.89
N LEU D 475 39.10 32.51 1.23
CA LEU D 475 39.11 31.42 0.24
C LEU D 475 39.97 31.74 -0.98
N ALA D 476 40.09 33.03 -1.32
CA ALA D 476 40.92 33.46 -2.45
C ALA D 476 42.41 33.33 -2.13
N GLU D 477 42.79 33.78 -0.93
CA GLU D 477 44.20 33.75 -0.50
C GLU D 477 44.70 32.33 -0.22
N GLU D 478 43.83 31.48 0.32
CA GLU D 478 44.17 30.08 0.59
C GLU D 478 44.39 29.28 -0.70
N HIS D 479 43.56 29.54 -1.71
CA HIS D 479 43.66 28.87 -3.00
C HIS D 479 44.85 29.42 -3.80
N ALA E 10 -52.85 -7.88 12.14
CA ALA E 10 -51.58 -7.68 11.40
C ALA E 10 -50.35 -7.88 12.30
N THR E 11 -50.42 -8.88 13.18
CA THR E 11 -49.35 -9.20 14.13
C THR E 11 -49.09 -8.08 15.15
N THR E 12 -48.55 -6.95 14.68
CA THR E 12 -48.29 -5.77 15.51
C THR E 12 -47.08 -5.96 16.44
N GLY E 13 -46.01 -5.22 16.14
CA GLY E 13 -44.78 -5.25 16.95
C GLY E 13 -44.49 -3.91 17.61
N ARG E 14 -43.40 -3.86 18.37
CA ARG E 14 -42.99 -2.65 19.07
C ARG E 14 -41.48 -2.45 18.98
N ILE E 15 -41.06 -1.20 18.76
CA ILE E 15 -39.64 -0.87 18.63
C ILE E 15 -38.94 -1.02 19.98
N VAL E 16 -37.89 -1.82 20.01
CA VAL E 16 -37.11 -2.03 21.23
C VAL E 16 -35.72 -1.38 21.19
N ALA E 17 -35.26 -1.00 19.99
CA ALA E 17 -33.98 -0.31 19.84
C ALA E 17 -33.90 0.47 18.53
N VAL E 18 -33.16 1.58 18.56
CA VAL E 18 -32.93 2.41 17.38
C VAL E 18 -31.49 2.92 17.40
N ILE E 19 -30.67 2.43 16.48
CA ILE E 19 -29.29 2.88 16.33
C ILE E 19 -29.06 3.26 14.86
N GLY E 20 -29.24 4.54 14.56
CA GLY E 20 -29.11 5.05 13.20
C GLY E 20 -30.21 4.53 12.30
N ALA E 21 -29.81 4.03 11.12
CA ALA E 21 -30.75 3.44 10.17
C ALA E 21 -31.24 2.05 10.61
N VAL E 22 -30.46 1.39 11.47
CA VAL E 22 -30.82 0.07 11.98
C VAL E 22 -31.87 0.23 13.10
N VAL E 23 -32.93 -0.56 13.02
CA VAL E 23 -34.01 -0.54 14.01
C VAL E 23 -34.41 -1.97 14.38
N ASP E 24 -34.47 -2.25 15.67
CA ASP E 24 -34.92 -3.55 16.16
C ASP E 24 -36.39 -3.46 16.58
N VAL E 25 -37.15 -4.52 16.30
CA VAL E 25 -38.57 -4.58 16.63
C VAL E 25 -38.89 -5.94 17.25
N GLN E 26 -39.60 -5.93 18.37
CA GLN E 26 -40.02 -7.15 19.05
C GLN E 26 -41.50 -7.42 18.80
N PHE E 27 -41.81 -8.57 18.21
CA PHE E 27 -43.19 -8.98 17.98
C PHE E 27 -43.63 -9.97 19.05
N ASP E 28 -44.93 -10.00 19.33
CA ASP E 28 -45.49 -10.82 20.41
C ASP E 28 -45.69 -12.26 19.95
N GLU E 29 -46.65 -12.49 19.04
CA GLU E 29 -46.93 -13.83 18.54
C GLU E 29 -46.04 -14.15 17.33
N GLY E 30 -46.50 -13.78 16.13
CA GLY E 30 -45.79 -14.13 14.90
C GLY E 30 -44.62 -13.20 14.62
N LEU E 31 -43.63 -13.72 13.90
CA LEU E 31 -42.48 -12.92 13.46
C LEU E 31 -42.46 -12.86 11.94
N PRO E 32 -42.20 -11.66 11.38
CA PRO E 32 -42.12 -11.53 9.93
C PRO E 32 -40.84 -12.13 9.38
N PRO E 33 -40.92 -12.85 8.24
CA PRO E 33 -39.70 -13.41 7.64
C PRO E 33 -38.76 -12.32 7.12
N ILE E 34 -37.54 -12.73 6.74
CA ILE E 34 -36.53 -11.79 6.27
C ILE E 34 -36.95 -11.22 4.91
N LEU E 35 -36.60 -9.95 4.69
CA LEU E 35 -36.98 -9.18 3.49
C LEU E 35 -38.43 -8.71 3.48
N ASN E 36 -39.09 -8.70 4.65
CA ASN E 36 -40.46 -8.20 4.75
C ASN E 36 -40.52 -6.73 5.15
N ALA E 37 -41.41 -5.98 4.51
CA ALA E 37 -41.60 -4.57 4.82
C ALA E 37 -42.51 -4.41 6.03
N LEU E 38 -42.22 -3.41 6.86
CA LEU E 38 -42.99 -3.14 8.07
C LEU E 38 -43.37 -1.66 8.13
N GLU E 39 -44.66 -1.39 8.29
CA GLU E 39 -45.15 -0.02 8.39
C GLU E 39 -45.03 0.50 9.82
N VAL E 40 -44.27 1.57 10.01
CA VAL E 40 -44.14 2.20 11.33
C VAL E 40 -45.33 3.15 11.54
N GLN E 41 -45.94 3.06 12.72
CA GLN E 41 -47.17 3.78 13.00
C GLN E 41 -46.92 5.06 13.79
N GLY E 42 -47.83 6.02 13.64
CA GLY E 42 -47.76 7.30 14.37
C GLY E 42 -46.77 8.28 13.78
N ARG E 43 -46.74 8.36 12.44
CA ARG E 43 -45.80 9.25 11.74
C ARG E 43 -46.51 10.01 10.62
N GLU E 44 -45.97 11.18 10.28
CA GLU E 44 -46.56 12.04 9.26
C GLU E 44 -46.47 11.40 7.89
N THR E 45 -45.24 11.06 7.48
CA THR E 45 -45.00 10.38 6.22
C THR E 45 -44.74 8.89 6.45
N ARG E 46 -44.83 8.11 5.38
CA ARG E 46 -44.69 6.66 5.46
C ARG E 46 -43.23 6.25 5.71
N LEU E 47 -43.03 5.44 6.75
CA LEU E 47 -41.69 4.94 7.10
C LEU E 47 -41.70 3.41 7.06
N VAL E 48 -40.97 2.85 6.10
CA VAL E 48 -40.91 1.39 5.92
C VAL E 48 -39.60 0.84 6.48
N LEU E 49 -39.72 -0.25 7.23
CA LEU E 49 -38.55 -0.98 7.73
C LEU E 49 -38.52 -2.37 7.10
N GLU E 50 -37.39 -2.71 6.46
CA GLU E 50 -37.22 -4.02 5.86
C GLU E 50 -36.47 -4.93 6.82
N VAL E 51 -37.01 -6.12 7.08
CA VAL E 51 -36.42 -7.05 8.04
C VAL E 51 -35.14 -7.67 7.47
N ALA E 52 -34.06 -7.57 8.23
CA ALA E 52 -32.76 -8.09 7.82
C ALA E 52 -32.42 -9.42 8.47
N GLN E 53 -32.64 -9.53 9.78
CA GLN E 53 -32.29 -10.72 10.55
C GLN E 53 -33.38 -11.11 11.54
N HIS E 54 -33.24 -12.32 12.08
CA HIS E 54 -34.02 -12.77 13.23
C HIS E 54 -33.05 -12.95 14.40
N LEU E 55 -33.05 -11.98 15.31
CA LEU E 55 -32.10 -11.97 16.43
C LEU E 55 -32.39 -13.02 17.50
N GLY E 56 -33.63 -13.53 17.51
CA GLY E 56 -34.06 -14.48 18.52
C GLY E 56 -34.83 -13.76 19.62
N GLU E 57 -35.42 -14.54 20.53
CA GLU E 57 -36.24 -13.99 21.60
C GLU E 57 -37.36 -13.10 21.05
N SER E 58 -37.96 -13.56 19.95
CA SER E 58 -39.05 -12.87 19.26
C SER E 58 -38.71 -11.42 18.86
N THR E 59 -37.47 -11.20 18.42
CA THR E 59 -37.00 -9.86 18.05
C THR E 59 -36.25 -9.91 16.72
N VAL E 60 -36.55 -8.96 15.83
CA VAL E 60 -35.97 -8.91 14.49
C VAL E 60 -35.28 -7.58 14.22
N ARG E 61 -34.16 -7.63 13.52
CA ARG E 61 -33.40 -6.43 13.15
C ARG E 61 -33.78 -5.99 11.75
N THR E 62 -33.98 -4.68 11.57
CA THR E 62 -34.45 -4.13 10.30
C THR E 62 -33.52 -3.03 9.77
N ILE E 63 -33.75 -2.65 8.51
CA ILE E 63 -33.04 -1.56 7.87
C ILE E 63 -34.08 -0.53 7.42
N ALA E 64 -33.86 0.74 7.79
CA ALA E 64 -34.83 1.79 7.52
C ALA E 64 -34.74 2.29 6.08
N MET E 65 -35.89 2.51 5.46
CA MET E 65 -35.97 3.07 4.10
C MET E 65 -36.06 4.60 4.11
N ASP E 66 -36.09 5.20 5.29
CA ASP E 66 -36.09 6.65 5.44
C ASP E 66 -35.46 7.02 6.78
N GLY E 67 -35.48 8.31 7.13
CA GLY E 67 -34.92 8.78 8.39
C GLY E 67 -35.61 8.17 9.60
N THR E 68 -34.82 7.86 10.64
CA THR E 68 -35.32 7.24 11.85
C THR E 68 -35.51 8.21 13.02
N GLU E 69 -35.32 9.51 12.76
CA GLU E 69 -35.53 10.52 13.81
C GLU E 69 -37.00 10.58 14.20
N GLY E 70 -37.25 10.81 15.49
CA GLY E 70 -38.61 10.87 16.02
C GLY E 70 -39.16 9.53 16.52
N LEU E 71 -38.40 8.45 16.33
CA LEU E 71 -38.83 7.12 16.77
C LEU E 71 -38.60 6.96 18.27
N VAL E 72 -39.59 6.37 18.95
CA VAL E 72 -39.53 6.12 20.39
C VAL E 72 -39.60 4.61 20.64
N ARG E 73 -38.93 4.16 21.69
CA ARG E 73 -39.00 2.75 22.08
C ARG E 73 -40.40 2.42 22.57
N GLY E 74 -41.03 1.42 21.94
CA GLY E 74 -42.40 1.03 22.25
C GLY E 74 -43.40 1.48 21.20
N GLN E 75 -42.93 2.23 20.20
CA GLN E 75 -43.78 2.73 19.13
C GLN E 75 -44.25 1.57 18.25
N LYS E 76 -45.53 1.58 17.88
CA LYS E 76 -46.13 0.45 17.17
C LYS E 76 -45.61 0.30 15.74
N VAL E 77 -45.47 -0.95 15.30
CA VAL E 77 -45.00 -1.28 13.97
C VAL E 77 -45.84 -2.43 13.41
N LEU E 78 -46.58 -2.16 12.33
CA LEU E 78 -47.43 -3.17 11.70
C LEU E 78 -46.70 -3.93 10.61
N ASP E 79 -47.11 -5.18 10.39
CA ASP E 79 -46.49 -6.06 9.40
C ASP E 79 -47.33 -6.11 8.13
N SER E 80 -46.72 -5.77 6.99
CA SER E 80 -47.40 -5.81 5.70
C SER E 80 -47.60 -7.26 5.22
N GLY E 81 -46.80 -8.18 5.73
CA GLY E 81 -46.93 -9.60 5.42
C GLY E 81 -46.26 -9.99 4.11
N ALA E 82 -45.38 -9.12 3.61
CA ALA E 82 -44.69 -9.33 2.34
C ALA E 82 -43.58 -8.30 2.20
N PRO E 83 -42.68 -8.48 1.22
CA PRO E 83 -41.65 -7.46 0.96
C PRO E 83 -42.22 -6.14 0.47
N ILE E 84 -41.34 -5.18 0.19
CA ILE E 84 -41.77 -3.89 -0.32
C ILE E 84 -42.43 -4.08 -1.68
N ARG E 85 -43.77 -4.03 -1.70
CA ARG E 85 -44.53 -4.13 -2.94
C ARG E 85 -44.75 -2.75 -3.53
N ILE E 86 -44.60 -2.64 -4.85
CA ILE E 86 -44.65 -1.36 -5.54
C ILE E 86 -45.59 -1.40 -6.75
N PRO E 87 -46.02 -0.22 -7.23
CA PRO E 87 -46.83 -0.19 -8.45
C PRO E 87 -46.07 -0.69 -9.68
N VAL E 88 -46.71 -1.53 -10.47
CA VAL E 88 -46.13 -2.04 -11.72
C VAL E 88 -47.21 -2.09 -12.81
N GLY E 89 -46.86 -1.63 -14.00
CA GLY E 89 -47.82 -1.56 -15.11
C GLY E 89 -47.51 -0.40 -16.03
N PRO E 90 -48.35 -0.21 -17.07
CA PRO E 90 -48.17 0.89 -18.03
C PRO E 90 -48.42 2.28 -17.44
N GLU E 91 -49.07 2.35 -16.27
CA GLU E 91 -49.32 3.62 -15.60
C GLU E 91 -48.08 4.19 -14.90
N THR E 92 -47.04 3.37 -14.75
CA THR E 92 -45.76 3.85 -14.20
C THR E 92 -44.97 4.67 -15.22
N LEU E 93 -45.31 4.54 -16.50
CA LEU E 93 -44.64 5.29 -17.57
C LEU E 93 -44.94 6.78 -17.48
N GLY E 94 -43.90 7.60 -17.56
CA GLY E 94 -44.03 9.05 -17.45
C GLY E 94 -44.14 9.55 -16.02
N ARG E 95 -43.92 8.65 -15.05
CA ARG E 95 -44.02 8.99 -13.64
C ARG E 95 -42.69 8.74 -12.93
N ILE E 96 -42.48 9.44 -11.82
CA ILE E 96 -41.32 9.24 -10.97
C ILE E 96 -41.79 8.64 -9.64
N MET E 97 -41.14 7.56 -9.20
CA MET E 97 -41.45 6.94 -7.92
C MET E 97 -40.18 6.72 -7.10
N ASN E 98 -40.33 6.71 -5.77
CA ASN E 98 -39.21 6.44 -4.86
C ASN E 98 -39.02 4.94 -4.66
N VAL E 99 -38.12 4.56 -3.76
CA VAL E 99 -37.79 3.16 -3.51
C VAL E 99 -39.00 2.32 -3.05
N ILE E 100 -39.92 2.92 -2.29
CA ILE E 100 -41.07 2.19 -1.75
C ILE E 100 -42.36 2.35 -2.59
N GLY E 101 -42.25 2.97 -3.76
CA GLY E 101 -43.37 3.03 -4.71
C GLY E 101 -44.23 4.28 -4.65
N GLU E 102 -43.94 5.19 -3.72
CA GLU E 102 -44.67 6.45 -3.62
C GLU E 102 -44.29 7.37 -4.78
N PRO E 103 -45.27 8.12 -5.31
CA PRO E 103 -44.96 9.07 -6.39
C PRO E 103 -44.25 10.32 -5.87
N ILE E 104 -43.16 10.70 -6.52
CA ILE E 104 -42.35 11.85 -6.10
C ILE E 104 -42.23 12.90 -7.22
N ASP E 105 -43.29 13.05 -8.00
CA ASP E 105 -43.36 14.07 -9.06
C ASP E 105 -44.55 15.02 -8.91
N GLU E 106 -45.26 14.92 -7.77
CA GLU E 106 -46.41 15.77 -7.48
C GLU E 106 -47.49 15.71 -8.57
N ARG E 107 -47.87 14.50 -8.95
CA ARG E 107 -48.91 14.27 -9.96
C ARG E 107 -49.93 13.25 -9.47
N GLY E 108 -50.30 13.33 -8.20
CA GLY E 108 -51.28 12.41 -7.61
C GLY E 108 -50.74 11.00 -7.46
N PRO E 109 -51.62 10.04 -7.16
CA PRO E 109 -51.21 8.65 -6.99
C PRO E 109 -50.96 7.95 -8.33
N ILE E 110 -50.16 6.89 -8.29
CA ILE E 110 -49.93 6.04 -9.45
C ILE E 110 -51.03 4.99 -9.50
N LYS E 111 -52.04 5.22 -10.34
CA LYS E 111 -53.21 4.34 -10.43
C LYS E 111 -52.88 3.06 -11.21
N THR E 112 -52.11 2.18 -10.57
CA THR E 112 -51.69 0.92 -11.18
C THR E 112 -52.76 -0.15 -11.01
N LYS E 113 -52.67 -1.18 -11.85
CA LYS E 113 -53.61 -2.30 -11.80
C LYS E 113 -53.10 -3.38 -10.85
N GLN E 114 -51.83 -3.77 -11.00
CA GLN E 114 -51.22 -4.80 -10.16
C GLN E 114 -50.09 -4.23 -9.29
N PHE E 115 -49.60 -5.05 -8.37
CA PHE E 115 -48.44 -4.73 -7.54
C PHE E 115 -47.44 -5.88 -7.58
N ALA E 116 -46.19 -5.58 -7.21
CA ALA E 116 -45.12 -6.58 -7.26
C ALA E 116 -44.03 -6.29 -6.23
N ALA E 117 -43.59 -7.34 -5.54
CA ALA E 117 -42.54 -7.23 -4.53
C ALA E 117 -41.19 -6.98 -5.18
N ILE E 118 -40.39 -6.08 -4.59
CA ILE E 118 -39.07 -5.76 -5.14
C ILE E 118 -38.11 -6.95 -5.11
N HIS E 119 -38.20 -7.76 -4.07
CA HIS E 119 -37.36 -8.96 -3.94
C HIS E 119 -37.99 -10.14 -4.67
N ALA E 120 -37.18 -10.81 -5.48
CA ALA E 120 -37.62 -11.97 -6.24
C ALA E 120 -36.42 -12.78 -6.71
N GLU E 121 -36.57 -14.11 -6.73
CA GLU E 121 -35.49 -14.99 -7.17
C GLU E 121 -35.37 -14.96 -8.69
N ALA E 122 -34.14 -15.02 -9.18
CA ALA E 122 -33.86 -14.91 -10.61
C ALA E 122 -34.44 -16.10 -11.38
N PRO E 123 -34.65 -15.93 -12.71
CA PRO E 123 -35.20 -17.02 -13.52
C PRO E 123 -34.41 -18.32 -13.40
N GLU E 124 -35.12 -19.45 -13.44
CA GLU E 124 -34.51 -20.76 -13.30
C GLU E 124 -33.69 -21.14 -14.52
N PHE E 125 -32.89 -22.20 -14.40
CA PHE E 125 -32.02 -22.65 -15.48
C PHE E 125 -32.78 -23.00 -16.76
N VAL E 126 -33.99 -23.55 -16.60
CA VAL E 126 -34.80 -23.97 -17.75
C VAL E 126 -35.39 -22.77 -18.50
N GLU E 127 -35.57 -21.66 -17.79
CA GLU E 127 -36.10 -20.43 -18.40
C GLU E 127 -35.05 -19.67 -19.22
N MET E 128 -33.77 -19.98 -19.03
CA MET E 128 -32.69 -19.26 -19.69
C MET E 128 -32.66 -19.49 -21.20
N SER E 129 -32.48 -18.41 -21.95
CA SER E 129 -32.40 -18.49 -23.41
C SER E 129 -31.01 -18.94 -23.84
N VAL E 130 -30.95 -20.09 -24.49
CA VAL E 130 -29.67 -20.66 -24.94
C VAL E 130 -29.06 -19.92 -26.14
N GLU E 131 -29.87 -19.16 -26.86
CA GLU E 131 -29.42 -18.38 -28.01
C GLU E 131 -28.93 -17.00 -27.56
N GLN E 132 -27.89 -16.50 -28.22
CA GLN E 132 -27.37 -15.15 -27.98
C GLN E 132 -27.65 -14.26 -29.19
N GLU E 133 -28.85 -13.70 -29.23
CA GLU E 133 -29.28 -12.85 -30.34
C GLU E 133 -28.85 -11.41 -30.10
N ILE E 134 -28.45 -10.73 -31.18
CA ILE E 134 -28.05 -9.32 -31.11
C ILE E 134 -29.26 -8.39 -30.98
N LEU E 135 -29.13 -7.36 -30.15
CA LEU E 135 -30.16 -6.34 -30.00
C LEU E 135 -29.80 -5.14 -30.88
N VAL E 136 -30.56 -4.93 -31.95
CA VAL E 136 -30.28 -3.86 -32.91
C VAL E 136 -30.70 -2.52 -32.29
N THR E 137 -29.71 -1.73 -31.89
CA THR E 137 -29.94 -0.44 -31.25
C THR E 137 -30.33 0.64 -32.25
N GLY E 138 -29.81 0.55 -33.47
CA GLY E 138 -30.02 1.56 -34.50
C GLY E 138 -28.84 2.49 -34.68
N ILE E 139 -27.93 2.51 -33.71
CA ILE E 139 -26.74 3.34 -33.76
C ILE E 139 -25.63 2.55 -34.44
N LYS E 140 -24.95 3.18 -35.40
CA LYS E 140 -23.95 2.49 -36.24
C LYS E 140 -22.69 2.10 -35.47
N VAL E 141 -22.15 3.04 -34.69
CA VAL E 141 -20.94 2.78 -33.91
C VAL E 141 -21.15 1.67 -32.87
N VAL E 142 -22.38 1.57 -32.35
CA VAL E 142 -22.74 0.55 -31.38
C VAL E 142 -22.94 -0.80 -32.07
N ASP E 143 -23.87 -0.84 -33.02
CA ASP E 143 -24.24 -2.08 -33.71
C ASP E 143 -23.07 -2.78 -34.42
N LEU E 144 -22.17 -1.99 -35.00
CA LEU E 144 -21.06 -2.55 -35.79
C LEU E 144 -19.92 -3.05 -34.91
N LEU E 145 -19.36 -2.16 -34.09
CA LEU E 145 -18.12 -2.43 -33.36
C LEU E 145 -18.33 -3.15 -32.03
N ALA E 146 -19.11 -2.53 -31.14
CA ALA E 146 -19.35 -3.06 -29.80
C ALA E 146 -20.86 -3.24 -29.56
N PRO E 147 -21.46 -4.27 -30.19
CA PRO E 147 -22.91 -4.46 -30.12
C PRO E 147 -23.41 -4.95 -28.76
N TYR E 148 -24.68 -4.70 -28.47
CA TYR E 148 -25.31 -5.13 -27.22
C TYR E 148 -26.04 -6.44 -27.41
N ALA E 149 -25.77 -7.40 -26.53
CA ALA E 149 -26.48 -8.68 -26.55
C ALA E 149 -27.88 -8.50 -25.97
N LYS E 150 -28.85 -9.23 -26.52
CA LYS E 150 -30.22 -9.18 -26.02
C LYS E 150 -30.27 -9.78 -24.62
N GLY E 151 -30.62 -8.95 -23.64
CA GLY E 151 -30.63 -9.36 -22.24
C GLY E 151 -29.27 -9.30 -21.58
N GLY E 152 -28.33 -8.62 -22.22
CA GLY E 152 -26.97 -8.47 -21.70
C GLY E 152 -26.85 -7.25 -20.80
N LYS E 153 -25.63 -7.01 -20.33
CA LYS E 153 -25.33 -5.88 -19.45
C LYS E 153 -24.17 -5.08 -20.03
N ILE E 154 -24.33 -3.76 -20.08
CA ILE E 154 -23.36 -2.89 -20.73
C ILE E 154 -22.80 -1.87 -19.74
N GLY E 155 -21.47 -1.75 -19.72
CA GLY E 155 -20.79 -0.75 -18.89
C GLY E 155 -20.62 0.56 -19.64
N LEU E 156 -21.40 1.56 -19.25
CA LEU E 156 -21.34 2.89 -19.89
C LEU E 156 -20.31 3.77 -19.17
N PHE E 157 -19.15 3.92 -19.78
CA PHE E 157 -18.07 4.74 -19.20
C PHE E 157 -18.09 6.14 -19.79
N GLY E 158 -18.22 7.15 -18.92
CA GLY E 158 -18.26 8.55 -19.34
C GLY E 158 -18.99 9.43 -18.35
N GLY E 159 -18.59 10.70 -18.31
CA GLY E 159 -19.21 11.69 -17.43
C GLY E 159 -20.07 12.68 -18.21
N ALA E 160 -19.72 13.96 -18.13
CA ALA E 160 -20.46 15.03 -18.80
C ALA E 160 -19.73 15.54 -20.04
N GLY E 161 -20.46 16.28 -20.87
CA GLY E 161 -19.89 16.89 -22.08
C GLY E 161 -19.59 15.92 -23.20
N VAL E 162 -20.28 14.78 -23.21
CA VAL E 162 -20.08 13.75 -24.25
C VAL E 162 -21.40 13.22 -24.84
N GLY E 163 -22.52 13.88 -24.53
CA GLY E 163 -23.84 13.43 -24.97
C GLY E 163 -24.28 12.13 -24.33
N LYS E 164 -24.13 12.06 -23.00
CA LYS E 164 -24.48 10.85 -22.25
C LYS E 164 -25.99 10.67 -22.17
N THR E 165 -26.69 11.72 -21.74
CA THR E 165 -28.15 11.69 -21.64
C THR E 165 -28.80 11.61 -23.02
N VAL E 166 -28.16 12.20 -24.03
CA VAL E 166 -28.65 12.15 -25.41
C VAL E 166 -28.57 10.72 -25.94
N LEU E 167 -27.49 10.02 -25.60
CA LEU E 167 -27.32 8.61 -25.97
C LEU E 167 -28.37 7.72 -25.30
N ILE E 168 -28.60 7.98 -24.01
CA ILE E 168 -29.58 7.22 -23.23
C ILE E 168 -30.99 7.37 -23.81
N MET E 169 -31.39 8.61 -24.09
CA MET E 169 -32.71 8.89 -24.65
C MET E 169 -32.92 8.29 -26.04
N GLU E 170 -31.86 8.24 -26.84
CA GLU E 170 -31.93 7.67 -28.18
C GLU E 170 -32.11 6.15 -28.11
N LEU E 171 -31.37 5.50 -27.22
CA LEU E 171 -31.52 4.06 -27.00
C LEU E 171 -32.93 3.72 -26.51
N ILE E 172 -33.47 4.57 -25.64
CA ILE E 172 -34.85 4.46 -25.18
C ILE E 172 -35.81 4.62 -26.36
N ASN E 173 -35.56 5.63 -27.18
CA ASN E 173 -36.40 5.94 -28.35
C ASN E 173 -36.36 4.85 -29.42
N ASN E 174 -35.16 4.44 -29.80
CA ASN E 174 -34.97 3.47 -30.89
C ASN E 174 -35.45 2.06 -30.56
N VAL E 175 -35.19 1.61 -29.33
CA VAL E 175 -35.65 0.29 -28.87
C VAL E 175 -37.18 0.25 -28.79
N ALA E 176 -37.78 1.37 -28.40
CA ALA E 176 -39.24 1.50 -28.38
C ALA E 176 -39.82 1.56 -29.79
N LYS E 177 -39.14 2.27 -30.68
CA LYS E 177 -39.59 2.45 -32.06
C LYS E 177 -39.40 1.19 -32.91
N ALA E 178 -38.29 0.49 -32.71
CA ALA E 178 -37.96 -0.69 -33.50
C ALA E 178 -38.52 -1.98 -32.90
N HIS E 179 -38.11 -2.28 -31.67
CA HIS E 179 -38.48 -3.55 -31.02
C HIS E 179 -39.81 -3.50 -30.27
N GLY E 180 -40.33 -2.30 -30.02
CA GLY E 180 -41.63 -2.15 -29.38
C GLY E 180 -41.63 -2.49 -27.90
N GLY E 181 -40.61 -2.03 -27.18
CA GLY E 181 -40.49 -2.27 -25.75
C GLY E 181 -40.20 -0.98 -24.98
N TYR E 182 -40.84 -0.83 -23.83
CA TYR E 182 -40.67 0.36 -22.99
C TYR E 182 -39.35 0.30 -22.22
N SER E 183 -38.99 1.42 -21.59
CA SER E 183 -37.72 1.55 -20.88
C SER E 183 -37.90 1.99 -19.44
N VAL E 184 -36.88 1.74 -18.62
CA VAL E 184 -36.89 2.09 -17.20
C VAL E 184 -35.55 2.71 -16.80
N PHE E 185 -35.60 3.87 -16.14
CA PHE E 185 -34.40 4.54 -15.65
C PHE E 185 -34.36 4.52 -14.12
N ALA E 186 -33.30 3.95 -13.56
CA ALA E 186 -33.14 3.83 -12.12
C ALA E 186 -32.04 4.77 -11.62
N GLY E 187 -32.45 5.88 -11.01
CA GLY E 187 -31.51 6.81 -10.39
C GLY E 187 -31.06 6.30 -9.03
N VAL E 188 -29.81 5.86 -8.96
CA VAL E 188 -29.27 5.26 -7.74
C VAL E 188 -28.06 6.03 -7.22
N GLY E 189 -28.25 6.77 -6.13
CA GLY E 189 -27.15 7.39 -5.39
C GLY E 189 -26.41 8.54 -6.05
N GLU E 190 -26.96 9.07 -7.15
CA GLU E 190 -26.35 10.22 -7.81
C GLU E 190 -27.01 11.51 -7.33
N ARG E 191 -26.83 12.60 -8.07
CA ARG E 191 -27.35 13.91 -7.64
C ARG E 191 -28.82 14.07 -8.03
N THR E 192 -29.60 14.69 -7.14
CA THR E 192 -31.00 15.01 -7.41
C THR E 192 -31.09 16.06 -8.52
N ARG E 193 -30.15 17.01 -8.51
CA ARG E 193 -30.00 17.98 -9.59
C ARG E 193 -30.01 17.31 -10.96
N GLU E 194 -29.21 16.25 -11.10
CA GLU E 194 -29.10 15.51 -12.36
C GLU E 194 -30.42 14.84 -12.75
N GLY E 195 -31.16 14.37 -11.75
CA GLY E 195 -32.50 13.82 -11.97
C GLY E 195 -33.46 14.86 -12.50
N ASN E 196 -33.37 16.07 -11.98
CA ASN E 196 -34.15 17.20 -12.47
C ASN E 196 -33.80 17.56 -13.91
N ASP E 197 -32.50 17.52 -14.22
CA ASP E 197 -32.02 17.81 -15.57
C ASP E 197 -32.50 16.77 -16.57
N LEU E 198 -32.43 15.49 -16.19
CA LEU E 198 -32.85 14.39 -17.06
C LEU E 198 -34.36 14.38 -17.28
N TYR E 199 -35.12 14.61 -16.21
CA TYR E 199 -36.58 14.59 -16.27
C TYR E 199 -37.13 15.57 -17.30
N HIS E 200 -36.64 16.80 -17.27
CA HIS E 200 -37.11 17.84 -18.18
C HIS E 200 -36.56 17.68 -19.60
N GLU E 201 -35.34 17.16 -19.73
CA GLU E 201 -34.78 16.85 -21.05
C GLU E 201 -35.59 15.78 -21.77
N MET E 202 -36.10 14.81 -21.02
CA MET E 202 -36.96 13.75 -21.57
C MET E 202 -38.31 14.29 -22.03
N ILE E 203 -38.83 15.29 -21.33
CA ILE E 203 -40.08 15.94 -21.71
C ILE E 203 -39.92 16.76 -22.99
N GLU E 204 -38.82 17.51 -23.08
CA GLU E 204 -38.52 18.30 -24.27
C GLU E 204 -38.19 17.43 -25.48
N SER E 205 -37.59 16.26 -25.23
CA SER E 205 -37.28 15.31 -26.30
C SER E 205 -38.55 14.62 -26.80
N GLY E 206 -39.34 14.11 -25.87
CA GLY E 206 -40.60 13.43 -26.20
C GLY E 206 -40.78 12.06 -25.59
N VAL E 207 -39.71 11.47 -25.06
CA VAL E 207 -39.78 10.13 -24.45
C VAL E 207 -40.70 10.09 -23.23
N ILE E 208 -40.82 11.21 -22.54
CA ILE E 208 -41.85 11.39 -21.51
C ILE E 208 -42.86 12.43 -22.02
N ASN E 209 -44.15 12.13 -21.83
CA ASN E 209 -45.22 13.03 -22.26
C ASN E 209 -46.23 13.22 -21.14
N LEU E 210 -46.42 14.47 -20.72
CA LEU E 210 -47.33 14.81 -19.62
C LEU E 210 -48.77 14.89 -20.11
N LYS E 211 -48.95 15.36 -21.35
CA LYS E 211 -50.27 15.60 -21.91
C LYS E 211 -51.07 14.32 -22.14
N ASP E 212 -50.42 13.32 -22.75
CA ASP E 212 -51.07 12.07 -23.12
C ASP E 212 -50.30 10.85 -22.62
N ALA E 213 -50.91 9.67 -22.76
CA ALA E 213 -50.29 8.42 -22.34
C ALA E 213 -49.52 7.76 -23.48
N THR E 214 -48.39 8.36 -23.86
CA THR E 214 -47.50 7.79 -24.86
C THR E 214 -46.04 7.85 -24.40
N SER E 215 -45.83 7.86 -23.08
CA SER E 215 -44.49 7.93 -22.51
C SER E 215 -43.82 6.57 -22.60
N LYS E 216 -42.52 6.57 -22.91
CA LYS E 216 -41.75 5.35 -23.10
C LYS E 216 -40.85 5.02 -21.90
N VAL E 217 -40.79 5.92 -20.92
CA VAL E 217 -39.85 5.81 -19.81
C VAL E 217 -40.59 5.75 -18.48
N ALA E 218 -40.11 4.89 -17.58
CA ALA E 218 -40.61 4.83 -16.21
C ALA E 218 -39.45 5.15 -15.27
N LEU E 219 -39.57 6.25 -14.53
CA LEU E 219 -38.47 6.75 -13.70
C LEU E 219 -38.58 6.25 -12.26
N VAL E 220 -37.46 5.82 -11.71
CA VAL E 220 -37.36 5.40 -10.31
C VAL E 220 -36.09 6.03 -9.72
N TYR E 221 -36.24 6.78 -8.63
CA TYR E 221 -35.12 7.54 -8.07
C TYR E 221 -34.89 7.30 -6.58
N GLY E 222 -33.63 7.28 -6.19
CA GLY E 222 -33.21 7.20 -4.79
C GLY E 222 -31.79 7.71 -4.68
N GLN E 223 -31.68 9.02 -4.49
CA GLN E 223 -30.41 9.72 -4.65
C GLN E 223 -29.65 9.91 -3.33
N MET E 224 -28.51 10.61 -3.41
CA MET E 224 -27.64 10.90 -2.26
C MET E 224 -28.36 11.30 -0.97
N ASN E 225 -29.39 12.13 -1.09
CA ASN E 225 -30.13 12.63 0.07
C ASN E 225 -30.80 11.56 0.93
N GLU E 226 -31.13 10.41 0.34
CA GLU E 226 -31.77 9.32 1.07
C GLU E 226 -30.75 8.41 1.74
N PRO E 227 -31.13 7.74 2.85
CA PRO E 227 -30.20 6.91 3.63
C PRO E 227 -29.75 5.63 2.93
N PRO E 228 -28.72 4.95 3.48
CA PRO E 228 -28.12 3.75 2.87
C PRO E 228 -29.13 2.67 2.48
N GLY E 229 -30.05 2.35 3.40
CA GLY E 229 -31.08 1.34 3.14
C GLY E 229 -31.97 1.68 1.96
N ALA E 230 -32.31 2.95 1.82
CA ALA E 230 -33.12 3.42 0.70
C ALA E 230 -32.35 3.30 -0.61
N ARG E 231 -31.12 3.80 -0.62
CA ARG E 231 -30.25 3.74 -1.79
C ARG E 231 -29.82 2.32 -2.18
N ALA E 232 -29.79 1.41 -1.20
CA ALA E 232 -29.36 0.04 -1.44
C ALA E 232 -30.31 -0.76 -2.32
N ARG E 233 -31.61 -0.47 -2.24
CA ARG E 233 -32.63 -1.27 -2.94
C ARG E 233 -33.48 -0.47 -3.94
N VAL E 234 -32.89 0.57 -4.52
CA VAL E 234 -33.58 1.37 -5.55
C VAL E 234 -33.50 0.61 -6.87
N ALA E 235 -32.32 0.05 -7.15
CA ALA E 235 -32.10 -0.75 -8.35
C ALA E 235 -33.06 -1.94 -8.42
N LEU E 236 -33.43 -2.48 -7.24
CA LEU E 236 -34.41 -3.57 -7.17
C LEU E 236 -35.81 -3.07 -7.49
N THR E 237 -36.14 -1.87 -6.99
CA THR E 237 -37.43 -1.23 -7.26
C THR E 237 -37.63 -0.98 -8.75
N GLY E 238 -36.60 -0.44 -9.41
CA GLY E 238 -36.65 -0.19 -10.85
C GLY E 238 -36.64 -1.48 -11.65
N LEU E 239 -35.81 -2.44 -11.22
CA LEU E 239 -35.73 -3.76 -11.86
C LEU E 239 -37.09 -4.45 -11.91
N THR E 240 -37.83 -4.38 -10.81
CA THR E 240 -39.16 -4.99 -10.72
C THR E 240 -40.16 -4.39 -11.71
N VAL E 241 -40.03 -3.09 -11.99
CA VAL E 241 -40.85 -2.43 -12.99
C VAL E 241 -40.51 -2.97 -14.38
N ALA E 242 -39.22 -3.18 -14.65
CA ALA E 242 -38.76 -3.75 -15.91
C ALA E 242 -39.16 -5.22 -16.04
N GLU E 243 -39.20 -5.94 -14.92
CA GLU E 243 -39.63 -7.34 -14.90
C GLU E 243 -41.08 -7.52 -15.33
N TYR E 244 -41.94 -6.55 -15.00
CA TYR E 244 -43.34 -6.60 -15.41
C TYR E 244 -43.48 -6.60 -16.93
N PHE E 245 -42.81 -5.65 -17.58
CA PHE E 245 -42.88 -5.52 -19.04
C PHE E 245 -42.32 -6.74 -19.76
N ARG E 246 -41.33 -7.39 -19.15
CA ARG E 246 -40.77 -8.62 -19.70
C ARG E 246 -41.71 -9.81 -19.48
N ASP E 247 -42.09 -10.04 -18.23
CA ASP E 247 -42.81 -11.25 -17.86
C ASP E 247 -44.28 -11.21 -18.27
N GLN E 248 -44.95 -10.09 -18.00
CA GLN E 248 -46.39 -9.98 -18.25
C GLN E 248 -46.72 -9.63 -19.70
N GLU E 249 -46.04 -8.61 -20.25
CA GLU E 249 -46.33 -8.12 -21.59
C GLU E 249 -45.43 -8.72 -22.69
N GLY E 250 -44.37 -9.43 -22.30
CA GLY E 250 -43.52 -10.15 -23.25
C GLY E 250 -42.72 -9.26 -24.18
N GLN E 251 -42.14 -8.19 -23.62
CA GLN E 251 -41.42 -7.19 -24.40
C GLN E 251 -39.91 -7.34 -24.27
N ASP E 252 -39.19 -6.63 -25.16
CA ASP E 252 -37.75 -6.46 -25.04
C ASP E 252 -37.50 -5.15 -24.30
N VAL E 253 -37.32 -5.26 -22.98
CA VAL E 253 -37.26 -4.09 -22.10
C VAL E 253 -35.85 -3.52 -22.05
N LEU E 254 -35.75 -2.21 -21.80
CA LEU E 254 -34.47 -1.52 -21.70
C LEU E 254 -34.34 -0.84 -20.33
N LEU E 255 -33.46 -1.40 -19.48
CA LEU E 255 -33.24 -0.87 -18.13
C LEU E 255 -31.99 -0.02 -18.07
N PHE E 256 -32.01 1.03 -17.25
CA PHE E 256 -30.85 1.88 -17.03
C PHE E 256 -30.58 2.04 -15.54
N ILE E 257 -29.33 1.82 -15.14
CA ILE E 257 -28.90 2.02 -13.75
C ILE E 257 -27.74 3.00 -13.72
N ASP E 258 -27.94 4.10 -12.99
CA ASP E 258 -26.95 5.15 -12.88
C ASP E 258 -26.98 5.72 -11.45
N ASN E 259 -25.95 5.47 -10.64
CA ASN E 259 -24.74 4.73 -10.99
C ASN E 259 -24.73 3.36 -10.30
N ILE E 260 -24.16 2.36 -10.97
CA ILE E 260 -24.11 1.00 -10.43
C ILE E 260 -23.13 0.90 -9.24
N PHE E 261 -22.12 1.76 -9.22
CA PHE E 261 -21.19 1.82 -8.10
C PHE E 261 -21.89 2.24 -6.81
N ARG E 262 -22.92 3.08 -6.93
CA ARG E 262 -23.70 3.52 -5.78
C ARG E 262 -24.48 2.38 -5.13
N PHE E 263 -24.96 1.45 -5.95
CA PHE E 263 -25.60 0.23 -5.44
C PHE E 263 -24.59 -0.60 -4.63
N THR E 264 -23.34 -0.63 -5.09
CA THR E 264 -22.28 -1.38 -4.42
C THR E 264 -21.96 -0.77 -3.05
N GLN E 265 -21.65 0.52 -3.02
CA GLN E 265 -21.27 1.18 -1.76
C GLN E 265 -22.44 1.30 -0.79
N ALA E 266 -23.66 1.39 -1.31
CA ALA E 266 -24.85 1.34 -0.46
C ALA E 266 -24.91 0.00 0.28
N GLY E 267 -24.65 -1.08 -0.45
CA GLY E 267 -24.57 -2.42 0.13
C GLY E 267 -23.41 -2.54 1.12
N SER E 268 -22.30 -1.88 0.81
CA SER E 268 -21.16 -1.81 1.72
C SER E 268 -21.47 -1.01 2.98
N GLU E 269 -22.24 0.07 2.83
CA GLU E 269 -22.67 0.90 3.96
C GLU E 269 -23.64 0.17 4.88
N VAL E 270 -24.56 -0.59 4.30
CA VAL E 270 -25.55 -1.36 5.07
C VAL E 270 -24.86 -2.48 5.86
N SER E 271 -23.96 -3.20 5.20
CA SER E 271 -23.21 -4.29 5.83
C SER E 271 -22.35 -3.80 6.99
N ALA E 272 -21.75 -2.62 6.84
CA ALA E 272 -20.92 -2.03 7.88
C ALA E 272 -21.74 -1.66 9.11
N LEU E 273 -22.88 -1.00 8.88
CA LEU E 273 -23.77 -0.57 9.97
C LEU E 273 -24.41 -1.73 10.72
N LEU E 274 -24.67 -2.83 10.01
CA LEU E 274 -25.25 -4.03 10.62
C LEU E 274 -24.29 -4.75 11.56
N GLY E 275 -22.99 -4.54 11.38
CA GLY E 275 -21.97 -5.16 12.23
C GLY E 275 -21.43 -6.43 11.60
N ARG E 276 -20.69 -6.25 10.51
CA ARG E 276 -20.05 -7.36 9.81
C ARG E 276 -18.61 -7.00 9.51
N ILE E 277 -17.71 -7.97 9.66
CA ILE E 277 -16.27 -7.73 9.44
C ILE E 277 -16.03 -7.46 7.95
N PRO E 278 -15.57 -6.25 7.60
CA PRO E 278 -15.38 -5.90 6.19
C PRO E 278 -14.37 -6.80 5.46
N SER E 279 -14.61 -7.01 4.16
CA SER E 279 -13.73 -7.78 3.31
C SER E 279 -12.60 -6.90 2.77
N ALA E 280 -11.95 -7.33 1.69
CA ALA E 280 -10.84 -6.59 1.10
C ALA E 280 -11.24 -5.19 0.65
N VAL E 281 -10.37 -4.22 0.92
CA VAL E 281 -10.59 -2.81 0.57
C VAL E 281 -11.86 -2.23 1.23
N GLY E 282 -12.22 -2.76 2.39
CA GLY E 282 -13.35 -2.24 3.16
C GLY E 282 -14.75 -2.59 2.68
N TYR E 283 -14.87 -3.33 1.57
CA TYR E 283 -16.18 -3.71 1.05
C TYR E 283 -16.82 -4.80 1.90
N GLN E 284 -18.12 -5.02 1.69
CA GLN E 284 -18.88 -6.01 2.44
C GLN E 284 -18.44 -7.45 2.15
N PRO E 285 -18.72 -8.38 3.07
CA PRO E 285 -18.46 -9.79 2.80
C PRO E 285 -19.33 -10.35 1.68
N THR E 286 -20.55 -9.82 1.58
CA THR E 286 -21.54 -10.28 0.62
C THR E 286 -21.55 -9.44 -0.66
N LEU E 287 -20.36 -9.12 -1.17
CA LEU E 287 -20.23 -8.29 -2.37
C LEU E 287 -20.68 -9.03 -3.63
N ALA E 288 -20.26 -10.29 -3.75
CA ALA E 288 -20.57 -11.11 -4.92
C ALA E 288 -22.04 -11.57 -4.93
N THR E 289 -22.57 -11.95 -3.77
CA THR E 289 -23.93 -12.44 -3.67
C THR E 289 -24.98 -11.33 -3.85
N ASP E 290 -24.69 -10.14 -3.32
CA ASP E 290 -25.59 -9.00 -3.47
C ASP E 290 -25.66 -8.55 -4.92
N MET E 291 -24.51 -8.52 -5.59
CA MET E 291 -24.45 -8.21 -7.02
C MET E 291 -25.06 -9.35 -7.83
N GLY E 292 -24.84 -10.59 -7.40
CA GLY E 292 -25.34 -11.77 -8.10
C GLY E 292 -26.85 -11.88 -8.13
N THR E 293 -27.48 -11.70 -6.97
CA THR E 293 -28.95 -11.81 -6.87
C THR E 293 -29.68 -10.69 -7.62
N MET E 294 -29.01 -9.55 -7.81
CA MET E 294 -29.57 -8.44 -8.57
C MET E 294 -29.37 -8.66 -10.07
N GLN E 295 -28.12 -8.89 -10.47
CA GLN E 295 -27.75 -8.97 -11.88
C GLN E 295 -28.39 -10.15 -12.62
N GLU E 296 -28.47 -11.30 -11.94
CA GLU E 296 -29.02 -12.51 -12.56
C GLU E 296 -30.50 -12.41 -12.95
N ARG E 297 -31.22 -11.49 -12.33
CA ARG E 297 -32.61 -11.20 -12.71
C ARG E 297 -32.69 -10.51 -14.08
N ILE E 298 -31.66 -9.76 -14.42
CA ILE E 298 -31.56 -9.10 -15.73
C ILE E 298 -31.05 -10.13 -16.75
N THR E 299 -31.98 -10.77 -17.46
CA THR E 299 -31.65 -11.79 -18.46
C THR E 299 -32.73 -11.90 -19.54
N THR E 300 -32.47 -12.75 -20.53
CA THR E 300 -33.46 -13.10 -21.55
C THR E 300 -34.18 -14.38 -21.14
N THR E 301 -35.46 -14.26 -20.80
CA THR E 301 -36.31 -15.41 -20.54
C THR E 301 -36.95 -15.87 -21.86
N LYS E 302 -37.79 -16.91 -21.78
CA LYS E 302 -38.53 -17.37 -22.95
C LYS E 302 -39.72 -16.45 -23.26
N LYS E 303 -40.14 -15.65 -22.29
CA LYS E 303 -41.24 -14.69 -22.47
C LYS E 303 -40.75 -13.37 -23.08
N GLY E 304 -39.60 -12.89 -22.61
CA GLY E 304 -39.00 -11.65 -23.12
C GLY E 304 -37.56 -11.46 -22.67
N SER E 305 -37.14 -10.20 -22.55
CA SER E 305 -35.78 -9.88 -22.14
C SER E 305 -35.67 -8.50 -21.49
N ILE E 306 -34.61 -8.31 -20.70
CA ILE E 306 -34.27 -7.02 -20.13
C ILE E 306 -32.79 -6.76 -20.38
N THR E 307 -32.49 -5.84 -21.29
CA THR E 307 -31.11 -5.45 -21.59
C THR E 307 -30.78 -4.19 -20.80
N SER E 308 -29.74 -4.26 -19.97
CA SER E 308 -29.43 -3.21 -19.00
C SER E 308 -28.16 -2.44 -19.34
N VAL E 309 -28.30 -1.13 -19.51
CA VAL E 309 -27.15 -0.23 -19.66
C VAL E 309 -26.82 0.34 -18.28
N GLN E 310 -25.67 -0.06 -17.73
CA GLN E 310 -25.29 0.31 -16.38
C GLN E 310 -24.07 1.23 -16.38
N ALA E 311 -24.24 2.43 -15.82
CA ALA E 311 -23.14 3.39 -15.73
C ALA E 311 -22.19 2.97 -14.61
N ILE E 312 -20.90 2.83 -14.94
CA ILE E 312 -19.89 2.36 -14.01
C ILE E 312 -18.88 3.47 -13.69
N TYR E 313 -18.77 3.82 -12.41
CA TYR E 313 -17.73 4.73 -11.94
C TYR E 313 -16.61 3.91 -11.29
N VAL E 314 -15.48 3.82 -11.96
CA VAL E 314 -14.33 3.06 -11.47
C VAL E 314 -13.57 3.90 -10.45
N PRO E 315 -13.53 3.47 -9.18
CA PRO E 315 -12.89 4.26 -8.13
C PRO E 315 -11.36 4.25 -8.22
N ALA E 316 -10.77 5.44 -8.23
CA ALA E 316 -9.32 5.62 -8.35
C ALA E 316 -8.74 5.07 -9.66
N ASP E 317 -9.56 5.08 -10.71
CA ASP E 317 -9.18 4.56 -12.04
C ASP E 317 -8.57 3.16 -11.98
N ASP E 318 -9.01 2.35 -11.00
CA ASP E 318 -8.45 1.03 -10.77
C ASP E 318 -9.49 -0.04 -11.10
N LEU E 319 -9.28 -0.73 -12.23
CA LEU E 319 -10.19 -1.79 -12.67
C LEU E 319 -10.09 -3.05 -11.81
N THR E 320 -8.96 -3.19 -11.09
CA THR E 320 -8.77 -4.32 -10.19
C THR E 320 -9.42 -4.12 -8.81
N ASP E 321 -10.06 -2.96 -8.61
CA ASP E 321 -10.82 -2.70 -7.39
C ASP E 321 -12.02 -3.64 -7.32
N PRO E 322 -12.34 -4.18 -6.12
CA PRO E 322 -13.46 -5.10 -5.95
C PRO E 322 -14.77 -4.66 -6.60
N ALA E 323 -15.16 -3.40 -6.38
CA ALA E 323 -16.46 -2.89 -6.84
C ALA E 323 -16.66 -3.06 -8.36
N PRO E 324 -15.76 -2.48 -9.19
CA PRO E 324 -15.89 -2.71 -10.63
C PRO E 324 -15.59 -4.15 -11.05
N ALA E 325 -14.56 -4.76 -10.46
CA ALA E 325 -14.14 -6.13 -10.80
C ALA E 325 -15.27 -7.14 -10.63
N THR E 326 -16.04 -7.00 -9.55
CA THR E 326 -17.21 -7.86 -9.31
C THR E 326 -18.30 -7.58 -10.35
N THR E 327 -18.44 -6.31 -10.74
CA THR E 327 -19.41 -5.92 -11.76
C THR E 327 -19.00 -6.40 -13.17
N PHE E 328 -17.70 -6.42 -13.44
CA PHE E 328 -17.18 -6.82 -14.75
C PHE E 328 -17.52 -8.27 -15.13
N ALA E 329 -17.68 -9.13 -14.13
CA ALA E 329 -18.06 -10.53 -14.36
C ALA E 329 -19.42 -10.66 -15.07
N HIS E 330 -20.33 -9.74 -14.77
CA HIS E 330 -21.69 -9.78 -15.33
C HIS E 330 -21.85 -9.07 -16.68
N LEU E 331 -20.91 -8.20 -17.04
CA LEU E 331 -21.03 -7.39 -18.25
C LEU E 331 -20.80 -8.21 -19.54
N ASP E 332 -21.64 -7.97 -20.53
CA ASP E 332 -21.51 -8.57 -21.86
C ASP E 332 -20.89 -7.62 -22.88
N ALA E 333 -20.75 -6.35 -22.50
CA ALA E 333 -20.17 -5.34 -23.40
C ALA E 333 -19.80 -4.07 -22.64
N THR E 334 -19.15 -3.14 -23.33
CA THR E 334 -18.81 -1.83 -22.77
C THR E 334 -18.99 -0.75 -23.84
N THR E 335 -19.30 0.47 -23.40
CA THR E 335 -19.49 1.61 -24.30
C THR E 335 -18.74 2.83 -23.76
N VAL E 336 -17.51 3.01 -24.25
CA VAL E 336 -16.64 4.09 -23.78
C VAL E 336 -16.96 5.40 -24.51
N LEU E 337 -17.19 6.46 -23.75
CA LEU E 337 -17.44 7.79 -24.30
C LEU E 337 -16.24 8.70 -23.99
N SER E 338 -15.60 9.20 -25.04
CA SER E 338 -14.40 10.03 -24.89
C SER E 338 -14.67 11.47 -25.31
N ARG E 339 -14.09 12.42 -24.56
CA ARG E 339 -14.17 13.83 -24.91
C ARG E 339 -13.33 14.16 -26.14
N ALA E 340 -12.25 13.41 -26.35
CA ALA E 340 -11.40 13.56 -27.53
C ALA E 340 -12.18 13.39 -28.83
N ILE E 341 -13.10 12.43 -28.84
CA ILE E 341 -13.97 12.18 -30.00
C ILE E 341 -15.03 13.27 -30.10
N ALA E 342 -15.55 13.70 -28.94
CA ALA E 342 -16.56 14.76 -28.88
C ALA E 342 -16.02 16.12 -29.35
N GLU E 343 -14.74 16.38 -29.04
CA GLU E 343 -14.09 17.63 -29.46
C GLU E 343 -13.84 17.70 -30.96
N LEU E 344 -13.77 16.54 -31.63
CA LEU E 344 -13.60 16.48 -33.08
C LEU E 344 -14.94 16.58 -33.84
N GLY E 345 -16.03 16.87 -33.12
CA GLY E 345 -17.34 17.03 -33.74
C GLY E 345 -18.05 15.74 -34.08
N ILE E 346 -17.51 14.61 -33.60
CA ILE E 346 -18.05 13.30 -33.92
C ILE E 346 -19.00 12.85 -32.81
N TYR E 347 -20.30 12.97 -33.08
CA TYR E 347 -21.35 12.51 -32.17
C TYR E 347 -22.16 11.41 -32.87
N PRO E 348 -22.49 10.33 -32.16
CA PRO E 348 -22.17 10.13 -30.74
C PRO E 348 -20.68 9.96 -30.46
N ALA E 349 -20.25 10.35 -29.27
CA ALA E 349 -18.83 10.37 -28.90
C ALA E 349 -18.33 9.00 -28.42
N VAL E 350 -18.70 7.94 -29.15
CA VAL E 350 -18.31 6.59 -28.80
C VAL E 350 -16.91 6.32 -29.33
N ASP E 351 -15.99 5.94 -28.45
CA ASP E 351 -14.63 5.60 -28.84
C ASP E 351 -14.65 4.21 -29.49
N PRO E 352 -14.35 4.12 -30.80
CA PRO E 352 -14.47 2.86 -31.52
C PRO E 352 -13.42 1.82 -31.14
N LEU E 353 -12.28 2.27 -30.61
CA LEU E 353 -11.19 1.38 -30.22
C LEU E 353 -11.43 0.75 -28.86
N ASP E 354 -11.67 1.60 -27.85
CA ASP E 354 -11.78 1.14 -26.47
C ASP E 354 -13.12 0.45 -26.17
N SER E 355 -14.14 0.74 -26.98
CA SER E 355 -15.44 0.05 -26.86
C SER E 355 -15.33 -1.36 -27.42
N THR E 356 -15.84 -2.34 -26.67
CA THR E 356 -15.76 -3.74 -27.05
C THR E 356 -17.03 -4.48 -26.65
N SER E 357 -17.13 -5.74 -27.08
CA SER E 357 -18.26 -6.60 -26.73
C SER E 357 -17.84 -8.06 -26.70
N ARG E 358 -18.55 -8.87 -25.90
CA ARG E 358 -18.29 -10.31 -25.82
C ARG E 358 -18.82 -11.05 -27.05
N ILE E 359 -19.95 -10.61 -27.59
CA ILE E 359 -20.59 -11.29 -28.71
C ILE E 359 -19.90 -11.07 -30.07
N MET E 360 -18.89 -10.20 -30.12
CA MET E 360 -18.08 -10.04 -31.32
C MET E 360 -17.31 -11.33 -31.62
N ASP E 361 -17.98 -12.24 -32.30
CA ASP E 361 -17.46 -13.56 -32.61
C ASP E 361 -18.14 -14.05 -33.89
N PRO E 362 -17.37 -14.63 -34.84
CA PRO E 362 -17.99 -15.06 -36.10
C PRO E 362 -19.10 -16.09 -35.94
N ASN E 363 -19.04 -16.91 -34.89
CA ASN E 363 -20.08 -17.90 -34.62
C ASN E 363 -21.40 -17.28 -34.17
N ILE E 364 -21.33 -16.13 -33.50
CA ILE E 364 -22.51 -15.47 -32.95
C ILE E 364 -23.14 -14.47 -33.94
N VAL E 365 -22.33 -13.55 -34.44
CA VAL E 365 -22.82 -12.48 -35.33
C VAL E 365 -22.60 -12.75 -36.82
N GLY E 366 -22.08 -13.93 -37.16
CA GLY E 366 -21.83 -14.30 -38.55
C GLY E 366 -20.44 -13.88 -39.01
N SER E 367 -19.97 -14.51 -40.09
CA SER E 367 -18.62 -14.25 -40.61
C SER E 367 -18.51 -12.89 -41.30
N GLU E 368 -19.60 -12.45 -41.94
CA GLU E 368 -19.61 -11.18 -42.65
C GLU E 368 -19.51 -9.98 -41.71
N HIS E 369 -20.23 -10.04 -40.60
CA HIS E 369 -20.21 -8.98 -39.59
C HIS E 369 -18.85 -8.86 -38.92
N TYR E 370 -18.26 -10.00 -38.56
CA TYR E 370 -16.99 -10.03 -37.84
C TYR E 370 -15.84 -9.41 -38.65
N ASP E 371 -15.75 -9.77 -39.92
CA ASP E 371 -14.65 -9.30 -40.78
C ASP E 371 -14.74 -7.82 -41.11
N VAL E 372 -15.97 -7.35 -41.36
CA VAL E 372 -16.21 -5.92 -41.63
C VAL E 372 -15.94 -5.09 -40.38
N ALA E 373 -16.32 -5.62 -39.22
CA ALA E 373 -16.07 -4.96 -37.94
C ALA E 373 -14.57 -4.94 -37.62
N ARG E 374 -13.91 -6.09 -37.75
CA ARG E 374 -12.46 -6.19 -37.53
C ARG E 374 -11.65 -5.38 -38.55
N GLY E 375 -12.21 -5.19 -39.75
CA GLY E 375 -11.61 -4.35 -40.77
C GLY E 375 -11.59 -2.88 -40.41
N VAL E 376 -12.70 -2.40 -39.82
CA VAL E 376 -12.81 -1.02 -39.35
C VAL E 376 -11.94 -0.81 -38.10
N GLN E 377 -11.86 -1.83 -37.25
CA GLN E 377 -11.00 -1.78 -36.06
C GLN E 377 -9.51 -1.77 -36.40
N LYS E 378 -9.14 -2.45 -37.49
CA LYS E 378 -7.75 -2.50 -37.93
C LYS E 378 -7.30 -1.19 -38.57
N ILE E 379 -8.11 -0.67 -39.49
CA ILE E 379 -7.77 0.57 -40.20
C ILE E 379 -7.73 1.79 -39.28
N LEU E 380 -8.54 1.79 -38.22
CA LEU E 380 -8.53 2.86 -37.22
C LEU E 380 -7.29 2.77 -36.33
N GLN E 381 -6.89 1.55 -35.98
CA GLN E 381 -5.65 1.32 -35.21
C GLN E 381 -4.42 1.71 -36.02
N ASP E 382 -4.44 1.43 -37.32
CA ASP E 382 -3.36 1.82 -38.23
C ASP E 382 -3.37 3.33 -38.50
N TYR E 383 -4.57 3.91 -38.57
CA TYR E 383 -4.73 5.36 -38.74
C TYR E 383 -4.11 6.13 -37.57
N LYS E 384 -4.42 5.71 -36.36
CA LYS E 384 -3.90 6.37 -35.15
C LYS E 384 -2.39 6.20 -35.03
N SER E 385 -1.86 5.09 -35.56
CA SER E 385 -0.42 4.86 -35.60
C SER E 385 0.26 5.77 -36.62
N LEU E 386 -0.29 5.80 -37.83
CA LEU E 386 0.26 6.63 -38.92
C LEU E 386 0.11 8.14 -38.67
N GLN E 387 -0.91 8.52 -37.89
CA GLN E 387 -1.14 9.92 -37.56
C GLN E 387 -0.04 10.49 -36.65
N ASP E 388 0.56 9.64 -35.82
CA ASP E 388 1.66 10.04 -34.95
C ASP E 388 2.93 10.38 -35.73
N ILE E 389 3.10 9.76 -36.89
CA ILE E 389 4.25 10.03 -37.77
C ILE E 389 4.10 11.40 -38.47
N ILE E 390 2.86 11.79 -38.78
CA ILE E 390 2.59 13.05 -39.47
C ILE E 390 3.12 14.25 -38.68
N ALA E 391 2.93 14.22 -37.36
CA ALA E 391 3.33 15.32 -36.48
C ALA E 391 4.86 15.41 -36.34
N ILE E 392 5.52 14.27 -36.16
CA ILE E 392 6.97 14.24 -35.90
C ILE E 392 7.81 14.31 -37.19
N LEU E 393 7.40 13.58 -38.23
CA LEU E 393 8.14 13.54 -39.50
C LEU E 393 7.52 14.49 -40.53
N GLY E 394 6.31 14.15 -40.99
CA GLY E 394 5.61 14.93 -42.01
C GLY E 394 4.79 14.08 -42.97
N MET E 395 4.08 14.75 -43.87
CA MET E 395 3.21 14.07 -44.83
C MET E 395 3.99 13.49 -46.01
N ASP E 396 5.12 14.11 -46.36
CA ASP E 396 5.94 13.66 -47.48
C ASP E 396 6.62 12.31 -47.23
N GLU E 397 6.88 11.99 -45.96
CA GLU E 397 7.54 10.73 -45.60
C GLU E 397 6.61 9.52 -45.71
N LEU E 398 5.30 9.75 -45.67
CA LEU E 398 4.31 8.68 -45.82
C LEU E 398 4.16 8.28 -47.28
N SER E 399 4.11 6.97 -47.54
CA SER E 399 3.95 6.44 -48.90
C SER E 399 2.50 6.51 -49.34
N GLU E 400 2.25 6.19 -50.61
CA GLU E 400 0.90 6.21 -51.19
C GLU E 400 0.00 5.12 -50.60
N GLU E 401 0.61 3.98 -50.25
CA GLU E 401 -0.13 2.88 -49.60
C GLU E 401 -0.62 3.29 -48.22
N ASP E 402 0.18 4.09 -47.52
CA ASP E 402 -0.17 4.58 -46.18
C ASP E 402 -1.25 5.66 -46.25
N LYS E 403 -1.03 6.66 -47.11
CA LYS E 403 -1.97 7.77 -47.27
C LYS E 403 -3.35 7.35 -47.80
N LEU E 404 -3.38 6.24 -48.53
CA LEU E 404 -4.65 5.67 -49.01
C LEU E 404 -5.50 5.16 -47.84
N THR E 405 -4.86 4.47 -46.91
CA THR E 405 -5.54 3.94 -45.73
C THR E 405 -5.91 5.04 -44.73
N VAL E 406 -5.13 6.13 -44.71
CA VAL E 406 -5.41 7.28 -43.85
C VAL E 406 -6.65 8.04 -44.33
N SER E 407 -6.76 8.22 -45.65
CA SER E 407 -7.91 8.93 -46.24
C SER E 407 -9.21 8.16 -46.04
N ARG E 408 -9.14 6.83 -46.18
CA ARG E 408 -10.32 5.97 -45.96
C ARG E 408 -10.74 5.92 -44.49
N ALA E 409 -9.76 6.01 -43.59
CA ALA E 409 -10.03 6.00 -42.15
C ALA E 409 -10.77 7.26 -41.69
N ARG E 410 -10.40 8.41 -42.25
CA ARG E 410 -11.06 9.67 -41.93
C ARG E 410 -12.52 9.69 -42.37
N LYS E 411 -12.81 9.03 -43.49
CA LYS E 411 -14.19 8.85 -43.95
C LYS E 411 -14.95 7.87 -43.05
N ILE E 412 -14.25 6.80 -42.64
CA ILE E 412 -14.82 5.78 -41.76
C ILE E 412 -15.24 6.36 -40.41
N GLN E 413 -14.34 7.08 -39.76
CA GLN E 413 -14.62 7.64 -38.43
C GLN E 413 -15.64 8.78 -38.47
N ARG E 414 -15.81 9.41 -39.63
CA ARG E 414 -16.87 10.40 -39.83
C ARG E 414 -18.21 9.73 -40.12
N PHE E 415 -18.18 8.57 -40.77
CA PHE E 415 -19.40 7.81 -41.06
C PHE E 415 -19.98 7.13 -39.81
N LEU E 416 -19.15 6.95 -38.78
CA LEU E 416 -19.63 6.45 -37.49
C LEU E 416 -20.53 7.45 -36.77
N SER E 417 -20.37 8.74 -37.09
CA SER E 417 -21.24 9.78 -36.54
C SER E 417 -22.67 9.63 -37.07
N GLN E 418 -23.64 10.10 -36.29
CA GLN E 418 -25.05 9.92 -36.61
C GLN E 418 -25.93 10.95 -35.92
N PRO E 419 -26.86 11.57 -36.66
CA PRO E 419 -27.83 12.49 -36.05
C PRO E 419 -28.98 11.72 -35.40
N PHE E 420 -29.38 12.14 -34.20
CA PHE E 420 -30.42 11.44 -33.44
C PHE E 420 -31.77 12.15 -33.51
N GLN E 421 -32.83 11.38 -33.28
CA GLN E 421 -34.20 11.91 -33.26
C GLN E 421 -34.47 12.68 -31.98
N VAL E 422 -33.73 12.37 -30.92
CA VAL E 422 -33.85 13.07 -29.64
C VAL E 422 -33.37 14.52 -29.76
N ALA E 423 -32.30 14.73 -30.52
CA ALA E 423 -31.72 16.06 -30.69
C ALA E 423 -32.26 16.79 -31.92
N GLU E 424 -33.57 16.66 -32.17
CA GLU E 424 -34.23 17.39 -33.25
C GLU E 424 -34.69 18.77 -32.75
N VAL E 425 -35.13 18.83 -31.49
CA VAL E 425 -35.48 20.11 -30.86
C VAL E 425 -34.24 21.02 -30.74
N PHE E 426 -33.08 20.42 -30.46
CA PHE E 426 -31.81 21.12 -30.55
C PHE E 426 -31.37 21.18 -32.01
N THR E 427 -30.42 22.06 -32.32
CA THR E 427 -29.95 22.29 -33.70
C THR E 427 -31.09 22.23 -34.73
N GLY E 428 -30.92 21.52 -35.84
CA GLY E 428 -32.00 21.34 -36.81
C GLY E 428 -31.73 20.25 -37.83
N HIS E 429 -31.35 19.07 -37.33
CA HIS E 429 -31.06 17.91 -38.18
C HIS E 429 -32.02 16.77 -37.88
N LEU E 430 -32.48 16.09 -38.93
CA LEU E 430 -33.45 15.01 -38.80
C LEU E 430 -32.75 13.72 -38.34
N GLY E 431 -33.32 13.07 -37.33
CA GLY E 431 -32.73 11.85 -36.78
C GLY E 431 -32.85 10.65 -37.70
N LYS E 432 -31.96 9.68 -37.52
CA LYS E 432 -31.90 8.50 -38.38
C LYS E 432 -31.80 7.21 -37.55
N LEU E 433 -32.50 6.17 -38.00
CA LEU E 433 -32.44 4.84 -37.39
C LEU E 433 -31.88 3.86 -38.42
N VAL E 434 -30.57 3.67 -38.40
CA VAL E 434 -29.88 2.84 -39.39
C VAL E 434 -30.01 1.36 -39.03
N PRO E 435 -30.58 0.54 -39.94
CA PRO E 435 -30.66 -0.90 -39.66
C PRO E 435 -29.29 -1.59 -39.60
N LEU E 436 -29.27 -2.81 -39.09
CA LEU E 436 -28.03 -3.58 -38.97
C LEU E 436 -27.46 -3.96 -40.34
N LYS E 437 -28.35 -4.30 -41.27
CA LYS E 437 -27.94 -4.71 -42.62
C LYS E 437 -27.28 -3.57 -43.40
N GLU E 438 -27.79 -2.35 -43.20
CA GLU E 438 -27.27 -1.17 -43.91
C GLU E 438 -25.95 -0.69 -43.32
N THR E 439 -25.75 -0.92 -42.01
CA THR E 439 -24.51 -0.55 -41.34
C THR E 439 -23.33 -1.41 -41.81
N ILE E 440 -23.57 -2.72 -41.96
CA ILE E 440 -22.54 -3.65 -42.42
C ILE E 440 -22.15 -3.35 -43.87
N LYS E 441 -23.17 -3.21 -44.72
CA LYS E 441 -22.97 -2.90 -46.14
C LYS E 441 -22.33 -1.54 -46.36
N GLY E 442 -22.65 -0.58 -45.49
CA GLY E 442 -22.10 0.78 -45.57
C GLY E 442 -20.60 0.83 -45.37
N PHE E 443 -20.14 0.30 -44.25
CA PHE E 443 -18.70 0.31 -43.91
C PHE E 443 -17.88 -0.65 -44.76
N GLN E 444 -18.48 -1.76 -45.19
CA GLN E 444 -17.79 -2.74 -46.04
C GLN E 444 -17.40 -2.14 -47.38
N GLN E 445 -18.28 -1.33 -47.95
CA GLN E 445 -18.03 -0.66 -49.23
C GLN E 445 -16.96 0.43 -49.13
N ILE E 446 -16.80 1.02 -47.95
CA ILE E 446 -15.77 2.02 -47.71
C ILE E 446 -14.38 1.37 -47.66
N LEU E 447 -14.29 0.21 -47.01
CA LEU E 447 -13.03 -0.52 -46.89
C LEU E 447 -12.54 -1.04 -48.24
N ALA E 448 -13.47 -1.49 -49.08
CA ALA E 448 -13.15 -1.94 -50.44
C ALA E 448 -12.66 -0.77 -51.31
N GLY E 449 -13.17 0.42 -51.02
CA GLY E 449 -12.76 1.65 -51.71
C GLY E 449 -13.74 2.07 -52.79
N GLU E 450 -15.04 1.86 -52.53
CA GLU E 450 -16.09 2.20 -53.50
C GLU E 450 -16.51 3.67 -53.41
N TYR E 451 -16.08 4.38 -52.37
CA TYR E 451 -16.40 5.79 -52.19
C TYR E 451 -15.15 6.60 -51.83
N ASP E 452 -14.10 6.44 -52.63
CA ASP E 452 -12.87 7.22 -52.47
C ASP E 452 -12.98 8.56 -53.21
N HIS E 453 -13.71 8.56 -54.32
CA HIS E 453 -13.93 9.78 -55.10
C HIS E 453 -14.76 10.83 -54.35
N LEU E 454 -15.62 10.40 -53.44
CA LEU E 454 -16.44 11.32 -52.63
C LEU E 454 -15.59 11.94 -51.51
N PRO E 455 -15.97 13.17 -51.07
CA PRO E 455 -15.23 13.87 -50.03
C PRO E 455 -15.58 13.39 -48.61
N GLU E 456 -14.87 13.92 -47.62
CA GLU E 456 -15.07 13.54 -46.22
C GLU E 456 -16.32 14.17 -45.60
N GLN E 457 -16.73 15.34 -46.13
CA GLN E 457 -17.87 16.08 -45.58
C GLN E 457 -19.20 15.36 -45.80
N ALA E 458 -19.26 14.55 -46.85
CA ALA E 458 -20.48 13.82 -47.20
C ALA E 458 -20.82 12.72 -46.18
N PHE E 459 -19.79 12.14 -45.56
CA PHE E 459 -19.98 11.06 -44.58
C PHE E 459 -20.32 11.59 -43.18
N TYR E 460 -20.11 12.88 -42.95
CA TYR E 460 -20.38 13.49 -41.65
C TYR E 460 -21.89 13.62 -41.39
N MET E 461 -22.35 12.99 -40.31
CA MET E 461 -23.75 13.05 -39.88
C MET E 461 -24.74 12.61 -40.95
N VAL E 462 -24.80 11.30 -41.19
CA VAL E 462 -25.76 10.70 -42.11
C VAL E 462 -26.20 9.33 -41.61
N GLY E 463 -27.36 8.88 -42.08
CA GLY E 463 -27.87 7.56 -41.72
C GLY E 463 -27.19 6.45 -42.50
N PRO E 464 -27.86 5.91 -43.54
CA PRO E 464 -27.26 4.86 -44.35
C PRO E 464 -26.21 5.39 -45.34
N ILE E 465 -25.64 4.48 -46.13
CA ILE E 465 -24.63 4.84 -47.13
C ILE E 465 -25.22 5.65 -48.29
N GLU E 466 -26.52 5.46 -48.56
CA GLU E 466 -27.20 6.18 -49.64
C GLU E 466 -27.21 7.70 -49.42
N GLU E 467 -27.40 8.12 -48.16
CA GLU E 467 -27.41 9.54 -47.82
C GLU E 467 -26.04 10.20 -47.94
N ALA E 468 -24.98 9.41 -47.84
CA ALA E 468 -23.62 9.90 -48.08
C ALA E 468 -23.42 10.26 -49.55
N VAL E 469 -24.04 9.50 -50.45
CA VAL E 469 -23.99 9.79 -51.88
C VAL E 469 -24.91 10.96 -52.22
N ALA E 470 -26.11 10.98 -51.62
CA ALA E 470 -27.08 12.04 -51.86
C ALA E 470 -26.60 13.40 -51.34
N LYS E 471 -25.90 13.40 -50.21
CA LYS E 471 -25.35 14.64 -49.64
C LYS E 471 -24.16 15.14 -50.46
N ALA E 472 -23.33 14.22 -50.95
CA ALA E 472 -22.17 14.56 -51.78
C ALA E 472 -22.59 15.22 -53.09
N ASP E 473 -23.70 14.75 -53.67
CA ASP E 473 -24.25 15.34 -54.89
C ASP E 473 -24.80 16.74 -54.62
N LYS E 474 -25.69 16.83 -53.63
CA LYS E 474 -26.32 18.10 -53.26
C LYS E 474 -25.31 19.15 -52.82
N LEU E 475 -24.20 18.72 -52.22
CA LEU E 475 -23.09 19.60 -51.87
C LEU E 475 -22.30 20.01 -53.10
N ALA E 476 -22.02 19.05 -53.99
CA ALA E 476 -21.22 19.30 -55.19
C ALA E 476 -22.00 19.98 -56.33
N GLU E 477 -23.33 19.93 -56.26
CA GLU E 477 -24.17 20.55 -57.30
C GLU E 477 -24.29 22.07 -57.18
N GLU E 478 -23.72 22.65 -56.12
CA GLU E 478 -23.70 24.10 -55.92
C GLU E 478 -22.32 24.69 -56.22
N HIS E 479 -21.31 24.19 -55.53
CA HIS E 479 -19.94 24.71 -55.65
C HIS E 479 -18.92 23.67 -55.19
N THR F 11 -9.79 -42.52 32.85
CA THR F 11 -11.10 -41.87 33.13
C THR F 11 -11.79 -41.43 31.84
N THR F 12 -13.11 -41.60 31.78
CA THR F 12 -13.89 -41.26 30.61
C THR F 12 -14.18 -39.76 30.55
N GLY F 13 -14.30 -39.23 29.34
CA GLY F 13 -14.59 -37.81 29.11
C GLY F 13 -15.64 -37.61 28.05
N ARG F 14 -16.49 -36.60 28.23
CA ARG F 14 -17.60 -36.33 27.32
C ARG F 14 -17.29 -35.12 26.42
N ILE F 15 -17.57 -35.26 25.13
CA ILE F 15 -17.38 -34.16 24.19
C ILE F 15 -18.49 -33.13 24.36
N VAL F 16 -18.11 -31.88 24.60
CA VAL F 16 -19.07 -30.81 24.88
C VAL F 16 -19.21 -29.78 23.74
N ALA F 17 -18.18 -29.65 22.91
CA ALA F 17 -18.22 -28.72 21.78
C ALA F 17 -17.24 -29.14 20.68
N VAL F 18 -17.68 -29.02 19.43
CA VAL F 18 -16.87 -29.38 18.27
C VAL F 18 -17.03 -28.34 17.16
N ILE F 19 -15.99 -27.54 16.95
CA ILE F 19 -15.96 -26.53 15.90
C ILE F 19 -14.70 -26.73 15.06
N GLY F 20 -14.85 -27.42 13.93
CA GLY F 20 -13.72 -27.70 13.03
C GLY F 20 -12.73 -28.66 13.66
N ALA F 21 -11.45 -28.30 13.60
CA ALA F 21 -10.38 -29.14 14.16
C ALA F 21 -10.36 -29.11 15.69
N VAL F 22 -10.82 -28.01 16.29
CA VAL F 22 -10.83 -27.85 17.73
C VAL F 22 -12.03 -28.57 18.35
N VAL F 23 -11.77 -29.31 19.43
CA VAL F 23 -12.81 -30.06 20.14
C VAL F 23 -12.65 -29.87 21.65
N ASP F 24 -13.76 -29.69 22.35
CA ASP F 24 -13.76 -29.51 23.80
C ASP F 24 -14.27 -30.77 24.49
N VAL F 25 -13.50 -31.28 25.45
CA VAL F 25 -13.83 -32.50 26.17
C VAL F 25 -13.91 -32.21 27.67
N GLN F 26 -15.00 -32.65 28.30
CA GLN F 26 -15.22 -32.44 29.73
C GLN F 26 -15.02 -33.75 30.50
N PHE F 27 -14.52 -33.64 31.72
CA PHE F 27 -14.29 -34.80 32.59
C PHE F 27 -14.93 -34.57 33.95
N ASP F 28 -15.21 -35.67 34.66
CA ASP F 28 -15.74 -35.60 36.02
C ASP F 28 -14.58 -35.61 37.02
N GLU F 29 -13.71 -36.61 36.89
CA GLU F 29 -12.49 -36.69 37.69
C GLU F 29 -11.33 -37.17 36.81
N GLY F 30 -10.11 -36.79 37.19
CA GLY F 30 -8.92 -37.16 36.43
C GLY F 30 -8.81 -36.35 35.15
N LEU F 31 -8.69 -35.03 35.29
CA LEU F 31 -8.57 -34.13 34.15
C LEU F 31 -7.15 -34.22 33.57
N PRO F 32 -7.04 -34.50 32.26
CA PRO F 32 -5.72 -34.71 31.66
C PRO F 32 -4.96 -33.40 31.43
N PRO F 33 -3.62 -33.41 31.62
CA PRO F 33 -2.82 -32.21 31.42
C PRO F 33 -2.62 -31.85 29.95
N ILE F 34 -1.94 -30.74 29.70
CA ILE F 34 -1.70 -30.26 28.34
C ILE F 34 -0.68 -31.16 27.64
N LEU F 35 -0.83 -31.30 26.32
CA LEU F 35 0.02 -32.13 25.45
C LEU F 35 -0.43 -33.60 25.36
N ASN F 36 -1.22 -34.07 26.32
CA ASN F 36 -1.64 -35.48 26.36
C ASN F 36 -2.60 -35.84 25.23
N ALA F 37 -2.40 -37.03 24.66
CA ALA F 37 -3.27 -37.54 23.61
C ALA F 37 -4.49 -38.21 24.22
N LEU F 38 -5.63 -38.11 23.53
CA LEU F 38 -6.89 -38.68 23.99
C LEU F 38 -7.51 -39.54 22.88
N GLU F 39 -7.87 -40.77 23.22
CA GLU F 39 -8.48 -41.69 22.25
C GLU F 39 -10.00 -41.53 22.25
N VAL F 40 -10.54 -41.09 21.12
CA VAL F 40 -11.99 -40.94 20.96
C VAL F 40 -12.60 -42.30 20.64
N GLN F 41 -13.50 -42.76 21.50
CA GLN F 41 -14.14 -44.06 21.34
C GLN F 41 -15.32 -43.97 20.37
N GLY F 42 -15.74 -45.13 19.87
CA GLY F 42 -16.88 -45.21 18.94
C GLY F 42 -16.56 -44.65 17.57
N ARG F 43 -15.39 -45.00 17.04
CA ARG F 43 -14.97 -44.58 15.71
C ARG F 43 -14.25 -45.71 14.99
N GLU F 44 -14.43 -45.79 13.67
CA GLU F 44 -13.90 -46.87 12.86
C GLU F 44 -12.38 -46.75 12.70
N THR F 45 -11.91 -45.54 12.41
CA THR F 45 -10.48 -45.25 12.36
C THR F 45 -10.05 -44.58 13.66
N ARG F 46 -8.78 -44.75 14.01
CA ARG F 46 -8.22 -44.25 15.27
C ARG F 46 -8.07 -42.73 15.27
N LEU F 47 -9.02 -42.03 15.90
CA LEU F 47 -8.96 -40.57 16.04
C LEU F 47 -8.20 -40.20 17.31
N VAL F 48 -7.42 -39.12 17.25
CA VAL F 48 -6.60 -38.68 18.38
C VAL F 48 -6.77 -37.18 18.63
N LEU F 49 -7.07 -36.83 19.89
CA LEU F 49 -7.19 -35.42 20.29
C LEU F 49 -6.06 -35.06 21.25
N GLU F 50 -5.28 -34.04 20.89
CA GLU F 50 -4.22 -33.52 21.75
C GLU F 50 -4.75 -32.35 22.56
N VAL F 51 -4.54 -32.40 23.88
CA VAL F 51 -5.01 -31.34 24.77
C VAL F 51 -4.14 -30.09 24.60
N ALA F 52 -4.78 -28.93 24.45
CA ALA F 52 -4.08 -27.67 24.25
C ALA F 52 -4.23 -26.72 25.44
N GLN F 53 -5.47 -26.54 25.90
CA GLN F 53 -5.78 -25.61 26.98
C GLN F 53 -6.62 -26.26 28.06
N HIS F 54 -6.75 -25.55 29.19
CA HIS F 54 -7.70 -25.88 30.24
C HIS F 54 -8.68 -24.71 30.37
N LEU F 55 -9.89 -24.90 29.86
CA LEU F 55 -10.88 -23.82 29.79
C LEU F 55 -11.48 -23.48 31.16
N GLY F 56 -11.55 -24.48 32.04
CA GLY F 56 -12.17 -24.32 33.35
C GLY F 56 -13.39 -25.20 33.47
N GLU F 57 -13.91 -25.33 34.69
CA GLU F 57 -15.07 -26.18 34.97
C GLU F 57 -14.85 -27.62 34.51
N SER F 58 -13.66 -28.15 34.81
CA SER F 58 -13.27 -29.52 34.42
C SER F 58 -13.41 -29.80 32.92
N THR F 59 -13.13 -28.78 32.11
CA THR F 59 -13.23 -28.88 30.65
C THR F 59 -11.91 -28.47 30.00
N VAL F 60 -11.50 -29.21 28.97
CA VAL F 60 -10.23 -28.97 28.28
C VAL F 60 -10.43 -28.83 26.77
N ARG F 61 -9.70 -27.90 26.17
CA ARG F 61 -9.74 -27.69 24.73
C ARG F 61 -8.67 -28.56 24.06
N THR F 62 -9.05 -29.20 22.96
CA THR F 62 -8.17 -30.14 22.26
C THR F 62 -8.12 -29.85 20.77
N ILE F 63 -7.12 -30.43 20.10
CA ILE F 63 -6.97 -30.31 18.64
C ILE F 63 -6.92 -31.72 18.04
N ALA F 64 -7.76 -31.95 17.04
CA ALA F 64 -7.92 -33.28 16.45
C ALA F 64 -6.87 -33.56 15.38
N MET F 65 -6.23 -34.73 15.47
CA MET F 65 -5.20 -35.15 14.51
C MET F 65 -5.78 -35.73 13.22
N ASP F 66 -7.12 -35.88 13.16
CA ASP F 66 -7.79 -36.30 11.93
C ASP F 66 -9.12 -35.55 11.81
N GLY F 67 -9.89 -35.86 10.76
CA GLY F 67 -11.19 -35.23 10.54
C GLY F 67 -12.14 -35.41 11.70
N THR F 68 -12.86 -34.34 12.04
CA THR F 68 -13.79 -34.35 13.17
C THR F 68 -15.24 -34.62 12.75
N GLU F 69 -15.47 -34.97 11.48
CA GLU F 69 -16.80 -35.29 11.00
C GLU F 69 -17.29 -36.59 11.64
N GLY F 70 -18.58 -36.63 11.98
CA GLY F 70 -19.18 -37.80 12.63
C GLY F 70 -19.22 -37.74 14.14
N LEU F 71 -18.55 -36.74 14.73
CA LEU F 71 -18.52 -36.60 16.19
C LEU F 71 -19.85 -36.05 16.71
N VAL F 72 -20.37 -36.69 17.77
CA VAL F 72 -21.58 -36.26 18.44
C VAL F 72 -21.22 -35.76 19.84
N ARG F 73 -21.98 -34.79 20.33
CA ARG F 73 -21.79 -34.27 21.69
C ARG F 73 -22.22 -35.33 22.70
N GLY F 74 -21.34 -35.60 23.66
CA GLY F 74 -21.56 -36.65 24.66
C GLY F 74 -20.86 -37.96 24.33
N GLN F 75 -20.12 -38.00 23.23
CA GLN F 75 -19.38 -39.18 22.83
C GLN F 75 -18.16 -39.37 23.73
N LYS F 76 -17.94 -40.60 24.20
CA LYS F 76 -16.91 -40.88 25.20
C LYS F 76 -15.50 -40.77 24.63
N VAL F 77 -14.60 -40.18 25.41
CA VAL F 77 -13.21 -39.95 25.02
C VAL F 77 -12.28 -40.39 26.15
N LEU F 78 -11.46 -41.40 25.88
CA LEU F 78 -10.53 -41.94 26.89
C LEU F 78 -9.18 -41.23 26.87
N ASP F 79 -8.51 -41.23 28.02
CA ASP F 79 -7.20 -40.61 28.17
C ASP F 79 -6.10 -41.67 28.15
N SER F 80 -5.10 -41.49 27.30
CA SER F 80 -3.97 -42.42 27.20
C SER F 80 -2.99 -42.24 28.36
N GLY F 81 -2.95 -41.05 28.94
CA GLY F 81 -2.08 -40.75 30.08
C GLY F 81 -0.70 -40.25 29.67
N ALA F 82 -0.57 -39.85 28.40
CA ALA F 82 0.70 -39.36 27.88
C ALA F 82 0.46 -38.64 26.54
N PRO F 83 1.48 -37.92 26.02
CA PRO F 83 1.35 -37.32 24.69
C PRO F 83 1.29 -38.36 23.55
N ILE F 84 1.39 -37.90 22.31
CA ILE F 84 1.39 -38.79 21.16
C ILE F 84 2.73 -39.52 21.09
N ARG F 85 2.73 -40.79 21.51
CA ARG F 85 3.94 -41.61 21.53
C ARG F 85 4.04 -42.41 20.24
N ILE F 86 5.24 -42.41 19.64
CA ILE F 86 5.46 -43.03 18.33
C ILE F 86 6.66 -43.99 18.36
N PRO F 87 6.73 -44.94 17.40
CA PRO F 87 7.88 -45.83 17.33
C PRO F 87 9.14 -45.14 16.79
N VAL F 88 10.29 -45.46 17.37
CA VAL F 88 11.58 -44.94 16.91
C VAL F 88 12.65 -46.02 17.01
N GLY F 89 13.46 -46.14 15.96
CA GLY F 89 14.51 -47.16 15.91
C GLY F 89 14.97 -47.48 14.49
N PRO F 90 15.82 -48.51 14.34
CA PRO F 90 16.25 -48.99 13.02
C PRO F 90 15.11 -49.54 12.15
N GLU F 91 14.01 -49.96 12.77
CA GLU F 91 12.87 -50.52 12.05
C GLU F 91 11.99 -49.45 11.37
N THR F 92 12.19 -48.19 11.75
CA THR F 92 11.49 -47.07 11.11
C THR F 92 12.10 -46.71 9.75
N LEU F 93 13.32 -47.18 9.49
CA LEU F 93 14.00 -46.95 8.22
C LEU F 93 13.35 -47.77 7.11
N GLY F 94 12.95 -47.10 6.04
CA GLY F 94 12.25 -47.75 4.92
C GLY F 94 10.75 -47.91 5.14
N ARG F 95 10.22 -47.24 6.16
CA ARG F 95 8.79 -47.28 6.47
C ARG F 95 8.21 -45.87 6.43
N ILE F 96 6.95 -45.77 6.01
CA ILE F 96 6.26 -44.48 5.95
C ILE F 96 5.35 -44.33 7.17
N MET F 97 5.58 -43.28 7.96
CA MET F 97 4.80 -43.01 9.16
C MET F 97 3.85 -41.83 8.95
N ASN F 98 2.78 -41.80 9.74
CA ASN F 98 1.87 -40.65 9.77
C ASN F 98 2.10 -39.82 11.04
N VAL F 99 1.32 -38.77 11.22
CA VAL F 99 1.48 -37.86 12.36
C VAL F 99 1.41 -38.54 13.74
N ILE F 100 0.59 -39.60 13.86
CA ILE F 100 0.44 -40.32 15.14
C ILE F 100 1.12 -41.70 15.14
N GLY F 101 2.22 -41.82 14.40
CA GLY F 101 3.08 -43.01 14.48
C GLY F 101 2.70 -44.23 13.67
N GLU F 102 1.45 -44.28 13.20
CA GLU F 102 0.94 -45.46 12.48
C GLU F 102 1.62 -45.63 11.11
N PRO F 103 1.71 -46.88 10.63
CA PRO F 103 2.28 -47.12 9.30
C PRO F 103 1.24 -46.90 8.21
N ILE F 104 1.64 -46.18 7.16
CA ILE F 104 0.74 -45.89 6.04
C ILE F 104 1.34 -46.37 4.71
N ASP F 105 2.01 -47.52 4.77
CA ASP F 105 2.60 -48.14 3.57
C ASP F 105 2.13 -49.57 3.32
N GLU F 106 1.16 -50.04 4.12
CA GLU F 106 0.62 -51.40 4.02
C GLU F 106 1.71 -52.48 4.11
N ARG F 107 2.50 -52.41 5.17
CA ARG F 107 3.56 -53.39 5.42
C ARG F 107 3.61 -53.83 6.89
N GLY F 108 2.44 -53.94 7.51
CA GLY F 108 2.34 -54.34 8.91
C GLY F 108 2.80 -53.28 9.89
N PRO F 109 2.81 -53.61 11.19
CA PRO F 109 3.22 -52.64 12.22
C PRO F 109 4.73 -52.43 12.27
N ILE F 110 5.15 -51.29 12.79
CA ILE F 110 6.57 -50.99 13.00
C ILE F 110 6.99 -51.51 14.37
N LYS F 111 7.59 -52.70 14.38
CA LYS F 111 7.95 -53.38 15.62
C LYS F 111 9.26 -52.82 16.19
N THR F 112 9.18 -52.14 17.33
CA THR F 112 10.35 -51.57 18.00
C THR F 112 10.31 -51.86 19.50
N LYS F 113 11.49 -51.86 20.12
CA LYS F 113 11.62 -52.15 21.56
C LYS F 113 11.54 -50.89 22.43
N GLN F 114 11.36 -49.72 21.81
CA GLN F 114 11.20 -48.47 22.55
C GLN F 114 10.39 -47.45 21.76
N PHE F 115 9.71 -46.57 22.47
CA PHE F 115 8.87 -45.51 21.89
C PHE F 115 9.33 -44.14 22.38
N ALA F 116 8.77 -43.09 21.79
CA ALA F 116 9.12 -41.71 22.17
C ALA F 116 7.98 -40.74 21.87
N ALA F 117 7.75 -39.80 22.77
CA ALA F 117 6.72 -38.78 22.60
C ALA F 117 7.18 -37.71 21.62
N ILE F 118 6.22 -37.17 20.85
CA ILE F 118 6.54 -36.14 19.86
C ILE F 118 6.95 -34.81 20.49
N HIS F 119 6.50 -34.54 21.72
CA HIS F 119 6.87 -33.32 22.43
C HIS F 119 8.01 -33.57 23.41
N ALA F 120 8.99 -32.67 23.40
CA ALA F 120 10.15 -32.76 24.29
C ALA F 120 10.87 -31.42 24.37
N GLU F 121 11.60 -31.21 25.48
CA GLU F 121 12.37 -29.98 25.67
C GLU F 121 13.59 -29.97 24.75
N ALA F 122 13.97 -28.78 24.31
CA ALA F 122 15.13 -28.61 23.41
C ALA F 122 16.43 -28.88 24.16
N PRO F 123 17.51 -29.23 23.44
CA PRO F 123 18.81 -29.46 24.07
C PRO F 123 19.29 -28.26 24.90
N GLU F 124 19.79 -28.53 26.10
CA GLU F 124 20.26 -27.47 27.01
C GLU F 124 21.50 -26.76 26.48
N PHE F 125 21.84 -25.64 27.09
CA PHE F 125 22.96 -24.81 26.66
C PHE F 125 24.31 -25.54 26.72
N VAL F 126 24.49 -26.35 27.76
CA VAL F 126 25.73 -27.12 27.93
C VAL F 126 25.88 -28.25 26.90
N GLU F 127 24.75 -28.73 26.37
CA GLU F 127 24.73 -29.83 25.41
C GLU F 127 25.00 -29.39 23.96
N MET F 128 25.10 -28.08 23.72
CA MET F 128 25.29 -27.55 22.36
C MET F 128 26.71 -27.80 21.87
N SER F 129 26.87 -27.85 20.55
CA SER F 129 28.17 -28.08 19.91
C SER F 129 28.77 -26.78 19.38
N VAL F 130 30.07 -26.81 19.12
CA VAL F 130 30.81 -25.63 18.65
C VAL F 130 31.47 -25.80 17.27
N GLU F 131 31.73 -27.04 16.87
CA GLU F 131 32.48 -27.31 15.64
C GLU F 131 31.67 -26.99 14.37
N GLN F 132 32.10 -25.96 13.66
CA GLN F 132 31.45 -25.52 12.42
C GLN F 132 32.30 -25.88 11.20
N GLU F 133 32.02 -27.03 10.59
CA GLU F 133 32.73 -27.49 9.41
C GLU F 133 31.91 -27.25 8.14
N ILE F 134 32.59 -26.96 7.03
CA ILE F 134 31.93 -26.66 5.75
C ILE F 134 31.35 -27.92 5.10
N LEU F 135 30.25 -27.73 4.37
CA LEU F 135 29.61 -28.81 3.61
C LEU F 135 29.63 -28.45 2.12
N VAL F 136 30.28 -29.28 1.32
CA VAL F 136 30.38 -29.08 -0.12
C VAL F 136 29.17 -29.69 -0.82
N THR F 137 28.40 -28.87 -1.52
CA THR F 137 27.21 -29.30 -2.23
C THR F 137 27.54 -29.72 -3.66
N GLY F 138 28.22 -28.84 -4.38
CA GLY F 138 28.49 -29.02 -5.81
C GLY F 138 27.88 -27.92 -6.64
N ILE F 139 26.92 -27.20 -6.06
CA ILE F 139 26.25 -26.10 -6.74
C ILE F 139 27.13 -24.85 -6.63
N LYS F 140 27.34 -24.16 -7.76
CA LYS F 140 28.29 -23.05 -7.84
C LYS F 140 27.85 -21.83 -7.04
N VAL F 141 26.61 -21.38 -7.27
CA VAL F 141 26.06 -20.23 -6.55
C VAL F 141 26.01 -20.44 -5.03
N VAL F 142 25.80 -21.68 -4.61
CA VAL F 142 25.72 -22.01 -3.19
C VAL F 142 27.10 -21.93 -2.53
N ASP F 143 28.01 -22.79 -2.99
CA ASP F 143 29.34 -22.93 -2.36
C ASP F 143 30.16 -21.65 -2.36
N LEU F 144 29.97 -20.78 -3.35
CA LEU F 144 30.74 -19.54 -3.44
C LEU F 144 30.20 -18.45 -2.50
N LEU F 145 28.89 -18.22 -2.56
CA LEU F 145 28.27 -17.08 -1.87
C LEU F 145 27.78 -17.42 -0.47
N ALA F 146 26.94 -18.46 -0.37
CA ALA F 146 26.34 -18.86 0.89
C ALA F 146 26.51 -20.38 1.09
N PRO F 147 27.75 -20.83 1.38
CA PRO F 147 28.01 -22.26 1.51
C PRO F 147 27.39 -22.86 2.78
N TYR F 148 26.91 -24.10 2.66
CA TYR F 148 26.29 -24.77 3.79
C TYR F 148 27.35 -25.36 4.72
N ALA F 149 26.93 -25.80 5.91
CA ALA F 149 27.83 -26.35 6.91
C ALA F 149 27.33 -27.71 7.39
N LYS F 150 28.27 -28.59 7.71
CA LYS F 150 27.95 -29.92 8.25
C LYS F 150 27.45 -29.80 9.69
N GLY F 151 26.35 -30.48 9.98
CA GLY F 151 25.72 -30.39 11.30
C GLY F 151 25.13 -29.02 11.57
N GLY F 152 24.62 -28.38 10.52
CA GLY F 152 24.05 -27.04 10.61
C GLY F 152 22.56 -27.03 10.33
N LYS F 153 22.06 -25.87 9.90
CA LYS F 153 20.64 -25.70 9.61
C LYS F 153 20.46 -24.90 8.32
N ILE F 154 20.23 -25.61 7.22
CA ILE F 154 20.10 -25.01 5.90
C ILE F 154 18.62 -24.70 5.61
N GLY F 155 18.37 -23.52 5.03
CA GLY F 155 17.02 -23.07 4.74
C GLY F 155 16.85 -22.63 3.29
N LEU F 156 15.93 -23.29 2.58
CA LEU F 156 15.68 -23.01 1.17
C LEU F 156 14.40 -22.19 1.00
N PHE F 157 14.54 -20.86 1.02
CA PHE F 157 13.41 -19.96 0.80
C PHE F 157 13.06 -19.92 -0.68
N GLY F 158 11.77 -19.80 -0.98
CA GLY F 158 11.32 -19.67 -2.36
C GLY F 158 9.82 -19.54 -2.49
N GLY F 159 9.37 -18.78 -3.48
CA GLY F 159 7.95 -18.57 -3.75
C GLY F 159 7.29 -19.79 -4.36
N ALA F 160 6.11 -19.59 -4.94
CA ALA F 160 5.33 -20.67 -5.54
C ALA F 160 5.91 -21.10 -6.89
N GLY F 161 6.60 -22.25 -6.89
CA GLY F 161 7.11 -22.86 -8.12
C GLY F 161 8.44 -22.33 -8.62
N VAL F 162 9.24 -21.76 -7.72
CA VAL F 162 10.56 -21.23 -8.10
C VAL F 162 11.60 -22.34 -8.23
N GLY F 163 11.53 -23.35 -7.35
CA GLY F 163 12.40 -24.52 -7.43
C GLY F 163 12.98 -24.97 -6.10
N LYS F 164 12.10 -25.23 -5.14
CA LYS F 164 12.49 -25.72 -3.82
C LYS F 164 12.54 -27.25 -3.78
N THR F 165 11.48 -27.87 -4.32
CA THR F 165 11.37 -29.33 -4.33
C THR F 165 12.36 -29.99 -5.30
N VAL F 166 12.79 -29.26 -6.32
CA VAL F 166 13.85 -29.73 -7.21
C VAL F 166 15.21 -29.61 -6.50
N LEU F 167 15.44 -28.46 -5.88
CA LEU F 167 16.69 -28.18 -5.18
C LEU F 167 16.94 -29.13 -4.01
N ILE F 168 15.89 -29.41 -3.23
CA ILE F 168 16.00 -30.33 -2.09
C ILE F 168 16.29 -31.76 -2.57
N MET F 169 15.72 -32.14 -3.71
CA MET F 169 15.93 -33.48 -4.28
C MET F 169 17.33 -33.63 -4.89
N GLU F 170 17.89 -32.52 -5.38
CA GLU F 170 19.27 -32.51 -5.85
C GLU F 170 20.23 -32.75 -4.69
N LEU F 171 19.99 -32.08 -3.57
CA LEU F 171 20.81 -32.21 -2.37
C LEU F 171 20.73 -33.62 -1.77
N ILE F 172 19.53 -34.21 -1.81
CA ILE F 172 19.34 -35.59 -1.36
C ILE F 172 20.05 -36.57 -2.30
N ASN F 173 19.98 -36.30 -3.59
CA ASN F 173 20.65 -37.13 -4.60
C ASN F 173 22.18 -37.11 -4.47
N ASN F 174 22.72 -35.93 -4.14
CA ASN F 174 24.18 -35.76 -4.04
C ASN F 174 24.72 -36.07 -2.65
N VAL F 175 24.22 -35.36 -1.65
CA VAL F 175 24.77 -35.41 -0.30
C VAL F 175 24.33 -36.67 0.46
N ALA F 176 23.03 -36.92 0.52
CA ALA F 176 22.48 -38.05 1.27
C ALA F 176 22.87 -39.42 0.69
N LYS F 177 23.17 -39.46 -0.61
CA LYS F 177 23.66 -40.68 -1.24
C LYS F 177 25.10 -40.97 -0.81
N ALA F 178 25.97 -39.96 -0.96
CA ALA F 178 27.37 -40.08 -0.58
C ALA F 178 27.59 -39.58 0.86
N HIS F 179 27.10 -40.36 1.82
CA HIS F 179 27.23 -40.02 3.24
C HIS F 179 26.96 -41.26 4.10
N GLY F 180 27.97 -41.67 4.87
CA GLY F 180 27.84 -42.83 5.74
C GLY F 180 27.06 -42.52 7.00
N GLY F 181 25.73 -42.49 6.86
CA GLY F 181 24.85 -42.17 7.98
C GLY F 181 23.39 -42.24 7.60
N TYR F 182 22.51 -42.18 8.60
CA TYR F 182 21.07 -42.27 8.38
C TYR F 182 20.48 -40.94 7.90
N SER F 183 19.25 -41.00 7.42
CA SER F 183 18.54 -39.82 6.91
C SER F 183 17.06 -39.85 7.28
N VAL F 184 16.43 -38.68 7.26
CA VAL F 184 15.01 -38.54 7.58
C VAL F 184 14.35 -37.55 6.61
N PHE F 185 13.20 -37.91 6.06
CA PHE F 185 12.42 -37.01 5.21
C PHE F 185 11.05 -36.79 5.83
N ALA F 186 10.70 -35.51 6.04
CA ALA F 186 9.43 -35.13 6.65
C ALA F 186 8.53 -34.42 5.63
N GLY F 187 7.54 -35.14 5.12
CA GLY F 187 6.57 -34.56 4.19
C GLY F 187 5.49 -33.82 4.94
N VAL F 188 5.70 -32.51 5.13
CA VAL F 188 4.80 -31.67 5.91
C VAL F 188 3.95 -30.77 5.01
N GLY F 189 2.69 -31.16 4.81
CA GLY F 189 1.71 -30.32 4.11
C GLY F 189 1.98 -30.05 2.65
N GLU F 190 2.63 -31.00 1.96
CA GLU F 190 2.94 -30.86 0.54
C GLU F 190 2.19 -31.92 -0.27
N ARG F 191 2.53 -32.06 -1.56
CA ARG F 191 1.81 -32.96 -2.46
C ARG F 191 2.01 -34.43 -2.09
N THR F 192 0.90 -35.17 -2.01
CA THR F 192 0.95 -36.62 -1.77
C THR F 192 1.51 -37.36 -2.99
N ARG F 193 1.29 -36.79 -4.17
CA ARG F 193 1.91 -37.29 -5.41
C ARG F 193 3.43 -37.30 -5.30
N GLU F 194 4.00 -36.24 -4.74
CA GLU F 194 5.45 -36.13 -4.55
C GLU F 194 5.98 -37.13 -3.52
N GLY F 195 5.15 -37.50 -2.55
CA GLY F 195 5.47 -38.56 -1.61
C GLY F 195 5.59 -39.91 -2.30
N ASN F 196 4.68 -40.18 -3.24
CA ASN F 196 4.70 -41.40 -4.03
C ASN F 196 5.89 -41.47 -4.98
N ASP F 197 6.24 -40.32 -5.58
CA ASP F 197 7.40 -40.23 -6.47
C ASP F 197 8.69 -40.47 -5.71
N LEU F 198 8.83 -39.82 -4.55
CA LEU F 198 10.02 -39.95 -3.71
C LEU F 198 10.19 -41.39 -3.18
N TYR F 199 9.08 -42.00 -2.77
CA TYR F 199 9.10 -43.35 -2.21
C TYR F 199 9.64 -44.38 -3.21
N HIS F 200 9.12 -44.34 -4.44
CA HIS F 200 9.54 -45.28 -5.48
C HIS F 200 10.94 -44.96 -6.03
N GLU F 201 11.27 -43.68 -6.12
CA GLU F 201 12.60 -43.25 -6.58
C GLU F 201 13.71 -43.73 -5.65
N MET F 202 13.41 -43.79 -4.35
CA MET F 202 14.38 -44.24 -3.34
C MET F 202 14.50 -45.77 -3.27
N ILE F 203 13.40 -46.47 -3.56
CA ILE F 203 13.43 -47.93 -3.69
C ILE F 203 14.23 -48.31 -4.94
N GLU F 204 14.08 -47.52 -6.00
CA GLU F 204 14.78 -47.74 -7.26
C GLU F 204 16.29 -47.58 -7.09
N SER F 205 16.70 -46.51 -6.42
CA SER F 205 18.12 -46.19 -6.23
C SER F 205 18.83 -47.20 -5.33
N GLY F 206 18.19 -47.54 -4.20
CA GLY F 206 18.76 -48.48 -3.24
C GLY F 206 18.86 -47.95 -1.82
N VAL F 207 18.70 -46.65 -1.64
CA VAL F 207 18.72 -46.04 -0.30
C VAL F 207 17.61 -46.59 0.61
N ILE F 208 16.51 -47.02 0.00
CA ILE F 208 15.47 -47.78 0.70
C ILE F 208 15.43 -49.19 0.11
N ASN F 209 15.23 -50.19 0.97
CA ASN F 209 15.16 -51.58 0.54
C ASN F 209 14.04 -52.32 1.26
N LEU F 210 13.18 -52.99 0.49
CA LEU F 210 12.00 -53.66 1.04
C LEU F 210 12.35 -55.01 1.66
N LYS F 211 13.12 -55.81 0.94
CA LYS F 211 13.48 -57.17 1.39
C LYS F 211 14.57 -57.12 2.47
N ASP F 212 15.65 -56.40 2.20
CA ASP F 212 16.75 -56.27 3.15
C ASP F 212 16.42 -55.25 4.23
N ALA F 213 17.27 -55.20 5.26
CA ALA F 213 17.15 -54.21 6.33
C ALA F 213 18.35 -53.28 6.31
N THR F 214 18.63 -52.73 5.12
CA THR F 214 19.78 -51.85 4.92
C THR F 214 19.34 -50.47 4.41
N SER F 215 18.25 -49.97 4.96
CA SER F 215 17.68 -48.69 4.53
C SER F 215 18.39 -47.53 5.24
N LYS F 216 18.55 -46.42 4.54
CA LYS F 216 19.18 -45.22 5.09
C LYS F 216 18.18 -44.10 5.42
N VAL F 217 17.02 -44.09 4.75
CA VAL F 217 16.04 -43.02 4.89
C VAL F 217 14.85 -43.46 5.74
N ALA F 218 14.33 -42.52 6.54
CA ALA F 218 13.11 -42.73 7.34
C ALA F 218 12.06 -41.71 6.90
N LEU F 219 10.92 -42.20 6.42
CA LEU F 219 9.87 -41.34 5.86
C LEU F 219 8.75 -41.07 6.85
N VAL F 220 8.33 -39.81 6.93
CA VAL F 220 7.20 -39.38 7.75
C VAL F 220 6.36 -38.39 6.94
N TYR F 221 5.07 -38.65 6.81
CA TYR F 221 4.22 -37.87 5.90
C TYR F 221 2.90 -37.41 6.54
N GLY F 222 2.62 -36.11 6.39
CA GLY F 222 1.34 -35.51 6.77
C GLY F 222 1.02 -34.41 5.77
N GLN F 223 0.49 -34.82 4.62
CA GLN F 223 0.41 -33.96 3.44
C GLN F 223 -0.78 -33.00 3.44
N MET F 224 -0.89 -32.18 2.39
CA MET F 224 -1.91 -31.13 2.30
C MET F 224 -3.37 -31.61 2.24
N ASN F 225 -3.58 -32.91 2.05
CA ASN F 225 -4.92 -33.50 2.20
C ASN F 225 -5.32 -33.72 3.67
N GLU F 226 -4.35 -33.69 4.57
CA GLU F 226 -4.60 -33.87 6.00
C GLU F 226 -5.16 -32.59 6.62
N PRO F 227 -5.91 -32.71 7.74
CA PRO F 227 -6.43 -31.55 8.46
C PRO F 227 -5.32 -30.76 9.18
N PRO F 228 -5.65 -29.56 9.69
CA PRO F 228 -4.63 -28.70 10.32
C PRO F 228 -3.95 -29.30 11.54
N GLY F 229 -4.66 -30.13 12.30
CA GLY F 229 -4.09 -30.78 13.47
C GLY F 229 -2.93 -31.70 13.13
N ALA F 230 -3.09 -32.46 12.05
CA ALA F 230 -2.04 -33.36 11.57
C ALA F 230 -0.84 -32.57 11.04
N ARG F 231 -1.11 -31.61 10.15
CA ARG F 231 -0.06 -30.81 9.53
C ARG F 231 0.71 -29.93 10.52
N ALA F 232 0.07 -29.59 11.65
CA ALA F 232 0.72 -28.82 12.70
C ALA F 232 1.61 -29.68 13.60
N ARG F 233 1.36 -30.98 13.65
CA ARG F 233 2.10 -31.89 14.53
C ARG F 233 2.98 -32.92 13.81
N VAL F 234 2.78 -33.10 12.50
CA VAL F 234 3.58 -34.07 11.73
C VAL F 234 5.03 -33.64 11.57
N ALA F 235 5.28 -32.34 11.59
CA ALA F 235 6.65 -31.81 11.58
C ALA F 235 7.43 -32.28 12.80
N LEU F 236 6.76 -32.35 13.94
CA LEU F 236 7.36 -32.82 15.19
C LEU F 236 7.56 -34.34 15.19
N THR F 237 6.66 -35.06 14.51
CA THR F 237 6.74 -36.52 14.41
C THR F 237 8.03 -36.97 13.73
N GLY F 238 8.33 -36.38 12.56
CA GLY F 238 9.56 -36.66 11.84
C GLY F 238 10.80 -36.13 12.53
N LEU F 239 10.63 -35.04 13.26
CA LEU F 239 11.70 -34.46 14.08
C LEU F 239 12.13 -35.42 15.18
N THR F 240 11.15 -36.06 15.82
CA THR F 240 11.41 -37.00 16.92
C THR F 240 12.18 -38.25 16.47
N VAL F 241 12.01 -38.65 15.21
CA VAL F 241 12.74 -39.78 14.65
C VAL F 241 14.24 -39.44 14.57
N ALA F 242 14.55 -38.24 14.12
CA ALA F 242 15.94 -37.78 14.04
C ALA F 242 16.60 -37.64 15.41
N GLU F 243 15.82 -37.28 16.41
CA GLU F 243 16.33 -37.13 17.79
C GLU F 243 16.86 -38.46 18.34
N TYR F 244 16.15 -39.55 18.07
CA TYR F 244 16.55 -40.88 18.53
C TYR F 244 17.96 -41.24 18.03
N PHE F 245 18.18 -41.08 16.74
CA PHE F 245 19.46 -41.42 16.12
C PHE F 245 20.59 -40.49 16.60
N ARG F 246 20.24 -39.25 16.92
CA ARG F 246 21.21 -38.29 17.45
C ARG F 246 21.63 -38.65 18.87
N ASP F 247 20.64 -38.81 19.76
CA ASP F 247 20.90 -38.98 21.18
C ASP F 247 21.34 -40.39 21.55
N GLN F 248 20.45 -41.36 21.39
CA GLN F 248 20.69 -42.72 21.88
C GLN F 248 21.72 -43.53 21.08
N GLU F 249 21.96 -43.14 19.83
CA GLU F 249 22.99 -43.81 19.01
C GLU F 249 24.25 -42.96 18.80
N GLY F 250 24.07 -41.66 18.62
CA GLY F 250 25.21 -40.76 18.37
C GLY F 250 25.64 -40.78 16.91
N GLN F 251 24.66 -40.68 16.02
CA GLN F 251 24.88 -40.77 14.57
C GLN F 251 24.83 -39.40 13.91
N ASP F 252 25.34 -39.33 12.69
CA ASP F 252 25.23 -38.14 11.85
C ASP F 252 23.97 -38.26 10.99
N VAL F 253 22.93 -37.52 11.35
CA VAL F 253 21.64 -37.61 10.70
C VAL F 253 21.43 -36.45 9.72
N LEU F 254 20.65 -36.71 8.67
CA LEU F 254 20.27 -35.69 7.69
C LEU F 254 18.74 -35.56 7.66
N LEU F 255 18.24 -34.43 8.15
CA LEU F 255 16.80 -34.17 8.19
C LEU F 255 16.38 -33.34 6.98
N PHE F 256 15.32 -33.76 6.32
CA PHE F 256 14.80 -33.08 5.12
C PHE F 256 13.31 -32.78 5.28
N ILE F 257 13.00 -31.55 5.66
CA ILE F 257 11.60 -31.14 5.86
C ILE F 257 11.13 -30.34 4.64
N ASP F 258 10.06 -30.82 4.01
CA ASP F 258 9.41 -30.11 2.90
C ASP F 258 7.90 -30.25 3.06
N ASN F 259 7.17 -29.18 3.43
CA ASN F 259 7.69 -27.82 3.63
C ASN F 259 7.43 -27.36 5.07
N ILE F 260 8.40 -26.68 5.66
CA ILE F 260 8.31 -26.24 7.07
C ILE F 260 7.28 -25.12 7.30
N PHE F 261 6.99 -24.34 6.27
CA PHE F 261 5.97 -23.29 6.35
C PHE F 261 4.61 -23.84 6.78
N ARG F 262 4.30 -25.05 6.34
CA ARG F 262 2.99 -25.66 6.59
C ARG F 262 2.73 -25.94 8.07
N PHE F 263 3.82 -26.11 8.84
CA PHE F 263 3.73 -26.22 10.30
C PHE F 263 3.12 -24.95 10.90
N THR F 264 3.61 -23.80 10.44
CA THR F 264 3.13 -22.50 10.92
C THR F 264 1.75 -22.17 10.34
N GLN F 265 1.55 -22.48 9.06
CA GLN F 265 0.27 -22.25 8.40
C GLN F 265 -0.86 -23.01 9.08
N ALA F 266 -0.59 -24.27 9.43
CA ALA F 266 -1.56 -25.10 10.15
C ALA F 266 -1.88 -24.52 11.52
N GLY F 267 -0.87 -23.96 12.18
CA GLY F 267 -1.05 -23.28 13.46
C GLY F 267 -1.97 -22.08 13.38
N SER F 268 -1.88 -21.34 12.28
CA SER F 268 -2.74 -20.18 12.04
C SER F 268 -4.20 -20.58 11.88
N GLU F 269 -4.44 -21.73 11.26
CA GLU F 269 -5.79 -22.23 11.04
C GLU F 269 -6.51 -22.64 12.34
N VAL F 270 -5.74 -23.12 13.32
CA VAL F 270 -6.29 -23.54 14.61
C VAL F 270 -6.33 -22.43 15.65
N SER F 271 -5.39 -21.49 15.59
CA SER F 271 -5.33 -20.38 16.55
C SER F 271 -6.61 -19.54 16.55
N ALA F 272 -7.22 -19.41 15.38
CA ALA F 272 -8.54 -18.77 15.24
C ALA F 272 -9.57 -19.49 16.10
N LEU F 273 -9.61 -20.81 15.98
CA LEU F 273 -10.61 -21.64 16.67
C LEU F 273 -10.27 -21.89 18.14
N LEU F 274 -9.02 -21.63 18.54
CA LEU F 274 -8.60 -21.76 19.94
C LEU F 274 -9.00 -20.56 20.79
N GLY F 275 -9.49 -19.50 20.15
CA GLY F 275 -10.01 -18.33 20.86
C GLY F 275 -8.94 -17.31 21.23
N ARG F 276 -7.93 -17.18 20.37
CA ARG F 276 -6.85 -16.22 20.58
C ARG F 276 -7.10 -14.97 19.75
N ILE F 277 -6.54 -13.85 20.19
CA ILE F 277 -6.57 -12.61 19.42
C ILE F 277 -5.51 -12.70 18.34
N PRO F 278 -5.88 -12.46 17.07
CA PRO F 278 -4.93 -12.64 15.96
C PRO F 278 -3.83 -11.58 15.94
N SER F 279 -2.67 -11.96 15.41
CA SER F 279 -1.52 -11.07 15.31
C SER F 279 -1.46 -10.43 13.91
N ALA F 280 -0.29 -9.95 13.52
CA ALA F 280 -0.12 -9.30 12.21
C ALA F 280 -0.36 -10.27 11.06
N VAL F 281 -1.01 -9.77 10.00
CA VAL F 281 -1.32 -10.55 8.80
C VAL F 281 -2.12 -11.82 9.12
N GLY F 282 -3.01 -11.73 10.11
CA GLY F 282 -3.88 -12.84 10.48
C GLY F 282 -3.23 -14.07 11.08
N TYR F 283 -1.95 -13.96 11.45
CA TYR F 283 -1.21 -15.10 12.02
C TYR F 283 -1.51 -15.24 13.50
N GLN F 284 -1.07 -16.36 14.07
CA GLN F 284 -1.21 -16.61 15.51
C GLN F 284 -0.24 -15.73 16.31
N PRO F 285 -0.62 -15.35 17.54
CA PRO F 285 0.28 -14.56 18.38
C PRO F 285 1.46 -15.37 18.90
N THR F 286 1.31 -16.70 18.96
CA THR F 286 2.40 -17.58 19.39
C THR F 286 3.15 -18.14 18.19
N LEU F 287 3.49 -17.28 17.23
CA LEU F 287 4.15 -17.71 15.99
C LEU F 287 5.63 -17.98 16.20
N ALA F 288 6.28 -17.11 16.97
CA ALA F 288 7.73 -17.25 17.24
C ALA F 288 8.03 -18.35 18.25
N THR F 289 7.21 -18.45 19.30
CA THR F 289 7.44 -19.43 20.36
C THR F 289 7.13 -20.87 19.95
N ASP F 290 6.05 -21.06 19.19
CA ASP F 290 5.70 -22.39 18.68
C ASP F 290 6.78 -22.89 17.72
N MET F 291 7.32 -22.00 16.91
CA MET F 291 8.45 -22.32 16.03
C MET F 291 9.73 -22.52 16.85
N GLY F 292 9.92 -21.67 17.85
CA GLY F 292 11.09 -21.73 18.72
C GLY F 292 11.28 -23.08 19.40
N THR F 293 10.22 -23.56 20.04
CA THR F 293 10.26 -24.86 20.72
C THR F 293 10.51 -26.02 19.75
N MET F 294 10.05 -25.85 18.51
CA MET F 294 10.22 -26.86 17.46
C MET F 294 11.61 -26.80 16.83
N GLN F 295 12.00 -25.62 16.36
CA GLN F 295 13.28 -25.44 15.65
C GLN F 295 14.51 -25.69 16.53
N GLU F 296 14.40 -25.36 17.82
CA GLU F 296 15.52 -25.55 18.76
C GLU F 296 15.88 -27.02 18.97
N ARG F 297 14.90 -27.91 18.80
CA ARG F 297 15.13 -29.35 18.89
C ARG F 297 15.95 -29.86 17.71
N ILE F 298 15.76 -29.24 16.54
CA ILE F 298 16.56 -29.55 15.35
C ILE F 298 17.91 -28.84 15.44
N THR F 299 18.90 -29.52 16.00
CA THR F 299 20.24 -28.97 16.15
C THR F 299 21.27 -30.04 16.47
N THR F 300 22.54 -29.70 16.29
CA THR F 300 23.64 -30.61 16.58
C THR F 300 24.05 -30.48 18.05
N THR F 301 23.86 -31.57 18.80
CA THR F 301 24.26 -31.64 20.21
C THR F 301 25.71 -32.09 20.32
N LYS F 302 26.20 -32.27 21.54
CA LYS F 302 27.55 -32.77 21.78
C LYS F 302 27.72 -34.22 21.35
N LYS F 303 26.74 -35.07 21.66
CA LYS F 303 26.83 -36.50 21.35
C LYS F 303 26.62 -36.79 19.86
N GLY F 304 25.44 -36.44 19.36
CA GLY F 304 25.09 -36.69 17.96
C GLY F 304 25.22 -35.46 17.08
N SER F 305 24.59 -35.51 15.91
CA SER F 305 24.61 -34.39 14.97
C SER F 305 23.46 -34.48 13.97
N ILE F 306 22.87 -33.34 13.65
CA ILE F 306 21.80 -33.25 12.66
C ILE F 306 22.08 -32.12 11.67
N THR F 307 22.04 -32.45 10.38
CA THR F 307 22.17 -31.46 9.32
C THR F 307 20.81 -31.30 8.63
N SER F 308 20.07 -30.28 9.04
CA SER F 308 18.71 -30.07 8.56
C SER F 308 18.66 -29.18 7.32
N VAL F 309 17.98 -29.67 6.27
CA VAL F 309 17.73 -28.89 5.06
C VAL F 309 16.23 -28.69 4.95
N GLN F 310 15.77 -27.48 5.24
CA GLN F 310 14.34 -27.18 5.33
C GLN F 310 13.87 -26.30 4.19
N ALA F 311 12.89 -26.79 3.43
CA ALA F 311 12.25 -25.99 2.39
C ALA F 311 11.25 -25.03 3.04
N ILE F 312 11.31 -23.75 2.64
CA ILE F 312 10.47 -22.71 3.25
C ILE F 312 9.67 -22.00 2.16
N TYR F 313 8.35 -22.05 2.27
CA TYR F 313 7.46 -21.36 1.34
C TYR F 313 7.37 -19.87 1.69
N VAL F 314 7.22 -19.04 0.67
CA VAL F 314 7.14 -17.58 0.82
C VAL F 314 5.80 -17.08 0.27
N PRO F 315 4.85 -16.73 1.17
CA PRO F 315 3.52 -16.28 0.74
C PRO F 315 3.54 -15.05 -0.17
N ALA F 316 3.01 -15.21 -1.38
CA ALA F 316 2.88 -14.11 -2.36
C ALA F 316 4.22 -13.44 -2.67
N ASP F 317 5.29 -14.23 -2.68
CA ASP F 317 6.65 -13.74 -2.94
C ASP F 317 7.05 -12.59 -2.00
N ASP F 318 6.57 -12.64 -0.76
CA ASP F 318 6.82 -11.61 0.23
C ASP F 318 7.65 -12.16 1.38
N LEU F 319 8.92 -11.78 1.43
CA LEU F 319 9.84 -12.26 2.47
C LEU F 319 9.60 -11.58 3.83
N THR F 320 8.92 -10.43 3.81
CA THR F 320 8.59 -9.71 5.04
C THR F 320 7.42 -10.35 5.81
N ASP F 321 6.75 -11.32 5.19
CA ASP F 321 5.69 -12.10 5.85
C ASP F 321 6.23 -12.74 7.14
N PRO F 322 5.44 -12.73 8.23
CA PRO F 322 5.87 -13.27 9.53
C PRO F 322 6.47 -14.69 9.49
N ALA F 323 5.88 -15.59 8.70
CA ALA F 323 6.31 -17.00 8.69
C ALA F 323 7.75 -17.20 8.19
N PRO F 324 8.06 -16.70 6.96
CA PRO F 324 9.46 -16.79 6.52
C PRO F 324 10.41 -15.84 7.27
N ALA F 325 9.93 -14.68 7.67
CA ALA F 325 10.75 -13.69 8.38
C ALA F 325 11.32 -14.22 9.69
N THR F 326 10.53 -15.01 10.41
CA THR F 326 10.95 -15.56 11.70
C THR F 326 12.00 -16.66 11.57
N THR F 327 11.90 -17.46 10.51
CA THR F 327 12.79 -18.61 10.31
C THR F 327 14.25 -18.23 10.07
N PHE F 328 14.49 -17.05 9.49
CA PHE F 328 15.85 -16.58 9.17
C PHE F 328 16.84 -16.71 10.33
N ALA F 329 16.38 -16.35 11.54
CA ALA F 329 17.23 -16.41 12.73
C ALA F 329 17.63 -17.84 13.11
N HIS F 330 16.76 -18.80 12.80
CA HIS F 330 16.99 -20.22 13.13
C HIS F 330 17.87 -20.95 12.12
N LEU F 331 18.35 -20.26 11.10
CA LEU F 331 19.14 -20.88 10.04
C LEU F 331 20.59 -20.42 10.07
N ASP F 332 21.50 -21.33 9.73
CA ASP F 332 22.91 -21.00 9.57
C ASP F 332 23.15 -20.44 8.17
N ALA F 333 22.72 -21.20 7.16
CA ALA F 333 22.84 -20.79 5.76
C ALA F 333 21.47 -20.64 5.12
N THR F 334 21.29 -19.55 4.38
CA THR F 334 20.03 -19.25 3.70
C THR F 334 20.20 -19.29 2.19
N THR F 335 19.14 -19.71 1.49
CA THR F 335 19.15 -19.81 0.03
C THR F 335 17.86 -19.21 -0.53
N VAL F 336 17.92 -17.92 -0.82
CA VAL F 336 16.75 -17.18 -1.29
C VAL F 336 16.55 -17.37 -2.80
N LEU F 337 15.54 -18.19 -3.15
CA LEU F 337 15.21 -18.43 -4.54
C LEU F 337 14.26 -17.34 -5.06
N SER F 338 14.69 -16.60 -6.08
CA SER F 338 13.92 -15.50 -6.65
C SER F 338 13.15 -15.94 -7.90
N ARG F 339 11.98 -15.35 -8.11
CA ARG F 339 11.16 -15.64 -9.29
C ARG F 339 11.70 -14.89 -10.52
N ALA F 340 12.08 -13.63 -10.32
CA ALA F 340 12.66 -12.82 -11.40
C ALA F 340 13.88 -13.48 -12.03
N ILE F 341 14.70 -14.13 -11.19
CA ILE F 341 15.87 -14.87 -11.66
C ILE F 341 15.45 -16.14 -12.41
N ALA F 342 14.45 -16.83 -11.89
CA ALA F 342 13.93 -18.05 -12.53
C ALA F 342 13.27 -17.76 -13.88
N GLU F 343 12.51 -16.66 -13.96
CA GLU F 343 11.84 -16.27 -15.20
C GLU F 343 12.79 -15.84 -16.31
N LEU F 344 14.00 -15.39 -15.93
CA LEU F 344 15.04 -15.06 -16.91
C LEU F 344 15.69 -16.31 -17.54
N GLY F 345 15.51 -17.47 -16.90
CA GLY F 345 16.08 -18.72 -17.38
C GLY F 345 17.25 -19.20 -16.52
N ILE F 346 17.62 -18.41 -15.52
CA ILE F 346 18.75 -18.72 -14.65
C ILE F 346 18.32 -19.71 -13.57
N TYR F 347 18.75 -20.96 -13.69
CA TYR F 347 18.45 -22.01 -12.72
C TYR F 347 19.74 -22.66 -12.21
N PRO F 348 19.85 -22.95 -10.91
CA PRO F 348 18.83 -22.65 -9.90
C PRO F 348 18.76 -21.16 -9.61
N ALA F 349 17.55 -20.66 -9.33
CA ALA F 349 17.31 -19.22 -9.23
C ALA F 349 17.70 -18.65 -7.85
N VAL F 350 18.93 -18.92 -7.42
CA VAL F 350 19.43 -18.45 -6.14
C VAL F 350 19.84 -16.98 -6.27
N ASP F 351 19.27 -16.13 -5.43
CA ASP F 351 19.58 -14.70 -5.47
C ASP F 351 20.94 -14.46 -4.83
N PRO F 352 21.91 -13.92 -5.60
CA PRO F 352 23.26 -13.71 -5.09
C PRO F 352 23.44 -12.49 -4.16
N LEU F 353 22.42 -11.62 -4.10
CA LEU F 353 22.44 -10.48 -3.18
C LEU F 353 21.27 -10.59 -2.19
N ASP F 354 21.12 -11.78 -1.61
CA ASP F 354 20.05 -12.06 -0.65
C ASP F 354 20.36 -13.32 0.17
N SER F 355 20.80 -14.38 -0.51
CA SER F 355 21.31 -15.57 0.16
C SER F 355 22.53 -15.25 1.01
N THR F 356 22.60 -15.84 2.20
CA THR F 356 23.68 -15.56 3.15
C THR F 356 24.08 -16.82 3.92
N SER F 357 25.24 -16.75 4.55
CA SER F 357 25.76 -17.84 5.37
C SER F 357 26.67 -17.31 6.48
N ARG F 358 26.68 -18.01 7.62
CA ARG F 358 27.48 -17.59 8.77
C ARG F 358 28.93 -18.09 8.71
N ILE F 359 29.15 -19.19 8.00
CA ILE F 359 30.51 -19.72 7.79
C ILE F 359 31.29 -18.95 6.71
N MET F 360 30.60 -18.09 5.96
CA MET F 360 31.25 -17.20 5.00
C MET F 360 32.14 -16.21 5.75
N ASP F 361 33.38 -16.63 6.00
CA ASP F 361 34.35 -15.84 6.76
C ASP F 361 35.77 -16.22 6.33
N PRO F 362 36.67 -15.24 6.18
CA PRO F 362 38.04 -15.54 5.75
C PRO F 362 38.78 -16.56 6.63
N ASN F 363 38.43 -16.63 7.91
CA ASN F 363 39.02 -17.61 8.83
C ASN F 363 38.63 -19.05 8.49
N ILE F 364 37.36 -19.23 8.09
CA ILE F 364 36.83 -20.57 7.84
C ILE F 364 37.09 -21.01 6.40
N VAL F 365 36.53 -20.28 5.44
CA VAL F 365 36.61 -20.66 4.02
C VAL F 365 37.95 -20.29 3.36
N GLY F 366 38.71 -19.38 3.98
CA GLY F 366 39.98 -18.92 3.44
C GLY F 366 39.87 -17.53 2.85
N SER F 367 41.01 -16.85 2.75
CA SER F 367 41.05 -15.46 2.28
C SER F 367 40.80 -15.35 0.78
N GLU F 368 41.20 -16.37 0.01
CA GLU F 368 40.97 -16.39 -1.43
C GLU F 368 39.49 -16.63 -1.76
N HIS F 369 38.84 -17.49 -0.97
CA HIS F 369 37.41 -17.77 -1.14
C HIS F 369 36.58 -16.53 -0.85
N TYR F 370 36.86 -15.89 0.29
CA TYR F 370 36.13 -14.70 0.74
C TYR F 370 36.31 -13.51 -0.21
N ASP F 371 37.53 -13.31 -0.71
CA ASP F 371 37.82 -12.21 -1.64
C ASP F 371 37.10 -12.37 -2.99
N VAL F 372 37.07 -13.60 -3.50
CA VAL F 372 36.37 -13.90 -4.75
C VAL F 372 34.85 -13.86 -4.54
N ALA F 373 34.40 -14.25 -3.35
CA ALA F 373 32.98 -14.23 -3.02
C ALA F 373 32.39 -12.81 -3.04
N ARG F 374 33.10 -11.87 -2.43
CA ARG F 374 32.67 -10.47 -2.40
C ARG F 374 32.77 -9.79 -3.77
N GLY F 375 33.73 -10.24 -4.59
CA GLY F 375 33.93 -9.69 -5.93
C GLY F 375 32.76 -9.95 -6.86
N VAL F 376 32.17 -11.14 -6.76
CA VAL F 376 30.99 -11.49 -7.53
C VAL F 376 29.81 -10.62 -7.10
N GLN F 377 29.62 -10.48 -5.80
CA GLN F 377 28.52 -9.69 -5.25
C GLN F 377 28.69 -8.18 -5.49
N LYS F 378 29.93 -7.72 -5.58
CA LYS F 378 30.23 -6.32 -5.81
C LYS F 378 29.82 -5.87 -7.22
N ILE F 379 30.27 -6.62 -8.23
CA ILE F 379 29.98 -6.30 -9.62
C ILE F 379 28.50 -6.55 -9.97
N LEU F 380 27.87 -7.50 -9.29
CA LEU F 380 26.43 -7.73 -9.45
C LEU F 380 25.61 -6.57 -8.88
N GLN F 381 26.10 -5.98 -7.78
CA GLN F 381 25.45 -4.82 -7.16
C GLN F 381 25.62 -3.57 -8.03
N ASP F 382 26.80 -3.40 -8.62
CA ASP F 382 27.08 -2.27 -9.52
C ASP F 382 26.25 -2.38 -10.80
N TYR F 383 26.08 -3.60 -11.29
CA TYR F 383 25.24 -3.86 -12.46
C TYR F 383 23.77 -3.57 -12.19
N LYS F 384 23.30 -3.90 -10.99
CA LYS F 384 21.92 -3.64 -10.58
C LYS F 384 21.65 -2.15 -10.33
N SER F 385 22.68 -1.41 -9.93
CA SER F 385 22.56 0.02 -9.65
C SER F 385 22.36 0.87 -10.90
N LEU F 386 22.74 0.35 -12.07
CA LEU F 386 22.64 1.10 -13.33
C LEU F 386 21.43 0.72 -14.19
N GLN F 387 20.47 -0.02 -13.62
CA GLN F 387 19.29 -0.47 -14.37
C GLN F 387 18.36 0.68 -14.77
N ASP F 388 18.19 1.66 -13.88
CA ASP F 388 17.38 2.85 -14.18
C ASP F 388 17.97 3.67 -15.32
N ILE F 389 19.31 3.68 -15.41
CA ILE F 389 20.02 4.45 -16.44
C ILE F 389 19.92 3.75 -17.80
N ILE F 390 20.02 2.42 -17.80
CA ILE F 390 19.92 1.63 -19.03
C ILE F 390 18.48 1.61 -19.57
N ALA F 391 17.50 1.67 -18.67
CA ALA F 391 16.08 1.61 -19.03
C ALA F 391 15.64 2.79 -19.89
N ILE F 392 15.94 3.99 -19.42
CA ILE F 392 15.47 5.22 -20.06
C ILE F 392 16.45 5.68 -21.15
N LEU F 393 17.70 5.89 -20.76
CA LEU F 393 18.70 6.45 -21.66
C LEU F 393 19.27 5.41 -22.61
N GLY F 394 19.81 4.33 -22.04
CA GLY F 394 20.35 3.21 -22.82
C GLY F 394 21.79 2.88 -22.47
N MET F 395 22.35 1.90 -23.17
CA MET F 395 23.74 1.46 -22.98
C MET F 395 24.74 2.46 -23.55
N ASP F 396 24.34 3.19 -24.59
CA ASP F 396 25.21 4.18 -25.23
C ASP F 396 25.50 5.38 -24.32
N GLU F 397 24.54 5.70 -23.44
CA GLU F 397 24.69 6.82 -22.51
C GLU F 397 25.65 6.51 -21.36
N LEU F 398 25.87 5.22 -21.09
CA LEU F 398 26.81 4.79 -20.06
C LEU F 398 28.26 5.10 -20.44
N SER F 399 29.11 5.18 -19.43
CA SER F 399 30.54 5.43 -19.63
C SER F 399 31.23 4.20 -20.22
N GLU F 400 32.37 4.42 -20.86
CA GLU F 400 33.10 3.35 -21.54
C GLU F 400 33.56 2.25 -20.57
N GLU F 401 34.01 2.66 -19.38
CA GLU F 401 34.46 1.72 -18.37
C GLU F 401 33.29 1.00 -17.69
N ASP F 402 32.13 1.66 -17.62
CA ASP F 402 30.92 1.05 -17.05
C ASP F 402 30.36 -0.07 -17.93
N LYS F 403 30.58 0.01 -19.24
CA LYS F 403 30.18 -1.05 -20.16
C LYS F 403 30.86 -2.37 -19.83
N LEU F 404 32.12 -2.31 -19.40
CA LEU F 404 32.89 -3.49 -19.02
C LEU F 404 32.32 -4.16 -17.76
N THR F 405 31.86 -3.35 -16.81
CA THR F 405 31.29 -3.86 -15.56
C THR F 405 29.92 -4.51 -15.78
N VAL F 406 29.14 -3.97 -16.71
CA VAL F 406 27.83 -4.55 -17.06
C VAL F 406 28.00 -5.84 -17.86
N SER F 407 29.01 -5.91 -18.71
CA SER F 407 29.28 -7.08 -19.54
C SER F 407 29.64 -8.31 -18.70
N ARG F 408 30.55 -8.14 -17.76
CA ARG F 408 31.03 -9.24 -16.92
C ARG F 408 29.95 -9.75 -15.96
N ALA F 409 29.15 -8.83 -15.41
CA ALA F 409 28.09 -9.19 -14.46
C ALA F 409 27.06 -10.13 -15.08
N ARG F 410 26.70 -9.88 -16.33
CA ARG F 410 25.76 -10.73 -17.07
C ARG F 410 26.35 -12.11 -17.39
N LYS F 411 27.66 -12.15 -17.63
CA LYS F 411 28.38 -13.41 -17.81
C LYS F 411 28.51 -14.17 -16.49
N ILE F 412 28.69 -13.42 -15.40
CA ILE F 412 28.71 -13.99 -14.05
C ILE F 412 27.34 -14.54 -13.66
N GLN F 413 26.28 -13.79 -13.99
CA GLN F 413 24.89 -14.24 -13.74
C GLN F 413 24.61 -15.56 -14.43
N ARG F 414 25.02 -15.68 -15.69
CA ARG F 414 24.79 -16.89 -16.48
C ARG F 414 25.69 -18.05 -16.07
N PHE F 415 26.90 -17.74 -15.57
CA PHE F 415 27.80 -18.77 -15.09
C PHE F 415 27.39 -19.32 -13.73
N LEU F 416 26.60 -18.56 -12.98
CA LEU F 416 26.02 -19.04 -11.72
C LEU F 416 24.98 -20.15 -11.95
N SER F 417 24.34 -20.13 -13.12
CA SER F 417 23.41 -21.19 -13.50
C SER F 417 24.15 -22.51 -13.68
N GLN F 418 23.41 -23.62 -13.58
CA GLN F 418 24.02 -24.95 -13.59
C GLN F 418 22.97 -26.01 -13.92
N PRO F 419 23.31 -26.94 -14.85
CA PRO F 419 22.43 -28.10 -15.08
C PRO F 419 22.37 -29.03 -13.86
N PHE F 420 21.17 -29.50 -13.54
CA PHE F 420 20.95 -30.35 -12.37
C PHE F 420 20.82 -31.82 -12.77
N GLN F 421 21.16 -32.71 -11.84
CA GLN F 421 21.08 -34.15 -12.07
C GLN F 421 19.63 -34.62 -12.17
N VAL F 422 18.81 -34.21 -11.20
CA VAL F 422 17.39 -34.57 -11.18
C VAL F 422 16.58 -33.86 -12.27
N ALA F 423 17.08 -32.72 -12.74
CA ALA F 423 16.41 -31.95 -13.80
C ALA F 423 16.59 -32.56 -15.20
N GLU F 424 17.48 -33.55 -15.33
CA GLU F 424 17.72 -34.24 -16.61
C GLU F 424 16.43 -34.73 -17.29
N VAL F 425 15.50 -35.27 -16.50
CA VAL F 425 14.28 -35.87 -17.03
C VAL F 425 13.44 -34.94 -17.92
N PHE F 426 13.37 -33.66 -17.56
CA PHE F 426 12.60 -32.68 -18.34
C PHE F 426 13.48 -31.67 -19.09
N THR F 427 14.65 -31.33 -18.53
CA THR F 427 15.55 -30.37 -19.15
C THR F 427 16.23 -30.95 -20.39
N GLY F 428 16.75 -32.16 -20.25
CA GLY F 428 17.44 -32.83 -21.35
C GLY F 428 18.96 -32.79 -21.19
N HIS F 429 19.48 -31.61 -20.83
CA HIS F 429 20.90 -31.44 -20.58
C HIS F 429 21.36 -32.27 -19.38
N LEU F 430 22.57 -32.81 -19.47
CA LEU F 430 23.13 -33.65 -18.41
C LEU F 430 23.51 -32.80 -17.20
N GLY F 431 23.29 -33.33 -16.01
CA GLY F 431 23.56 -32.61 -14.77
C GLY F 431 25.04 -32.50 -14.46
N LYS F 432 25.45 -31.40 -13.85
CA LYS F 432 26.86 -31.13 -13.54
C LYS F 432 27.09 -31.09 -12.04
N LEU F 433 28.33 -31.40 -11.64
CA LEU F 433 28.72 -31.39 -10.23
C LEU F 433 30.12 -30.77 -10.10
N VAL F 434 30.15 -29.45 -9.90
CA VAL F 434 31.40 -28.69 -9.93
C VAL F 434 32.09 -28.71 -8.57
N PRO F 435 33.38 -29.11 -8.52
CA PRO F 435 34.14 -29.03 -7.26
C PRO F 435 34.37 -27.60 -6.77
N LEU F 436 34.76 -27.48 -5.50
CA LEU F 436 34.91 -26.17 -4.84
C LEU F 436 36.02 -25.33 -5.46
N LYS F 437 37.21 -25.93 -5.60
CA LYS F 437 38.38 -25.24 -6.12
C LYS F 437 38.21 -24.78 -7.58
N GLU F 438 37.49 -25.57 -8.38
CA GLU F 438 37.22 -25.23 -9.77
C GLU F 438 36.21 -24.09 -9.90
N THR F 439 35.27 -24.01 -8.94
CA THR F 439 34.28 -22.94 -8.93
C THR F 439 34.93 -21.58 -8.66
N ILE F 440 35.78 -21.52 -7.64
CA ILE F 440 36.45 -20.28 -7.25
C ILE F 440 37.38 -19.80 -8.38
N LYS F 441 38.07 -20.75 -9.02
CA LYS F 441 38.94 -20.46 -10.15
C LYS F 441 38.17 -19.87 -11.33
N GLY F 442 37.01 -20.46 -11.64
CA GLY F 442 36.20 -20.04 -12.77
C GLY F 442 35.71 -18.61 -12.70
N PHE F 443 35.10 -18.24 -11.58
CA PHE F 443 34.58 -16.88 -11.38
C PHE F 443 35.68 -15.84 -11.25
N GLN F 444 36.83 -16.23 -10.70
CA GLN F 444 37.97 -15.33 -10.53
C GLN F 444 38.58 -14.91 -11.86
N GLN F 445 38.57 -15.81 -12.84
CA GLN F 445 39.05 -15.51 -14.19
C GLN F 445 38.15 -14.51 -14.91
N ILE F 446 36.85 -14.63 -14.69
CA ILE F 446 35.86 -13.72 -15.32
C ILE F 446 35.96 -12.32 -14.72
N LEU F 447 36.18 -12.24 -13.41
CA LEU F 447 36.35 -10.96 -12.72
C LEU F 447 37.65 -10.26 -13.14
N ALA F 448 38.72 -11.05 -13.31
CA ALA F 448 40.01 -10.52 -13.75
C ALA F 448 40.01 -10.06 -15.21
N GLY F 449 39.09 -10.62 -16.00
CA GLY F 449 38.94 -10.23 -17.41
C GLY F 449 39.71 -11.14 -18.35
N GLU F 450 39.61 -12.45 -18.12
CA GLU F 450 40.30 -13.44 -18.95
C GLU F 450 39.37 -14.06 -20.00
N TYR F 451 38.07 -13.72 -19.95
CA TYR F 451 37.09 -14.21 -20.91
C TYR F 451 36.11 -13.11 -21.34
N ASP F 452 36.63 -11.89 -21.51
CA ASP F 452 35.80 -10.76 -21.96
C ASP F 452 35.51 -10.85 -23.46
N HIS F 453 36.38 -11.52 -24.21
CA HIS F 453 36.19 -11.70 -25.65
C HIS F 453 35.09 -12.73 -25.98
N LEU F 454 34.83 -13.66 -25.06
CA LEU F 454 33.82 -14.70 -25.27
C LEU F 454 32.41 -14.16 -25.06
N PRO F 455 31.40 -14.81 -25.69
CA PRO F 455 30.01 -14.38 -25.54
C PRO F 455 29.38 -14.81 -24.21
N GLU F 456 28.19 -14.30 -23.94
CA GLU F 456 27.47 -14.57 -22.68
C GLU F 456 26.85 -15.96 -22.68
N GLN F 457 26.17 -16.30 -23.77
CA GLN F 457 25.47 -17.58 -23.91
C GLN F 457 26.37 -18.83 -23.76
N ALA F 458 27.69 -18.64 -23.87
CA ALA F 458 28.64 -19.71 -23.59
C ALA F 458 28.67 -20.08 -22.12
N PHE F 459 28.45 -19.09 -21.24
CA PHE F 459 28.44 -19.30 -19.80
C PHE F 459 27.12 -19.89 -19.27
N TYR F 460 26.05 -19.73 -20.04
CA TYR F 460 24.72 -20.20 -19.63
C TYR F 460 24.63 -21.72 -19.61
N MET F 461 24.34 -22.27 -18.43
CA MET F 461 24.16 -23.72 -18.23
C MET F 461 25.40 -24.54 -18.60
N VAL F 462 26.44 -24.41 -17.79
CA VAL F 462 27.67 -25.21 -17.92
C VAL F 462 28.20 -25.57 -16.54
N GLY F 463 29.09 -26.56 -16.49
CA GLY F 463 29.70 -26.99 -15.24
C GLY F 463 30.84 -26.07 -14.85
N PRO F 464 32.10 -26.54 -14.99
CA PRO F 464 33.26 -25.68 -14.71
C PRO F 464 33.50 -24.65 -15.81
N ILE F 465 34.52 -23.81 -15.63
CA ILE F 465 34.86 -22.77 -16.61
C ILE F 465 35.41 -23.37 -17.92
N GLU F 466 36.03 -24.54 -17.83
CA GLU F 466 36.60 -25.22 -19.00
C GLU F 466 35.53 -25.58 -20.04
N GLU F 467 34.38 -26.03 -19.58
CA GLU F 467 33.27 -26.39 -20.48
C GLU F 467 32.56 -25.16 -21.06
N ALA F 468 32.74 -24.00 -20.43
CA ALA F 468 32.21 -22.74 -20.96
C ALA F 468 33.01 -22.26 -22.17
N VAL F 469 34.33 -22.45 -22.13
CA VAL F 469 35.22 -22.07 -23.23
C VAL F 469 34.99 -23.01 -24.43
N ALA F 470 34.83 -24.29 -24.15
CA ALA F 470 34.54 -25.30 -25.18
C ALA F 470 33.18 -25.07 -25.84
N LYS F 471 32.21 -24.58 -25.07
CA LYS F 471 30.88 -24.28 -25.59
C LYS F 471 30.89 -23.06 -26.51
N ALA F 472 31.80 -22.11 -26.25
CA ALA F 472 31.95 -20.93 -27.10
C ALA F 472 32.50 -21.29 -28.48
N ASP F 473 33.38 -22.30 -28.54
CA ASP F 473 33.91 -22.80 -29.81
C ASP F 473 32.84 -23.51 -30.63
N LYS F 474 31.90 -24.16 -29.96
CA LYS F 474 30.76 -24.79 -30.62
C LYS F 474 29.84 -23.75 -31.27
N LEU F 475 29.61 -22.64 -30.56
CA LEU F 475 28.82 -21.53 -31.08
C LEU F 475 29.57 -20.75 -32.17
N ALA F 476 30.90 -20.79 -32.12
CA ALA F 476 31.74 -20.19 -33.16
C ALA F 476 31.56 -20.88 -34.52
N GLU F 477 31.08 -22.12 -34.50
CA GLU F 477 30.79 -22.87 -35.73
C GLU F 477 29.36 -22.68 -36.27
N GLU F 478 28.80 -21.48 -36.12
CA GLU F 478 27.63 -21.08 -36.90
C GLU F 478 28.13 -20.11 -37.97
N HIS F 479 28.99 -20.71 -38.81
CA HIS F 479 29.86 -20.09 -39.76
C HIS F 479 31.30 -19.67 -39.30
N ALA G 1 8.18 -3.11 -1.54
CA ALA G 1 8.38 -1.70 -1.07
C ALA G 1 7.07 -1.11 -0.53
N THR G 2 7.20 -0.15 0.39
CA THR G 2 6.03 0.52 0.97
C THR G 2 5.34 1.44 -0.04
N LEU G 3 4.12 1.84 0.28
CA LEU G 3 3.28 2.63 -0.63
C LEU G 3 3.89 3.99 -0.99
N LYS G 4 4.60 4.59 -0.03
CA LYS G 4 5.24 5.90 -0.24
C LYS G 4 6.42 5.82 -1.22
N ASP G 5 7.19 4.74 -1.14
CA ASP G 5 8.33 4.54 -2.04
C ASP G 5 7.88 4.34 -3.48
N ILE G 6 6.73 3.69 -3.67
CA ILE G 6 6.16 3.49 -5.00
C ILE G 6 5.65 4.82 -5.57
N THR G 7 5.09 5.66 -4.69
CA THR G 7 4.57 6.97 -5.08
C THR G 7 5.69 7.91 -5.53
N ARG G 8 6.76 7.99 -4.75
CA ARG G 8 7.91 8.83 -5.10
C ARG G 8 8.59 8.36 -6.38
N ARG G 9 8.70 7.04 -6.54
CA ARG G 9 9.29 6.45 -7.75
C ARG G 9 8.40 6.67 -8.98
N LEU G 10 7.08 6.57 -8.79
CA LEU G 10 6.13 6.78 -9.89
C LEU G 10 6.13 8.24 -10.35
N LYS G 11 6.16 9.17 -9.39
CA LYS G 11 6.23 10.61 -9.70
C LYS G 11 7.54 11.00 -10.38
N SER G 12 8.62 10.29 -10.06
CA SER G 12 9.93 10.54 -10.66
C SER G 12 9.94 10.25 -12.16
N ILE G 13 9.46 9.06 -12.53
CA ILE G 13 9.49 8.61 -13.92
C ILE G 13 8.46 9.35 -14.79
N LYS G 14 7.33 9.72 -14.19
CA LYS G 14 6.32 10.51 -14.91
C LYS G 14 6.89 11.84 -15.42
N ASN G 15 7.72 12.48 -14.60
CA ASN G 15 8.41 13.71 -15.00
C ASN G 15 9.41 13.45 -16.13
N ILE G 16 10.24 12.44 -15.94
CA ILE G 16 11.24 12.05 -16.95
C ILE G 16 10.58 11.64 -18.27
N GLN G 17 9.41 11.00 -18.18
CA GLN G 17 8.63 10.61 -19.36
C GLN G 17 8.15 11.84 -20.13
N LYS G 18 7.64 12.83 -19.40
CA LYS G 18 7.18 14.09 -20.01
C LYS G 18 8.32 14.95 -20.53
N ILE G 19 9.47 14.91 -19.84
CA ILE G 19 10.66 15.66 -20.24
C ILE G 19 11.30 15.06 -21.50
N THR G 20 11.31 13.73 -21.59
CA THR G 20 11.82 13.04 -22.78
C THR G 20 10.90 13.24 -23.99
N LYS G 21 9.60 13.39 -23.74
CA LYS G 21 8.63 13.72 -24.80
C LYS G 21 8.89 15.11 -25.39
N SER G 22 9.32 16.04 -24.55
CA SER G 22 9.66 17.39 -24.99
C SER G 22 10.89 17.42 -25.88
N MET G 23 11.88 16.60 -25.53
CA MET G 23 13.14 16.54 -26.30
C MET G 23 13.00 15.79 -27.62
N LYS G 24 11.94 14.98 -27.75
CA LYS G 24 11.66 14.30 -29.01
C LYS G 24 11.18 15.29 -30.08
N MET G 25 10.26 16.16 -29.71
CA MET G 25 9.69 17.13 -30.65
C MET G 25 10.66 18.28 -30.96
N VAL G 26 11.50 18.63 -30.00
CA VAL G 26 12.56 19.62 -30.21
C VAL G 26 13.62 19.06 -31.16
N ALA G 27 13.92 17.77 -31.04
CA ALA G 27 14.81 17.08 -31.97
C ALA G 27 14.17 16.94 -33.35
N ALA G 28 12.86 16.70 -33.37
CA ALA G 28 12.10 16.59 -34.61
C ALA G 28 11.97 17.94 -35.34
N ALA G 29 11.94 19.02 -34.56
CA ALA G 29 11.88 20.37 -35.14
C ALA G 29 13.20 20.77 -35.80
N LYS G 30 14.30 20.50 -35.10
CA LYS G 30 15.64 20.76 -35.64
C LYS G 30 16.01 19.77 -36.77
N TYR G 31 15.41 18.58 -36.73
CA TYR G 31 15.59 17.60 -37.82
C TYR G 31 15.02 18.12 -39.14
N ALA G 32 13.84 18.73 -39.07
CA ALA G 32 13.21 19.33 -40.26
C ALA G 32 14.06 20.45 -40.83
N ARG G 33 14.59 21.30 -39.96
CA ARG G 33 15.46 22.40 -40.37
C ARG G 33 16.78 21.90 -40.97
N ALA G 34 17.31 20.82 -40.42
CA ALA G 34 18.57 20.23 -40.87
C ALA G 34 18.47 19.59 -42.25
N GLU G 35 17.34 18.94 -42.54
CA GLU G 35 17.15 18.24 -43.82
C GLU G 35 16.96 19.19 -45.00
N ARG G 36 16.33 20.35 -44.74
CA ARG G 36 16.16 21.37 -45.79
C ARG G 36 17.49 21.97 -46.23
N GLU G 37 18.36 22.25 -45.26
CA GLU G 37 19.67 22.84 -45.54
C GLU G 37 20.68 21.82 -46.08
N LEU G 38 20.38 20.53 -45.95
CA LEU G 38 21.25 19.46 -46.44
C LEU G 38 21.05 19.16 -47.92
N LYS G 39 19.86 19.43 -48.45
CA LYS G 39 19.51 19.06 -49.82
C LYS G 39 20.36 19.77 -50.88
N PRO G 40 20.62 21.08 -50.69
CA PRO G 40 21.55 21.76 -51.61
C PRO G 40 22.99 21.28 -51.44
N ALA G 41 23.46 21.25 -50.19
CA ALA G 41 24.82 20.80 -49.88
C ALA G 41 24.90 19.27 -49.89
N SER G 73 29.88 16.35 -32.69
CA SER G 73 29.18 17.35 -31.88
C SER G 73 29.52 17.21 -30.40
N ASP G 74 29.07 18.19 -29.61
CA ASP G 74 29.32 18.20 -28.16
C ASP G 74 28.19 17.53 -27.37
N ARG G 75 26.95 17.86 -27.71
CA ARG G 75 25.78 17.38 -26.96
C ARG G 75 25.49 15.92 -27.29
N GLY G 76 25.34 15.10 -26.25
CA GLY G 76 25.09 13.66 -26.41
C GLY G 76 23.61 13.35 -26.61
N LEU G 77 23.18 12.23 -26.03
CA LEU G 77 21.78 11.78 -26.12
C LEU G 77 21.34 11.63 -27.58
N CYS G 78 22.06 10.81 -28.33
CA CYS G 78 21.80 10.64 -29.76
C CYS G 78 22.31 9.30 -30.28
N GLY G 79 21.98 8.23 -29.57
CA GLY G 79 22.36 6.88 -29.98
C GLY G 79 23.85 6.62 -29.86
N ALA G 80 24.41 5.93 -30.86
CA ALA G 80 25.82 5.54 -30.87
C ALA G 80 26.56 6.19 -32.03
N ILE G 81 26.37 7.50 -32.21
CA ILE G 81 27.01 8.24 -33.30
C ILE G 81 28.47 8.55 -32.98
N HIS G 82 28.72 9.08 -31.78
CA HIS G 82 30.07 9.46 -31.38
C HIS G 82 31.02 8.27 -31.28
N SER G 83 30.48 7.11 -30.91
CA SER G 83 31.26 5.86 -30.89
C SER G 83 31.50 5.33 -32.30
N SER G 84 30.51 5.49 -33.18
CA SER G 84 30.63 5.07 -34.59
C SER G 84 31.69 5.86 -35.35
N VAL G 85 31.93 7.10 -34.93
CA VAL G 85 33.01 7.92 -35.49
C VAL G 85 34.37 7.38 -35.03
N ALA G 86 34.45 6.99 -33.76
CA ALA G 86 35.67 6.40 -33.20
C ALA G 86 35.97 4.99 -33.71
N LYS G 87 34.96 4.32 -34.25
CA LYS G 87 35.10 2.97 -34.79
C LYS G 87 36.06 2.92 -35.99
N GLN G 88 35.92 3.87 -36.91
CA GLN G 88 36.73 3.90 -38.13
C GLN G 88 38.09 4.58 -37.96
N MET G 89 38.19 5.49 -36.99
CA MET G 89 39.45 6.21 -36.74
C MET G 89 40.54 5.28 -36.19
N LYS G 90 40.19 4.45 -35.22
CA LYS G 90 41.12 3.46 -34.66
C LYS G 90 41.47 2.39 -35.70
N SER G 91 40.48 1.98 -36.49
CA SER G 91 40.67 0.99 -37.54
C SER G 91 40.91 1.65 -38.89
N VAL G 108 36.41 19.62 -34.64
CA VAL G 108 34.97 19.62 -34.41
C VAL G 108 34.57 18.46 -33.49
N GLY G 109 33.54 18.68 -32.69
CA GLY G 109 33.03 17.65 -31.77
C GLY G 109 33.90 17.47 -30.55
N ASP G 110 33.55 18.17 -29.47
CA ASP G 110 34.29 18.07 -28.21
C ASP G 110 34.03 16.75 -27.48
N LYS G 111 32.89 16.12 -27.78
CA LYS G 111 32.54 14.81 -27.22
C LYS G 111 33.45 13.70 -27.75
N ILE G 112 33.99 13.89 -28.96
CA ILE G 112 34.92 12.94 -29.56
C ILE G 112 36.26 12.96 -28.81
N ARG G 113 36.66 14.14 -28.34
CA ARG G 113 37.90 14.29 -27.58
C ARG G 113 37.84 13.53 -26.25
N SER G 114 36.70 13.62 -25.57
CA SER G 114 36.51 12.97 -24.26
C SER G 114 36.75 11.46 -24.29
N ILE G 115 36.42 10.81 -25.41
CA ILE G 115 36.60 9.38 -25.56
C ILE G 115 38.07 9.02 -25.78
N LEU G 116 38.75 9.81 -26.60
CA LEU G 116 40.12 9.51 -27.01
C LEU G 116 41.21 10.15 -26.13
N HIS G 117 40.82 10.99 -25.18
CA HIS G 117 41.80 11.73 -24.37
C HIS G 117 42.63 10.82 -23.46
N ARG G 118 41.97 9.84 -22.83
CA ARG G 118 42.67 8.90 -21.95
C ARG G 118 43.58 7.94 -22.73
N THR G 119 43.19 7.61 -23.95
CA THR G 119 43.94 6.65 -24.77
C THR G 119 45.03 7.34 -25.60
N HIS G 120 44.63 8.22 -26.51
CA HIS G 120 45.55 8.88 -27.43
C HIS G 120 45.27 10.39 -27.53
N SER G 121 46.01 11.17 -26.74
CA SER G 121 45.82 12.63 -26.68
C SER G 121 46.79 13.40 -27.58
N ASP G 122 48.02 12.93 -27.69
CA ASP G 122 49.08 13.67 -28.38
C ASP G 122 48.99 13.62 -29.91
N GLN G 123 48.19 12.71 -30.46
CA GLN G 123 48.12 12.52 -31.91
C GLN G 123 47.52 13.73 -32.65
N PHE G 124 46.21 13.92 -32.52
CA PHE G 124 45.51 14.97 -33.25
C PHE G 124 45.64 16.33 -32.55
N LEU G 125 45.60 17.40 -33.35
CA LEU G 125 45.69 18.76 -32.82
C LEU G 125 44.35 19.21 -32.23
N THR G 127 41.45 22.24 -31.21
CA THR G 127 40.35 21.97 -30.30
C THR G 127 39.14 22.84 -30.62
N PHE G 128 37.96 22.22 -30.67
CA PHE G 128 36.72 22.93 -30.96
C PHE G 128 35.62 22.52 -29.98
N LYS G 129 34.71 23.45 -29.67
CA LYS G 129 33.60 23.18 -28.77
C LYS G 129 32.37 24.01 -29.15
N GLU G 130 31.26 23.75 -28.46
CA GLU G 130 29.97 24.39 -28.74
C GLU G 130 29.48 24.03 -30.15
N VAL G 131 29.01 22.79 -30.29
CA VAL G 131 28.50 22.28 -31.57
C VAL G 131 27.26 21.43 -31.31
N GLY G 132 26.13 21.81 -31.92
CA GLY G 132 24.87 21.08 -31.77
C GLY G 132 23.64 21.96 -31.65
N ARG G 133 23.82 23.17 -31.12
CA ARG G 133 22.71 24.09 -30.88
C ARG G 133 22.09 24.58 -32.19
N ARG G 134 22.94 25.10 -33.08
CA ARG G 134 22.50 25.60 -34.38
C ARG G 134 23.32 24.92 -35.48
N PRO G 135 22.68 24.62 -36.64
CA PRO G 135 23.44 24.08 -37.78
C PRO G 135 24.59 25.00 -38.23
N PRO G 136 25.70 24.40 -38.68
CA PRO G 136 26.89 25.19 -39.02
C PRO G 136 26.75 25.96 -40.35
N THR G 137 26.69 27.28 -40.25
CA THR G 137 26.63 28.14 -41.44
C THR G 137 28.02 28.32 -42.05
N PHE G 138 28.08 28.92 -43.23
CA PHE G 138 29.34 29.15 -43.94
C PHE G 138 30.26 30.11 -43.17
N GLY G 139 29.67 31.07 -42.48
CA GLY G 139 30.43 32.02 -41.65
C GLY G 139 31.12 31.36 -40.48
N ASP G 140 30.41 30.44 -39.81
CA ASP G 140 30.97 29.70 -38.68
C ASP G 140 31.85 28.53 -39.13
N ALA G 141 31.57 27.97 -40.32
CA ALA G 141 32.36 26.87 -40.86
C ALA G 141 33.74 27.30 -41.34
N SER G 142 33.90 28.59 -41.65
CA SER G 142 35.18 29.14 -42.11
C SER G 142 36.24 29.20 -41.00
N VAL G 143 35.80 29.21 -39.75
CA VAL G 143 36.71 29.24 -38.60
C VAL G 143 37.52 27.94 -38.49
N ILE G 144 36.94 26.84 -38.96
CA ILE G 144 37.62 25.55 -39.01
C ILE G 144 38.79 25.59 -40.00
N ALA G 145 38.57 26.24 -41.14
CA ALA G 145 39.59 26.35 -42.18
C ALA G 145 40.76 27.24 -41.76
N LEU G 146 40.48 28.29 -41.00
CA LEU G 146 41.51 29.22 -40.52
C LEU G 146 42.51 28.55 -39.58
N GLU G 147 42.06 27.56 -38.81
CA GLU G 147 42.92 26.82 -37.88
C GLU G 147 43.43 25.52 -38.52
N LEU G 148 43.99 25.63 -39.71
CA LEU G 148 44.56 24.49 -40.43
C LEU G 148 45.75 24.93 -41.29
N LEU G 149 45.46 25.75 -42.31
CA LEU G 149 46.49 26.26 -43.22
C LEU G 149 47.23 27.43 -42.58
N ASN G 150 46.47 28.39 -42.06
CA ASN G 150 47.03 29.55 -41.34
C ASN G 150 47.24 29.20 -39.87
N SER G 151 48.24 28.35 -39.62
CA SER G 151 48.53 27.84 -38.28
C SER G 151 50.00 27.44 -38.15
N GLY G 152 50.39 26.93 -36.98
CA GLY G 152 51.74 26.44 -36.75
C GLY G 152 52.15 25.34 -37.72
N TYR G 153 51.25 24.41 -37.97
CA TYR G 153 51.48 23.33 -38.93
C TYR G 153 51.15 23.82 -40.34
N ARG G 164 27.18 10.09 -41.60
CA ARG G 164 26.43 10.43 -42.80
C ARG G 164 24.96 10.01 -42.66
N PHE G 165 24.06 10.91 -43.04
CA PHE G 165 22.61 10.69 -42.89
C PHE G 165 22.03 9.93 -44.07
N ARG G 166 21.31 8.84 -43.77
CA ARG G 166 20.57 8.08 -44.78
C ARG G 166 19.07 8.22 -44.56
N SER G 167 18.60 7.81 -43.38
CA SER G 167 17.18 7.85 -43.04
C SER G 167 16.98 8.15 -41.55
N VAL G 168 15.72 8.20 -41.11
CA VAL G 168 15.38 8.53 -39.72
C VAL G 168 15.78 7.49 -38.68
N ILE G 169 16.06 6.25 -39.11
CA ILE G 169 16.37 5.16 -38.19
C ILE G 169 17.62 4.36 -38.56
N SER G 170 18.53 4.97 -39.33
CA SER G 170 19.79 4.32 -39.72
C SER G 170 20.80 5.35 -40.23
N TYR G 171 22.09 5.03 -40.05
CA TYR G 171 23.17 5.92 -40.50
C TYR G 171 24.50 5.18 -40.61
N LYS G 172 25.41 5.76 -41.40
CA LYS G 172 26.76 5.23 -41.58
C LYS G 172 27.78 6.33 -41.37
N THR G 173 28.95 5.98 -40.86
CA THR G 173 30.02 6.93 -40.60
C THR G 173 30.63 7.46 -41.90
N GLN G 205 43.11 25.56 -53.18
CA GLN G 205 43.21 24.63 -52.06
C GLN G 205 42.39 25.12 -50.86
N GLU G 206 42.31 26.44 -50.68
CA GLU G 206 41.56 27.02 -49.57
C GLU G 206 40.05 26.85 -49.75
N TYR G 207 39.55 27.16 -50.94
CA TYR G 207 38.12 27.09 -51.23
C TYR G 207 37.63 25.66 -51.41
N SER G 208 38.48 24.78 -51.94
CA SER G 208 38.14 23.37 -52.12
C SER G 208 38.07 22.62 -50.78
N LEU G 209 38.97 22.96 -49.87
CA LEU G 209 38.98 22.39 -48.53
C LEU G 209 37.82 22.90 -47.67
N ALA G 210 37.35 24.12 -47.97
CA ALA G 210 36.20 24.70 -47.28
C ALA G 210 34.88 24.02 -47.66
N ASN G 211 34.85 23.38 -48.83
CA ASN G 211 33.66 22.66 -49.29
C ASN G 211 33.50 21.29 -48.63
N ILE G 212 34.60 20.53 -48.55
CA ILE G 212 34.57 19.17 -48.01
C ILE G 212 34.29 19.15 -46.51
N ILE G 213 34.76 20.16 -45.78
CA ILE G 213 34.48 20.28 -44.34
C ILE G 213 33.02 20.70 -44.09
N TYR G 214 32.47 21.51 -45.00
CA TYR G 214 31.08 21.96 -44.90
C TYR G 214 30.10 20.82 -45.21
N TYR G 215 30.50 19.90 -46.08
CA TYR G 215 29.67 18.76 -46.45
C TYR G 215 29.57 17.73 -45.32
N SER G 216 30.70 17.47 -44.65
CA SER G 216 30.76 16.46 -43.59
C SER G 216 30.00 16.86 -42.33
N LEU G 217 30.12 18.12 -41.93
CA LEU G 217 29.46 18.64 -40.73
C LEU G 217 27.94 18.76 -40.90
N LYS G 218 27.50 19.13 -42.11
CA LYS G 218 26.07 19.21 -42.42
C LYS G 218 25.40 17.84 -42.37
N GLU G 219 26.08 16.82 -42.89
CA GLU G 219 25.59 15.44 -42.82
C GLU G 219 25.57 14.92 -41.38
N SER G 220 26.55 15.35 -40.58
CA SER G 220 26.62 14.98 -39.16
C SER G 220 25.54 15.66 -38.33
N THR G 221 25.14 16.87 -38.73
CA THR G 221 24.08 17.61 -38.04
C THR G 221 22.72 16.92 -38.18
N THR G 222 22.40 16.50 -39.40
CA THR G 222 21.14 15.82 -39.69
C THR G 222 21.10 14.40 -39.11
N SER G 223 22.28 13.78 -38.95
CA SER G 223 22.38 12.43 -38.38
C SER G 223 22.09 12.41 -36.88
N GLU G 224 22.62 13.38 -36.14
CA GLU G 224 22.43 13.43 -34.69
C GLU G 224 21.03 13.85 -34.26
N GLN G 225 20.40 14.73 -35.04
CA GLN G 225 19.03 15.16 -34.76
C GLN G 225 18.03 14.02 -35.01
N SER G 226 18.27 13.23 -36.05
CA SER G 226 17.45 12.05 -36.32
C SER G 226 17.65 10.97 -35.26
N ALA G 227 18.88 10.85 -34.76
CA ALA G 227 19.22 9.87 -33.72
C ALA G 227 18.70 10.29 -32.34
N ARG G 228 18.83 11.59 -32.03
CA ARG G 228 18.32 12.12 -30.76
C ARG G 228 16.80 12.08 -30.71
N MET G 229 16.16 12.27 -31.86
CA MET G 229 14.71 12.14 -31.98
C MET G 229 14.26 10.75 -31.52
N THR G 230 14.84 9.73 -32.14
CA THR G 230 14.50 8.34 -31.83
C THR G 230 14.98 7.90 -30.45
N ALA G 231 16.12 8.45 -30.01
CA ALA G 231 16.67 8.12 -28.70
C ALA G 231 15.76 8.60 -27.56
N MET G 232 15.30 9.85 -27.66
CA MET G 232 14.36 10.42 -26.69
C MET G 232 12.97 9.84 -26.84
N ASP G 233 12.61 9.45 -28.08
CA ASP G 233 11.34 8.77 -28.33
C ASP G 233 11.31 7.42 -27.62
N ASN G 234 12.41 6.68 -27.68
CA ASN G 234 12.54 5.41 -26.97
C ASN G 234 12.54 5.60 -25.45
N ALA G 235 13.20 6.65 -24.99
CA ALA G 235 13.26 6.99 -23.56
C ALA G 235 11.87 7.24 -22.99
N SER G 236 11.04 7.95 -23.74
CA SER G 236 9.66 8.24 -23.32
C SER G 236 8.78 6.99 -23.35
N LYS G 237 8.96 6.17 -24.39
CA LYS G 237 8.20 4.92 -24.50
C LYS G 237 8.63 3.87 -23.49
N ASN G 238 9.94 3.82 -23.19
CA ASN G 238 10.45 2.96 -22.13
C ASN G 238 10.00 3.43 -20.75
N ALA G 239 9.90 4.75 -20.58
CA ALA G 239 9.38 5.35 -19.34
C ALA G 239 7.88 5.05 -19.17
N SER G 240 7.14 5.10 -20.28
CA SER G 240 5.71 4.82 -20.26
C SER G 240 5.40 3.40 -19.78
N GLU G 241 6.23 2.44 -20.19
CA GLU G 241 6.07 1.04 -19.78
C GLU G 241 6.32 0.85 -18.28
N MET G 242 7.34 1.53 -17.76
CA MET G 242 7.67 1.47 -16.33
C MET G 242 6.59 2.12 -15.47
N ILE G 243 5.97 3.18 -15.98
CA ILE G 243 4.86 3.84 -15.30
C ILE G 243 3.63 2.92 -15.23
N ASP G 244 3.34 2.23 -16.34
CA ASP G 244 2.21 1.31 -16.41
C ASP G 244 2.33 0.18 -15.39
N LYS G 245 3.51 -0.43 -15.31
CA LYS G 245 3.75 -1.52 -14.37
C LYS G 245 3.81 -1.06 -12.91
N LEU G 246 4.37 0.13 -12.69
CA LEU G 246 4.39 0.72 -11.35
C LEU G 246 3.00 1.18 -10.89
N THR G 247 2.15 1.57 -11.84
CA THR G 247 0.77 1.94 -11.55
C THR G 247 -0.04 0.73 -11.08
N LEU G 248 0.24 -0.45 -11.65
CA LEU G 248 -0.39 -1.69 -11.21
C LEU G 248 0.11 -2.11 -9.83
N THR G 249 1.43 -2.00 -9.61
CA THR G 249 2.04 -2.30 -8.32
C THR G 249 1.59 -1.30 -7.25
N PHE G 250 1.34 -0.06 -7.68
CA PHE G 250 0.80 0.99 -6.80
C PHE G 250 -0.60 0.64 -6.31
N ASN G 251 -1.47 0.23 -7.24
CA ASN G 251 -2.85 -0.12 -6.92
C ASN G 251 -2.99 -1.40 -6.10
N ARG G 252 -2.07 -2.35 -6.29
CA ARG G 252 -2.02 -3.55 -5.47
C ARG G 252 -1.66 -3.21 -4.02
N THR G 253 -0.63 -2.40 -3.86
CA THR G 253 -0.18 -1.95 -2.54
C THR G 253 -1.17 -0.97 -1.90
N ARG G 254 -1.89 -0.21 -2.73
CA ARG G 254 -2.93 0.70 -2.26
C ARG G 254 -4.04 -0.07 -1.53
N GLN G 255 -4.53 -1.12 -2.17
CA GLN G 255 -5.59 -1.96 -1.61
C GLN G 255 -5.14 -2.71 -0.36
N ALA G 256 -3.91 -3.23 -0.39
CA ALA G 256 -3.36 -3.99 0.73
C ALA G 256 -3.25 -3.17 2.01
N VAL G 257 -2.86 -1.90 1.86
CA VAL G 257 -2.77 -0.98 2.99
C VAL G 257 -4.16 -0.68 3.57
N ILE G 258 -5.14 -0.50 2.70
CA ILE G 258 -6.52 -0.23 3.12
C ILE G 258 -7.10 -1.43 3.87
N THR G 259 -6.79 -2.64 3.40
CA THR G 259 -7.27 -3.86 4.04
C THR G 259 -6.56 -4.13 5.37
N LYS G 260 -5.25 -3.95 5.40
CA LYS G 260 -4.45 -4.25 6.60
C LYS G 260 -4.80 -3.31 7.75
N GLU G 261 -4.85 -2.01 7.47
CA GLU G 261 -5.20 -1.00 8.48
C GLU G 261 -6.59 -1.24 9.06
N LEU G 262 -7.52 -1.69 8.22
CA LEU G 262 -8.89 -1.97 8.65
C LEU G 262 -8.97 -3.20 9.56
N ILE G 263 -8.17 -4.22 9.27
CA ILE G 263 -8.13 -5.44 10.09
C ILE G 263 -7.59 -5.14 11.49
N GLU G 264 -6.67 -4.19 11.61
CA GLU G 264 -6.16 -3.74 12.91
C GLU G 264 -7.27 -3.12 13.76
N ILE G 265 -8.13 -2.34 13.12
CA ILE G 265 -9.25 -1.68 13.80
C ILE G 265 -10.31 -2.71 14.22
N ILE G 266 -10.58 -3.69 13.36
CA ILE G 266 -11.50 -4.78 13.66
C ILE G 266 -10.92 -5.67 14.77
N SER G 267 -9.61 -5.92 14.72
CA SER G 267 -8.93 -6.67 15.77
C SER G 267 -9.01 -5.94 17.11
N GLY G 268 -8.87 -4.63 17.08
CA GLY G 268 -8.95 -3.79 18.28
C GLY G 268 -10.33 -3.76 18.91
N ALA G 269 -11.35 -3.63 18.07
CA ALA G 269 -12.74 -3.54 18.54
C ALA G 269 -13.24 -4.85 19.17
N ALA G 270 -12.83 -5.97 18.57
CA ALA G 270 -13.24 -7.29 19.07
C ALA G 270 -12.65 -7.60 20.45
N ALA G 271 -11.47 -7.07 20.73
CA ALA G 271 -10.78 -7.33 22.00
C ALA G 271 -11.33 -6.51 23.18
N LEU G 272 -12.20 -5.53 22.90
CA LEU G 272 -12.79 -4.70 23.96
C LEU G 272 -13.83 -5.49 24.75
N SER H 11 4.61 16.56 -9.79
CA SER H 11 5.11 17.73 -8.99
C SER H 11 6.54 18.11 -9.38
N ALA H 12 6.92 19.35 -9.10
CA ALA H 12 8.25 19.86 -9.42
C ALA H 12 9.29 19.30 -8.45
N GLY H 13 10.40 18.82 -9.00
CA GLY H 13 11.49 18.25 -8.22
C GLY H 13 11.20 16.88 -7.67
N ALA H 14 10.42 16.09 -8.42
CA ALA H 14 10.03 14.75 -8.00
C ALA H 14 11.15 13.72 -8.18
N VAL H 15 12.11 14.03 -9.04
CA VAL H 15 13.21 13.11 -9.37
C VAL H 15 14.18 12.97 -8.20
N ARG H 16 14.59 14.10 -7.62
CA ARG H 16 15.52 14.09 -6.49
C ARG H 16 14.84 13.64 -5.18
N ASP H 17 13.53 13.87 -5.07
CA ASP H 17 12.76 13.41 -3.91
C ASP H 17 12.74 11.88 -3.81
N ALA H 18 12.77 11.20 -4.95
CA ALA H 18 12.80 9.74 -5.00
C ALA H 18 14.09 9.17 -4.41
N GLY H 19 15.21 9.81 -4.73
CA GLY H 19 16.52 9.40 -4.21
C GLY H 19 17.03 8.13 -4.88
N GLY H 20 17.04 8.14 -6.21
CA GLY H 20 17.51 7.00 -6.99
C GLY H 20 18.73 7.33 -7.84
N ALA H 21 18.90 6.61 -8.93
CA ALA H 21 20.06 6.78 -9.82
C ALA H 21 20.09 8.17 -10.45
N PHE H 22 18.96 8.61 -10.99
CA PHE H 22 18.86 9.92 -11.64
C PHE H 22 19.01 11.07 -10.65
N GLY H 23 18.49 10.90 -9.44
CA GLY H 23 18.59 11.93 -8.40
C GLY H 23 20.01 12.12 -7.89
N LYS H 24 20.67 11.02 -7.57
CA LYS H 24 22.05 11.07 -7.06
C LYS H 24 23.04 11.50 -8.13
N ARG H 25 22.82 11.08 -9.37
CA ARG H 25 23.67 11.48 -10.50
C ARG H 25 23.45 12.94 -10.88
N GLU H 26 22.25 13.45 -10.64
CA GLU H 26 21.94 14.87 -10.85
C GLU H 26 22.61 15.75 -9.80
N GLN H 27 22.59 15.30 -8.54
CA GLN H 27 23.25 16.00 -7.44
C GLN H 27 24.77 16.03 -7.64
N ALA H 28 25.33 14.91 -8.11
CA ALA H 28 26.76 14.81 -8.41
C ALA H 28 27.14 15.69 -9.61
N GLU H 29 26.25 15.79 -10.60
CA GLU H 29 26.46 16.62 -11.77
C GLU H 29 26.54 18.10 -11.40
N GLU H 30 25.58 18.56 -10.60
CA GLU H 30 25.59 19.93 -10.09
C GLU H 30 26.84 20.22 -9.27
N GLU H 31 27.22 19.28 -8.41
CA GLU H 31 28.40 19.45 -7.55
C GLU H 31 29.69 19.59 -8.37
N ARG H 32 29.82 18.80 -9.43
CA ARG H 32 30.98 18.87 -10.32
C ARG H 32 31.04 20.20 -11.06
N TYR H 33 29.93 20.56 -11.71
CA TYR H 33 29.84 21.81 -12.47
C TYR H 33 30.21 23.01 -11.62
N PHE H 34 29.62 23.11 -10.43
CA PHE H 34 29.86 24.25 -9.54
C PHE H 34 31.19 24.18 -8.78
N ARG H 35 31.84 23.02 -8.78
CA ARG H 35 33.22 22.92 -8.31
C ARG H 35 34.17 23.55 -9.32
N ALA H 36 33.97 23.24 -10.60
CA ALA H 36 34.75 23.84 -11.68
C ALA H 36 34.55 25.36 -11.74
N ARG H 37 33.29 25.78 -11.66
CA ARG H 37 32.96 27.21 -11.68
C ARG H 37 33.43 27.93 -10.41
N ALA H 38 33.51 27.20 -9.30
CA ALA H 38 34.08 27.74 -8.06
C ALA H 38 35.58 27.98 -8.18
N ALA H 39 36.28 27.08 -8.88
CA ALA H 39 37.70 27.25 -9.15
C ALA H 39 37.96 28.45 -10.07
N GLU H 40 37.17 28.57 -11.12
CA GLU H 40 37.27 29.69 -12.06
C GLU H 40 37.00 31.04 -11.37
N GLN H 41 36.01 31.06 -10.48
CA GLN H 41 35.64 32.27 -9.75
C GLN H 41 36.68 32.66 -8.69
N LEU H 42 37.32 31.66 -8.07
CA LEU H 42 38.43 31.91 -7.16
C LEU H 42 39.64 32.49 -7.91
N ALA H 43 39.85 32.05 -9.14
CA ALA H 43 40.86 32.62 -10.02
C ALA H 43 40.53 34.07 -10.39
N ALA H 44 39.24 34.37 -10.55
CA ALA H 44 38.78 35.75 -10.78
C ALA H 44 39.06 36.65 -9.57
N LEU H 45 38.91 36.09 -8.37
CA LEU H 45 39.27 36.82 -7.14
C LEU H 45 40.78 37.04 -7.03
N LYS H 46 41.57 36.08 -7.50
CA LYS H 46 43.02 36.26 -7.60
C LYS H 46 43.38 37.42 -8.53
N LYS H 47 42.68 37.51 -9.67
CA LYS H 47 42.92 38.58 -10.64
C LYS H 47 42.55 39.97 -10.11
N HIS H 48 41.38 40.09 -9.47
CA HIS H 48 40.93 41.37 -8.93
C HIS H 48 41.77 41.83 -7.74
N HIS H 49 42.22 40.88 -6.92
CA HIS H 49 43.10 41.18 -5.78
C HIS H 49 44.49 41.62 -6.26
N GLU H 50 44.98 40.99 -7.32
CA GLU H 50 46.29 41.31 -7.88
C GLU H 50 46.14 42.15 -9.14
N GLY I 23 11.20 -2.26 -15.85
CA GLY I 23 10.79 -2.03 -17.28
C GLY I 23 11.15 -3.20 -18.18
N LYS I 24 10.22 -3.58 -19.06
CA LYS I 24 10.45 -4.68 -20.00
C LYS I 24 11.35 -4.24 -21.15
N ARG I 25 11.18 -2.99 -21.59
CA ARG I 25 11.98 -2.44 -22.69
C ARG I 25 13.42 -2.12 -22.28
N GLU I 26 13.69 -2.06 -20.98
CA GLU I 26 15.05 -2.02 -20.47
C GLU I 26 15.77 -3.31 -20.84
N GLN I 27 15.13 -4.43 -20.54
CA GLN I 27 15.64 -5.75 -20.89
C GLN I 27 15.70 -5.96 -22.40
N ALA I 28 14.76 -5.35 -23.13
CA ALA I 28 14.75 -5.42 -24.59
C ALA I 28 15.97 -4.74 -25.21
N GLU I 29 16.24 -3.50 -24.79
CA GLU I 29 17.39 -2.74 -25.30
C GLU I 29 18.73 -3.36 -24.89
N GLU I 30 18.82 -3.81 -23.65
CA GLU I 30 20.06 -4.42 -23.14
C GLU I 30 20.37 -5.73 -23.86
N GLU I 31 19.36 -6.61 -23.95
CA GLU I 31 19.52 -7.90 -24.63
C GLU I 31 19.80 -7.72 -26.13
N ARG I 32 19.25 -6.67 -26.73
CA ARG I 32 19.52 -6.36 -28.14
C ARG I 32 20.99 -5.96 -28.32
N TYR I 33 21.45 -5.05 -27.47
CA TYR I 33 22.83 -4.57 -27.49
C TYR I 33 23.83 -5.72 -27.35
N PHE I 34 23.63 -6.56 -26.34
CA PHE I 34 24.56 -7.66 -26.07
C PHE I 34 24.40 -8.87 -26.99
N ARG I 35 23.29 -8.95 -27.72
CA ARG I 35 23.14 -9.93 -28.80
C ARG I 35 23.94 -9.50 -30.02
N ALA I 36 23.92 -8.21 -30.32
CA ALA I 36 24.74 -7.64 -31.40
C ALA I 36 26.23 -7.79 -31.10
N ARG I 37 26.63 -7.45 -29.88
CA ARG I 37 28.02 -7.56 -29.44
C ARG I 37 28.47 -9.03 -29.31
N ALA I 38 27.52 -9.91 -29.01
CA ALA I 38 27.78 -11.35 -28.99
C ALA I 38 28.05 -11.88 -30.41
N ALA I 39 27.33 -11.33 -31.39
CA ALA I 39 27.56 -11.67 -32.79
C ALA I 39 28.92 -11.18 -33.28
N GLU I 40 29.31 -9.98 -32.86
CA GLU I 40 30.63 -9.43 -33.18
C GLU I 40 31.75 -10.29 -32.58
N GLN I 41 31.57 -10.68 -31.32
CA GLN I 41 32.54 -11.53 -30.62
C GLN I 41 32.66 -12.93 -31.23
N LEU I 42 31.56 -13.46 -31.75
CA LEU I 42 31.57 -14.75 -32.44
C LEU I 42 32.21 -14.65 -33.83
N ALA I 43 32.13 -13.47 -34.45
CA ALA I 43 32.78 -13.21 -35.74
C ALA I 43 34.31 -13.16 -35.58
N ALA I 44 34.76 -12.41 -34.56
CA ALA I 44 36.19 -12.34 -34.24
C ALA I 44 36.72 -13.71 -33.79
N LEU I 45 35.89 -14.46 -33.07
CA LEU I 45 36.26 -15.79 -32.58
C LEU I 45 36.40 -16.80 -33.72
N LYS I 46 35.52 -16.74 -34.71
CA LYS I 46 35.58 -17.66 -35.84
C LYS I 46 36.72 -17.33 -36.82
N LYS I 47 36.93 -16.04 -37.09
CA LYS I 47 38.02 -15.63 -37.99
C LYS I 47 39.40 -15.90 -37.35
N HIS I 48 39.48 -15.78 -36.03
CA HIS I 48 40.68 -16.15 -35.28
C HIS I 48 40.87 -17.67 -35.26
N HIS I 49 39.77 -18.41 -35.20
CA HIS I 49 39.78 -19.88 -35.21
C HIS I 49 40.30 -20.44 -36.54
N GLU I 50 39.99 -19.76 -37.64
CA GLU I 50 40.48 -20.16 -38.96
C GLU I 50 41.99 -19.96 -39.08
N GLU J 31 -7.26 20.35 -41.36
CA GLU J 31 -6.69 19.16 -42.07
C GLU J 31 -6.09 19.54 -43.43
N ARG J 32 -5.33 20.64 -43.45
CA ARG J 32 -4.76 21.23 -44.67
C ARG J 32 -4.69 20.31 -45.91
N TYR J 33 -4.07 19.14 -45.76
CA TYR J 33 -3.85 18.20 -46.85
C TYR J 33 -5.18 17.65 -47.38
N PHE J 34 -6.07 17.27 -46.47
CA PHE J 34 -7.37 16.71 -46.83
C PHE J 34 -8.44 17.77 -47.10
N ARG J 35 -8.15 19.02 -46.75
CA ARG J 35 -8.94 20.16 -47.22
C ARG J 35 -8.66 20.38 -48.70
N ALA J 36 -7.39 20.30 -49.08
CA ALA J 36 -6.98 20.40 -50.48
C ALA J 36 -7.53 19.24 -51.31
N ARG J 37 -7.43 18.02 -50.77
CA ARG J 37 -7.92 16.82 -51.45
C ARG J 37 -9.44 16.83 -51.62
N ALA J 38 -10.15 17.20 -50.55
CA ALA J 38 -11.61 17.27 -50.57
C ALA J 38 -12.12 18.36 -51.51
N ALA J 39 -11.40 19.48 -51.57
CA ALA J 39 -11.74 20.58 -52.48
C ALA J 39 -11.52 20.19 -53.94
N GLU J 40 -10.46 19.43 -54.20
CA GLU J 40 -10.17 18.91 -55.54
C GLU J 40 -11.19 17.87 -55.99
N GLN J 41 -11.71 17.08 -55.06
CA GLN J 41 -12.74 16.08 -55.36
C GLN J 41 -14.10 16.73 -55.62
N LEU J 42 -14.43 17.77 -54.84
CA LEU J 42 -15.66 18.54 -55.06
C LEU J 42 -15.63 19.29 -56.40
N ALA J 43 -14.46 19.82 -56.75
CA ALA J 43 -14.27 20.48 -58.04
C ALA J 43 -14.35 19.48 -59.20
N ALA J 44 -13.85 18.26 -58.96
CA ALA J 44 -13.91 17.19 -59.96
C ALA J 44 -15.35 16.76 -60.24
N LEU J 45 -16.16 16.64 -59.18
CA LEU J 45 -17.59 16.30 -59.32
C LEU J 45 -18.38 17.43 -59.97
N LYS J 46 -18.03 18.67 -59.65
CA LYS J 46 -18.70 19.85 -60.23
C LYS J 46 -18.44 19.93 -61.74
N LYS J 47 -17.19 19.73 -62.14
CA LYS J 47 -16.81 19.72 -63.56
C LYS J 47 -17.38 18.51 -64.30
N HIS J 48 -17.56 17.41 -63.60
CA HIS J 48 -18.17 16.20 -64.16
C HIS J 48 -19.64 16.45 -64.49
N HIS J 49 -20.38 17.03 -63.54
CA HIS J 49 -21.78 17.38 -63.75
C HIS J 49 -21.89 18.70 -64.51
PG ATP K . -5.40 26.27 6.03
O1G ATP K . -4.17 25.93 6.83
O2G ATP K . -6.44 27.07 6.78
O3G ATP K . -5.96 25.11 5.24
PB ATP K . -5.66 27.54 3.54
O1B ATP K . -5.36 26.40 2.60
O2B ATP K . -7.09 27.88 3.90
O3B ATP K . -4.85 27.29 4.91
PA ATP K . -5.27 30.34 3.44
O1A ATP K . -6.52 30.82 2.73
O2A ATP K . -5.22 30.35 4.94
O3A ATP K . -4.95 28.85 2.92
O5' ATP K . -4.02 31.18 2.87
C5' ATP K . -2.69 30.92 3.35
C4' ATP K . -1.80 32.12 3.12
O4' ATP K . -1.71 32.42 1.72
C3' ATP K . -2.32 33.37 3.82
O3' ATP K . -1.36 33.88 4.75
C2' ATP K . -2.60 34.37 2.71
O2' ATP K . -2.10 35.68 3.03
C1' ATP K . -1.93 33.80 1.48
N9 ATP K . -2.77 34.00 0.28
C8 ATP K . -3.92 33.35 0.00
N7 ATP K . -4.44 33.77 -1.18
C5 ATP K . -3.61 34.71 -1.69
C6 ATP K . -3.58 35.55 -2.90
N6 ATP K . -4.55 35.48 -3.83
N1 ATP K . -2.53 36.40 -3.04
C2 ATP K . -1.55 36.49 -2.12
N3 ATP K . -1.53 35.75 -1.00
C4 ATP K . -2.52 34.86 -0.72
MG MG L . -8.22 27.04 5.59
C1 GOL M . -28.89 15.43 12.54
O1 GOL M . -27.80 15.86 13.36
C2 GOL M . -28.41 14.34 11.58
O2 GOL M . -28.75 13.06 12.12
C3 GOL M . -29.06 14.51 10.22
O3 GOL M . -28.32 15.45 9.42
PG ATP N . -14.37 -15.15 -18.20
O1G ATP N . -13.26 -15.33 -17.18
O2G ATP N . -15.41 -16.25 -18.19
O3G ATP N . -14.93 -13.75 -18.25
PB ATP N . -12.62 -16.54 -19.90
O1B ATP N . -11.30 -16.20 -19.25
O2B ATP N . -13.30 -17.85 -19.57
O3B ATP N . -13.65 -15.34 -19.62
PA ATP N . -13.52 -17.06 -22.50
O1A ATP N . -13.29 -18.54 -22.60
O2A ATP N . -14.87 -16.54 -22.08
O3A ATP N . -12.42 -16.45 -21.50
O5' ATP N . -13.10 -16.38 -23.90
C5' ATP N . -13.37 -15.01 -24.19
C4' ATP N . -14.03 -14.86 -25.56
O4' ATP N . -13.06 -15.09 -26.58
C3' ATP N . -15.19 -15.82 -25.78
O3' ATP N . -16.41 -15.10 -25.96
C2' ATP N . -14.83 -16.63 -27.02
O2' ATP N . -15.88 -16.58 -28.00
C1' ATP N . -13.56 -15.99 -27.58
N9 ATP N . -12.54 -17.02 -27.89
C8 ATP N . -11.86 -17.77 -26.98
N7 ATP N . -10.99 -18.61 -27.61
C5 ATP N . -11.11 -18.41 -28.93
C6 ATP N . -10.48 -18.97 -30.16
N6 ATP N . -9.54 -19.93 -30.09
N1 ATP N . -10.89 -18.47 -31.36
C2 ATP N . -11.83 -17.51 -31.45
N3 ATP N . -12.44 -16.96 -30.37
C4 ATP N . -12.12 -17.36 -29.11
MG MG O . -14.68 -18.26 -17.93
C1 GOL P . -18.02 -29.82 2.69
O1 GOL P . -18.67 -28.69 3.29
C2 GOL P . -16.51 -29.63 2.73
O2 GOL P . -16.08 -29.43 4.08
C3 GOL P . -15.84 -30.86 2.14
O3 GOL P . -14.45 -30.89 2.48
PG ATP Q . 21.96 -12.44 12.76
O1G ATP Q . 22.58 -13.35 11.73
O2G ATP Q . 22.60 -12.52 14.13
O3G ATP Q . 20.45 -12.49 12.80
PB ATP Q . 23.68 -10.22 12.44
O1B ATP Q . 23.73 -9.05 11.50
O2B ATP Q . 23.87 -10.00 13.92
O3B ATP Q . 22.26 -10.96 12.21
PA ATP Q . 26.30 -11.25 12.39
O1A ATP Q . 26.61 -9.88 12.95
O2A ATP Q . 26.59 -12.46 13.22
O3A ATP Q . 24.76 -11.31 11.94
O5' ATP Q . 27.10 -11.39 10.99
C5' ATP Q . 26.77 -12.45 10.09
C4' ATP Q . 28.00 -13.03 9.41
O4' ATP Q . 28.74 -12.01 8.71
C3' ATP Q . 28.98 -13.68 10.39
O3' ATP Q . 28.86 -15.11 10.37
C2' ATP Q . 30.36 -13.24 9.97
O2' ATP Q . 31.16 -14.34 9.54
C1' ATP Q . 30.15 -12.24 8.83
N9 ATP Q . 30.86 -10.97 9.10
C8 ATP Q . 30.37 -9.91 9.77
N7 ATP Q . 31.29 -8.92 9.85
C5 ATP Q . 32.41 -9.34 9.21
C6 ATP Q . 33.75 -8.78 8.90
N6 ATP Q . 34.10 -7.54 9.32
N1 ATP Q . 34.61 -9.56 8.21
C2 ATP Q . 34.28 -10.80 7.79
N3 ATP Q . 33.08 -11.36 8.03
C4 ATP Q . 32.12 -10.69 8.72
MG MG R . 22.43 -11.01 15.66
PB ADP S . 15.80 15.98 17.36
O1B ADP S . 14.76 16.11 16.27
O2B ADP S . 15.57 16.87 18.55
O3B ADP S . 16.19 14.56 17.70
PA ADP S . 18.40 17.04 17.55
O1A ADP S . 18.26 18.51 17.85
O2A ADP S . 18.58 16.05 18.68
O3A ADP S . 17.12 16.59 16.68
O5' ADP S . 19.60 16.83 16.50
C5' ADP S . 20.96 16.84 16.93
C4' ADP S . 21.85 16.27 15.83
O4' ADP S . 21.53 16.91 14.58
C3' ADP S . 23.33 16.52 16.10
O3' ADP S . 24.06 15.29 16.04
C2' ADP S . 23.81 17.48 15.03
O2' ADP S . 24.88 16.95 14.26
C1' ADP S . 22.59 17.77 14.15
N9 ADP S . 22.19 19.19 14.24
C8 ADP S . 21.02 19.66 14.72
N7 ADP S . 20.98 21.02 14.66
C5 ADP S . 22.14 21.44 14.13
C6 ADP S . 22.75 22.74 13.79
N6 ADP S . 22.10 23.90 14.00
N1 ADP S . 24.00 22.73 13.25
C2 ADP S . 24.67 21.58 13.01
N3 ADP S . 24.17 20.37 13.31
C4 ADP S . 22.93 20.23 13.85
MG MG T . 14.24 16.43 20.15
PB ADP U . 8.27 -25.42 -5.69
O1B ADP U . 8.73 -24.05 -5.27
O2B ADP U . 8.79 -26.54 -4.82
O3B ADP U . 6.80 -25.51 -5.99
PA ADP U . 9.44 -27.07 -7.68
O1A ADP U . 10.67 -27.49 -6.93
O2A ADP U . 8.24 -27.98 -7.73
O3A ADP U . 8.98 -25.63 -7.12
O5' ADP U . 9.85 -26.72 -9.20
C5' ADP U . 8.88 -26.13 -10.07
C4' ADP U . 9.43 -25.98 -11.49
O4' ADP U . 10.63 -25.21 -11.51
C3' ADP U . 9.74 -27.31 -12.16
O3' ADP U . 8.64 -27.75 -12.97
C2' ADP U . 10.98 -27.05 -12.99
O2' ADP U . 10.66 -26.96 -14.38
C1' ADP U . 11.54 -25.73 -12.50
N9 ADP U . 12.89 -25.95 -11.91
C8 ADP U . 13.17 -26.11 -10.60
N7 ADP U . 14.51 -26.29 -10.42
C5 ADP U . 15.09 -26.25 -11.62
C6 ADP U . 16.48 -26.37 -12.13
N6 ADP U . 17.52 -26.58 -11.29
N1 ADP U . 16.67 -26.27 -13.46
C2 ADP U . 15.65 -26.06 -14.32
N3 ADP U . 14.37 -25.94 -13.91
C4 ADP U . 14.02 -26.02 -12.60
MG MG V . 7.30 -27.66 -3.64
#